data_7WC2
#
_entry.id   7WC2
#
_cell.length_a   1.00
_cell.length_b   1.00
_cell.length_c   1.00
_cell.angle_alpha   90.00
_cell.angle_beta   90.00
_cell.angle_gamma   90.00
#
_symmetry.space_group_name_H-M   'P 1'
#
loop_
_entity.id
_entity.type
_entity.pdbx_description
1 polymer 'Spike glycoprotein E1'
2 polymer 'Spike glycoprotein E2'
3 branched alpha-D-mannopyranose-(1-3)-[alpha-D-mannopyranose-(1-6)]beta-D-mannopyranose-(1-4)-2-acetamido-2-deoxy-beta-D-glucopyranose-(1-4)-2-acetamido-2-deoxy-beta-D-glucopyranose
#
loop_
_entity_poly.entity_id
_entity_poly.type
_entity_poly.pdbx_seq_one_letter_code
_entity_poly.pdbx_strand_id
1 'polypeptide(L)'
;YEHTATIPNVVGFPYKAHIERNGFSPMTLQLEVLGTSLEPTLNLEYITCEYKTVVPSPYIKCCGTSECRSMERPDYQCQV
YTGVYPFMWGGAYCFCDTENTQLSEAYVDRSDVCKHDHAAAYKAHTAAMKATIRISYGNLNQTTTAFVNGEHTVTVGGSR
FTFGPISTAWTPFDNKIVVYKNDVYNQDFPPYGSGQPGRFGDIQSRTVESKDLYANTALKLSRPSSGTVHVPYTQTPSSF
KYWIKERGTSLNDKAPFGCVIKTNPVRAENCAVGNIPVSMDIPDTAFTRVIDAPAVTNLECQVAVCTHSSDFGGIATLTF
KTDKPGKCAVHSHSNVATIQEAAVDIKTDGKITLHFSTASASPAFKVSVCSAKTTCMAACEPPKDHIVPYGASHNNQVFP
DMSGTAMTWVQRVAGGLGGLTLAAVAVLILVTCVTMRR
;
A,D,G,J
2 'polypeptide(L)'
;SVTEHFNVYKATKPYLAYCADCGDGQFCYSPVAIEKIRDEASDGMIKIQVAAQIGINKGGTHEHNKIRYIAGHDMKEANR
DSLQVHTSGVCAIRGTMGHFIVAYCPPGDELKVQFQDAESHTQACKVQYKHAPAPVGREKFTVRPHFGIEVPCTTYQLTT
APTEEEIDMHTPPDIPDITLLSQQSGNVKITAGGKTIRYNCTCGSGNVGTTSSDKTINSCKIAQCHAAVTNHDKWQYTSS
FVPRADQLSRKGKVHVPFPLTNSTCRVPVARAPGVTYGKRELTVKLHPDHPTLLTYRSLGADPRPYEEWIDRYVERTIPV
TEEGIEYRWGNNPPVRLWAQLTTEGKPHGWPHEIILYYYGLYPAATIAAVSAAGLAVVLSLLASCYMFATARRKCLTPYA
LTPGAVVPVTLGVLCCAPRAHA
;
B,E,H,K
#
# COMPACT_ATOMS: atom_id res chain seq x y z
N TYR A 1 -34.00 -5.41 -3.97
CA TYR A 1 -34.91 -4.31 -3.72
C TYR A 1 -34.65 -3.76 -2.32
N GLU A 2 -34.90 -2.47 -2.12
CA GLU A 2 -34.56 -1.79 -0.87
C GLU A 2 -35.78 -1.13 -0.26
N HIS A 3 -35.86 -1.16 1.07
CA HIS A 3 -36.99 -0.61 1.79
C HIS A 3 -36.58 -0.38 3.24
N THR A 4 -37.04 0.74 3.82
CA THR A 4 -36.76 1.07 5.21
C THR A 4 -38.06 1.28 5.97
N ALA A 5 -38.01 1.03 7.28
CA ALA A 5 -39.14 1.26 8.15
C ALA A 5 -38.64 1.52 9.56
N THR A 6 -39.56 1.87 10.45
CA THR A 6 -39.27 2.04 11.87
C THR A 6 -40.33 1.30 12.67
N ILE A 7 -39.91 0.59 13.71
CA ILE A 7 -40.86 -0.16 14.52
C ILE A 7 -40.81 0.35 15.95
N PRO A 8 -41.93 0.41 16.66
CA PRO A 8 -41.88 0.74 18.08
C PRO A 8 -41.32 -0.42 18.89
N ASN A 9 -40.83 -0.08 20.08
CA ASN A 9 -39.95 -0.94 20.84
C ASN A 9 -40.70 -1.90 21.77
N VAL A 10 -42.01 -1.85 21.81
CA VAL A 10 -42.77 -2.63 22.79
C VAL A 10 -42.78 -4.10 22.38
N VAL A 11 -42.67 -4.97 23.37
CA VAL A 11 -42.45 -6.40 23.14
C VAL A 11 -43.81 -7.08 22.98
N GLY A 12 -43.93 -7.93 21.98
CA GLY A 12 -45.17 -8.63 21.75
C GLY A 12 -46.15 -7.76 21.00
N PHE A 13 -45.68 -7.16 19.91
CA PHE A 13 -46.46 -6.18 19.15
C PHE A 13 -46.12 -6.38 17.69
N PRO A 14 -46.91 -7.17 16.97
CA PRO A 14 -46.61 -7.45 15.55
C PRO A 14 -46.85 -6.21 14.70
N TYR A 15 -45.79 -5.75 14.05
CA TYR A 15 -45.84 -4.61 13.15
C TYR A 15 -45.92 -5.11 11.72
N LYS A 16 -46.61 -4.34 10.87
CA LYS A 16 -46.74 -4.65 9.46
C LYS A 16 -46.10 -3.55 8.63
N ALA A 17 -45.24 -3.95 7.69
CA ALA A 17 -44.63 -3.03 6.74
C ALA A 17 -45.05 -3.42 5.34
N HIS A 18 -45.30 -2.42 4.51
CA HIS A 18 -45.91 -2.64 3.20
C HIS A 18 -44.88 -2.35 2.12
N ILE A 19 -44.83 -3.21 1.10
CA ILE A 19 -43.87 -3.08 0.00
C ILE A 19 -44.65 -2.97 -1.30
N GLU A 20 -44.43 -1.88 -2.03
CA GLU A 20 -45.07 -1.67 -3.32
C GLU A 20 -44.00 -1.41 -4.38
N ARG A 21 -44.15 -2.05 -5.53
CA ARG A 21 -43.24 -1.83 -6.64
C ARG A 21 -43.98 -2.08 -7.94
N ASN A 22 -43.49 -1.47 -9.02
CA ASN A 22 -44.12 -1.62 -10.32
C ASN A 22 -43.82 -3.00 -10.89
N GLY A 23 -44.85 -3.68 -11.36
CA GLY A 23 -44.69 -4.96 -12.01
C GLY A 23 -44.92 -6.15 -11.12
N PHE A 24 -45.29 -5.93 -9.86
CA PHE A 24 -45.50 -7.03 -8.93
C PHE A 24 -46.68 -6.71 -8.03
N SER A 25 -47.22 -7.74 -7.41
CA SER A 25 -48.27 -7.56 -6.42
C SER A 25 -47.70 -6.91 -5.17
N PRO A 26 -48.50 -6.15 -4.44
CA PRO A 26 -48.05 -5.63 -3.15
C PRO A 26 -47.86 -6.76 -2.15
N MET A 27 -46.98 -6.51 -1.19
CA MET A 27 -46.55 -7.52 -0.24
C MET A 27 -46.37 -6.88 1.12
N THR A 28 -46.79 -7.59 2.17
CA THR A 28 -46.67 -7.09 3.52
C THR A 28 -45.73 -7.98 4.34
N LEU A 29 -45.03 -7.36 5.29
CA LEU A 29 -44.11 -8.04 6.17
C LEU A 29 -44.68 -8.08 7.57
N GLN A 30 -44.04 -8.85 8.44
CA GLN A 30 -44.50 -8.97 9.82
C GLN A 30 -43.28 -9.08 10.74
N LEU A 31 -42.85 -7.94 11.27
CA LEU A 31 -41.78 -7.91 12.26
C LEU A 31 -42.37 -7.90 13.65
N GLU A 32 -41.75 -8.67 14.55
CA GLU A 32 -42.30 -8.84 15.89
C GLU A 32 -41.17 -9.14 16.84
N VAL A 33 -40.85 -8.18 17.70
CA VAL A 33 -39.74 -8.35 18.63
C VAL A 33 -40.16 -9.30 19.76
N LEU A 34 -39.20 -10.09 20.24
CA LEU A 34 -39.46 -11.09 21.26
C LEU A 34 -38.58 -10.98 22.48
N GLY A 35 -37.64 -10.04 22.51
CA GLY A 35 -36.77 -9.90 23.66
C GLY A 35 -35.71 -8.86 23.34
N THR A 36 -35.19 -8.25 24.40
CA THR A 36 -34.27 -7.13 24.24
C THR A 36 -33.43 -7.03 25.50
N SER A 37 -32.12 -7.18 25.37
CA SER A 37 -31.21 -6.98 26.49
C SER A 37 -30.52 -5.63 26.37
N LEU A 38 -29.84 -5.23 27.45
CA LEU A 38 -29.07 -3.99 27.44
C LEU A 38 -27.90 -4.17 28.41
N GLU A 39 -26.77 -4.61 27.88
CA GLU A 39 -25.59 -4.81 28.71
C GLU A 39 -24.76 -3.55 28.73
N PRO A 40 -24.44 -3.01 29.90
CA PRO A 40 -23.48 -1.91 29.97
C PRO A 40 -22.08 -2.41 29.68
N THR A 41 -21.16 -1.47 29.46
CA THR A 41 -19.77 -1.82 29.28
C THR A 41 -19.04 -1.69 30.60
N LEU A 42 -18.91 -2.82 31.27
CA LEU A 42 -18.46 -2.90 32.66
C LEU A 42 -16.97 -2.70 32.76
N ASN A 43 -16.53 -2.44 33.99
CA ASN A 43 -15.16 -2.61 34.46
C ASN A 43 -15.22 -2.59 35.98
N LEU A 44 -14.67 -3.62 36.61
CA LEU A 44 -14.80 -3.74 38.05
C LEU A 44 -13.86 -2.74 38.70
N GLU A 45 -14.45 -1.75 39.37
CA GLU A 45 -13.67 -0.88 40.23
C GLU A 45 -13.08 -1.67 41.38
N TYR A 46 -13.93 -2.40 42.11
CA TYR A 46 -13.48 -3.27 43.18
C TYR A 46 -14.55 -4.31 43.45
N ILE A 47 -14.38 -5.04 44.55
CA ILE A 47 -15.26 -6.11 44.97
C ILE A 47 -15.24 -6.14 46.49
N THR A 48 -16.36 -6.53 47.11
CA THR A 48 -16.51 -6.36 48.53
C THR A 48 -17.03 -7.62 49.20
N CYS A 49 -16.39 -8.01 50.29
CA CYS A 49 -16.80 -9.19 51.05
C CYS A 49 -17.08 -8.83 52.50
N GLU A 50 -17.20 -9.84 53.37
CA GLU A 50 -17.37 -9.65 54.80
C GLU A 50 -16.10 -10.10 55.50
N TYR A 51 -15.39 -9.17 56.15
CA TYR A 51 -14.03 -9.42 56.62
C TYR A 51 -13.99 -10.44 57.75
N LYS A 52 -12.76 -10.79 58.13
CA LYS A 52 -12.50 -11.75 59.20
C LYS A 52 -11.29 -11.25 59.97
N THR A 53 -11.46 -10.92 61.23
CA THR A 53 -10.36 -10.51 62.09
C THR A 53 -9.82 -11.71 62.83
N VAL A 54 -8.53 -11.96 62.69
CA VAL A 54 -7.89 -13.10 63.33
C VAL A 54 -7.02 -12.59 64.48
N VAL A 55 -7.48 -12.84 65.70
CA VAL A 55 -6.69 -12.59 66.90
C VAL A 55 -6.01 -13.90 67.28
N PRO A 56 -4.69 -14.00 67.18
CA PRO A 56 -4.04 -15.26 67.56
C PRO A 56 -3.90 -15.37 69.06
N SER A 57 -3.19 -16.39 69.52
CA SER A 57 -3.03 -16.56 70.95
C SER A 57 -2.05 -15.53 71.50
N PRO A 58 -2.35 -14.88 72.62
CA PRO A 58 -1.47 -13.83 73.12
C PRO A 58 -0.22 -14.42 73.74
N TYR A 59 0.93 -13.83 73.38
CA TYR A 59 2.21 -14.32 73.87
C TYR A 59 2.62 -13.55 75.10
N ILE A 60 2.61 -14.22 76.25
CA ILE A 60 3.14 -13.65 77.48
C ILE A 60 4.65 -13.82 77.49
N LYS A 61 5.31 -13.17 78.43
CA LYS A 61 6.69 -13.50 78.79
C LYS A 61 6.79 -13.34 80.30
N CYS A 62 7.38 -14.32 80.97
CA CYS A 62 7.29 -14.34 82.43
C CYS A 62 8.40 -13.58 83.13
N CYS A 63 9.57 -13.43 82.52
CA CYS A 63 10.63 -12.65 83.16
C CYS A 63 11.09 -11.47 82.33
N GLY A 64 11.46 -11.70 81.07
CA GLY A 64 11.92 -10.64 80.20
C GLY A 64 10.78 -9.85 79.59
N THR A 65 11.12 -9.04 78.61
CA THR A 65 10.13 -8.28 77.85
C THR A 65 10.17 -8.71 76.38
N SER A 66 9.40 -7.99 75.57
CA SER A 66 9.40 -8.21 74.13
C SER A 66 9.07 -6.88 73.45
N GLU A 67 9.24 -6.84 72.14
CA GLU A 67 9.13 -5.58 71.41
C GLU A 67 8.12 -5.73 70.27
N CYS A 68 7.83 -4.60 69.64
CA CYS A 68 6.92 -4.58 68.50
C CYS A 68 7.60 -5.14 67.26
N ARG A 69 6.81 -5.38 66.23
CA ARG A 69 7.28 -6.12 65.08
C ARG A 69 7.25 -5.32 63.78
N SER A 70 6.22 -4.50 63.58
CA SER A 70 6.01 -3.68 62.38
C SER A 70 5.96 -4.53 61.11
N MET A 71 5.03 -5.48 61.10
CA MET A 71 4.85 -6.35 59.95
C MET A 71 4.04 -5.63 58.87
N GLU A 72 3.98 -6.26 57.70
CA GLU A 72 3.27 -5.70 56.55
C GLU A 72 1.95 -6.45 56.38
N ARG A 73 0.85 -5.74 56.56
CA ARG A 73 -0.47 -6.34 56.68
C ARG A 73 -1.48 -5.18 56.60
N PRO A 74 -2.72 -5.43 56.05
CA PRO A 74 -3.69 -4.33 55.83
C PRO A 74 -4.05 -3.44 57.00
N ASP A 75 -4.53 -3.98 58.11
CA ASP A 75 -4.85 -3.09 59.22
C ASP A 75 -4.14 -3.59 60.47
N TYR A 76 -2.84 -3.85 60.33
CA TYR A 76 -2.05 -4.44 61.39
C TYR A 76 -1.83 -3.47 62.54
N GLN A 77 -1.94 -3.97 63.76
CA GLN A 77 -1.73 -3.15 64.94
C GLN A 77 -1.37 -4.04 66.12
N CYS A 78 -0.13 -3.94 66.60
CA CYS A 78 0.33 -4.66 67.77
C CYS A 78 1.05 -3.69 68.69
N GLN A 79 0.88 -3.86 70.00
CA GLN A 79 1.55 -3.01 70.97
C GLN A 79 1.62 -3.73 72.31
N VAL A 80 2.74 -3.53 73.02
CA VAL A 80 3.12 -4.34 74.17
C VAL A 80 2.70 -3.61 75.44
N TYR A 81 2.58 -4.36 76.54
CA TYR A 81 2.13 -3.80 77.80
C TYR A 81 3.24 -3.88 78.84
N THR A 82 2.92 -3.42 80.05
CA THR A 82 3.77 -3.53 81.22
C THR A 82 3.44 -4.83 81.93
N GLY A 83 3.93 -4.96 83.17
CA GLY A 83 3.76 -6.17 83.95
C GLY A 83 2.32 -6.50 84.28
N VAL A 84 1.88 -7.69 83.88
CA VAL A 84 0.54 -8.18 84.16
C VAL A 84 0.65 -9.53 84.84
N TYR A 85 -0.38 -9.88 85.60
CA TYR A 85 -0.37 -11.08 86.42
C TYR A 85 -1.43 -12.04 85.88
N PRO A 86 -1.03 -13.09 85.15
CA PRO A 86 -2.00 -13.84 84.32
C PRO A 86 -3.03 -14.64 85.08
N PHE A 87 -2.60 -15.50 86.01
CA PHE A 87 -3.46 -16.27 86.92
C PHE A 87 -4.42 -17.17 86.11
N MET A 88 -3.82 -18.15 85.43
CA MET A 88 -4.53 -18.92 84.41
C MET A 88 -5.67 -19.80 84.93
N TRP A 89 -5.35 -20.94 85.54
CA TRP A 89 -6.41 -21.81 86.03
C TRP A 89 -6.17 -22.32 87.44
N GLY A 90 -4.95 -22.74 87.72
CA GLY A 90 -4.58 -23.17 89.05
C GLY A 90 -3.40 -22.36 89.51
N GLY A 91 -3.62 -21.48 90.49
CA GLY A 91 -2.57 -20.60 90.94
C GLY A 91 -2.19 -19.59 89.86
N ALA A 92 -0.97 -19.06 89.99
CA ALA A 92 -0.48 -18.04 89.08
C ALA A 92 0.01 -18.70 87.78
N TYR A 93 0.68 -17.92 86.95
CA TYR A 93 1.21 -18.46 85.71
C TYR A 93 2.64 -18.06 85.42
N CYS A 94 3.14 -16.94 85.93
CA CYS A 94 4.54 -16.60 85.80
C CYS A 94 5.32 -16.60 87.11
N PHE A 95 4.62 -16.63 88.25
CA PHE A 95 5.21 -16.78 89.59
C PHE A 95 6.17 -15.64 89.93
N CYS A 96 5.82 -14.44 89.50
CA CYS A 96 6.42 -13.21 89.98
C CYS A 96 5.28 -12.25 90.32
N ASP A 97 5.63 -11.06 90.75
CA ASP A 97 4.63 -10.03 91.03
C ASP A 97 4.59 -8.93 89.99
N THR A 98 5.69 -8.70 89.28
CA THR A 98 5.77 -7.71 88.22
C THR A 98 6.88 -8.14 87.27
N GLU A 99 7.13 -7.29 86.27
CA GLU A 99 8.11 -7.52 85.19
C GLU A 99 7.81 -8.82 84.43
N ASN A 100 6.59 -8.89 83.92
CA ASN A 100 6.18 -10.00 83.06
C ASN A 100 5.15 -9.48 82.05
N THR A 101 5.64 -9.16 80.85
CA THR A 101 4.82 -8.49 79.85
C THR A 101 4.05 -9.50 79.00
N GLN A 102 3.10 -8.97 78.22
CA GLN A 102 2.18 -9.76 77.42
C GLN A 102 1.96 -9.02 76.10
N LEU A 103 2.60 -9.50 75.04
CA LEU A 103 2.50 -8.88 73.73
C LEU A 103 1.21 -9.29 73.04
N SER A 104 0.49 -8.33 72.49
CA SER A 104 -0.78 -8.56 71.84
C SER A 104 -0.71 -8.15 70.38
N GLU A 105 -1.48 -8.82 69.53
CA GLU A 105 -1.35 -8.64 68.09
C GLU A 105 -2.66 -9.01 67.41
N ALA A 106 -3.05 -8.23 66.40
CA ALA A 106 -4.30 -8.44 65.67
C ALA A 106 -4.21 -7.79 64.31
N TYR A 107 -4.91 -8.37 63.33
CA TYR A 107 -4.97 -7.84 61.98
C TYR A 107 -6.23 -8.36 61.30
N VAL A 108 -6.44 -7.95 60.05
CA VAL A 108 -7.65 -8.28 59.30
C VAL A 108 -7.26 -8.66 57.88
N ASP A 109 -8.12 -9.44 57.23
CA ASP A 109 -7.97 -9.77 55.81
C ASP A 109 -9.36 -10.06 55.25
N ARG A 110 -9.40 -10.60 54.03
CA ARG A 110 -10.66 -10.94 53.38
C ARG A 110 -11.25 -12.19 54.03
N SER A 111 -12.40 -12.62 53.51
CA SER A 111 -13.11 -13.74 54.12
C SER A 111 -12.51 -15.07 53.66
N ASP A 112 -13.24 -16.15 53.96
CA ASP A 112 -12.97 -17.45 53.38
C ASP A 112 -13.98 -17.86 52.33
N VAL A 113 -15.13 -17.20 52.30
CA VAL A 113 -16.13 -17.39 51.27
C VAL A 113 -16.18 -16.18 50.34
N CYS A 114 -15.08 -15.43 50.25
CA CYS A 114 -15.06 -14.20 49.47
C CYS A 114 -15.13 -14.46 47.98
N LYS A 115 -14.76 -15.66 47.53
CA LYS A 115 -14.92 -16.02 46.12
C LYS A 115 -16.30 -16.54 45.79
N HIS A 116 -17.16 -16.74 46.80
CA HIS A 116 -18.50 -17.26 46.57
C HIS A 116 -19.55 -16.16 46.56
N ASP A 117 -19.69 -15.42 47.66
CA ASP A 117 -20.59 -14.28 47.70
C ASP A 117 -19.80 -12.98 47.87
N HIS A 118 -20.21 -11.97 47.10
CA HIS A 118 -19.48 -10.71 47.00
C HIS A 118 -20.33 -9.70 46.27
N ALA A 119 -20.21 -8.45 46.68
CA ALA A 119 -20.75 -7.35 45.92
C ALA A 119 -19.72 -6.90 44.90
N ALA A 120 -20.17 -6.62 43.69
CA ALA A 120 -19.26 -6.20 42.63
C ALA A 120 -19.66 -4.82 42.14
N ALA A 121 -18.68 -3.93 42.03
CA ALA A 121 -18.94 -2.53 41.71
C ALA A 121 -18.41 -2.24 40.31
N TYR A 122 -19.29 -1.77 39.44
CA TYR A 122 -18.95 -1.55 38.05
C TYR A 122 -19.20 -0.10 37.67
N LYS A 123 -19.03 0.17 36.37
CA LYS A 123 -19.20 1.50 35.82
C LYS A 123 -19.84 1.35 34.45
N ALA A 124 -20.92 2.09 34.20
CA ALA A 124 -21.70 1.95 32.99
C ALA A 124 -21.57 3.21 32.16
N HIS A 125 -20.65 3.23 31.24
CA HIS A 125 -20.49 4.41 30.40
C HIS A 125 -21.10 4.26 29.03
N THR A 126 -21.05 3.08 28.43
CA THR A 126 -21.78 2.81 27.20
C THR A 126 -22.54 1.50 27.35
N ALA A 127 -23.37 1.20 26.36
CA ALA A 127 -24.22 0.02 26.39
C ALA A 127 -24.51 -0.42 24.97
N ALA A 128 -24.66 -1.73 24.79
CA ALA A 128 -24.85 -2.32 23.46
C ALA A 128 -26.12 -3.18 23.48
N MET A 129 -27.17 -2.71 22.83
CA MET A 129 -28.46 -3.37 22.89
C MET A 129 -28.55 -4.50 21.86
N LYS A 130 -28.94 -5.69 22.32
CA LYS A 130 -29.25 -6.79 21.44
C LYS A 130 -30.76 -6.90 21.28
N ALA A 131 -31.21 -7.86 20.47
CA ALA A 131 -32.63 -8.06 20.21
C ALA A 131 -32.83 -9.46 19.67
N THR A 132 -34.11 -9.87 19.60
CA THR A 132 -34.47 -11.21 19.14
C THR A 132 -35.71 -11.14 18.21
N ILE A 133 -35.62 -10.34 17.15
CA ILE A 133 -36.76 -10.17 16.25
C ILE A 133 -37.00 -11.45 15.46
N ARG A 134 -38.27 -11.82 15.29
CA ARG A 134 -38.67 -12.82 14.31
C ARG A 134 -39.28 -12.14 13.08
N ILE A 135 -39.17 -12.81 11.93
CA ILE A 135 -39.49 -12.23 10.64
C ILE A 135 -40.45 -13.17 9.92
N SER A 136 -41.55 -12.63 9.40
CA SER A 136 -42.59 -13.43 8.76
C SER A 136 -42.95 -12.85 7.41
N TYR A 137 -42.79 -13.65 6.35
CA TYR A 137 -43.32 -13.31 5.04
C TYR A 137 -43.52 -14.60 4.25
N GLY A 138 -44.63 -14.65 3.52
CA GLY A 138 -44.93 -15.77 2.65
C GLY A 138 -45.09 -17.08 3.38
N ASN A 139 -44.09 -17.96 3.25
CA ASN A 139 -44.05 -19.23 3.93
C ASN A 139 -42.72 -19.40 4.64
N LEU A 140 -42.32 -18.37 5.38
CA LEU A 140 -40.99 -18.29 5.96
C LEU A 140 -41.08 -17.59 7.30
N ASN A 141 -40.87 -18.33 8.38
CA ASN A 141 -40.70 -17.75 9.71
C ASN A 141 -39.34 -18.14 10.25
N GLN A 142 -38.51 -17.14 10.52
CA GLN A 142 -37.22 -17.35 11.18
C GLN A 142 -37.14 -16.46 12.41
N THR A 143 -36.03 -16.57 13.13
CA THR A 143 -35.82 -15.81 14.37
C THR A 143 -34.33 -15.61 14.53
N THR A 144 -33.86 -14.38 14.35
CA THR A 144 -32.45 -14.08 14.43
C THR A 144 -32.18 -13.01 15.49
N THR A 145 -30.95 -12.97 15.96
CA THR A 145 -30.50 -12.01 16.96
C THR A 145 -29.43 -11.12 16.38
N ALA A 146 -29.41 -9.86 16.79
CA ALA A 146 -28.50 -8.88 16.20
C ALA A 146 -28.24 -7.76 17.20
N PHE A 147 -26.98 -7.31 17.27
CA PHE A 147 -26.64 -6.11 18.02
C PHE A 147 -27.29 -4.91 17.36
N VAL A 148 -28.07 -4.14 18.13
CA VAL A 148 -28.84 -3.06 17.55
C VAL A 148 -27.93 -1.83 17.53
N ASN A 149 -27.12 -1.75 16.48
CA ASN A 149 -26.45 -0.53 16.07
C ASN A 149 -26.35 -0.58 14.55
N GLY A 150 -26.20 0.58 13.94
CA GLY A 150 -26.51 0.67 12.51
C GLY A 150 -25.51 0.08 11.54
N GLU A 151 -24.76 -0.95 11.94
CA GLU A 151 -23.79 -1.56 11.05
C GLU A 151 -23.79 -3.09 11.05
N HIS A 152 -24.25 -3.76 12.10
CA HIS A 152 -24.29 -5.23 12.09
C HIS A 152 -25.38 -5.70 11.15
N THR A 153 -25.13 -6.80 10.47
CA THR A 153 -25.99 -7.25 9.37
C THR A 153 -26.18 -8.75 9.44
N VAL A 154 -27.43 -9.19 9.46
CA VAL A 154 -27.75 -10.61 9.58
C VAL A 154 -28.58 -11.00 8.36
N THR A 155 -28.56 -12.29 8.03
CA THR A 155 -29.31 -12.80 6.90
C THR A 155 -30.38 -13.77 7.37
N VAL A 156 -31.51 -13.75 6.66
CA VAL A 156 -32.67 -14.58 6.96
C VAL A 156 -33.11 -15.24 5.66
N GLY A 157 -32.95 -16.56 5.58
CA GLY A 157 -33.37 -17.29 4.40
C GLY A 157 -32.61 -16.91 3.15
N GLY A 158 -33.27 -16.16 2.28
CA GLY A 158 -32.62 -15.62 1.10
C GLY A 158 -32.58 -14.11 1.07
N SER A 159 -32.78 -13.47 2.22
CA SER A 159 -32.75 -12.02 2.29
C SER A 159 -31.79 -11.58 3.39
N ARG A 160 -31.53 -10.28 3.44
CA ARG A 160 -30.61 -9.73 4.42
C ARG A 160 -31.23 -8.50 5.08
N PHE A 161 -30.99 -8.35 6.38
CA PHE A 161 -31.51 -7.26 7.18
C PHE A 161 -30.39 -6.63 7.98
N THR A 162 -30.60 -5.38 8.38
CA THR A 162 -29.77 -4.73 9.38
C THR A 162 -30.63 -3.76 10.15
N PHE A 163 -30.23 -3.48 11.38
CA PHE A 163 -31.04 -2.68 12.30
C PHE A 163 -30.26 -1.43 12.69
N GLY A 164 -30.91 -0.27 12.59
CA GLY A 164 -30.25 0.98 12.81
C GLY A 164 -29.95 1.22 14.28
N PRO A 165 -29.35 2.37 14.57
CA PRO A 165 -29.09 2.72 15.96
C PRO A 165 -30.37 3.00 16.71
N ILE A 166 -30.32 2.77 18.03
CA ILE A 166 -31.43 3.12 18.89
C ILE A 166 -31.58 4.64 18.92
N SER A 167 -32.84 5.10 19.00
CA SER A 167 -33.14 6.53 18.87
C SER A 167 -32.54 7.33 20.01
N THR A 168 -32.93 7.02 21.24
CA THR A 168 -32.30 7.65 22.40
C THR A 168 -31.09 6.85 22.82
N ALA A 169 -30.42 7.30 23.88
CA ALA A 169 -29.29 6.60 24.47
C ALA A 169 -29.47 6.51 25.97
N TRP A 170 -30.68 6.21 26.40
CA TRP A 170 -31.03 6.22 27.81
C TRP A 170 -30.68 4.89 28.47
N THR A 171 -30.20 4.97 29.72
CA THR A 171 -29.88 3.80 30.51
C THR A 171 -30.70 3.77 31.79
N PRO A 172 -31.17 2.60 32.23
CA PRO A 172 -31.79 2.51 33.56
C PRO A 172 -30.78 2.55 34.68
N PHE A 173 -29.51 2.29 34.38
CA PHE A 173 -28.46 2.40 35.37
C PHE A 173 -28.08 3.86 35.55
N ASP A 174 -26.97 4.08 36.23
CA ASP A 174 -26.29 5.36 36.11
C ASP A 174 -24.83 4.96 35.92
N ASN A 175 -23.89 5.89 36.07
CA ASN A 175 -22.49 5.51 35.90
C ASN A 175 -21.96 4.66 37.03
N LYS A 176 -22.73 4.39 38.08
CA LYS A 176 -22.32 3.56 39.20
C LYS A 176 -23.27 2.39 39.35
N ILE A 177 -22.74 1.24 39.77
CA ILE A 177 -23.42 -0.05 39.77
C ILE A 177 -22.86 -0.91 40.91
N VAL A 178 -23.73 -1.61 41.64
CA VAL A 178 -23.33 -2.50 42.73
C VAL A 178 -24.02 -3.85 42.57
N VAL A 179 -23.24 -4.92 42.31
CA VAL A 179 -23.78 -6.24 41.97
C VAL A 179 -23.43 -7.24 43.07
N TYR A 180 -24.38 -7.58 43.95
CA TYR A 180 -24.11 -8.65 44.95
C TYR A 180 -24.45 -10.07 44.47
N LYS A 181 -25.73 -10.39 44.37
CA LYS A 181 -26.04 -11.74 43.89
C LYS A 181 -27.12 -11.76 42.84
N ASN A 182 -28.18 -10.99 43.03
CA ASN A 182 -29.28 -10.93 42.08
C ASN A 182 -29.85 -9.52 41.99
N ASP A 183 -29.11 -8.51 42.44
CA ASP A 183 -29.70 -7.19 42.59
C ASP A 183 -28.63 -6.13 42.39
N VAL A 184 -28.58 -5.60 41.17
CA VAL A 184 -27.76 -4.45 40.87
C VAL A 184 -28.34 -3.26 41.61
N TYR A 185 -27.50 -2.49 42.30
CA TYR A 185 -27.98 -1.29 42.99
C TYR A 185 -27.41 -0.06 42.31
N ASN A 186 -28.29 0.88 41.98
CA ASN A 186 -27.91 2.13 41.31
C ASN A 186 -27.57 3.16 42.39
N GLN A 187 -26.44 2.93 43.02
CA GLN A 187 -25.99 3.77 44.11
C GLN A 187 -24.55 4.19 43.86
N ASP A 188 -24.28 5.46 44.08
CA ASP A 188 -22.95 6.01 43.87
C ASP A 188 -22.04 5.50 44.97
N PHE A 189 -21.30 4.43 44.69
CA PHE A 189 -20.44 3.85 45.69
C PHE A 189 -19.22 4.75 45.97
N PRO A 190 -18.66 4.68 47.17
CA PRO A 190 -17.41 5.39 47.42
C PRO A 190 -16.26 4.75 46.65
N PRO A 191 -15.31 5.55 46.17
CA PRO A 191 -14.32 5.06 45.21
C PRO A 191 -13.25 4.19 45.87
N TYR A 192 -12.28 3.79 45.04
CA TYR A 192 -11.22 2.93 45.53
C TYR A 192 -10.25 3.73 46.38
N GLY A 193 -9.74 3.10 47.43
CA GLY A 193 -8.79 3.75 48.31
C GLY A 193 -9.38 4.78 49.23
N SER A 194 -10.70 4.87 49.36
CA SER A 194 -11.34 5.82 50.24
C SER A 194 -12.51 5.17 50.96
N GLY A 195 -12.30 3.96 51.48
CA GLY A 195 -13.37 3.25 52.14
C GLY A 195 -13.67 3.81 53.52
N GLN A 196 -14.93 3.68 53.92
CA GLN A 196 -15.37 4.21 55.18
C GLN A 196 -15.92 3.11 56.09
N PRO A 197 -15.62 3.16 57.38
CA PRO A 197 -16.01 2.06 58.26
C PRO A 197 -17.50 2.08 58.56
N GLY A 198 -18.11 0.91 58.54
CA GLY A 198 -19.53 0.80 58.82
C GLY A 198 -20.42 0.96 57.62
N ARG A 199 -20.03 1.78 56.65
CA ARG A 199 -20.79 1.96 55.43
C ARG A 199 -20.12 1.20 54.29
N PHE A 200 -20.90 0.98 53.22
CA PHE A 200 -20.59 0.02 52.16
C PHE A 200 -19.27 0.31 51.47
N GLY A 201 -18.30 -0.58 51.64
CA GLY A 201 -16.98 -0.36 51.08
C GLY A 201 -15.89 -0.34 52.13
N ASP A 202 -16.09 -1.07 53.23
CA ASP A 202 -15.11 -1.06 54.30
C ASP A 202 -13.88 -1.88 53.94
N ILE A 203 -14.06 -2.99 53.25
CA ILE A 203 -12.94 -3.73 52.67
C ILE A 203 -13.10 -3.74 51.16
N GLN A 204 -12.00 -3.53 50.45
CA GLN A 204 -12.01 -3.33 49.01
C GLN A 204 -10.79 -3.98 48.41
N SER A 205 -11.01 -4.91 47.47
CA SER A 205 -9.92 -5.50 46.71
C SER A 205 -10.20 -5.31 45.23
N ARG A 206 -9.14 -5.15 44.45
CA ARG A 206 -9.27 -4.70 43.06
C ARG A 206 -9.92 -5.76 42.19
N THR A 207 -9.57 -7.03 42.39
CA THR A 207 -10.26 -8.10 41.68
C THR A 207 -10.58 -9.25 42.62
N VAL A 208 -11.02 -10.37 42.07
CA VAL A 208 -11.51 -11.47 42.91
C VAL A 208 -10.35 -12.15 43.64
N GLU A 209 -9.27 -12.48 42.94
CA GLU A 209 -8.10 -13.05 43.62
C GLU A 209 -6.89 -12.18 43.28
N SER A 210 -6.35 -11.53 44.30
CA SER A 210 -5.15 -10.73 44.20
C SER A 210 -4.64 -10.46 45.61
N LYS A 211 -3.51 -9.80 45.70
CA LYS A 211 -3.01 -9.23 46.93
C LYS A 211 -3.50 -7.79 47.01
N ASP A 212 -2.90 -7.01 47.91
CA ASP A 212 -3.18 -5.58 48.11
C ASP A 212 -4.64 -5.35 48.50
N LEU A 213 -4.96 -5.86 49.68
CA LEU A 213 -6.26 -5.62 50.27
C LEU A 213 -6.29 -4.23 50.90
N TYR A 214 -7.46 -3.61 50.92
CA TYR A 214 -7.63 -2.29 51.50
C TYR A 214 -8.72 -2.32 52.55
N ALA A 215 -8.44 -1.76 53.73
CA ALA A 215 -9.39 -1.85 54.82
C ALA A 215 -9.11 -0.79 55.87
N ASN A 216 -10.16 -0.10 56.33
CA ASN A 216 -10.09 0.65 57.58
C ASN A 216 -11.38 0.44 58.37
N THR A 217 -11.40 -0.64 59.15
CA THR A 217 -12.56 -0.96 59.97
C THR A 217 -12.42 -0.45 61.39
N ALA A 218 -11.48 0.49 61.62
CA ALA A 218 -11.25 1.16 62.90
C ALA A 218 -10.95 0.16 64.02
N LEU A 219 -9.95 -0.67 63.77
CA LEU A 219 -9.55 -1.69 64.74
C LEU A 219 -8.77 -1.02 65.86
N LYS A 220 -9.29 -1.10 67.07
CA LYS A 220 -8.61 -0.56 68.24
C LYS A 220 -8.36 -1.69 69.24
N LEU A 221 -7.20 -1.65 69.88
CA LEU A 221 -6.68 -2.78 70.64
C LEU A 221 -6.41 -2.31 72.07
N SER A 222 -7.37 -2.51 72.97
CA SER A 222 -7.28 -1.98 74.32
C SER A 222 -6.40 -2.86 75.19
N ARG A 223 -6.38 -2.59 76.50
CA ARG A 223 -5.50 -3.16 77.51
C ARG A 223 -6.22 -4.22 78.32
N PRO A 224 -5.60 -5.38 78.55
CA PRO A 224 -6.30 -6.48 79.22
C PRO A 224 -6.50 -6.19 80.69
N SER A 225 -7.61 -6.73 81.22
CA SER A 225 -8.08 -6.46 82.56
C SER A 225 -7.29 -7.25 83.60
N SER A 226 -7.89 -7.43 84.78
CA SER A 226 -7.27 -8.19 85.87
C SER A 226 -7.14 -9.66 85.50
N GLY A 227 -6.70 -10.48 86.46
CA GLY A 227 -5.98 -11.70 86.14
C GLY A 227 -6.75 -12.81 85.45
N THR A 228 -7.13 -12.55 84.21
CA THR A 228 -7.58 -13.54 83.24
C THR A 228 -6.74 -13.37 81.98
N VAL A 229 -6.64 -14.44 81.20
CA VAL A 229 -5.88 -14.41 79.95
C VAL A 229 -6.86 -14.25 78.79
N HIS A 230 -6.98 -13.01 78.32
CA HIS A 230 -7.78 -12.74 77.13
C HIS A 230 -7.21 -11.50 76.47
N VAL A 231 -7.31 -11.46 75.14
CA VAL A 231 -6.95 -10.29 74.37
C VAL A 231 -8.23 -9.54 73.99
N PRO A 232 -8.51 -8.39 74.58
CA PRO A 232 -9.71 -7.65 74.20
C PRO A 232 -9.40 -6.62 73.14
N TYR A 233 -10.41 -6.24 72.38
CA TYR A 233 -10.28 -5.22 71.36
C TYR A 233 -11.65 -4.59 71.16
N THR A 234 -11.74 -3.67 70.21
CA THR A 234 -13.03 -3.14 69.81
C THR A 234 -12.95 -2.77 68.34
N GLN A 235 -14.09 -2.82 67.66
CA GLN A 235 -14.10 -2.64 66.22
C GLN A 235 -15.49 -2.22 65.78
N THR A 236 -15.55 -1.35 64.79
CA THR A 236 -16.81 -1.08 64.10
C THR A 236 -17.29 -2.34 63.40
N PRO A 237 -18.59 -2.60 63.34
CA PRO A 237 -19.06 -3.89 62.81
C PRO A 237 -18.88 -4.04 61.32
N SER A 238 -19.29 -5.20 60.79
CA SER A 238 -19.17 -5.44 59.37
C SER A 238 -20.19 -4.60 58.62
N SER A 239 -19.72 -3.87 57.62
CA SER A 239 -20.64 -3.06 56.83
C SER A 239 -21.51 -3.91 55.95
N PHE A 240 -20.94 -4.96 55.38
CA PHE A 240 -21.61 -5.78 54.41
C PHE A 240 -22.80 -6.53 54.99
N LYS A 241 -22.82 -6.79 56.28
CA LYS A 241 -24.03 -7.35 56.89
C LYS A 241 -25.05 -6.30 57.28
N TYR A 242 -24.66 -5.02 57.37
CA TYR A 242 -25.66 -3.97 57.44
C TYR A 242 -26.32 -3.79 56.09
N TRP A 243 -25.53 -3.86 55.02
CA TRP A 243 -26.05 -3.62 53.69
C TRP A 243 -26.91 -4.76 53.19
N ILE A 244 -26.82 -5.95 53.77
CA ILE A 244 -27.76 -7.02 53.45
C ILE A 244 -29.12 -6.77 54.12
N LYS A 245 -29.14 -6.14 55.28
CA LYS A 245 -30.42 -5.77 55.86
C LYS A 245 -30.90 -4.40 55.44
N GLU A 246 -30.07 -3.36 55.59
CA GLU A 246 -30.49 -1.99 55.34
C GLU A 246 -30.64 -1.66 53.86
N ARG A 247 -30.41 -2.61 52.96
CA ARG A 247 -30.83 -2.43 51.57
C ARG A 247 -32.34 -2.31 51.52
N GLY A 248 -32.81 -1.23 50.92
CA GLY A 248 -34.23 -0.98 50.89
C GLY A 248 -34.92 -1.93 49.94
N THR A 249 -34.65 -1.74 48.66
CA THR A 249 -35.12 -2.64 47.62
C THR A 249 -33.95 -2.97 46.71
N SER A 250 -34.25 -3.59 45.58
CA SER A 250 -33.27 -3.74 44.52
C SER A 250 -33.40 -2.56 43.57
N LEU A 251 -32.81 -2.65 42.38
CA LEU A 251 -33.24 -1.82 41.27
C LEU A 251 -34.27 -2.50 40.40
N ASN A 252 -34.55 -3.77 40.64
CA ASN A 252 -35.63 -4.42 39.93
C ASN A 252 -36.98 -3.89 40.40
N ASP A 253 -37.04 -3.36 41.62
CA ASP A 253 -38.30 -2.87 42.19
C ASP A 253 -38.44 -1.37 42.14
N LYS A 254 -37.45 -0.64 41.61
CA LYS A 254 -37.66 0.77 41.29
C LYS A 254 -36.97 1.13 39.98
N ALA A 255 -37.12 0.27 38.96
CA ALA A 255 -36.63 0.57 37.63
C ALA A 255 -37.63 1.46 36.90
N PRO A 256 -37.14 2.41 36.08
CA PRO A 256 -38.04 3.40 35.47
C PRO A 256 -39.06 2.87 34.48
N PHE A 257 -38.61 2.25 33.39
CA PHE A 257 -39.52 1.95 32.29
C PHE A 257 -40.08 0.54 32.37
N GLY A 258 -40.10 -0.06 33.55
CA GLY A 258 -40.64 -1.40 33.69
C GLY A 258 -39.75 -2.45 33.08
N CYS A 259 -38.55 -2.59 33.60
CA CYS A 259 -37.57 -3.50 33.04
C CYS A 259 -36.98 -4.34 34.15
N VAL A 260 -36.98 -5.66 33.95
CA VAL A 260 -36.35 -6.56 34.91
C VAL A 260 -34.83 -6.45 34.79
N ILE A 261 -34.15 -6.59 35.92
CA ILE A 261 -32.71 -6.42 35.97
C ILE A 261 -32.10 -7.72 36.46
N LYS A 262 -31.56 -8.50 35.52
CA LYS A 262 -30.81 -9.69 35.84
C LYS A 262 -29.39 -9.31 36.22
N THR A 263 -28.56 -10.31 36.50
CA THR A 263 -27.32 -10.02 37.22
C THR A 263 -26.05 -10.70 36.72
N ASN A 264 -26.08 -11.85 36.03
CA ASN A 264 -24.82 -12.57 35.98
C ASN A 264 -23.94 -12.04 34.84
N PRO A 265 -24.39 -11.89 33.58
CA PRO A 265 -23.62 -11.02 32.68
C PRO A 265 -24.20 -9.60 32.60
N VAL A 266 -24.05 -8.78 33.66
CA VAL A 266 -25.03 -7.81 34.16
C VAL A 266 -25.88 -7.14 33.09
N ARG A 267 -27.20 -7.25 33.20
CA ARG A 267 -28.11 -7.00 32.10
C ARG A 267 -29.24 -6.09 32.55
N ALA A 268 -30.03 -5.63 31.58
CA ALA A 268 -31.17 -4.75 31.81
C ALA A 268 -32.32 -5.12 30.89
N GLU A 269 -32.67 -6.41 30.85
CA GLU A 269 -33.46 -6.93 29.74
C GLU A 269 -34.92 -6.46 29.76
N ASN A 270 -35.47 -6.34 28.55
CA ASN A 270 -36.87 -5.99 28.24
C ASN A 270 -37.26 -4.61 28.80
N CYS A 271 -36.62 -3.59 28.23
CA CYS A 271 -37.04 -2.22 28.48
C CYS A 271 -38.18 -1.85 27.52
N ALA A 272 -38.62 -0.59 27.59
CA ALA A 272 -39.63 -0.09 26.65
C ALA A 272 -39.37 1.40 26.44
N VAL A 273 -38.62 1.73 25.40
CA VAL A 273 -38.27 3.12 25.10
C VAL A 273 -37.93 3.24 23.63
N GLY A 274 -38.42 4.31 23.00
CA GLY A 274 -37.96 4.69 21.69
C GLY A 274 -38.48 3.78 20.58
N ASN A 275 -37.75 3.79 19.47
CA ASN A 275 -38.13 3.02 18.30
C ASN A 275 -36.87 2.60 17.56
N ILE A 276 -37.01 1.58 16.72
CA ILE A 276 -35.88 0.91 16.08
C ILE A 276 -36.06 1.01 14.58
N PRO A 277 -35.10 1.56 13.84
CA PRO A 277 -35.18 1.57 12.38
C PRO A 277 -34.57 0.33 11.75
N VAL A 278 -35.16 -0.10 10.64
CA VAL A 278 -34.77 -1.33 9.97
C VAL A 278 -34.35 -0.99 8.54
N SER A 279 -33.79 -2.00 7.86
CA SER A 279 -33.41 -1.87 6.45
C SER A 279 -33.53 -3.23 5.78
N MET A 280 -34.29 -3.27 4.69
CA MET A 280 -34.65 -4.49 4.01
C MET A 280 -33.85 -4.70 2.73
N ASP A 281 -33.62 -5.95 2.38
CA ASP A 281 -32.98 -6.31 1.12
C ASP A 281 -33.66 -7.52 0.49
N ILE A 282 -34.98 -7.47 0.35
CA ILE A 282 -35.71 -8.62 -0.22
C ILE A 282 -35.37 -8.76 -1.69
N PRO A 283 -34.90 -9.92 -2.13
CA PRO A 283 -34.56 -10.12 -3.55
C PRO A 283 -35.83 -10.32 -4.38
N ASP A 284 -35.63 -10.44 -5.68
CA ASP A 284 -36.75 -10.49 -6.60
C ASP A 284 -37.46 -11.83 -6.63
N THR A 285 -36.86 -12.89 -6.09
CA THR A 285 -37.53 -14.18 -6.07
C THR A 285 -38.31 -14.41 -4.78
N ALA A 286 -39.09 -13.40 -4.41
CA ALA A 286 -40.01 -13.51 -3.28
C ALA A 286 -41.37 -12.91 -3.57
N PHE A 287 -41.52 -12.09 -4.61
CA PHE A 287 -42.78 -11.47 -4.95
C PHE A 287 -43.58 -12.38 -5.88
N THR A 288 -44.71 -11.88 -6.34
CA THR A 288 -45.46 -12.49 -7.43
C THR A 288 -45.66 -11.45 -8.52
N ARG A 289 -45.55 -11.88 -9.76
CA ARG A 289 -45.82 -11.00 -10.88
C ARG A 289 -47.30 -10.66 -10.94
N VAL A 290 -47.61 -9.53 -11.59
CA VAL A 290 -48.96 -8.99 -11.54
C VAL A 290 -49.94 -9.82 -12.37
N ILE A 291 -49.43 -10.64 -13.29
CA ILE A 291 -50.31 -11.52 -14.06
C ILE A 291 -50.81 -12.67 -13.19
N ASP A 292 -49.94 -13.19 -12.33
CA ASP A 292 -50.29 -14.36 -11.53
C ASP A 292 -51.20 -14.01 -10.36
N ALA A 293 -51.22 -12.75 -9.96
CA ALA A 293 -52.08 -12.33 -8.86
C ALA A 293 -53.53 -12.28 -9.31
N PRO A 294 -54.47 -12.58 -8.41
CA PRO A 294 -55.89 -12.48 -8.78
C PRO A 294 -56.33 -11.02 -8.87
N ALA A 295 -56.97 -10.68 -9.99
CA ALA A 295 -57.42 -9.31 -10.20
C ALA A 295 -58.63 -9.00 -9.33
N VAL A 296 -58.62 -7.81 -8.74
CA VAL A 296 -59.67 -7.36 -7.82
C VAL A 296 -60.20 -6.03 -8.33
N THR A 297 -61.52 -5.94 -8.46
CA THR A 297 -62.19 -4.69 -8.80
C THR A 297 -63.35 -4.43 -7.86
N ASN A 298 -63.71 -3.15 -7.75
CA ASN A 298 -64.96 -2.66 -7.17
C ASN A 298 -65.08 -3.03 -5.69
N LEU A 299 -64.18 -2.45 -4.89
CA LEU A 299 -64.23 -2.66 -3.44
C LEU A 299 -65.27 -1.78 -2.78
N GLU A 300 -65.81 -2.29 -1.67
CA GLU A 300 -66.77 -1.54 -0.85
C GLU A 300 -66.78 -2.19 0.53
N CYS A 301 -66.44 -1.43 1.57
CA CYS A 301 -66.41 -1.95 2.92
C CYS A 301 -67.60 -1.44 3.72
N GLN A 302 -67.92 -2.16 4.80
CA GLN A 302 -69.09 -1.84 5.60
C GLN A 302 -68.87 -2.40 7.01
N VAL A 303 -68.74 -1.50 7.99
CA VAL A 303 -68.40 -1.92 9.34
C VAL A 303 -69.61 -2.51 10.04
N ALA A 304 -69.34 -3.27 11.10
CA ALA A 304 -70.41 -3.86 11.91
C ALA A 304 -70.39 -3.41 13.37
N VAL A 305 -69.26 -3.53 14.07
CA VAL A 305 -69.30 -3.45 15.53
C VAL A 305 -68.45 -2.33 16.14
N CYS A 306 -67.11 -2.40 16.03
CA CYS A 306 -66.16 -1.38 16.47
C CYS A 306 -66.25 -0.96 17.94
N THR A 307 -65.79 -1.80 18.87
CA THR A 307 -65.58 -1.28 20.22
C THR A 307 -64.14 -0.81 20.40
N HIS A 308 -63.91 -0.04 21.46
CA HIS A 308 -62.61 0.58 21.73
C HIS A 308 -61.68 -0.31 22.54
N SER A 309 -61.92 -1.62 22.58
CA SER A 309 -61.16 -2.48 23.47
C SER A 309 -59.73 -2.64 22.97
N SER A 310 -58.84 -2.98 23.91
CA SER A 310 -57.41 -3.03 23.61
C SER A 310 -57.03 -4.19 22.71
N ASP A 311 -57.89 -5.19 22.58
CA ASP A 311 -57.66 -6.24 21.60
C ASP A 311 -58.31 -5.87 20.28
N PHE A 312 -58.41 -6.82 19.36
CA PHE A 312 -58.96 -6.54 18.03
C PHE A 312 -60.48 -6.59 18.11
N GLY A 313 -61.05 -5.53 18.65
CA GLY A 313 -62.48 -5.42 18.81
C GLY A 313 -63.15 -4.68 17.67
N GLY A 314 -63.12 -5.25 16.48
CA GLY A 314 -63.80 -4.66 15.34
C GLY A 314 -63.82 -5.59 14.14
N ILE A 315 -64.97 -5.73 13.49
CA ILE A 315 -65.13 -6.64 12.37
C ILE A 315 -65.73 -5.86 11.21
N ALA A 316 -65.03 -5.85 10.08
CA ALA A 316 -65.51 -5.23 8.86
C ALA A 316 -65.83 -6.30 7.82
N THR A 317 -66.59 -5.89 6.80
CA THR A 317 -67.02 -6.79 5.74
C THR A 317 -66.83 -6.07 4.41
N LEU A 318 -66.21 -6.74 3.45
CA LEU A 318 -65.87 -6.13 2.17
C LEU A 318 -66.44 -6.95 1.03
N THR A 319 -66.83 -6.26 -0.04
CA THR A 319 -67.32 -6.86 -1.26
C THR A 319 -66.43 -6.45 -2.42
N PHE A 320 -66.44 -7.27 -3.47
CA PHE A 320 -65.53 -7.06 -4.60
C PHE A 320 -66.04 -7.84 -5.81
N LYS A 321 -65.39 -7.62 -6.94
CA LYS A 321 -65.64 -8.33 -8.19
C LYS A 321 -64.31 -8.92 -8.65
N THR A 322 -64.05 -10.18 -8.28
CA THR A 322 -62.83 -10.83 -8.68
C THR A 322 -63.01 -11.57 -10.01
N ASP A 323 -61.96 -12.28 -10.41
CA ASP A 323 -62.01 -13.11 -11.60
C ASP A 323 -61.38 -14.49 -11.42
N LYS A 324 -60.61 -14.72 -10.36
CA LYS A 324 -59.97 -16.00 -10.11
C LYS A 324 -59.61 -16.06 -8.63
N PRO A 325 -59.60 -17.24 -8.02
CA PRO A 325 -59.18 -17.33 -6.62
C PRO A 325 -57.67 -17.20 -6.48
N GLY A 326 -57.25 -16.81 -5.28
CA GLY A 326 -55.84 -16.63 -5.01
C GLY A 326 -55.54 -16.30 -3.57
N LYS A 327 -54.59 -15.40 -3.33
CA LYS A 327 -54.21 -14.98 -2.00
C LYS A 327 -53.67 -13.57 -2.05
N CYS A 328 -54.41 -12.63 -1.49
CA CYS A 328 -54.00 -11.24 -1.46
C CYS A 328 -53.18 -10.93 -0.21
N ALA A 329 -52.95 -9.63 0.03
CA ALA A 329 -52.24 -9.18 1.21
C ALA A 329 -52.80 -7.82 1.59
N VAL A 330 -53.53 -7.77 2.70
CA VAL A 330 -54.20 -6.54 3.09
C VAL A 330 -53.25 -5.65 3.88
N HIS A 331 -53.60 -4.37 3.97
CA HIS A 331 -52.81 -3.39 4.70
C HIS A 331 -53.68 -2.18 4.99
N SER A 332 -53.32 -1.44 6.04
CA SER A 332 -54.01 -0.23 6.43
C SER A 332 -53.10 0.97 6.21
N HIS A 333 -53.61 1.97 5.50
CA HIS A 333 -52.81 3.16 5.17
C HIS A 333 -53.05 4.29 6.16
N SER A 334 -53.26 3.95 7.43
CA SER A 334 -53.40 4.95 8.47
C SER A 334 -52.92 4.34 9.78
N ASN A 335 -52.54 5.21 10.71
CA ASN A 335 -52.16 4.78 12.06
C ASN A 335 -53.34 4.81 13.01
N VAL A 336 -54.57 4.77 12.50
CA VAL A 336 -55.76 4.77 13.34
C VAL A 336 -56.21 3.35 13.66
N ALA A 337 -56.18 2.45 12.69
CA ALA A 337 -56.52 1.06 12.91
C ALA A 337 -55.44 0.16 12.35
N THR A 338 -55.30 -1.02 12.93
CA THR A 338 -54.33 -2.03 12.49
C THR A 338 -55.07 -3.31 12.19
N ILE A 339 -55.20 -3.64 10.91
CA ILE A 339 -55.86 -4.88 10.50
C ILE A 339 -54.99 -6.07 10.87
N GLN A 340 -55.61 -7.10 11.42
CA GLN A 340 -54.92 -8.31 11.82
C GLN A 340 -54.80 -9.27 10.62
N GLU A 341 -53.79 -10.15 10.72
CA GLU A 341 -53.55 -11.39 9.98
C GLU A 341 -53.06 -11.24 8.55
N ALA A 342 -53.20 -10.06 7.93
CA ALA A 342 -52.39 -9.59 6.78
C ALA A 342 -52.37 -10.45 5.52
N ALA A 343 -53.05 -11.61 5.50
CA ALA A 343 -52.77 -12.63 4.48
C ALA A 343 -54.04 -13.34 4.04
N VAL A 344 -55.08 -12.59 3.68
CA VAL A 344 -56.39 -13.18 3.41
C VAL A 344 -56.35 -14.04 2.14
N ASP A 345 -57.34 -14.92 2.03
CA ASP A 345 -57.45 -15.87 0.92
C ASP A 345 -58.72 -15.55 0.15
N ILE A 346 -58.57 -14.97 -1.02
CA ILE A 346 -59.71 -14.53 -1.81
C ILE A 346 -60.33 -15.73 -2.51
N LYS A 347 -61.65 -15.73 -2.64
CA LYS A 347 -62.38 -16.79 -3.31
C LYS A 347 -63.28 -16.18 -4.39
N THR A 348 -64.16 -17.01 -4.95
CA THR A 348 -64.97 -16.59 -6.09
C THR A 348 -66.03 -15.58 -5.69
N ASP A 349 -66.75 -15.84 -4.62
CA ASP A 349 -67.76 -14.91 -4.14
C ASP A 349 -67.13 -13.67 -3.53
N GLY A 350 -67.83 -12.54 -3.66
CA GLY A 350 -67.28 -11.27 -3.22
C GLY A 350 -67.57 -10.93 -1.77
N LYS A 351 -66.94 -11.65 -0.85
CA LYS A 351 -67.23 -11.47 0.57
C LYS A 351 -66.07 -12.01 1.40
N ILE A 352 -65.42 -11.13 2.16
CA ILE A 352 -64.36 -11.50 3.09
C ILE A 352 -64.62 -10.80 4.42
N THR A 353 -63.92 -11.25 5.45
CA THR A 353 -64.02 -10.69 6.79
C THR A 353 -62.63 -10.35 7.31
N LEU A 354 -62.55 -9.24 8.03
CA LEU A 354 -61.30 -8.79 8.64
C LEU A 354 -61.48 -8.62 10.14
N HIS A 355 -60.39 -8.21 10.79
CA HIS A 355 -60.41 -7.88 12.22
C HIS A 355 -59.46 -6.71 12.42
N PHE A 356 -59.99 -5.58 12.88
CA PHE A 356 -59.18 -4.40 13.12
C PHE A 356 -59.31 -3.99 14.58
N SER A 357 -58.65 -2.88 14.92
CA SER A 357 -58.62 -2.40 16.29
C SER A 357 -58.28 -0.93 16.28
N THR A 358 -59.16 -0.10 16.82
CA THR A 358 -58.95 1.33 16.89
C THR A 358 -58.77 1.78 18.33
N ALA A 359 -58.73 3.10 18.53
CA ALA A 359 -58.74 3.65 19.87
C ALA A 359 -59.55 4.93 19.96
N SER A 360 -60.21 5.35 18.89
CA SER A 360 -60.99 6.59 18.89
C SER A 360 -62.41 6.28 18.46
N ALA A 361 -63.27 7.29 18.60
CA ALA A 361 -64.70 7.09 18.40
C ALA A 361 -65.07 6.96 16.93
N SER A 362 -64.28 7.53 16.04
CA SER A 362 -64.61 7.45 14.62
C SER A 362 -63.35 7.31 13.78
N PRO A 363 -63.17 6.19 13.11
CA PRO A 363 -61.98 5.98 12.29
C PRO A 363 -62.16 6.46 10.86
N ALA A 364 -61.02 6.57 10.16
CA ALA A 364 -61.00 6.93 8.75
C ALA A 364 -59.96 6.13 7.98
N PHE A 365 -59.72 4.90 8.38
CA PHE A 365 -58.68 4.12 7.75
C PHE A 365 -59.12 3.64 6.37
N LYS A 366 -58.14 3.35 5.54
CA LYS A 366 -58.39 2.95 4.16
C LYS A 366 -57.57 1.71 3.81
N VAL A 367 -58.23 0.78 3.12
CA VAL A 367 -57.78 -0.61 3.02
C VAL A 367 -57.41 -0.92 1.58
N SER A 368 -56.23 -1.50 1.38
CA SER A 368 -55.81 -2.00 0.08
C SER A 368 -55.73 -3.52 0.15
N VAL A 369 -56.35 -4.19 -0.81
CA VAL A 369 -56.39 -5.65 -0.81
C VAL A 369 -55.38 -6.20 -1.80
N CYS A 370 -55.57 -5.92 -3.09
CA CYS A 370 -54.59 -6.22 -4.14
C CYS A 370 -54.66 -5.08 -5.16
N SER A 371 -53.85 -4.04 -4.94
CA SER A 371 -53.72 -2.87 -5.81
C SER A 371 -55.07 -2.19 -6.08
N ALA A 372 -55.92 -2.17 -5.07
CA ALA A 372 -57.24 -1.55 -5.18
C ALA A 372 -57.63 -1.11 -3.78
N LYS A 373 -58.20 0.10 -3.67
CA LYS A 373 -58.38 0.73 -2.37
C LYS A 373 -59.81 1.22 -2.19
N THR A 374 -60.15 1.41 -0.91
CA THR A 374 -61.45 1.92 -0.50
C THR A 374 -61.28 2.50 0.90
N THR A 375 -62.31 3.20 1.37
CA THR A 375 -62.27 3.88 2.66
C THR A 375 -63.40 3.39 3.55
N CYS A 376 -63.11 3.27 4.84
CA CYS A 376 -64.08 2.77 5.82
C CYS A 376 -64.34 3.83 6.90
N MET A 377 -65.59 3.94 7.31
CA MET A 377 -66.00 4.82 8.39
C MET A 377 -66.91 4.06 9.34
N ALA A 378 -66.78 4.34 10.63
CA ALA A 378 -67.50 3.60 11.65
C ALA A 378 -68.00 4.54 12.73
N ALA A 379 -68.99 4.06 13.49
CA ALA A 379 -69.47 4.72 14.69
C ALA A 379 -69.23 3.77 15.85
N CYS A 380 -68.33 4.15 16.74
CA CYS A 380 -67.75 3.20 17.69
C CYS A 380 -68.20 3.53 19.11
N GLU A 381 -68.09 2.53 19.98
CA GLU A 381 -68.61 2.60 21.34
C GLU A 381 -67.54 2.19 22.35
N PRO A 382 -67.53 2.82 23.53
CA PRO A 382 -66.47 2.55 24.50
C PRO A 382 -66.75 1.26 25.26
N PRO A 383 -65.71 0.60 25.80
CA PRO A 383 -65.91 -0.66 26.50
C PRO A 383 -66.34 -0.47 27.95
N LYS A 384 -66.41 -1.57 28.69
CA LYS A 384 -66.93 -1.56 30.05
C LYS A 384 -65.92 -1.98 31.11
N ASP A 385 -64.98 -2.86 30.78
CA ASP A 385 -63.99 -3.30 31.75
C ASP A 385 -62.95 -2.21 32.00
N HIS A 386 -62.60 -2.03 33.27
CA HIS A 386 -61.72 -0.95 33.67
C HIS A 386 -60.25 -1.36 33.68
N ILE A 387 -59.95 -2.53 34.22
CA ILE A 387 -58.59 -3.02 34.32
C ILE A 387 -58.49 -4.28 33.48
N VAL A 388 -57.51 -4.33 32.59
CA VAL A 388 -57.39 -5.42 31.64
C VAL A 388 -56.03 -6.07 31.91
N PRO A 389 -55.88 -7.39 31.78
CA PRO A 389 -54.58 -8.01 32.10
C PRO A 389 -53.56 -7.95 30.98
N TYR A 390 -53.95 -7.61 29.76
CA TYR A 390 -52.99 -7.54 28.67
C TYR A 390 -52.76 -6.09 28.26
N GLY A 391 -51.84 -5.89 27.31
CA GLY A 391 -51.38 -4.56 26.97
C GLY A 391 -52.27 -3.80 26.00
N ALA A 392 -51.67 -3.19 24.98
CA ALA A 392 -52.39 -2.33 24.05
C ALA A 392 -51.95 -2.64 22.64
N SER A 393 -52.90 -3.04 21.79
CA SER A 393 -52.59 -3.43 20.41
C SER A 393 -52.77 -2.30 19.41
N HIS A 394 -53.52 -1.27 19.75
CA HIS A 394 -53.71 -0.14 18.85
C HIS A 394 -52.54 0.82 18.98
N ASN A 395 -52.65 1.96 18.29
CA ASN A 395 -51.80 3.11 18.54
C ASN A 395 -52.63 4.16 19.26
N ASN A 396 -51.98 4.90 20.14
CA ASN A 396 -52.70 5.83 21.02
C ASN A 396 -53.07 7.06 20.20
N GLN A 397 -54.29 7.09 19.69
CA GLN A 397 -54.75 8.19 18.85
C GLN A 397 -56.24 8.40 19.08
N VAL A 398 -56.61 9.57 19.57
CA VAL A 398 -58.00 9.91 19.85
C VAL A 398 -58.34 11.21 19.14
N PHE A 399 -58.81 11.11 17.90
CA PHE A 399 -59.21 12.28 17.14
C PHE A 399 -60.20 11.88 16.05
N PRO A 400 -61.44 12.34 16.09
CA PRO A 400 -62.35 12.09 14.98
C PRO A 400 -61.92 12.87 13.75
N ASP A 401 -62.02 12.23 12.58
CA ASP A 401 -61.33 12.67 11.38
C ASP A 401 -61.74 14.02 10.80
N MET A 402 -62.84 14.06 10.04
CA MET A 402 -63.51 15.29 9.60
C MET A 402 -65.03 15.17 9.61
N SER A 403 -65.58 13.97 9.47
CA SER A 403 -67.01 13.78 9.24
C SER A 403 -67.65 12.90 10.31
N GLY A 404 -67.01 12.80 11.47
CA GLY A 404 -67.66 12.14 12.59
C GLY A 404 -68.81 12.94 13.11
N THR A 405 -69.69 12.25 13.86
CA THR A 405 -70.87 12.89 14.42
C THR A 405 -70.50 13.95 15.45
N ALA A 406 -69.41 13.74 16.18
CA ALA A 406 -68.96 14.73 17.15
C ALA A 406 -68.36 15.95 16.48
N MET A 407 -67.92 15.85 15.23
CA MET A 407 -67.36 16.98 14.51
C MET A 407 -68.32 17.54 13.47
N THR A 408 -69.40 16.82 13.17
CA THR A 408 -70.42 17.34 12.25
C THR A 408 -71.14 18.52 12.87
N TRP A 409 -71.38 18.48 14.18
CA TRP A 409 -71.98 19.61 14.89
C TRP A 409 -71.05 20.82 14.95
N VAL A 410 -69.75 20.62 14.76
CA VAL A 410 -68.83 21.75 14.72
C VAL A 410 -69.01 22.52 13.42
N GLN A 411 -69.14 21.81 12.30
CA GLN A 411 -69.31 22.47 11.01
C GLN A 411 -70.67 23.10 10.84
N ARG A 412 -71.66 22.71 11.64
CA ARG A 412 -72.96 23.35 11.64
C ARG A 412 -73.03 24.51 12.62
N VAL A 413 -71.91 24.89 13.22
CA VAL A 413 -71.83 26.09 14.05
C VAL A 413 -70.77 26.98 13.41
N ALA A 414 -69.78 26.36 12.76
CA ALA A 414 -68.74 27.14 12.08
C ALA A 414 -69.27 27.78 10.81
N GLY A 415 -70.00 27.01 10.00
CA GLY A 415 -70.59 27.57 8.80
C GLY A 415 -71.79 28.46 9.06
N GLY A 416 -72.42 28.32 10.22
CA GLY A 416 -73.58 29.13 10.55
C GLY A 416 -73.23 30.58 10.85
N LEU A 417 -72.52 30.82 11.95
CA LEU A 417 -72.14 32.18 12.30
C LEU A 417 -70.99 32.70 11.45
N GLY A 418 -70.19 31.80 10.87
CA GLY A 418 -69.17 32.24 9.93
C GLY A 418 -69.76 32.73 8.63
N GLY A 419 -70.83 32.08 8.16
CA GLY A 419 -71.54 32.56 6.99
C GLY A 419 -72.36 33.80 7.26
N LEU A 420 -72.74 34.04 8.51
CA LEU A 420 -73.40 35.27 8.89
C LEU A 420 -72.41 36.41 9.13
N THR A 421 -71.15 36.08 9.40
CA THR A 421 -70.14 37.12 9.59
C THR A 421 -69.79 37.78 8.26
N LEU A 422 -69.65 36.98 7.20
CA LEU A 422 -69.38 37.55 5.88
C LEU A 422 -70.59 38.28 5.33
N ALA A 423 -71.80 37.88 5.75
CA ALA A 423 -73.00 38.61 5.36
C ALA A 423 -73.07 39.98 6.03
N ALA A 424 -72.51 40.12 7.23
CA ALA A 424 -72.40 41.42 7.85
C ALA A 424 -71.26 42.23 7.23
N VAL A 425 -70.29 41.57 6.62
CA VAL A 425 -69.27 42.29 5.86
C VAL A 425 -69.85 42.80 4.55
N ALA A 426 -70.64 41.95 3.87
CA ALA A 426 -71.15 42.28 2.54
C ALA A 426 -72.18 43.41 2.57
N VAL A 427 -72.79 43.67 3.72
CA VAL A 427 -73.59 44.88 3.86
C VAL A 427 -72.70 46.11 3.87
N LEU A 428 -71.59 46.05 4.62
CA LEU A 428 -70.70 47.20 4.75
C LEU A 428 -69.93 47.47 3.46
N ILE A 429 -69.68 46.43 2.65
CA ILE A 429 -69.02 46.64 1.37
C ILE A 429 -69.92 47.42 0.41
N LEU A 430 -71.23 47.14 0.46
CA LEU A 430 -72.18 47.86 -0.38
C LEU A 430 -72.35 49.30 0.08
N VAL A 431 -72.35 49.52 1.40
CA VAL A 431 -72.55 50.88 1.91
C VAL A 431 -71.31 51.73 1.70
N THR A 432 -70.12 51.14 1.88
CA THR A 432 -68.88 51.87 1.64
C THR A 432 -68.46 51.89 0.17
N CYS A 433 -69.38 51.65 -0.77
CA CYS A 433 -69.11 51.86 -2.17
C CYS A 433 -70.23 52.60 -2.89
N VAL A 434 -71.38 52.79 -2.26
CA VAL A 434 -72.50 53.53 -2.84
C VAL A 434 -72.61 54.92 -2.24
N THR A 435 -72.59 55.02 -0.91
CA THR A 435 -72.65 56.31 -0.23
C THR A 435 -71.31 56.66 0.42
N MET A 436 -70.18 56.26 -0.21
CA MET A 436 -68.94 57.09 -0.23
C MET A 436 -68.78 57.89 -1.51
N ARG A 437 -69.72 57.80 -2.45
CA ARG A 437 -69.61 58.56 -3.69
C ARG A 437 -70.81 59.45 -4.00
N ARG A 438 -71.96 59.24 -3.36
CA ARG A 438 -73.13 60.07 -3.64
C ARG A 438 -73.20 61.24 -2.65
N SER B 1 -19.21 -39.45 58.33
CA SER B 1 -18.18 -39.51 59.36
C SER B 1 -17.33 -40.77 59.21
N VAL B 2 -16.67 -40.89 58.05
CA VAL B 2 -15.83 -42.03 57.77
C VAL B 2 -14.58 -41.97 58.63
N THR B 3 -14.18 -43.12 59.19
CA THR B 3 -13.07 -43.22 60.13
C THR B 3 -11.72 -42.80 59.54
N GLU B 4 -11.60 -42.69 58.23
CA GLU B 4 -10.40 -42.13 57.63
C GLU B 4 -10.53 -40.64 57.37
N HIS B 5 -11.63 -40.02 57.78
CA HIS B 5 -11.76 -38.57 57.78
C HIS B 5 -11.60 -37.97 59.17
N PHE B 6 -11.01 -38.73 60.09
CA PHE B 6 -10.75 -38.28 61.45
C PHE B 6 -9.28 -38.45 61.81
N ASN B 7 -8.43 -38.70 60.80
CA ASN B 7 -7.01 -38.85 61.04
C ASN B 7 -6.32 -37.54 61.39
N VAL B 8 -6.97 -36.41 61.10
CA VAL B 8 -6.41 -35.14 61.53
C VAL B 8 -6.63 -34.97 63.03
N TYR B 9 -7.69 -35.57 63.57
CA TYR B 9 -7.97 -35.54 65.00
C TYR B 9 -7.21 -36.59 65.79
N LYS B 10 -6.22 -37.25 65.21
CA LYS B 10 -5.37 -38.15 66.00
C LYS B 10 -4.54 -37.35 67.00
N ALA B 11 -3.77 -36.39 66.51
CA ALA B 11 -2.92 -35.59 67.38
C ALA B 11 -3.61 -34.31 67.83
N THR B 12 -4.82 -34.44 68.39
CA THR B 12 -5.52 -33.32 69.01
C THR B 12 -6.13 -33.76 70.33
N LYS B 13 -6.29 -32.80 71.23
CA LYS B 13 -6.89 -33.05 72.53
C LYS B 13 -7.73 -31.84 72.91
N PRO B 14 -8.75 -32.02 73.78
CA PRO B 14 -9.58 -30.87 74.19
C PRO B 14 -8.86 -29.87 75.08
N TYR B 15 -9.58 -28.84 75.52
CA TYR B 15 -8.94 -27.79 76.30
C TYR B 15 -9.98 -27.12 77.19
N LEU B 16 -9.50 -26.51 78.27
CA LEU B 16 -10.31 -25.66 79.13
C LEU B 16 -10.10 -24.22 78.73
N ALA B 17 -11.17 -23.54 78.36
CA ALA B 17 -11.12 -22.13 78.06
C ALA B 17 -11.86 -21.35 79.14
N TYR B 18 -11.84 -20.03 79.01
CA TYR B 18 -12.47 -19.15 79.97
C TYR B 18 -13.82 -18.72 79.45
N CYS B 19 -14.86 -19.43 79.85
CA CYS B 19 -16.22 -19.02 79.52
C CYS B 19 -16.69 -17.97 80.49
N ALA B 20 -17.33 -16.92 79.98
CA ALA B 20 -17.67 -15.79 80.81
C ALA B 20 -18.87 -16.08 81.70
N ASP B 21 -19.83 -16.85 81.21
CA ASP B 21 -21.05 -17.09 81.96
C ASP B 21 -21.51 -18.53 81.78
N CYS B 22 -21.86 -19.17 82.89
CA CYS B 22 -22.16 -20.60 82.86
C CYS B 22 -23.61 -20.84 83.25
N GLY B 23 -24.52 -20.10 82.62
CA GLY B 23 -25.93 -20.32 82.83
C GLY B 23 -26.49 -19.90 84.17
N ASP B 24 -25.67 -19.37 85.07
CA ASP B 24 -26.15 -18.98 86.39
C ASP B 24 -25.79 -17.55 86.75
N GLY B 25 -24.63 -17.05 86.33
CA GLY B 25 -24.25 -15.70 86.67
C GLY B 25 -22.78 -15.55 86.99
N GLN B 26 -22.15 -16.63 87.43
CA GLN B 26 -20.74 -16.62 87.80
C GLN B 26 -19.91 -17.22 86.68
N PHE B 27 -18.68 -16.74 86.54
CA PHE B 27 -17.78 -17.28 85.54
C PHE B 27 -17.24 -18.62 86.02
N CYS B 28 -16.77 -19.42 85.07
CA CYS B 28 -16.04 -20.63 85.39
C CYS B 28 -15.15 -21.01 84.22
N TYR B 29 -14.31 -22.00 84.45
CA TYR B 29 -13.47 -22.56 83.40
C TYR B 29 -14.12 -23.83 82.85
N SER B 30 -15.26 -23.63 82.20
CA SER B 30 -15.97 -24.76 81.61
C SER B 30 -15.22 -25.26 80.38
N PRO B 31 -15.29 -26.56 80.12
CA PRO B 31 -14.66 -27.11 78.90
C PRO B 31 -15.51 -26.93 77.65
N VAL B 32 -16.67 -26.30 77.76
CA VAL B 32 -17.64 -26.32 76.68
C VAL B 32 -17.80 -24.89 76.20
N ALA B 33 -16.71 -24.13 76.21
CA ALA B 33 -16.74 -22.74 75.80
C ALA B 33 -17.08 -22.59 74.32
N ILE B 34 -17.62 -21.43 73.97
CA ILE B 34 -18.08 -21.14 72.63
C ILE B 34 -17.19 -20.05 72.05
N GLU B 35 -16.42 -20.40 71.04
CA GLU B 35 -15.62 -19.43 70.31
C GLU B 35 -16.40 -18.94 69.09
N LYS B 36 -15.69 -18.35 68.12
CA LYS B 36 -16.22 -17.69 66.93
C LYS B 36 -17.23 -18.53 66.17
N ILE B 37 -18.46 -18.02 66.06
CA ILE B 37 -19.53 -18.70 65.36
C ILE B 37 -19.78 -18.01 64.02
N ARG B 38 -20.07 -18.82 63.01
CA ARG B 38 -20.12 -18.36 61.62
C ARG B 38 -21.53 -18.53 61.08
N ASP B 39 -22.05 -17.46 60.47
CA ASP B 39 -23.46 -17.42 60.09
C ASP B 39 -23.69 -16.77 58.73
N GLU B 40 -22.74 -16.88 57.81
CA GLU B 40 -22.99 -16.39 56.46
C GLU B 40 -23.90 -17.30 55.66
N ALA B 41 -24.27 -18.44 56.23
CA ALA B 41 -25.49 -19.11 55.87
C ALA B 41 -26.69 -18.18 56.00
N SER B 42 -27.31 -17.85 54.87
CA SER B 42 -28.42 -16.91 54.89
C SER B 42 -29.68 -17.48 55.53
N ASP B 43 -29.76 -18.80 55.74
CA ASP B 43 -30.91 -19.36 56.42
C ASP B 43 -30.87 -19.16 57.93
N GLY B 44 -29.73 -18.72 58.46
CA GLY B 44 -29.57 -18.65 59.89
C GLY B 44 -29.02 -19.91 60.49
N MET B 45 -28.26 -20.68 59.71
CA MET B 45 -27.56 -21.81 60.28
C MET B 45 -26.32 -21.31 61.01
N ILE B 46 -26.01 -21.91 62.14
CA ILE B 46 -24.86 -21.51 62.94
C ILE B 46 -23.94 -22.71 63.07
N LYS B 47 -22.64 -22.51 62.84
CA LYS B 47 -21.63 -23.50 63.18
C LYS B 47 -20.95 -23.03 64.46
N ILE B 48 -21.41 -23.55 65.59
CA ILE B 48 -20.78 -23.23 66.86
C ILE B 48 -19.45 -23.96 66.94
N GLN B 49 -18.37 -23.22 67.16
CA GLN B 49 -17.06 -23.84 67.34
C GLN B 49 -16.87 -24.05 68.83
N VAL B 50 -17.38 -25.17 69.33
CA VAL B 50 -17.30 -25.46 70.75
C VAL B 50 -15.91 -25.96 71.08
N ALA B 51 -15.52 -25.85 72.36
CA ALA B 51 -14.17 -26.22 72.76
C ALA B 51 -14.00 -27.73 72.85
N ALA B 52 -14.85 -28.39 73.64
CA ALA B 52 -14.79 -29.82 73.85
C ALA B 52 -15.19 -30.55 72.58
N GLN B 53 -14.25 -31.26 71.97
CA GLN B 53 -14.52 -31.95 70.70
C GLN B 53 -15.39 -33.18 70.91
N ILE B 54 -16.32 -33.38 69.99
CA ILE B 54 -17.40 -34.35 70.14
C ILE B 54 -17.37 -35.32 68.96
N GLY B 55 -17.58 -36.60 69.25
CA GLY B 55 -17.63 -37.65 68.23
C GLY B 55 -16.53 -38.69 68.32
N ILE B 56 -15.61 -38.59 69.28
CA ILE B 56 -14.44 -39.45 69.35
C ILE B 56 -14.30 -39.94 70.80
N ASN B 57 -13.97 -41.22 70.98
CA ASN B 57 -13.74 -41.75 72.32
C ASN B 57 -12.37 -41.31 72.85
N LYS B 58 -11.92 -41.90 73.97
CA LYS B 58 -10.68 -41.44 74.59
C LYS B 58 -9.45 -41.77 73.75
N GLY B 59 -9.51 -42.84 72.98
CA GLY B 59 -8.33 -43.26 72.24
C GLY B 59 -8.05 -42.44 71.01
N GLY B 60 -9.08 -42.15 70.23
CA GLY B 60 -8.89 -41.53 68.94
C GLY B 60 -9.73 -42.26 67.91
N THR B 61 -10.26 -43.40 68.29
CA THR B 61 -11.12 -44.18 67.42
C THR B 61 -12.45 -43.47 67.23
N HIS B 62 -12.86 -43.30 65.98
CA HIS B 62 -14.13 -42.63 65.71
C HIS B 62 -15.31 -43.47 66.17
N GLU B 63 -16.27 -42.81 66.80
CA GLU B 63 -17.49 -43.43 67.28
C GLU B 63 -18.61 -42.44 66.99
N HIS B 64 -19.81 -42.68 67.49
CA HIS B 64 -20.91 -41.76 67.28
C HIS B 64 -21.50 -41.24 68.58
N ASN B 65 -21.25 -41.91 69.70
CA ASN B 65 -21.75 -41.46 71.00
C ASN B 65 -20.69 -40.66 71.74
N LYS B 66 -19.50 -41.22 71.92
CA LYS B 66 -18.60 -40.75 72.94
C LYS B 66 -17.94 -39.42 72.57
N ILE B 67 -17.99 -38.48 73.51
CA ILE B 67 -17.46 -37.13 73.33
C ILE B 67 -16.33 -36.92 74.33
N ARG B 68 -15.50 -35.93 74.05
CA ARG B 68 -14.30 -35.69 74.84
C ARG B 68 -14.33 -34.34 75.51
N TYR B 69 -13.79 -34.28 76.73
CA TYR B 69 -13.53 -33.04 77.44
C TYR B 69 -12.48 -33.33 78.49
N ILE B 70 -11.80 -32.29 78.95
CA ILE B 70 -10.82 -32.47 80.00
C ILE B 70 -11.38 -31.89 81.29
N ALA B 71 -10.90 -32.41 82.42
CA ALA B 71 -11.34 -31.98 83.75
C ALA B 71 -10.11 -32.03 84.66
N GLY B 72 -9.41 -30.91 84.76
CA GLY B 72 -8.22 -30.82 85.58
C GLY B 72 -7.05 -31.60 85.00
N HIS B 73 -6.65 -31.23 83.77
CA HIS B 73 -5.70 -31.91 82.90
C HIS B 73 -5.82 -33.44 82.92
N ASP B 74 -7.06 -33.91 82.90
CA ASP B 74 -7.39 -35.34 82.97
C ASP B 74 -8.49 -35.60 81.94
N MET B 75 -8.09 -36.02 80.75
CA MET B 75 -8.96 -36.28 79.62
C MET B 75 -9.99 -37.36 79.93
N LYS B 76 -11.28 -37.03 79.84
CA LYS B 76 -12.36 -37.91 80.25
C LYS B 76 -13.39 -37.99 79.11
N GLU B 77 -14.57 -38.55 79.39
CA GLU B 77 -15.45 -39.01 78.33
C GLU B 77 -16.88 -39.05 78.87
N ALA B 78 -17.85 -38.74 77.99
CA ALA B 78 -19.24 -38.65 78.42
C ALA B 78 -20.14 -39.16 77.30
N ASN B 79 -21.45 -39.07 77.51
CA ASN B 79 -22.45 -39.63 76.62
C ASN B 79 -22.77 -38.60 75.53
N ARG B 80 -23.81 -38.84 74.74
CA ARG B 80 -24.15 -37.93 73.65
C ARG B 80 -25.61 -37.51 73.72
N ASP B 81 -26.43 -38.31 74.38
CA ASP B 81 -27.79 -37.85 74.62
C ASP B 81 -27.76 -36.69 75.62
N SER B 82 -28.78 -35.84 75.52
CA SER B 82 -28.86 -34.54 76.19
C SER B 82 -27.60 -33.71 75.90
N LEU B 83 -27.42 -33.38 74.63
CA LEU B 83 -26.51 -32.34 74.20
C LEU B 83 -27.35 -31.47 73.28
N GLN B 84 -28.06 -30.52 73.86
CA GLN B 84 -28.93 -29.67 73.09
C GLN B 84 -28.52 -28.22 73.28
N VAL B 85 -28.71 -27.46 72.22
CA VAL B 85 -28.44 -26.05 72.21
C VAL B 85 -29.75 -25.30 72.41
N HIS B 86 -29.66 -24.02 72.74
CA HIS B 86 -30.83 -23.24 73.06
C HIS B 86 -30.73 -21.83 72.49
N THR B 87 -31.83 -21.11 72.64
CA THR B 87 -32.01 -19.68 72.47
C THR B 87 -33.10 -19.26 73.43
N SER B 88 -33.88 -18.25 73.06
CA SER B 88 -35.23 -18.08 73.57
C SER B 88 -35.97 -19.40 73.73
N GLY B 89 -35.96 -20.22 72.69
CA GLY B 89 -36.38 -21.60 72.83
C GLY B 89 -35.22 -22.58 72.76
N VAL B 90 -35.49 -23.81 72.37
CA VAL B 90 -34.50 -24.88 72.33
C VAL B 90 -34.06 -25.08 70.89
N CYS B 91 -32.77 -25.27 70.67
CA CYS B 91 -32.26 -25.44 69.31
C CYS B 91 -31.81 -26.88 69.10
N ALA B 92 -31.95 -27.36 67.87
CA ALA B 92 -31.65 -28.74 67.55
C ALA B 92 -30.20 -28.88 67.11
N ILE B 93 -29.82 -30.08 66.70
CA ILE B 93 -28.48 -30.36 66.20
C ILE B 93 -28.60 -30.80 64.75
N ARG B 94 -27.96 -30.06 63.86
CA ARG B 94 -27.85 -30.54 62.49
C ARG B 94 -26.53 -31.23 62.22
N GLY B 95 -25.44 -30.79 62.85
CA GLY B 95 -24.13 -31.33 62.53
C GLY B 95 -23.38 -31.69 63.79
N THR B 96 -22.55 -32.73 63.67
CA THR B 96 -21.84 -33.25 64.83
C THR B 96 -20.54 -33.90 64.35
N MET B 97 -19.45 -33.13 64.37
CA MET B 97 -18.17 -33.63 63.88
C MET B 97 -17.05 -32.80 64.51
N GLY B 98 -16.37 -33.36 65.49
CA GLY B 98 -15.16 -32.73 65.99
C GLY B 98 -15.46 -31.53 66.87
N HIS B 99 -14.87 -30.39 66.54
CA HIS B 99 -15.05 -29.17 67.31
C HIS B 99 -16.37 -28.48 67.06
N PHE B 100 -17.12 -28.89 66.05
CA PHE B 100 -18.17 -28.06 65.47
C PHE B 100 -19.53 -28.69 65.63
N ILE B 101 -20.49 -27.89 66.09
CA ILE B 101 -21.87 -28.28 66.26
C ILE B 101 -22.71 -27.33 65.42
N VAL B 102 -23.60 -27.88 64.60
CA VAL B 102 -24.38 -27.09 63.65
C VAL B 102 -25.85 -27.12 64.08
N ALA B 103 -26.46 -25.94 64.14
CA ALA B 103 -27.74 -25.80 64.83
C ALA B 103 -28.65 -24.80 64.14
N TYR B 104 -29.73 -25.30 63.54
CA TYR B 104 -30.94 -24.49 63.39
C TYR B 104 -31.39 -24.03 64.77
N CYS B 105 -31.77 -22.76 64.87
CA CYS B 105 -31.79 -22.19 66.20
C CYS B 105 -32.73 -21.00 66.25
N PRO B 106 -33.95 -21.16 66.79
CA PRO B 106 -35.03 -20.15 66.59
C PRO B 106 -34.76 -18.86 67.35
N PRO B 107 -35.13 -17.71 66.77
CA PRO B 107 -34.43 -16.45 67.05
C PRO B 107 -34.61 -15.89 68.46
N GLY B 108 -33.55 -15.27 68.95
CA GLY B 108 -33.54 -14.64 70.26
C GLY B 108 -32.36 -13.71 70.40
N ASP B 109 -31.75 -13.65 71.59
CA ASP B 109 -30.60 -12.81 71.83
C ASP B 109 -29.38 -13.56 72.35
N GLU B 110 -29.49 -14.85 72.60
CA GLU B 110 -28.39 -15.59 73.20
C GLU B 110 -28.47 -17.03 72.75
N LEU B 111 -27.39 -17.78 72.97
CA LEU B 111 -27.41 -19.21 72.71
C LEU B 111 -26.46 -19.92 73.66
N LYS B 112 -26.90 -21.06 74.18
CA LYS B 112 -26.12 -21.83 75.13
C LYS B 112 -26.02 -23.27 74.64
N VAL B 113 -24.99 -23.96 75.12
CA VAL B 113 -24.83 -25.40 74.98
C VAL B 113 -24.87 -25.97 76.39
N GLN B 114 -25.12 -27.29 76.50
CA GLN B 114 -24.80 -28.04 77.71
C GLN B 114 -24.86 -29.52 77.40
N PHE B 115 -24.23 -30.32 78.27
CA PHE B 115 -24.42 -31.76 78.27
C PHE B 115 -24.19 -32.28 79.68
N GLN B 116 -24.61 -33.53 79.91
CA GLN B 116 -24.42 -34.16 81.20
C GLN B 116 -22.96 -34.52 81.40
N ASP B 117 -22.49 -34.38 82.63
CA ASP B 117 -21.12 -34.70 82.98
C ASP B 117 -20.96 -36.21 83.13
N ALA B 118 -19.77 -36.65 83.55
CA ALA B 118 -19.58 -38.05 83.90
C ALA B 118 -20.33 -38.42 85.17
N GLU B 119 -20.69 -37.43 85.98
CA GLU B 119 -21.38 -37.65 87.24
C GLU B 119 -22.79 -37.08 87.22
N SER B 120 -23.34 -36.86 86.03
CA SER B 120 -24.67 -36.27 85.79
C SER B 120 -24.77 -34.89 86.43
N HIS B 121 -23.99 -33.96 85.88
CA HIS B 121 -24.05 -32.56 86.25
C HIS B 121 -24.07 -31.73 84.98
N THR B 122 -25.05 -30.83 84.87
CA THR B 122 -25.14 -29.96 83.72
C THR B 122 -24.03 -28.93 83.77
N GLN B 123 -23.26 -28.81 82.72
CA GLN B 123 -22.33 -27.69 82.60
C GLN B 123 -22.49 -27.03 81.24
N ALA B 124 -22.47 -25.69 81.24
CA ALA B 124 -22.94 -24.89 80.13
C ALA B 124 -21.95 -23.79 79.80
N CYS B 125 -22.26 -23.05 78.73
CA CYS B 125 -21.58 -21.81 78.40
C CYS B 125 -22.50 -21.05 77.45
N LYS B 126 -22.88 -19.83 77.82
CA LYS B 126 -23.72 -19.00 76.97
C LYS B 126 -23.03 -17.69 76.66
N VAL B 127 -23.50 -17.04 75.60
CA VAL B 127 -22.92 -15.79 75.14
C VAL B 127 -23.99 -15.01 74.40
N GLN B 128 -23.94 -13.68 74.50
CA GLN B 128 -24.90 -12.85 73.82
C GLN B 128 -24.65 -12.88 72.32
N TYR B 129 -25.71 -13.08 71.54
CA TYR B 129 -25.58 -13.21 70.11
C TYR B 129 -26.89 -12.79 69.45
N LYS B 130 -26.85 -11.70 68.70
CA LYS B 130 -28.04 -11.18 68.03
C LYS B 130 -28.40 -12.09 66.88
N HIS B 131 -29.27 -13.05 67.13
CA HIS B 131 -29.76 -13.96 66.11
C HIS B 131 -31.22 -13.63 65.87
N ALA B 132 -31.44 -12.66 64.99
CA ALA B 132 -32.74 -12.46 64.35
C ALA B 132 -32.36 -12.43 62.88
N PRO B 133 -32.25 -13.58 62.25
CA PRO B 133 -31.61 -13.66 60.94
C PRO B 133 -32.49 -13.07 59.86
N ALA B 134 -31.84 -12.48 58.87
CA ALA B 134 -32.54 -11.98 57.71
C ALA B 134 -33.14 -13.17 56.99
N PRO B 135 -34.47 -13.25 56.89
CA PRO B 135 -35.08 -14.46 56.33
C PRO B 135 -34.86 -14.55 54.84
N VAL B 136 -34.74 -15.79 54.35
CA VAL B 136 -34.47 -16.01 52.95
C VAL B 136 -35.74 -15.74 52.15
N GLY B 137 -35.82 -14.55 51.55
CA GLY B 137 -36.95 -14.20 50.71
C GLY B 137 -37.60 -12.90 51.18
N ARG B 138 -38.92 -12.84 51.02
CA ARG B 138 -39.68 -11.63 51.26
C ARG B 138 -40.75 -11.80 52.32
N GLU B 139 -40.73 -12.90 53.07
CA GLU B 139 -41.62 -13.13 54.20
C GLU B 139 -40.77 -13.48 55.42
N LYS B 140 -41.41 -13.51 56.58
CA LYS B 140 -40.74 -13.87 57.83
C LYS B 140 -41.42 -15.09 58.41
N PHE B 141 -40.96 -16.27 58.04
CA PHE B 141 -41.54 -17.50 58.56
C PHE B 141 -40.70 -17.98 59.74
N THR B 142 -41.18 -19.05 60.39
CA THR B 142 -40.50 -19.61 61.55
C THR B 142 -40.18 -21.09 61.34
N VAL B 143 -41.11 -21.82 60.74
CA VAL B 143 -40.93 -23.24 60.44
C VAL B 143 -41.12 -23.46 58.95
N ARG B 144 -40.47 -24.48 58.43
CA ARG B 144 -40.59 -24.67 57.00
C ARG B 144 -41.91 -25.37 56.68
N PRO B 145 -42.59 -24.95 55.63
CA PRO B 145 -43.91 -25.50 55.33
C PRO B 145 -43.83 -26.74 54.47
N HIS B 146 -44.98 -27.35 54.18
CA HIS B 146 -45.02 -28.46 53.24
C HIS B 146 -45.47 -28.03 51.86
N PHE B 147 -45.44 -26.73 51.57
CA PHE B 147 -45.93 -26.20 50.31
C PHE B 147 -45.31 -24.84 50.08
N GLY B 148 -44.44 -24.74 49.07
CA GLY B 148 -43.80 -23.46 48.80
C GLY B 148 -42.96 -23.41 47.54
N ILE B 149 -41.97 -22.53 47.53
CA ILE B 149 -41.07 -22.34 46.41
C ILE B 149 -39.64 -22.44 46.92
N GLU B 150 -38.83 -23.27 46.26
CA GLU B 150 -37.43 -23.36 46.60
C GLU B 150 -36.69 -22.10 46.14
N VAL B 151 -35.94 -21.51 47.06
CA VAL B 151 -35.20 -20.27 46.82
C VAL B 151 -33.77 -20.51 47.25
N PRO B 152 -32.78 -20.17 46.42
CA PRO B 152 -31.38 -20.50 46.75
C PRO B 152 -30.83 -19.62 47.86
N CYS B 153 -30.19 -20.26 48.84
CA CYS B 153 -29.57 -19.59 49.97
C CYS B 153 -28.16 -20.15 50.16
N THR B 154 -27.56 -19.82 51.30
CA THR B 154 -26.31 -20.44 51.70
C THR B 154 -26.51 -21.17 53.00
N THR B 155 -25.71 -22.22 53.21
CA THR B 155 -25.83 -23.09 54.38
C THR B 155 -24.51 -23.81 54.57
N TYR B 156 -24.51 -24.88 55.37
CA TYR B 156 -23.33 -25.70 55.58
C TYR B 156 -23.69 -27.16 55.42
N GLN B 157 -22.73 -27.94 54.91
CA GLN B 157 -23.02 -29.28 54.43
C GLN B 157 -23.08 -30.23 55.63
N LEU B 158 -23.25 -31.53 55.36
CA LEU B 158 -23.09 -32.55 56.37
C LEU B 158 -21.99 -33.54 56.01
N THR B 159 -20.95 -33.08 55.35
CA THR B 159 -19.84 -33.93 54.94
C THR B 159 -18.57 -33.60 55.72
N THR B 160 -17.67 -34.58 55.73
CA THR B 160 -16.40 -34.47 56.44
C THR B 160 -15.21 -34.51 55.50
N ALA B 161 -15.33 -33.96 54.31
CA ALA B 161 -14.21 -33.91 53.38
C ALA B 161 -13.24 -32.83 53.83
N PRO B 162 -11.99 -32.87 53.34
CA PRO B 162 -11.15 -31.67 53.43
C PRO B 162 -11.70 -30.59 52.52
N THR B 163 -11.93 -29.41 53.10
CA THR B 163 -12.70 -28.36 52.45
C THR B 163 -11.86 -27.16 52.05
N GLU B 164 -10.52 -27.31 52.06
CA GLU B 164 -9.56 -26.24 51.79
C GLU B 164 -9.80 -25.07 52.73
N GLU B 165 -9.94 -25.41 54.01
CA GLU B 165 -9.97 -24.45 55.10
C GLU B 165 -9.05 -24.96 56.19
N GLU B 166 -8.67 -24.09 57.10
CA GLU B 166 -7.68 -24.50 58.09
C GLU B 166 -7.86 -23.71 59.38
N ILE B 167 -7.55 -24.37 60.48
CA ILE B 167 -7.36 -23.71 61.77
C ILE B 167 -5.93 -24.06 62.18
N ASP B 168 -5.34 -23.26 63.06
CA ASP B 168 -3.96 -23.48 63.46
C ASP B 168 -3.89 -24.38 64.69
N MET B 169 -2.80 -25.13 64.81
CA MET B 169 -2.58 -26.04 65.91
C MET B 169 -1.16 -25.86 66.45
N HIS B 170 -1.00 -26.10 67.75
CA HIS B 170 0.28 -25.90 68.39
C HIS B 170 0.31 -26.70 69.68
N THR B 171 1.52 -26.96 70.18
CA THR B 171 1.69 -27.56 71.49
C THR B 171 1.18 -26.62 72.59
N PRO B 172 0.46 -27.14 73.57
CA PRO B 172 -0.02 -26.30 74.66
C PRO B 172 1.13 -25.88 75.56
N PRO B 173 1.01 -24.76 76.26
CA PRO B 173 2.10 -24.31 77.13
C PRO B 173 2.12 -25.07 78.45
N ASP B 174 3.03 -24.65 79.33
CA ASP B 174 3.17 -25.26 80.64
C ASP B 174 1.99 -24.92 81.53
N ILE B 175 1.16 -25.92 81.82
CA ILE B 175 -0.04 -25.74 82.63
C ILE B 175 0.33 -25.75 84.10
N PRO B 176 0.10 -24.66 84.82
CA PRO B 176 0.48 -24.61 86.23
C PRO B 176 -0.57 -25.26 87.13
N ASP B 177 -0.09 -25.69 88.30
CA ASP B 177 -0.91 -26.25 89.35
C ASP B 177 -0.09 -26.21 90.62
N ILE B 178 -0.79 -26.09 91.75
CA ILE B 178 -0.13 -26.10 93.06
C ILE B 178 -0.61 -27.26 93.91
N THR B 179 -1.25 -28.25 93.30
CA THR B 179 -1.67 -29.46 94.01
C THR B 179 -0.66 -30.59 93.79
N LEU B 180 0.58 -30.20 93.52
CA LEU B 180 1.66 -31.15 93.30
C LEU B 180 2.65 -31.18 94.45
N LEU B 181 2.75 -30.11 95.22
CA LEU B 181 3.70 -30.03 96.32
C LEU B 181 3.06 -30.46 97.63
N SER B 182 3.90 -30.85 98.58
CA SER B 182 3.43 -31.32 99.89
C SER B 182 4.51 -31.07 100.92
N GLN B 183 4.17 -30.34 101.98
CA GLN B 183 5.14 -29.93 102.99
C GLN B 183 5.19 -30.97 104.09
N GLN B 184 6.29 -31.73 104.16
CA GLN B 184 6.45 -32.68 105.26
C GLN B 184 7.03 -32.00 106.50
N SER B 185 8.31 -31.60 106.44
CA SER B 185 8.94 -30.85 107.51
C SER B 185 10.18 -30.17 106.94
N GLY B 186 10.06 -28.89 106.60
CA GLY B 186 11.19 -28.16 106.02
C GLY B 186 11.63 -28.61 104.65
N ASN B 187 10.87 -29.48 104.00
CA ASN B 187 11.20 -30.00 102.68
C ASN B 187 9.91 -30.41 101.99
N VAL B 188 9.90 -30.32 100.66
CA VAL B 188 8.72 -30.68 99.88
C VAL B 188 9.10 -31.72 98.85
N LYS B 189 8.24 -32.72 98.70
CA LYS B 189 8.32 -33.68 97.61
C LYS B 189 7.26 -33.33 96.59
N ILE B 190 7.59 -33.49 95.31
CA ILE B 190 6.70 -33.12 94.23
C ILE B 190 6.30 -34.41 93.51
N THR B 191 5.00 -34.68 93.48
CA THR B 191 4.50 -35.95 92.97
C THR B 191 4.59 -35.99 91.45
N ALA B 192 4.18 -37.13 90.89
CA ALA B 192 4.47 -37.47 89.51
C ALA B 192 3.31 -38.32 88.98
N GLY B 193 3.59 -39.10 87.95
CA GLY B 193 2.57 -39.89 87.28
C GLY B 193 2.84 -39.96 85.79
N GLY B 194 3.93 -39.34 85.36
CA GLY B 194 4.29 -39.22 83.96
C GLY B 194 4.29 -37.79 83.47
N LYS B 195 3.55 -36.93 84.15
CA LYS B 195 3.55 -35.51 83.84
C LYS B 195 4.88 -34.93 84.28
N THR B 196 5.75 -34.62 83.32
CA THR B 196 7.07 -34.10 83.63
C THR B 196 6.93 -32.66 84.09
N ILE B 197 7.22 -32.40 85.36
CA ILE B 197 7.00 -31.08 85.96
C ILE B 197 8.10 -30.12 85.54
N ARG B 198 7.88 -28.84 85.81
CA ARG B 198 8.94 -27.84 85.74
C ARG B 198 8.79 -26.92 86.94
N TYR B 199 9.82 -26.82 87.75
CA TYR B 199 9.76 -26.02 88.96
C TYR B 199 10.85 -24.97 88.99
N ASN B 200 10.58 -23.88 89.69
CA ASN B 200 11.53 -22.81 89.94
C ASN B 200 11.75 -22.71 91.44
N CYS B 201 13.00 -22.85 91.87
CA CYS B 201 13.37 -22.73 93.27
C CYS B 201 14.71 -22.02 93.35
N THR B 202 14.78 -20.93 94.12
CA THR B 202 16.00 -20.13 94.19
C THR B 202 16.57 -20.06 95.60
N CYS B 203 16.68 -21.20 96.28
CA CYS B 203 17.15 -21.25 97.65
C CYS B 203 18.57 -21.81 97.77
N GLY B 204 19.43 -21.45 96.85
CA GLY B 204 20.83 -21.91 96.88
C GLY B 204 21.04 -23.28 96.29
N SER B 205 20.23 -24.25 96.70
CA SER B 205 20.20 -25.60 96.12
C SER B 205 19.41 -25.60 94.83
N GLY B 206 18.97 -26.80 94.41
CA GLY B 206 18.42 -27.10 93.09
C GLY B 206 17.46 -26.13 92.45
N ASN B 207 17.96 -25.51 91.39
CA ASN B 207 17.29 -24.47 90.63
C ASN B 207 16.35 -25.07 89.58
N VAL B 208 16.02 -24.26 88.57
CA VAL B 208 15.11 -24.65 87.50
C VAL B 208 15.60 -25.88 86.75
N GLY B 209 14.84 -26.97 86.87
CA GLY B 209 15.15 -28.20 86.19
C GLY B 209 13.94 -29.09 86.16
N THR B 210 13.76 -29.78 85.05
CA THR B 210 12.59 -30.62 84.84
C THR B 210 12.92 -32.06 85.21
N THR B 211 11.89 -32.79 85.62
CA THR B 211 12.05 -34.17 86.06
C THR B 211 10.73 -34.90 85.91
N SER B 212 10.79 -36.23 86.03
CA SER B 212 9.61 -37.08 85.94
C SER B 212 9.34 -37.86 87.23
N SER B 213 10.07 -37.58 88.30
CA SER B 213 9.88 -38.28 89.56
C SER B 213 10.01 -37.26 90.68
N ASP B 214 10.18 -37.74 91.91
CA ASP B 214 10.17 -36.88 93.07
C ASP B 214 11.49 -36.12 93.21
N LYS B 215 11.41 -34.93 93.80
CA LYS B 215 12.58 -34.14 94.14
C LYS B 215 12.34 -33.51 95.51
N THR B 216 13.39 -32.91 96.07
CA THR B 216 13.30 -32.13 97.29
C THR B 216 14.05 -30.81 97.08
N ILE B 217 13.85 -29.88 98.01
CA ILE B 217 14.62 -28.64 97.99
C ILE B 217 15.25 -28.41 99.36
N ASN B 218 14.63 -28.99 100.40
CA ASN B 218 15.15 -29.17 101.76
C ASN B 218 15.46 -27.88 102.53
N SER B 219 15.23 -26.71 101.96
CA SER B 219 15.65 -25.49 102.65
C SER B 219 14.55 -24.48 102.85
N CYS B 220 13.69 -24.28 101.85
CA CYS B 220 12.62 -23.30 101.92
C CYS B 220 11.28 -23.97 101.60
N LYS B 221 10.22 -23.42 102.19
CA LYS B 221 9.06 -24.27 102.44
C LYS B 221 8.14 -24.47 101.25
N ILE B 222 7.33 -23.47 100.91
CA ILE B 222 6.41 -23.64 99.79
C ILE B 222 6.34 -22.36 98.96
N ALA B 223 6.80 -21.26 99.53
CA ALA B 223 6.65 -19.97 98.89
C ALA B 223 7.70 -19.71 97.83
N GLN B 224 8.62 -20.64 97.62
CA GLN B 224 9.63 -20.54 96.58
C GLN B 224 9.34 -21.43 95.38
N CYS B 225 8.91 -22.66 95.61
CA CYS B 225 8.85 -23.67 94.56
C CYS B 225 7.45 -23.76 93.98
N HIS B 226 7.36 -23.80 92.65
CA HIS B 226 6.11 -23.68 91.93
C HIS B 226 6.05 -24.70 90.81
N ALA B 227 5.03 -25.57 90.85
CA ALA B 227 4.91 -26.65 89.89
C ALA B 227 4.27 -26.17 88.59
N ALA B 228 4.68 -26.81 87.49
CA ALA B 228 4.17 -26.47 86.17
C ALA B 228 4.40 -27.67 85.25
N VAL B 229 3.34 -28.18 84.64
CA VAL B 229 3.42 -29.38 83.81
C VAL B 229 3.75 -28.96 82.39
N THR B 230 4.98 -29.25 81.95
CA THR B 230 5.47 -28.83 80.66
C THR B 230 5.47 -29.97 79.65
N ASN B 231 6.09 -29.72 78.49
CA ASN B 231 6.39 -30.58 77.33
C ASN B 231 5.35 -31.66 77.02
N HIS B 232 4.13 -31.21 76.74
CA HIS B 232 3.05 -32.08 76.31
C HIS B 232 3.37 -32.75 74.97
N ASP B 233 2.60 -33.80 74.67
CA ASP B 233 2.82 -34.59 73.47
C ASP B 233 1.84 -34.31 72.35
N LYS B 234 0.69 -33.69 72.62
CA LYS B 234 -0.35 -33.53 71.62
C LYS B 234 -0.40 -32.08 71.16
N TRP B 235 -1.38 -31.77 70.32
CA TRP B 235 -1.56 -30.42 69.77
C TRP B 235 -2.93 -29.91 70.19
N GLN B 236 -2.95 -28.75 70.85
CA GLN B 236 -4.19 -28.33 71.50
C GLN B 236 -5.12 -27.58 70.57
N TYR B 237 -4.80 -26.31 70.33
CA TYR B 237 -5.57 -25.33 69.56
C TYR B 237 -4.82 -24.00 69.66
N THR B 238 -5.10 -23.05 68.76
CA THR B 238 -4.57 -21.70 68.90
C THR B 238 -5.72 -20.79 69.29
N SER B 239 -5.98 -20.69 70.60
CA SER B 239 -7.15 -20.00 71.11
C SER B 239 -6.79 -18.61 71.62
N SER B 240 -7.79 -17.76 71.72
CA SER B 240 -7.56 -16.42 72.25
C SER B 240 -7.60 -16.37 73.77
N PHE B 241 -7.92 -17.47 74.44
CA PHE B 241 -8.00 -17.48 75.90
C PHE B 241 -6.92 -18.35 76.53
N VAL B 242 -5.96 -18.83 75.74
CA VAL B 242 -4.86 -19.66 76.22
C VAL B 242 -3.56 -19.08 75.65
N PRO B 243 -2.55 -18.82 76.48
CA PRO B 243 -1.33 -18.17 75.98
C PRO B 243 -0.51 -19.11 75.13
N ARG B 244 0.38 -18.51 74.32
CA ARG B 244 1.31 -19.26 73.51
C ARG B 244 2.37 -19.92 74.37
N ALA B 245 3.01 -20.95 73.83
CA ALA B 245 4.19 -21.51 74.45
C ALA B 245 5.47 -20.81 74.02
N ASP B 246 5.49 -20.23 72.83
CA ASP B 246 6.65 -19.54 72.28
C ASP B 246 6.18 -18.71 71.09
N GLN B 247 7.13 -18.02 70.46
CA GLN B 247 6.86 -17.23 69.26
C GLN B 247 7.06 -18.03 67.98
N LEU B 248 6.95 -19.34 68.05
CA LEU B 248 7.20 -20.19 66.89
C LEU B 248 6.04 -20.09 65.91
N SER B 249 6.28 -20.53 64.67
CA SER B 249 5.24 -20.49 63.65
C SER B 249 4.28 -21.67 63.84
N ARG B 250 3.40 -21.88 62.87
CA ARG B 250 2.37 -22.90 62.98
C ARG B 250 2.97 -24.29 62.90
N LYS B 251 2.34 -25.23 63.59
CA LYS B 251 2.81 -26.61 63.64
C LYS B 251 1.60 -27.55 63.55
N GLY B 252 0.69 -27.26 62.64
CA GLY B 252 -0.51 -28.06 62.53
C GLY B 252 -1.53 -27.41 61.62
N LYS B 253 -2.62 -28.12 61.42
CA LYS B 253 -3.69 -27.77 60.50
C LYS B 253 -4.85 -28.71 60.77
N VAL B 254 -6.06 -28.21 60.60
CA VAL B 254 -7.27 -29.04 60.64
C VAL B 254 -8.34 -28.34 59.83
N HIS B 255 -9.02 -29.10 58.97
CA HIS B 255 -10.06 -28.52 58.14
C HIS B 255 -11.32 -28.29 58.96
N VAL B 256 -12.12 -27.31 58.54
CA VAL B 256 -13.46 -27.23 59.09
C VAL B 256 -14.30 -28.19 58.27
N PRO B 257 -15.31 -28.80 58.83
CA PRO B 257 -16.19 -29.62 58.02
C PRO B 257 -17.23 -28.74 57.37
N PHE B 258 -18.16 -29.39 56.70
CA PHE B 258 -19.48 -28.86 56.38
C PHE B 258 -19.39 -27.61 55.52
N PRO B 259 -18.79 -27.65 54.33
CA PRO B 259 -18.47 -26.39 53.64
C PRO B 259 -19.71 -25.71 53.11
N LEU B 260 -19.55 -24.42 52.82
CA LEU B 260 -20.65 -23.61 52.36
C LEU B 260 -21.07 -24.02 50.96
N THR B 261 -22.19 -24.71 50.88
CA THR B 261 -22.80 -25.03 49.60
C THR B 261 -23.76 -23.89 49.24
N ASN B 262 -23.91 -23.65 47.95
CA ASN B 262 -24.90 -22.67 47.51
C ASN B 262 -26.17 -23.41 47.10
N SER B 263 -26.77 -24.06 48.09
CA SER B 263 -27.90 -24.95 47.89
C SER B 263 -29.21 -24.19 48.03
N THR B 264 -30.31 -24.92 48.13
CA THR B 264 -31.64 -24.36 48.15
C THR B 264 -32.18 -24.29 49.56
N CYS B 265 -33.32 -23.63 49.70
CA CYS B 265 -34.09 -23.59 50.94
C CYS B 265 -35.56 -23.70 50.58
N ARG B 266 -36.43 -23.42 51.53
CA ARG B 266 -37.87 -23.51 51.34
C ARG B 266 -38.51 -22.30 51.98
N VAL B 267 -39.44 -21.66 51.27
CA VAL B 267 -40.12 -20.48 51.78
C VAL B 267 -41.60 -20.62 51.43
N PRO B 268 -42.51 -20.29 52.34
CA PRO B 268 -43.94 -20.38 52.00
C PRO B 268 -44.38 -19.27 51.08
N VAL B 269 -45.52 -19.49 50.44
CA VAL B 269 -46.15 -18.48 49.60
C VAL B 269 -47.26 -17.80 50.41
N ALA B 270 -47.64 -16.62 49.96
CA ALA B 270 -48.75 -15.88 50.55
C ALA B 270 -50.04 -16.17 49.80
N ARG B 271 -51.16 -15.87 50.45
CA ARG B 271 -52.45 -16.06 49.83
C ARG B 271 -52.66 -15.07 48.70
N ALA B 272 -53.45 -15.49 47.72
CA ALA B 272 -53.75 -14.63 46.59
C ALA B 272 -54.67 -13.50 47.02
N PRO B 273 -54.29 -12.24 46.81
CA PRO B 273 -55.09 -11.14 47.33
C PRO B 273 -56.31 -10.86 46.47
N GLY B 274 -57.41 -10.51 47.14
CA GLY B 274 -58.63 -10.18 46.42
C GLY B 274 -58.57 -8.76 45.89
N VAL B 275 -59.04 -8.60 44.66
CA VAL B 275 -59.00 -7.30 43.99
C VAL B 275 -60.40 -6.85 43.66
N THR B 276 -60.54 -5.54 43.45
CA THR B 276 -61.80 -4.93 43.06
C THR B 276 -61.49 -3.81 42.09
N TYR B 277 -61.99 -3.91 40.87
CA TYR B 277 -61.60 -3.00 39.81
C TYR B 277 -62.45 -1.74 39.86
N GLY B 278 -61.77 -0.59 39.83
CA GLY B 278 -62.44 0.68 39.73
C GLY B 278 -61.90 1.50 38.58
N LYS B 279 -62.56 2.62 38.32
CA LYS B 279 -62.16 3.54 37.26
C LYS B 279 -60.83 4.18 37.64
N ARG B 280 -59.76 3.73 36.96
CA ARG B 280 -58.38 4.21 37.14
C ARG B 280 -57.89 4.00 38.57
N GLU B 281 -58.36 2.93 39.20
CA GLU B 281 -58.04 2.66 40.59
C GLU B 281 -58.27 1.18 40.84
N LEU B 282 -57.43 0.59 41.68
CA LEU B 282 -57.51 -0.82 42.01
C LEU B 282 -57.44 -0.98 43.52
N THR B 283 -58.52 -1.46 44.11
CA THR B 283 -58.57 -1.72 45.54
C THR B 283 -58.25 -3.18 45.79
N VAL B 284 -57.15 -3.43 46.48
CA VAL B 284 -56.70 -4.78 46.77
C VAL B 284 -56.84 -5.03 48.26
N LYS B 285 -57.19 -6.26 48.62
CA LYS B 285 -57.44 -6.66 50.00
C LYS B 285 -56.43 -7.71 50.40
N LEU B 286 -55.83 -7.54 51.58
CA LEU B 286 -54.63 -8.27 51.96
C LEU B 286 -54.90 -9.16 53.16
N HIS B 287 -54.16 -10.27 53.24
CA HIS B 287 -54.35 -11.25 54.31
C HIS B 287 -53.03 -11.92 54.63
N PRO B 288 -52.27 -11.38 55.58
CA PRO B 288 -51.04 -12.03 56.02
C PRO B 288 -51.28 -12.99 57.17
N ASP B 289 -50.26 -13.80 57.44
CA ASP B 289 -50.16 -14.60 58.66
C ASP B 289 -48.88 -14.31 59.41
N HIS B 290 -48.00 -13.50 58.83
CA HIS B 290 -46.71 -13.08 59.35
C HIS B 290 -46.24 -11.93 58.47
N PRO B 291 -45.30 -11.09 58.95
CA PRO B 291 -44.94 -9.89 58.18
C PRO B 291 -44.37 -10.17 56.79
N THR B 292 -45.13 -9.76 55.78
CA THR B 292 -44.81 -9.91 54.37
C THR B 292 -44.58 -8.53 53.76
N LEU B 293 -44.10 -8.54 52.51
CA LEU B 293 -43.62 -7.33 51.86
C LEU B 293 -44.48 -7.01 50.65
N LEU B 294 -44.69 -5.73 50.40
CA LEU B 294 -45.51 -5.25 49.30
C LEU B 294 -44.73 -4.21 48.50
N THR B 295 -44.80 -4.31 47.17
CA THR B 295 -44.10 -3.36 46.30
C THR B 295 -44.83 -3.24 44.98
N TYR B 296 -45.17 -2.01 44.58
CA TYR B 296 -45.67 -1.77 43.24
C TYR B 296 -44.96 -0.54 42.67
N ARG B 297 -44.93 -0.47 41.34
CA ARG B 297 -44.37 0.67 40.65
C ARG B 297 -45.04 0.83 39.31
N SER B 298 -45.10 2.05 38.82
CA SER B 298 -45.75 2.37 37.56
C SER B 298 -44.74 2.19 36.43
N LEU B 299 -45.03 1.25 35.53
CA LEU B 299 -44.10 0.92 34.45
C LEU B 299 -44.25 1.84 33.24
N GLY B 300 -44.21 3.13 33.50
CA GLY B 300 -44.28 4.13 32.45
C GLY B 300 -43.09 5.05 32.47
N ALA B 301 -43.31 6.34 32.19
CA ALA B 301 -42.20 7.27 32.03
C ALA B 301 -41.53 7.58 33.37
N ASP B 302 -42.31 7.62 34.46
CA ASP B 302 -41.78 7.94 35.78
C ASP B 302 -42.26 6.90 36.79
N PRO B 303 -41.37 6.21 37.48
CA PRO B 303 -41.80 5.26 38.50
C PRO B 303 -42.19 5.98 39.78
N ARG B 304 -43.08 5.33 40.52
CA ARG B 304 -43.47 5.79 41.85
C ARG B 304 -43.41 4.57 42.76
N PRO B 305 -42.24 4.28 43.32
CA PRO B 305 -42.11 3.08 44.16
C PRO B 305 -42.76 3.26 45.53
N TYR B 306 -43.41 2.20 45.99
CA TYR B 306 -44.01 2.12 47.31
C TYR B 306 -43.62 0.81 47.94
N GLU B 307 -43.28 0.83 49.23
CA GLU B 307 -42.89 -0.40 49.90
C GLU B 307 -43.22 -0.31 51.38
N GLU B 308 -43.75 -1.40 51.92
CA GLU B 308 -44.22 -1.43 53.30
C GLU B 308 -44.33 -2.87 53.76
N TRP B 309 -43.97 -3.14 55.01
CA TRP B 309 -44.11 -4.47 55.60
C TRP B 309 -45.51 -4.58 56.18
N ILE B 310 -46.40 -5.27 55.47
CA ILE B 310 -47.76 -5.44 55.96
C ILE B 310 -47.80 -6.48 57.06
N ASP B 311 -48.52 -6.18 58.13
CA ASP B 311 -48.53 -7.01 59.34
C ASP B 311 -49.90 -7.60 59.63
N ARG B 312 -50.97 -6.84 59.44
CA ARG B 312 -52.32 -7.27 59.78
C ARG B 312 -53.22 -7.17 58.55
N TYR B 313 -54.52 -7.42 58.75
CA TYR B 313 -55.51 -7.22 57.72
C TYR B 313 -55.70 -5.74 57.45
N VAL B 314 -55.22 -5.26 56.30
CA VAL B 314 -55.45 -3.89 55.87
C VAL B 314 -56.05 -3.92 54.48
N GLU B 315 -56.24 -2.73 53.89
CA GLU B 315 -56.87 -2.61 52.59
C GLU B 315 -56.33 -1.37 51.90
N ARG B 316 -55.75 -1.52 50.71
CA ARG B 316 -55.10 -0.42 50.04
C ARG B 316 -55.70 -0.20 48.66
N THR B 317 -55.43 0.99 48.12
CA THR B 317 -55.84 1.36 46.76
C THR B 317 -54.62 1.80 45.99
N ILE B 318 -54.49 1.31 44.76
CA ILE B 318 -53.33 1.56 43.92
C ILE B 318 -53.81 2.24 42.64
N PRO B 319 -53.29 3.44 42.30
CA PRO B 319 -53.74 4.11 41.08
C PRO B 319 -53.12 3.48 39.84
N VAL B 320 -53.95 3.19 38.85
CA VAL B 320 -53.52 2.56 37.61
C VAL B 320 -53.72 3.55 36.47
N THR B 321 -52.62 4.01 35.89
CA THR B 321 -52.66 4.85 34.70
C THR B 321 -52.75 3.93 33.49
N GLU B 322 -52.99 4.51 32.31
CA GLU B 322 -53.09 3.75 31.07
C GLU B 322 -51.77 3.08 30.68
N GLU B 323 -50.64 3.59 31.17
CA GLU B 323 -49.36 2.97 30.87
C GLU B 323 -49.18 1.65 31.61
N GLY B 324 -49.84 1.48 32.75
CA GLY B 324 -49.87 0.20 33.45
C GLY B 324 -48.94 0.18 34.65
N ILE B 325 -49.18 -0.81 35.52
CA ILE B 325 -48.39 -1.01 36.73
C ILE B 325 -48.06 -2.49 36.88
N GLU B 326 -46.98 -2.76 37.62
CA GLU B 326 -46.72 -4.10 38.12
C GLU B 326 -46.72 -4.06 39.64
N TYR B 327 -46.85 -5.24 40.25
CA TYR B 327 -46.76 -5.37 41.70
C TYR B 327 -46.40 -6.81 42.01
N ARG B 328 -45.94 -7.02 43.24
CA ARG B 328 -45.71 -8.37 43.72
C ARG B 328 -46.01 -8.41 45.21
N TRP B 329 -46.60 -9.52 45.65
CA TRP B 329 -47.10 -9.69 47.00
C TRP B 329 -46.44 -10.88 47.64
N GLY B 330 -45.54 -10.63 48.58
CA GLY B 330 -44.85 -11.71 49.25
C GLY B 330 -43.89 -12.42 48.34
N ASN B 331 -44.21 -13.65 47.95
CA ASN B 331 -43.35 -14.42 47.08
C ASN B 331 -44.10 -15.00 45.89
N ASN B 332 -45.22 -14.38 45.51
CA ASN B 332 -45.89 -14.75 44.27
C ASN B 332 -45.09 -14.20 43.09
N PRO B 333 -45.31 -14.73 41.88
CA PRO B 333 -44.77 -14.08 40.70
C PRO B 333 -45.40 -12.73 40.50
N PRO B 334 -44.65 -11.76 39.97
CA PRO B 334 -45.20 -10.42 39.81
C PRO B 334 -46.22 -10.37 38.68
N VAL B 335 -47.26 -9.56 38.88
CA VAL B 335 -48.41 -9.51 38.00
C VAL B 335 -48.54 -8.09 37.46
N ARG B 336 -48.61 -7.96 36.15
CA ARG B 336 -48.75 -6.66 35.50
C ARG B 336 -50.19 -6.41 35.10
N LEU B 337 -50.66 -5.19 35.32
CA LEU B 337 -52.02 -4.79 34.96
C LEU B 337 -52.03 -3.40 34.36
N TRP B 338 -52.87 -3.23 33.36
CA TRP B 338 -53.03 -1.97 32.63
C TRP B 338 -54.43 -1.42 32.84
N ALA B 339 -54.58 -0.12 32.59
CA ALA B 339 -55.89 0.52 32.59
C ALA B 339 -56.49 0.41 31.20
N GLN B 340 -57.66 1.01 31.04
CA GLN B 340 -58.39 0.92 29.78
C GLN B 340 -59.32 2.13 29.63
N LEU B 341 -59.58 2.51 28.39
CA LEU B 341 -60.34 3.72 28.11
C LEU B 341 -61.82 3.51 28.41
N THR B 342 -62.25 3.83 29.62
CA THR B 342 -63.65 3.81 29.97
C THR B 342 -64.07 5.20 30.44
N THR B 343 -65.38 5.45 30.41
CA THR B 343 -65.95 6.74 30.78
C THR B 343 -67.43 6.54 31.08
N GLU B 344 -68.15 7.64 31.28
CA GLU B 344 -69.56 7.60 31.63
C GLU B 344 -70.45 8.39 30.68
N GLY B 345 -69.92 8.97 29.62
CA GLY B 345 -70.69 9.80 28.72
C GLY B 345 -71.50 8.99 27.72
N LYS B 346 -71.69 9.58 26.54
CA LYS B 346 -72.50 8.96 25.50
C LYS B 346 -72.08 9.50 24.14
N PRO B 347 -71.28 8.77 23.37
CA PRO B 347 -70.86 9.27 22.06
C PRO B 347 -71.98 9.16 21.04
N HIS B 348 -71.81 9.92 19.95
CA HIS B 348 -72.73 9.98 18.81
C HIS B 348 -74.14 10.40 19.21
N GLY B 349 -74.26 11.19 20.28
CA GLY B 349 -75.57 11.58 20.78
C GLY B 349 -75.80 13.07 20.67
N TRP B 350 -76.57 13.62 21.61
CA TRP B 350 -76.87 15.03 21.60
C TRP B 350 -75.63 15.83 22.02
N PRO B 351 -75.51 17.09 21.58
CA PRO B 351 -74.31 17.87 21.91
C PRO B 351 -74.20 18.29 23.36
N HIS B 352 -75.21 18.04 24.20
CA HIS B 352 -75.08 18.32 25.62
C HIS B 352 -74.56 17.12 26.40
N GLU B 353 -74.16 16.05 25.70
CA GLU B 353 -73.56 14.91 26.36
C GLU B 353 -72.32 14.37 25.66
N ILE B 354 -71.96 14.89 24.48
CA ILE B 354 -70.67 14.57 23.89
C ILE B 354 -69.55 15.18 24.73
N ILE B 355 -69.80 16.37 25.28
CA ILE B 355 -68.83 17.04 26.13
C ILE B 355 -68.60 16.24 27.41
N LEU B 356 -69.64 15.56 27.91
CA LEU B 356 -69.46 14.65 29.02
C LEU B 356 -68.69 13.40 28.61
N TYR B 357 -68.85 12.96 27.36
CA TYR B 357 -68.13 11.78 26.88
C TYR B 357 -66.65 12.03 26.75
N TYR B 358 -66.26 13.21 26.28
CA TYR B 358 -64.86 13.59 26.24
C TYR B 358 -64.40 14.25 27.53
N TYR B 359 -65.14 14.07 28.62
CA TYR B 359 -64.71 14.59 29.91
C TYR B 359 -64.08 13.54 30.79
N GLY B 360 -64.57 12.29 30.74
CA GLY B 360 -63.90 11.21 31.46
C GLY B 360 -62.52 10.95 30.91
N LEU B 361 -62.43 10.79 29.59
CA LEU B 361 -61.14 10.83 28.91
C LEU B 361 -60.62 12.26 28.95
N TYR B 362 -59.43 12.46 29.51
CA TYR B 362 -58.71 13.74 29.59
C TYR B 362 -59.50 14.85 30.27
N PRO B 363 -59.71 14.82 31.60
CA PRO B 363 -60.42 15.93 32.24
C PRO B 363 -59.51 17.09 32.61
N ALA B 364 -58.61 17.48 31.72
CA ALA B 364 -57.78 18.66 31.97
C ALA B 364 -57.73 19.53 30.73
N ALA B 365 -57.78 18.90 29.55
CA ALA B 365 -57.72 19.60 28.29
C ALA B 365 -59.08 19.87 27.69
N THR B 366 -60.09 19.08 28.03
CA THR B 366 -61.41 19.30 27.45
C THR B 366 -62.12 20.50 28.05
N ILE B 367 -61.66 21.00 29.20
CA ILE B 367 -62.24 22.21 29.76
C ILE B 367 -61.78 23.42 28.95
N ALA B 368 -60.48 23.51 28.70
CA ALA B 368 -59.95 24.62 27.90
C ALA B 368 -60.33 24.51 26.43
N ALA B 369 -60.69 23.31 25.97
CA ALA B 369 -61.13 23.16 24.59
C ALA B 369 -62.51 23.77 24.39
N VAL B 370 -63.44 23.51 25.32
CA VAL B 370 -64.79 24.02 25.17
C VAL B 370 -64.91 25.47 25.65
N SER B 371 -64.01 25.92 26.54
CA SER B 371 -64.09 27.29 27.02
C SER B 371 -63.55 28.28 26.00
N ALA B 372 -62.41 27.96 25.37
CA ALA B 372 -61.85 28.83 24.35
C ALA B 372 -62.71 28.83 23.08
N ALA B 373 -63.39 27.71 22.81
CA ALA B 373 -64.33 27.70 21.70
C ALA B 373 -65.57 28.53 22.01
N GLY B 374 -66.02 28.49 23.26
CA GLY B 374 -67.15 29.33 23.67
C GLY B 374 -66.82 30.80 23.70
N LEU B 375 -65.55 31.15 23.98
CA LEU B 375 -65.10 32.52 23.83
C LEU B 375 -65.07 32.92 22.36
N ALA B 376 -64.78 31.97 21.47
CA ALA B 376 -64.77 32.24 20.03
C ALA B 376 -66.17 32.32 19.45
N VAL B 377 -67.21 31.93 20.20
CA VAL B 377 -68.57 32.13 19.72
C VAL B 377 -69.00 33.57 19.89
N VAL B 378 -68.71 34.16 21.06
CA VAL B 378 -69.19 35.50 21.38
C VAL B 378 -68.41 36.55 20.60
N LEU B 379 -67.07 36.42 20.56
CA LEU B 379 -66.25 37.42 19.90
C LEU B 379 -66.36 37.37 18.38
N SER B 380 -66.82 36.25 17.82
CA SER B 380 -67.14 36.20 16.39
C SER B 380 -68.58 36.60 16.12
N LEU B 381 -69.37 36.85 17.17
CA LEU B 381 -70.75 37.30 17.00
C LEU B 381 -70.93 38.77 17.30
N LEU B 382 -70.17 39.34 18.25
CA LEU B 382 -70.28 40.76 18.52
C LEU B 382 -69.65 41.60 17.41
N ALA B 383 -68.59 41.08 16.77
CA ALA B 383 -68.00 41.79 15.64
C ALA B 383 -68.91 41.75 14.42
N SER B 384 -69.73 40.71 14.31
CA SER B 384 -70.75 40.71 13.27
C SER B 384 -71.89 41.66 13.60
N CYS B 385 -72.22 41.79 14.88
CA CYS B 385 -73.25 42.73 15.30
C CYS B 385 -72.73 44.17 15.26
N TYR B 386 -71.40 44.34 15.38
CA TYR B 386 -70.81 45.68 15.32
C TYR B 386 -70.90 46.27 13.92
N MET B 387 -70.87 45.43 12.89
CA MET B 387 -70.94 45.92 11.53
C MET B 387 -72.37 46.31 11.15
N PHE B 388 -73.37 45.70 11.78
CA PHE B 388 -74.74 46.17 11.59
C PHE B 388 -74.99 47.51 12.26
N ALA B 389 -74.23 47.83 13.30
CA ALA B 389 -74.37 49.13 13.93
C ALA B 389 -73.76 50.24 13.07
N THR B 390 -72.53 50.04 12.61
CA THR B 390 -71.82 51.06 11.85
C THR B 390 -72.30 51.16 10.40
N ALA B 391 -73.14 50.23 9.93
CA ALA B 391 -73.77 50.41 8.64
C ALA B 391 -75.10 51.14 8.75
N ARG B 392 -75.85 50.91 9.82
CA ARG B 392 -77.03 51.72 10.11
C ARG B 392 -76.66 53.15 10.50
N ARG B 393 -75.52 53.33 11.16
CA ARG B 393 -75.03 54.66 11.49
C ARG B 393 -74.61 55.44 10.25
N LYS B 394 -73.87 54.80 9.35
CA LYS B 394 -73.34 55.44 8.15
C LYS B 394 -74.42 55.78 7.14
N CYS B 395 -75.51 55.02 7.08
CA CYS B 395 -76.53 55.20 6.07
C CYS B 395 -77.47 56.37 6.34
N LEU B 396 -77.78 56.66 7.60
CA LEU B 396 -78.72 57.72 7.93
C LEU B 396 -78.06 58.98 8.45
N THR B 397 -76.75 58.99 8.63
CA THR B 397 -76.08 60.24 9.01
C THR B 397 -76.08 61.36 7.95
N PRO B 398 -76.26 61.14 6.64
CA PRO B 398 -76.68 62.26 5.79
C PRO B 398 -78.17 62.53 5.77
N TYR B 399 -78.93 61.99 6.72
CA TYR B 399 -80.35 62.25 6.83
C TYR B 399 -80.74 62.80 8.20
N ALA B 400 -79.76 63.04 9.08
CA ALA B 400 -80.01 63.68 10.36
C ALA B 400 -79.53 65.12 10.40
N LEU B 401 -78.82 65.56 9.37
CA LEU B 401 -78.34 66.94 9.30
C LEU B 401 -78.92 67.71 8.14
N THR B 402 -79.84 67.13 7.37
CA THR B 402 -80.61 67.86 6.39
C THR B 402 -82.06 67.89 6.83
N PRO B 403 -82.67 69.09 6.95
CA PRO B 403 -84.06 69.16 7.41
C PRO B 403 -85.05 68.66 6.37
N GLY B 404 -85.20 67.34 6.27
CA GLY B 404 -86.03 66.76 5.23
C GLY B 404 -86.97 65.66 5.68
N ALA B 405 -87.13 64.65 4.85
CA ALA B 405 -88.12 63.61 5.06
C ALA B 405 -87.53 62.42 5.81
N VAL B 406 -88.28 61.31 5.83
CA VAL B 406 -87.86 60.11 6.55
C VAL B 406 -87.42 59.01 5.59
N VAL B 407 -87.87 59.04 4.33
CA VAL B 407 -87.73 57.99 3.32
C VAL B 407 -88.30 56.69 3.89
N PRO B 408 -89.63 56.54 3.93
CA PRO B 408 -90.23 55.34 4.57
C PRO B 408 -89.95 54.02 3.86
N VAL B 409 -89.45 54.05 2.62
CA VAL B 409 -89.06 52.82 1.94
C VAL B 409 -87.83 52.22 2.63
N THR B 410 -86.85 53.05 2.98
CA THR B 410 -85.68 52.60 3.71
C THR B 410 -86.00 52.33 5.19
N LEU B 411 -87.12 52.85 5.68
CA LEU B 411 -87.54 52.57 7.06
C LEU B 411 -87.87 51.09 7.26
N GLY B 412 -88.38 50.43 6.23
CA GLY B 412 -88.60 49.00 6.32
C GLY B 412 -87.30 48.21 6.35
N VAL B 413 -86.30 48.66 5.60
CA VAL B 413 -84.99 48.00 5.61
C VAL B 413 -84.24 48.35 6.89
N LEU B 414 -84.13 49.63 7.20
CA LEU B 414 -83.48 50.10 8.43
C LEU B 414 -84.53 50.82 9.26
N CYS B 415 -85.03 50.14 10.29
CA CYS B 415 -85.94 50.76 11.25
C CYS B 415 -85.16 51.77 12.08
N CYS B 416 -85.33 53.05 11.77
CA CYS B 416 -84.51 54.10 12.35
C CYS B 416 -85.22 54.76 13.53
N ALA B 417 -84.41 55.37 14.40
CA ALA B 417 -84.94 56.09 15.55
C ALA B 417 -85.89 57.25 15.23
N PRO B 418 -85.82 57.94 14.07
CA PRO B 418 -87.00 58.71 13.65
C PRO B 418 -88.18 57.81 13.30
N ARG B 419 -89.24 57.87 14.11
CA ARG B 419 -90.43 57.06 13.87
C ARG B 419 -91.35 57.75 12.86
N ALA B 420 -91.76 58.96 13.24
CA ALA B 420 -92.50 59.84 12.35
C ALA B 420 -91.92 61.24 12.40
N HIS B 421 -91.31 61.59 13.53
CA HIS B 421 -90.66 62.88 13.68
C HIS B 421 -89.31 62.88 12.98
N ALA B 422 -89.08 63.93 12.18
CA ALA B 422 -87.86 64.15 11.38
C ALA B 422 -87.52 62.98 10.47
N TYR C 1 -49.62 -8.90 -55.89
CA TYR C 1 -49.78 -7.61 -55.23
C TYR C 1 -48.46 -7.18 -54.59
N GLU C 2 -48.04 -5.96 -54.89
CA GLU C 2 -46.70 -5.49 -54.57
C GLU C 2 -46.73 -4.48 -53.42
N HIS C 3 -45.61 -4.39 -52.72
CA HIS C 3 -45.46 -3.49 -51.57
C HIS C 3 -43.97 -3.31 -51.32
N THR C 4 -43.61 -2.16 -50.75
CA THR C 4 -42.22 -1.84 -50.44
C THR C 4 -42.07 -1.55 -48.96
N ALA C 5 -40.89 -1.89 -48.44
CA ALA C 5 -40.57 -1.65 -47.03
C ALA C 5 -39.06 -1.54 -46.88
N THR C 6 -38.65 -0.99 -45.74
CA THR C 6 -37.23 -0.86 -45.39
C THR C 6 -37.00 -1.50 -44.03
N ILE C 7 -35.92 -2.26 -43.91
CA ILE C 7 -35.59 -2.88 -42.63
C ILE C 7 -34.34 -2.21 -42.08
N PRO C 8 -34.21 -2.10 -40.75
CA PRO C 8 -32.97 -1.56 -40.20
C PRO C 8 -31.90 -2.64 -40.05
N ASN C 9 -30.64 -2.22 -40.19
CA ASN C 9 -29.51 -3.13 -40.20
C ASN C 9 -28.92 -3.22 -38.80
N VAL C 10 -29.64 -3.93 -37.93
CA VAL C 10 -29.12 -4.33 -36.63
C VAL C 10 -29.37 -5.81 -36.44
N VAL C 11 -28.33 -6.55 -36.08
CA VAL C 11 -28.42 -8.00 -35.98
C VAL C 11 -29.13 -8.36 -34.67
N GLY C 12 -30.22 -9.11 -34.79
CA GLY C 12 -30.97 -9.50 -33.62
C GLY C 12 -32.07 -8.52 -33.30
N PHE C 13 -32.92 -8.24 -34.28
CA PHE C 13 -34.03 -7.32 -34.08
C PHE C 13 -35.17 -7.68 -35.02
N PRO C 14 -36.31 -8.11 -34.50
CA PRO C 14 -37.44 -8.47 -35.37
C PRO C 14 -38.08 -7.24 -35.98
N TYR C 15 -38.29 -7.27 -37.28
CA TYR C 15 -38.98 -6.22 -38.00
C TYR C 15 -40.28 -6.75 -38.56
N LYS C 16 -41.33 -5.95 -38.47
CA LYS C 16 -42.66 -6.35 -38.93
C LYS C 16 -43.06 -5.51 -40.13
N ALA C 17 -43.66 -6.16 -41.12
CA ALA C 17 -44.20 -5.50 -42.30
C ALA C 17 -45.65 -5.90 -42.45
N HIS C 18 -46.51 -4.91 -42.71
CA HIS C 18 -47.96 -5.10 -42.74
C HIS C 18 -48.49 -4.85 -44.13
N ILE C 19 -49.55 -5.55 -44.50
CA ILE C 19 -50.13 -5.43 -45.83
C ILE C 19 -51.62 -5.73 -45.73
N GLU C 20 -52.41 -5.09 -46.59
CA GLU C 20 -53.85 -5.26 -46.59
C GLU C 20 -54.41 -4.90 -47.96
N ARG C 21 -55.43 -5.65 -48.38
CA ARG C 21 -56.09 -5.42 -49.64
C ARG C 21 -57.54 -4.99 -49.40
N ASN C 22 -58.30 -4.87 -50.48
CA ASN C 22 -59.72 -4.53 -50.41
C ASN C 22 -60.52 -5.77 -50.76
N GLY C 23 -61.38 -6.20 -49.85
CA GLY C 23 -62.12 -7.43 -50.01
C GLY C 23 -61.45 -8.65 -49.40
N PHE C 24 -60.39 -8.46 -48.61
CA PHE C 24 -59.64 -9.55 -48.01
C PHE C 24 -59.37 -9.23 -46.56
N SER C 25 -58.89 -10.21 -45.84
CA SER C 25 -58.48 -9.98 -44.46
C SER C 25 -57.05 -9.47 -44.43
N PRO C 26 -56.74 -8.46 -43.61
CA PRO C 26 -55.36 -7.97 -43.52
C PRO C 26 -54.45 -8.99 -42.86
N MET C 27 -53.15 -8.88 -43.16
CA MET C 27 -52.16 -9.80 -42.61
C MET C 27 -50.85 -9.04 -42.42
N THR C 28 -49.78 -9.78 -42.08
CA THR C 28 -48.48 -9.17 -41.87
C THR C 28 -47.39 -10.16 -42.28
N LEU C 29 -46.16 -9.66 -42.31
CA LEU C 29 -44.97 -10.47 -42.54
C LEU C 29 -43.99 -10.22 -41.41
N GLN C 30 -42.80 -10.83 -41.51
CA GLN C 30 -41.75 -10.59 -40.53
C GLN C 30 -40.40 -10.86 -41.16
N LEU C 31 -39.47 -9.91 -40.99
CA LEU C 31 -38.13 -10.01 -41.54
C LEU C 31 -37.13 -9.82 -40.42
N GLU C 32 -36.13 -10.70 -40.35
CA GLU C 32 -35.14 -10.61 -39.28
C GLU C 32 -33.79 -11.07 -39.81
N VAL C 33 -32.78 -10.23 -39.65
CA VAL C 33 -31.45 -10.55 -40.15
C VAL C 33 -30.73 -11.47 -39.16
N LEU C 34 -29.65 -12.08 -39.62
CA LEU C 34 -28.85 -12.94 -38.76
C LEU C 34 -27.34 -12.70 -38.87
N GLY C 35 -26.85 -12.17 -39.98
CA GLY C 35 -25.42 -11.98 -40.15
C GLY C 35 -25.12 -11.14 -41.37
N THR C 36 -24.10 -10.31 -41.30
CA THR C 36 -23.82 -9.36 -42.37
C THR C 36 -22.32 -9.17 -42.46
N SER C 37 -21.71 -9.68 -43.52
CA SER C 37 -20.29 -9.53 -43.76
C SER C 37 -20.06 -8.66 -44.98
N LEU C 38 -18.86 -8.12 -45.11
CA LEU C 38 -18.50 -7.34 -46.29
C LEU C 38 -17.01 -7.45 -46.56
N GLU C 39 -16.66 -7.55 -47.84
CA GLU C 39 -15.29 -7.77 -48.27
C GLU C 39 -15.01 -6.99 -49.54
N PRO C 40 -13.78 -6.50 -49.70
CA PRO C 40 -13.42 -5.80 -50.95
C PRO C 40 -12.69 -6.69 -51.96
N THR C 41 -12.72 -6.30 -53.24
CA THR C 41 -12.05 -7.05 -54.31
C THR C 41 -10.73 -6.38 -54.68
N LEU C 42 -9.72 -7.21 -54.99
CA LEU C 42 -8.35 -6.76 -54.92
C LEU C 42 -7.46 -7.48 -55.91
N ASN C 43 -6.29 -6.88 -56.17
CA ASN C 43 -5.18 -7.48 -56.89
C ASN C 43 -3.90 -7.25 -56.11
N LEU C 44 -2.86 -8.03 -56.41
CA LEU C 44 -1.64 -7.95 -55.63
C LEU C 44 -0.56 -7.22 -56.40
N GLU C 45 0.40 -6.68 -55.66
CA GLU C 45 1.54 -5.99 -56.27
C GLU C 45 2.86 -6.66 -55.99
N TYR C 46 3.15 -7.00 -54.73
CA TYR C 46 4.36 -7.74 -54.42
C TYR C 46 4.16 -8.54 -53.15
N ILE C 47 5.14 -9.41 -52.89
CA ILE C 47 5.14 -10.31 -51.75
C ILE C 47 6.42 -10.07 -50.97
N THR C 48 6.28 -9.67 -49.72
CA THR C 48 7.42 -9.36 -48.87
C THR C 48 7.79 -10.60 -48.06
N CYS C 49 9.06 -10.94 -48.03
CA CYS C 49 9.54 -12.19 -47.48
C CYS C 49 10.60 -11.92 -46.42
N GLU C 50 11.30 -12.97 -46.02
CA GLU C 50 12.42 -12.88 -45.08
C GLU C 50 13.71 -13.17 -45.83
N TYR C 51 14.65 -12.23 -45.84
CA TYR C 51 15.78 -12.46 -46.73
C TYR C 51 16.81 -13.38 -46.09
N LYS C 52 17.79 -13.80 -46.89
CA LYS C 52 18.78 -14.79 -46.46
C LYS C 52 20.06 -14.54 -47.25
N THR C 53 21.04 -13.91 -46.61
CA THR C 53 22.28 -13.54 -47.27
C THR C 53 23.21 -14.74 -47.29
N VAL C 54 23.30 -15.39 -48.45
CA VAL C 54 24.19 -16.54 -48.57
C VAL C 54 25.61 -16.04 -48.84
N VAL C 55 26.58 -16.64 -48.14
CA VAL C 55 27.97 -16.30 -48.28
C VAL C 55 28.80 -17.57 -48.48
N PRO C 56 29.53 -17.71 -49.56
CA PRO C 56 30.31 -18.93 -49.79
C PRO C 56 31.63 -18.86 -49.05
N SER C 57 32.44 -19.89 -49.24
CA SER C 57 33.77 -19.89 -48.66
C SER C 57 34.66 -18.87 -49.36
N PRO C 58 35.58 -18.25 -48.65
CA PRO C 58 36.50 -17.31 -49.30
C PRO C 58 37.56 -18.06 -50.09
N TYR C 59 37.95 -17.50 -51.22
CA TYR C 59 39.00 -18.07 -52.05
C TYR C 59 40.28 -17.27 -51.89
N ILE C 60 41.39 -17.99 -51.79
CA ILE C 60 42.68 -17.38 -51.48
C ILE C 60 43.75 -18.17 -52.24
N LYS C 61 44.78 -17.46 -52.69
CA LYS C 61 45.78 -18.06 -53.59
C LYS C 61 47.10 -17.36 -53.37
N CYS C 62 48.09 -18.07 -52.84
CA CYS C 62 49.34 -17.44 -52.45
C CYS C 62 50.43 -17.56 -53.52
N CYS C 63 50.11 -17.22 -54.74
CA CYS C 63 51.18 -17.02 -55.70
C CYS C 63 51.03 -15.70 -56.45
N GLY C 64 49.81 -15.32 -56.79
CA GLY C 64 49.58 -14.14 -57.60
C GLY C 64 48.33 -13.40 -57.21
N THR C 65 47.50 -13.06 -58.19
CA THR C 65 46.28 -12.30 -57.96
C THR C 65 45.09 -12.99 -58.58
N SER C 66 43.91 -12.47 -58.28
CA SER C 66 42.66 -12.87 -58.91
C SER C 66 41.84 -11.61 -59.14
N GLU C 67 40.69 -11.76 -59.80
CA GLU C 67 39.91 -10.60 -60.21
C GLU C 67 38.43 -10.81 -59.87
N CYS C 68 37.63 -9.80 -60.18
CA CYS C 68 36.21 -9.81 -59.88
C CYS C 68 35.44 -10.53 -60.98
N ARG C 69 34.14 -10.69 -60.78
CA ARG C 69 33.29 -11.33 -61.79
C ARG C 69 32.12 -10.48 -62.21
N SER C 70 31.46 -9.77 -61.28
CA SER C 70 30.34 -8.87 -61.51
C SER C 70 29.17 -9.59 -62.20
N MET C 71 28.58 -10.52 -61.45
CA MET C 71 27.42 -11.28 -61.92
C MET C 71 26.14 -10.47 -61.70
N GLU C 72 24.99 -11.13 -61.83
CA GLU C 72 23.70 -10.46 -61.76
C GLU C 72 22.81 -11.02 -60.66
N ARG C 73 23.40 -11.47 -59.56
CA ARG C 73 22.65 -11.85 -58.38
C ARG C 73 22.04 -10.59 -57.76
N PRO C 74 20.91 -10.72 -57.03
CA PRO C 74 20.08 -9.53 -56.73
C PRO C 74 20.74 -8.42 -55.94
N ASP C 75 21.68 -8.74 -55.06
CA ASP C 75 22.44 -7.70 -54.36
C ASP C 75 23.90 -8.10 -54.30
N TYR C 76 24.45 -8.44 -55.46
CA TYR C 76 25.81 -8.98 -55.54
C TYR C 76 26.84 -7.93 -55.14
N GLN C 77 27.83 -8.37 -54.38
CA GLN C 77 28.82 -7.47 -53.79
C GLN C 77 30.10 -8.26 -53.65
N CYS C 78 31.13 -7.90 -54.41
CA CYS C 78 32.37 -8.63 -54.43
C CYS C 78 33.54 -7.66 -54.47
N GLN C 79 34.66 -8.09 -53.90
CA GLN C 79 35.88 -7.28 -53.89
C GLN C 79 37.05 -8.19 -53.53
N VAL C 80 38.19 -7.93 -54.17
CA VAL C 80 39.42 -8.68 -53.93
C VAL C 80 40.35 -7.81 -53.08
N TYR C 81 40.97 -8.42 -52.07
CA TYR C 81 41.84 -7.69 -51.17
C TYR C 81 43.29 -8.09 -51.39
N THR C 82 44.19 -7.20 -50.98
CA THR C 82 45.62 -7.31 -51.24
C THR C 82 46.26 -8.30 -50.27
N GLY C 83 47.59 -8.26 -50.16
CA GLY C 83 48.41 -9.18 -49.39
C GLY C 83 48.02 -9.45 -47.96
N VAL C 84 47.59 -10.69 -47.70
CA VAL C 84 47.10 -11.13 -46.40
C VAL C 84 47.98 -12.27 -45.92
N TYR C 85 47.62 -12.86 -44.78
CA TYR C 85 48.45 -13.87 -44.13
C TYR C 85 47.55 -14.75 -43.26
N PRO C 86 47.17 -15.95 -43.73
CA PRO C 86 45.98 -16.63 -43.21
C PRO C 86 46.01 -17.18 -41.79
N PHE C 87 47.03 -17.93 -41.38
CA PHE C 87 47.11 -18.62 -40.09
C PHE C 87 45.94 -19.59 -39.86
N MET C 88 45.98 -20.71 -40.58
CA MET C 88 45.05 -21.81 -40.31
C MET C 88 45.54 -22.57 -39.06
N TRP C 89 45.03 -23.79 -38.83
CA TRP C 89 45.27 -24.52 -37.59
C TRP C 89 46.74 -24.87 -37.37
N GLY C 90 47.33 -25.62 -38.29
CA GLY C 90 48.72 -26.00 -38.15
C GLY C 90 49.69 -25.00 -38.72
N GLY C 91 49.86 -23.86 -38.04
CA GLY C 91 50.78 -22.86 -38.54
C GLY C 91 50.21 -22.09 -39.72
N ALA C 92 51.08 -21.36 -40.40
CA ALA C 92 50.68 -20.53 -41.52
C ALA C 92 50.27 -21.38 -42.71
N TYR C 93 49.50 -20.77 -43.60
CA TYR C 93 48.85 -21.50 -44.67
C TYR C 93 49.52 -21.37 -46.02
N CYS C 94 49.74 -20.16 -46.50
CA CYS C 94 50.02 -19.99 -47.93
C CYS C 94 51.51 -20.07 -48.25
N PHE C 95 52.37 -20.19 -47.23
CA PHE C 95 53.80 -20.54 -47.33
C PHE C 95 54.64 -19.42 -47.95
N CYS C 96 54.11 -18.20 -47.97
CA CYS C 96 54.88 -17.00 -48.26
C CYS C 96 54.47 -15.96 -47.23
N ASP C 97 54.94 -14.72 -47.39
CA ASP C 97 54.57 -13.66 -46.45
C ASP C 97 53.74 -12.55 -47.07
N THR C 98 53.89 -12.30 -48.36
CA THR C 98 53.09 -11.31 -49.07
C THR C 98 52.81 -11.88 -50.46
N GLU C 99 52.37 -11.00 -51.38
CA GLU C 99 51.87 -11.37 -52.70
C GLU C 99 50.71 -12.36 -52.58
N ASN C 100 49.71 -11.96 -51.80
CA ASN C 100 48.53 -12.74 -51.49
C ASN C 100 47.31 -11.98 -51.96
N THR C 101 46.25 -12.73 -52.28
CA THR C 101 44.95 -12.15 -52.59
C THR C 101 43.85 -13.01 -52.00
N GLN C 102 42.81 -12.36 -51.50
CA GLN C 102 41.61 -13.02 -51.03
C GLN C 102 40.41 -12.43 -51.78
N LEU C 103 39.53 -13.31 -52.24
CA LEU C 103 38.35 -12.92 -53.00
C LEU C 103 37.13 -13.19 -52.14
N SER C 104 36.41 -12.13 -51.77
CA SER C 104 35.23 -12.25 -50.92
C SER C 104 33.99 -11.85 -51.71
N GLU C 105 32.89 -12.56 -51.46
CA GLU C 105 31.64 -12.24 -52.15
C GLU C 105 30.47 -12.70 -51.29
N ALA C 106 29.37 -11.95 -51.39
CA ALA C 106 28.16 -12.27 -50.64
C ALA C 106 26.98 -11.56 -51.31
N TYR C 107 25.86 -12.25 -51.40
CA TYR C 107 24.66 -11.73 -52.05
C TYR C 107 23.47 -12.30 -51.29
N VAL C 108 22.26 -12.00 -51.75
CA VAL C 108 21.08 -12.36 -50.98
C VAL C 108 19.90 -12.65 -51.91
N ASP C 109 19.19 -13.74 -51.63
CA ASP C 109 17.95 -14.08 -52.31
C ASP C 109 16.83 -14.28 -51.30
N ARG C 110 15.71 -14.86 -51.74
CA ARG C 110 14.54 -15.04 -50.90
C ARG C 110 14.78 -16.13 -49.87
N SER C 111 13.76 -16.41 -49.06
CA SER C 111 13.90 -17.40 -48.01
C SER C 111 13.81 -18.81 -48.58
N ASP C 112 13.82 -19.79 -47.68
CA ASP C 112 13.55 -21.17 -48.03
C ASP C 112 12.14 -21.58 -47.67
N VAL C 113 11.50 -20.84 -46.79
CA VAL C 113 10.13 -21.11 -46.37
C VAL C 113 9.24 -19.99 -46.86
N CYS C 114 9.63 -19.36 -47.97
CA CYS C 114 8.95 -18.15 -48.41
C CYS C 114 7.56 -18.43 -48.97
N LYS C 115 7.26 -19.69 -49.31
CA LYS C 115 5.92 -20.07 -49.72
C LYS C 115 5.09 -20.57 -48.55
N HIS C 116 5.54 -20.35 -47.33
CA HIS C 116 4.74 -20.67 -46.16
C HIS C 116 4.38 -19.46 -45.31
N ASP C 117 5.34 -18.58 -45.02
CA ASP C 117 5.05 -17.33 -44.33
C ASP C 117 5.50 -16.15 -45.18
N HIS C 118 4.54 -15.33 -45.59
CA HIS C 118 4.81 -14.15 -46.41
C HIS C 118 3.62 -13.22 -46.30
N ALA C 119 3.88 -11.93 -46.18
CA ALA C 119 2.80 -10.96 -46.24
C ALA C 119 2.53 -10.61 -47.69
N ALA C 120 1.32 -10.12 -47.93
CA ALA C 120 0.86 -9.80 -49.28
C ALA C 120 0.26 -8.41 -49.26
N ALA C 121 0.89 -7.49 -49.99
CA ALA C 121 0.43 -6.10 -50.05
C ALA C 121 -0.50 -5.98 -51.24
N TYR C 122 -1.79 -6.07 -51.00
CA TYR C 122 -2.79 -5.97 -52.03
C TYR C 122 -3.16 -4.53 -52.31
N LYS C 123 -4.16 -4.32 -53.14
CA LYS C 123 -4.68 -2.99 -53.43
C LYS C 123 -6.15 -3.16 -53.82
N ALA C 124 -7.04 -2.96 -52.86
CA ALA C 124 -8.46 -3.22 -53.06
C ALA C 124 -9.19 -1.94 -53.43
N HIS C 125 -10.22 -2.08 -54.25
CA HIS C 125 -10.91 -0.93 -54.81
C HIS C 125 -12.39 -0.86 -54.48
N THR C 126 -13.15 -1.94 -54.69
CA THR C 126 -14.60 -1.90 -54.50
C THR C 126 -15.06 -3.01 -53.55
N ALA C 127 -16.06 -2.70 -52.73
CA ALA C 127 -16.57 -3.60 -51.71
C ALA C 127 -17.99 -4.05 -52.03
N ALA C 128 -18.40 -5.15 -51.40
CA ALA C 128 -19.73 -5.71 -51.56
C ALA C 128 -20.38 -5.93 -50.20
N MET C 129 -21.50 -6.64 -50.14
CA MET C 129 -22.12 -6.99 -48.87
C MET C 129 -22.97 -8.24 -49.07
N LYS C 130 -22.92 -9.15 -48.10
CA LYS C 130 -23.64 -10.42 -48.17
C LYS C 130 -24.35 -10.65 -46.84
N ALA C 131 -25.67 -10.79 -46.88
CA ALA C 131 -26.47 -10.85 -45.67
C ALA C 131 -27.12 -12.21 -45.51
N THR C 132 -27.88 -12.37 -44.42
CA THR C 132 -28.61 -13.60 -44.13
C THR C 132 -29.89 -13.20 -43.40
N ILE C 133 -31.04 -13.45 -44.03
CA ILE C 133 -32.32 -12.94 -43.55
C ILE C 133 -33.32 -14.08 -43.46
N ARG C 134 -33.97 -14.19 -42.31
CA ARG C 134 -35.05 -15.15 -42.07
C ARG C 134 -36.39 -14.55 -42.47
N ILE C 135 -37.22 -15.34 -43.13
CA ILE C 135 -38.54 -14.91 -43.60
C ILE C 135 -39.57 -15.90 -43.08
N SER C 136 -40.62 -15.38 -42.44
CA SER C 136 -41.64 -16.25 -41.86
C SER C 136 -42.98 -15.53 -41.78
N TYR C 137 -44.02 -16.17 -42.32
CA TYR C 137 -45.40 -15.71 -42.19
C TYR C 137 -46.32 -16.89 -42.42
N GLY C 138 -47.52 -16.80 -41.84
CA GLY C 138 -48.52 -17.84 -41.97
C GLY C 138 -48.07 -19.16 -41.38
N ASN C 139 -47.86 -20.17 -42.22
CA ASN C 139 -47.18 -21.39 -41.81
C ASN C 139 -45.96 -21.54 -42.72
N LEU C 140 -44.89 -20.83 -42.39
CA LEU C 140 -43.66 -20.81 -43.16
C LEU C 140 -42.52 -20.35 -42.26
N ASN C 141 -41.33 -20.88 -42.51
CA ASN C 141 -40.10 -20.38 -41.88
C ASN C 141 -38.95 -20.81 -42.77
N GLN C 142 -38.28 -19.83 -43.36
CA GLN C 142 -37.12 -20.04 -44.22
C GLN C 142 -35.94 -19.21 -43.73
N THR C 143 -34.75 -19.59 -44.19
CA THR C 143 -33.54 -18.85 -43.85
C THR C 143 -32.67 -18.80 -45.09
N THR C 144 -32.61 -17.64 -45.74
CA THR C 144 -31.95 -17.48 -47.01
C THR C 144 -30.75 -16.53 -46.89
N THR C 145 -29.78 -16.73 -47.78
CA THR C 145 -28.52 -15.97 -47.78
C THR C 145 -28.38 -15.27 -49.12
N ALA C 146 -28.84 -14.03 -49.20
CA ALA C 146 -28.88 -13.32 -50.46
C ALA C 146 -27.95 -12.11 -50.43
N PHE C 147 -27.51 -11.70 -51.62
CA PHE C 147 -26.72 -10.48 -51.76
C PHE C 147 -27.59 -9.26 -51.59
N VAL C 148 -26.95 -8.13 -51.30
CA VAL C 148 -27.66 -6.89 -51.01
C VAL C 148 -27.39 -5.96 -52.18
N ASN C 149 -28.36 -5.89 -53.10
CA ASN C 149 -28.40 -4.93 -54.20
C ASN C 149 -29.85 -4.84 -54.66
N GLY C 150 -30.08 -4.25 -55.83
CA GLY C 150 -31.44 -4.03 -56.27
C GLY C 150 -31.96 -5.02 -57.29
N GLU C 151 -31.26 -6.13 -57.50
CA GLU C 151 -31.67 -7.05 -58.56
C GLU C 151 -31.63 -8.52 -58.18
N HIS C 152 -31.00 -8.92 -57.08
CA HIS C 152 -31.01 -10.31 -56.70
C HIS C 152 -32.38 -10.68 -56.14
N THR C 153 -32.80 -11.92 -56.40
CA THR C 153 -34.18 -12.31 -56.15
C THR C 153 -34.19 -13.73 -55.59
N VAL C 154 -34.52 -13.86 -54.32
CA VAL C 154 -34.67 -15.17 -53.66
C VAL C 154 -36.15 -15.39 -53.41
N THR C 155 -36.58 -16.64 -53.48
CA THR C 155 -38.00 -16.95 -53.37
C THR C 155 -38.28 -17.84 -52.16
N VAL C 156 -39.48 -17.65 -51.61
CA VAL C 156 -40.02 -18.55 -50.61
C VAL C 156 -41.04 -19.41 -51.35
N GLY C 157 -41.46 -20.52 -50.74
CA GLY C 157 -42.26 -21.56 -51.37
C GLY C 157 -43.61 -21.12 -51.92
N GLY C 158 -44.07 -19.92 -51.56
CA GLY C 158 -45.27 -19.40 -52.17
C GLY C 158 -45.07 -18.13 -52.97
N SER C 159 -44.13 -17.30 -52.55
CA SER C 159 -44.03 -15.92 -53.03
C SER C 159 -42.64 -15.66 -53.62
N ARG C 160 -42.38 -14.39 -53.93
CA ARG C 160 -41.12 -13.98 -54.54
C ARG C 160 -40.67 -12.67 -53.92
N PHE C 161 -39.47 -12.67 -53.33
CA PHE C 161 -38.90 -11.52 -52.64
C PHE C 161 -37.70 -10.98 -53.39
N THR C 162 -37.44 -9.69 -53.22
CA THR C 162 -36.20 -9.09 -53.69
C THR C 162 -35.84 -7.92 -52.80
N PHE C 163 -34.55 -7.60 -52.76
CA PHE C 163 -34.02 -6.61 -51.83
C PHE C 163 -33.65 -5.34 -52.58
N GLY C 164 -33.29 -4.32 -51.81
CA GLY C 164 -32.88 -3.06 -52.38
C GLY C 164 -31.40 -2.82 -52.16
N PRO C 165 -30.87 -1.76 -52.77
CA PRO C 165 -29.44 -1.45 -52.59
C PRO C 165 -29.16 -0.89 -51.21
N ILE C 166 -27.90 -1.02 -50.80
CA ILE C 166 -27.51 -0.63 -49.45
C ILE C 166 -27.49 0.90 -49.34
N SER C 167 -27.78 1.39 -48.14
CA SER C 167 -27.95 2.83 -47.94
C SER C 167 -26.63 3.57 -48.02
N THR C 168 -25.69 3.24 -47.14
CA THR C 168 -24.40 3.91 -47.10
C THR C 168 -23.37 3.12 -47.89
N ALA C 169 -22.20 3.73 -48.04
CA ALA C 169 -21.05 3.08 -48.67
C ALA C 169 -19.88 2.97 -47.70
N TRP C 170 -20.16 3.01 -46.40
CA TRP C 170 -19.11 3.09 -45.40
C TRP C 170 -18.43 1.75 -45.19
N THR C 171 -17.11 1.80 -45.08
CA THR C 171 -16.29 0.65 -44.74
C THR C 171 -15.38 1.02 -43.58
N PRO C 172 -14.98 0.04 -42.78
CA PRO C 172 -13.83 0.25 -41.89
C PRO C 172 -12.51 -0.07 -42.57
N PHE C 173 -12.48 -0.10 -43.89
CA PHE C 173 -11.29 -0.42 -44.67
C PHE C 173 -10.92 0.71 -45.62
N ASP C 174 -9.73 0.58 -46.21
CA ASP C 174 -9.15 1.63 -47.06
C ASP C 174 -8.56 1.06 -48.34
N ASN C 175 -7.74 1.85 -49.03
CA ASN C 175 -7.35 1.56 -50.40
C ASN C 175 -6.16 0.62 -50.49
N LYS C 176 -5.28 0.62 -49.49
CA LYS C 176 -4.12 -0.26 -49.49
C LYS C 176 -4.15 -1.19 -48.27
N ILE C 177 -4.10 -2.49 -48.52
CA ILE C 177 -4.36 -3.50 -47.51
C ILE C 177 -3.22 -4.52 -47.52
N VAL C 178 -2.68 -4.82 -46.33
CA VAL C 178 -1.75 -5.93 -46.16
C VAL C 178 -2.47 -7.05 -45.43
N VAL C 179 -2.45 -8.25 -46.01
CA VAL C 179 -3.07 -9.43 -45.44
C VAL C 179 -1.97 -10.40 -45.08
N TYR C 180 -1.89 -10.81 -43.81
CA TYR C 180 -0.79 -11.70 -43.49
C TYR C 180 -1.18 -13.11 -43.06
N LYS C 181 -1.71 -13.30 -41.84
CA LYS C 181 -2.08 -14.66 -41.48
C LYS C 181 -3.32 -14.77 -40.59
N ASN C 182 -3.43 -13.89 -39.58
CA ASN C 182 -4.47 -14.03 -38.56
C ASN C 182 -5.23 -12.73 -38.32
N ASP C 183 -4.75 -11.61 -38.84
CA ASP C 183 -5.52 -10.37 -38.85
C ASP C 183 -5.09 -9.55 -40.06
N VAL C 184 -5.79 -8.44 -40.26
CA VAL C 184 -5.69 -7.65 -41.49
C VAL C 184 -5.13 -6.30 -41.12
N TYR C 185 -4.26 -5.75 -41.96
CA TYR C 185 -3.58 -4.51 -41.63
C TYR C 185 -3.84 -3.52 -42.75
N ASN C 186 -4.12 -2.28 -42.37
CA ASN C 186 -4.68 -1.29 -43.27
C ASN C 186 -3.67 -0.18 -43.60
N GLN C 187 -2.40 -0.54 -43.66
CA GLN C 187 -1.32 0.45 -43.71
C GLN C 187 -1.16 1.00 -45.13
N ASP C 188 -0.08 1.77 -45.33
CA ASP C 188 0.23 2.42 -46.61
C ASP C 188 1.65 2.04 -46.99
N PHE C 189 1.78 0.93 -47.70
CA PHE C 189 3.07 0.36 -48.03
C PHE C 189 3.77 1.17 -49.11
N PRO C 190 5.11 1.11 -49.18
CA PRO C 190 5.82 1.82 -50.25
C PRO C 190 5.62 1.11 -51.57
N PRO C 191 5.73 1.83 -52.69
CA PRO C 191 5.50 1.21 -54.00
C PRO C 191 6.64 0.30 -54.39
N TYR C 192 6.44 -0.42 -55.50
CA TYR C 192 7.39 -1.42 -55.94
C TYR C 192 8.69 -0.76 -56.38
N GLY C 193 9.80 -1.39 -56.07
CA GLY C 193 11.08 -0.85 -56.44
C GLY C 193 11.54 0.35 -55.64
N SER C 194 10.92 0.62 -54.50
CA SER C 194 11.32 1.74 -53.65
C SER C 194 11.36 1.33 -52.19
N GLY C 195 11.99 0.20 -51.89
CA GLY C 195 12.10 -0.22 -50.51
C GLY C 195 13.22 0.48 -49.78
N GLN C 196 13.13 0.48 -48.46
CA GLN C 196 14.15 1.11 -47.64
C GLN C 196 14.78 0.09 -46.71
N PRO C 197 16.09 0.18 -46.47
CA PRO C 197 16.78 -0.88 -45.73
C PRO C 197 16.49 -0.89 -44.25
N GLY C 198 15.35 -1.45 -43.84
CA GLY C 198 15.03 -1.55 -42.44
C GLY C 198 13.55 -1.35 -42.13
N ARG C 199 12.86 -0.58 -42.97
CA ARG C 199 11.42 -0.48 -42.92
C ARG C 199 10.80 -1.46 -43.89
N PHE C 200 9.50 -1.71 -43.71
CA PHE C 200 8.77 -2.82 -44.33
C PHE C 200 8.90 -2.86 -45.84
N GLY C 201 9.26 -4.02 -46.37
CA GLY C 201 9.39 -4.18 -47.79
C GLY C 201 10.74 -3.80 -48.35
N ASP C 202 11.81 -4.34 -47.78
CA ASP C 202 13.14 -4.19 -48.38
C ASP C 202 13.53 -5.38 -49.23
N ILE C 203 12.67 -6.40 -49.31
CA ILE C 203 12.88 -7.56 -50.16
C ILE C 203 11.55 -7.80 -50.85
N GLN C 204 11.48 -7.47 -52.14
CA GLN C 204 10.22 -7.39 -52.86
C GLN C 204 10.30 -8.27 -54.09
N SER C 205 9.40 -9.24 -54.18
CA SER C 205 9.26 -10.07 -55.36
C SER C 205 7.83 -9.96 -55.89
N ARG C 206 7.70 -10.06 -57.20
CA ARG C 206 6.44 -9.72 -57.86
C ARG C 206 5.35 -10.75 -57.58
N THR C 207 5.71 -12.02 -57.45
CA THR C 207 4.77 -13.05 -57.05
C THR C 207 5.55 -14.16 -56.34
N VAL C 208 4.84 -15.22 -55.97
CA VAL C 208 5.40 -16.23 -55.07
C VAL C 208 6.49 -17.04 -55.77
N GLU C 209 6.23 -17.49 -56.99
CA GLU C 209 7.26 -18.13 -57.80
C GLU C 209 7.60 -17.20 -58.96
N SER C 210 8.71 -16.48 -58.83
CA SER C 210 9.18 -15.61 -59.89
C SER C 210 10.69 -15.46 -59.73
N LYS C 211 11.23 -14.42 -60.35
CA LYS C 211 12.63 -14.04 -60.18
C LYS C 211 12.65 -12.54 -59.98
N ASP C 212 13.84 -11.94 -60.08
CA ASP C 212 14.07 -10.49 -59.98
C ASP C 212 13.62 -9.95 -58.62
N LEU C 213 14.37 -10.35 -57.60
CA LEU C 213 14.17 -9.81 -56.27
C LEU C 213 14.57 -8.33 -56.23
N TYR C 214 14.21 -7.66 -55.15
CA TYR C 214 14.55 -6.26 -54.94
C TYR C 214 15.26 -6.08 -53.61
N ALA C 215 16.32 -6.83 -53.41
CA ALA C 215 17.10 -6.69 -52.19
C ALA C 215 17.89 -5.39 -52.22
N ASN C 216 17.67 -4.54 -51.22
CA ASN C 216 18.44 -3.32 -51.02
C ASN C 216 18.78 -3.14 -49.55
N THR C 217 19.31 -4.18 -48.93
CA THR C 217 19.54 -4.21 -47.49
C THR C 217 20.83 -3.51 -47.05
N ALA C 218 21.49 -2.77 -47.94
CA ALA C 218 22.75 -2.06 -47.67
C ALA C 218 23.84 -3.01 -47.20
N LEU C 219 24.21 -3.93 -48.07
CA LEU C 219 25.28 -4.88 -47.80
C LEU C 219 26.61 -4.20 -48.10
N LYS C 220 27.63 -4.50 -47.30
CA LYS C 220 28.93 -3.87 -47.42
C LYS C 220 29.98 -4.75 -46.77
N LEU C 221 31.11 -4.89 -47.46
CA LEU C 221 32.17 -5.79 -47.02
C LEU C 221 33.35 -5.00 -46.48
N SER C 222 34.08 -5.62 -45.56
CA SER C 222 35.30 -5.07 -44.99
C SER C 222 36.43 -6.07 -45.22
N ARG C 223 37.58 -5.79 -44.63
CA ARG C 223 38.68 -6.70 -44.85
C ARG C 223 39.01 -7.47 -43.58
N PRO C 224 39.47 -8.73 -43.68
CA PRO C 224 39.73 -9.52 -42.47
C PRO C 224 40.91 -8.97 -41.70
N SER C 225 40.88 -9.16 -40.38
CA SER C 225 41.68 -8.33 -39.48
C SER C 225 43.19 -8.48 -39.61
N SER C 226 43.75 -9.56 -39.09
CA SER C 226 45.18 -9.79 -39.29
C SER C 226 45.49 -11.17 -39.84
N GLY C 227 45.06 -12.18 -39.08
CA GLY C 227 45.54 -13.53 -39.30
C GLY C 227 44.46 -14.57 -39.11
N THR C 228 43.24 -14.28 -39.54
CA THR C 228 42.16 -15.24 -39.51
C THR C 228 41.54 -15.33 -40.89
N VAL C 229 41.04 -16.52 -41.22
CA VAL C 229 40.29 -16.69 -42.46
C VAL C 229 38.80 -16.48 -42.21
N HIS C 230 38.32 -15.26 -42.41
CA HIS C 230 36.91 -14.98 -42.21
C HIS C 230 36.51 -13.85 -43.13
N VAL C 231 35.22 -13.79 -43.44
CA VAL C 231 34.70 -12.72 -44.29
C VAL C 231 33.77 -11.85 -43.45
N PRO C 232 34.15 -10.61 -43.13
CA PRO C 232 33.28 -9.74 -42.36
C PRO C 232 32.44 -8.84 -43.24
N TYR C 233 31.21 -8.60 -42.81
CA TYR C 233 30.31 -7.71 -43.52
C TYR C 233 29.44 -6.98 -42.50
N THR C 234 28.53 -6.16 -43.02
CA THR C 234 27.61 -5.42 -42.17
C THR C 234 26.37 -5.05 -42.98
N GLN C 235 25.20 -5.35 -42.43
CA GLN C 235 23.96 -4.99 -43.09
C GLN C 235 22.89 -4.74 -42.05
N THR C 236 21.84 -4.09 -42.47
CA THR C 236 20.74 -3.85 -41.55
C THR C 236 19.90 -5.11 -41.42
N PRO C 237 19.26 -5.35 -40.26
CA PRO C 237 18.45 -6.55 -40.11
C PRO C 237 17.17 -6.54 -40.94
N SER C 238 16.36 -7.58 -40.79
CA SER C 238 15.21 -7.76 -41.65
C SER C 238 14.09 -6.82 -41.28
N SER C 239 13.39 -6.33 -42.30
CA SER C 239 12.20 -5.53 -42.09
C SER C 239 11.04 -6.39 -41.66
N PHE C 240 10.96 -7.60 -42.21
CA PHE C 240 9.90 -8.52 -41.88
C PHE C 240 10.05 -9.08 -40.47
N LYS C 241 11.22 -8.98 -39.85
CA LYS C 241 11.32 -9.31 -38.44
C LYS C 241 11.06 -8.12 -37.54
N TYR C 242 11.20 -6.90 -38.03
CA TYR C 242 10.64 -5.76 -37.31
C TYR C 242 9.12 -5.78 -37.39
N TRP C 243 8.57 -6.20 -38.52
CA TRP C 243 7.12 -6.25 -38.68
C TRP C 243 6.56 -7.58 -38.16
N ILE C 244 6.94 -7.97 -36.96
CA ILE C 244 6.24 -9.05 -36.28
C ILE C 244 5.84 -8.46 -34.92
N LYS C 245 6.66 -7.53 -34.45
CA LYS C 245 6.45 -6.91 -33.16
C LYS C 245 6.17 -5.43 -33.21
N GLU C 246 6.57 -4.73 -34.27
CA GLU C 246 6.26 -3.32 -34.37
C GLU C 246 4.87 -3.07 -34.90
N ARG C 247 4.21 -4.09 -35.44
CA ARG C 247 2.83 -3.95 -35.84
C ARG C 247 1.93 -3.82 -34.62
N GLY C 248 0.83 -3.10 -34.79
CA GLY C 248 -0.05 -2.76 -33.70
C GLY C 248 -1.01 -3.87 -33.38
N THR C 249 -2.16 -3.50 -32.80
CA THR C 249 -3.21 -4.48 -32.57
C THR C 249 -3.95 -4.72 -33.88
N SER C 250 -4.94 -5.59 -33.82
CA SER C 250 -5.80 -5.77 -34.96
C SER C 250 -6.85 -4.66 -34.96
N LEU C 251 -7.70 -4.67 -35.97
CA LEU C 251 -8.72 -3.64 -36.09
C LEU C 251 -9.90 -3.88 -35.17
N ASN C 252 -10.13 -5.12 -34.75
CA ASN C 252 -11.33 -5.47 -34.00
C ASN C 252 -11.32 -4.92 -32.58
N ASP C 253 -10.19 -4.43 -32.10
CA ASP C 253 -10.16 -3.74 -30.81
C ASP C 253 -10.68 -2.32 -30.90
N LYS C 254 -10.65 -1.71 -32.09
CA LYS C 254 -11.07 -0.32 -32.21
C LYS C 254 -11.87 -0.05 -33.47
N ALA C 255 -12.47 -1.07 -34.07
CA ALA C 255 -13.36 -0.86 -35.19
C ALA C 255 -14.60 -0.10 -34.73
N PRO C 256 -15.15 0.81 -35.55
CA PRO C 256 -16.13 1.77 -35.05
C PRO C 256 -17.47 1.22 -34.56
N PHE C 257 -18.24 0.54 -35.40
CA PHE C 257 -19.62 0.21 -35.04
C PHE C 257 -19.74 -1.12 -34.32
N GLY C 258 -18.70 -1.54 -33.60
CA GLY C 258 -18.77 -2.77 -32.84
C GLY C 258 -18.72 -4.00 -33.71
N CYS C 259 -18.10 -3.90 -34.87
CA CYS C 259 -18.07 -4.99 -35.83
C CYS C 259 -16.83 -5.85 -35.61
N VAL C 260 -16.99 -7.14 -35.82
CA VAL C 260 -15.91 -8.10 -35.64
C VAL C 260 -15.23 -8.33 -36.97
N ILE C 261 -13.91 -8.33 -36.98
CA ILE C 261 -13.14 -8.49 -38.21
C ILE C 261 -12.41 -9.82 -38.17
N LYS C 262 -12.84 -10.75 -39.00
CA LYS C 262 -12.17 -12.03 -39.22
C LYS C 262 -11.08 -11.83 -40.26
N THR C 263 -10.43 -12.92 -40.70
CA THR C 263 -9.23 -12.69 -41.48
C THR C 263 -9.02 -13.50 -42.76
N ASN C 264 -9.58 -14.71 -42.89
CA ASN C 264 -8.99 -15.53 -43.95
C ASN C 264 -9.60 -15.21 -45.32
N PRO C 265 -10.95 -15.19 -45.56
CA PRO C 265 -11.44 -14.43 -46.72
C PRO C 265 -11.90 -13.04 -46.35
N VAL C 266 -10.96 -12.09 -46.14
CA VAL C 266 -11.03 -10.95 -45.22
C VAL C 266 -12.40 -10.31 -45.07
N ARG C 267 -12.92 -10.24 -43.85
CA ARG C 267 -14.30 -9.89 -43.60
C ARG C 267 -14.39 -8.71 -42.64
N ALA C 268 -15.61 -8.22 -42.47
CA ALA C 268 -15.93 -7.17 -41.52
C ALA C 268 -17.27 -7.45 -40.86
N GLU C 269 -17.47 -8.69 -40.42
CA GLU C 269 -18.81 -9.22 -40.24
C GLU C 269 -19.54 -8.63 -39.03
N ASN C 270 -20.87 -8.62 -39.14
CA ASN C 270 -21.82 -8.14 -38.13
C ASN C 270 -21.61 -6.67 -37.79
N CYS C 271 -21.81 -5.81 -38.79
CA CYS C 271 -21.84 -4.37 -38.56
C CYS C 271 -23.22 -3.95 -38.08
N ALA C 272 -23.37 -2.65 -37.80
CA ALA C 272 -24.69 -2.08 -37.53
C ALA C 272 -24.67 -0.63 -38.02
N VAL C 273 -25.11 -0.43 -39.26
CA VAL C 273 -25.15 0.89 -39.88
C VAL C 273 -26.11 0.82 -41.06
N GLY C 274 -26.81 1.92 -41.32
CA GLY C 274 -27.67 2.00 -42.48
C GLY C 274 -28.93 1.16 -42.33
N ASN C 275 -29.59 0.98 -43.48
CA ASN C 275 -30.85 0.26 -43.53
C ASN C 275 -31.09 -0.26 -44.93
N ILE C 276 -31.66 -1.45 -45.02
CA ILE C 276 -31.88 -2.15 -46.28
C ILE C 276 -33.35 -2.00 -46.67
N PRO C 277 -33.65 -1.55 -47.88
CA PRO C 277 -35.03 -1.59 -48.38
C PRO C 277 -35.36 -2.92 -49.04
N VAL C 278 -36.64 -3.28 -48.99
CA VAL C 278 -37.16 -4.49 -49.62
C VAL C 278 -38.38 -4.15 -50.45
N SER C 279 -38.74 -5.10 -51.31
CA SER C 279 -39.95 -5.02 -52.11
C SER C 279 -40.36 -6.44 -52.50
N MET C 280 -41.63 -6.77 -52.31
CA MET C 280 -42.08 -8.15 -52.48
C MET C 280 -43.34 -8.17 -53.32
N ASP C 281 -43.78 -9.40 -53.63
CA ASP C 281 -44.98 -9.61 -54.43
C ASP C 281 -45.50 -11.00 -54.06
N ILE C 282 -46.53 -11.04 -53.23
CA ILE C 282 -47.09 -12.32 -52.79
C ILE C 282 -48.32 -12.62 -53.64
N PRO C 283 -48.59 -13.88 -53.97
CA PRO C 283 -49.75 -14.21 -54.81
C PRO C 283 -51.06 -14.06 -54.06
N ASP C 284 -52.15 -14.16 -54.82
CA ASP C 284 -53.48 -14.00 -54.25
C ASP C 284 -53.96 -15.23 -53.50
N THR C 285 -53.33 -16.38 -53.70
CA THR C 285 -53.76 -17.58 -52.98
C THR C 285 -53.31 -17.57 -51.53
N ALA C 286 -52.34 -16.72 -51.17
CA ALA C 286 -51.86 -16.68 -49.80
C ALA C 286 -52.81 -15.95 -48.87
N PHE C 287 -53.66 -15.06 -49.40
CA PHE C 287 -54.59 -14.32 -48.59
C PHE C 287 -55.77 -15.19 -48.18
N THR C 288 -56.63 -14.63 -47.34
CA THR C 288 -57.93 -15.21 -47.04
C THR C 288 -59.00 -14.19 -47.39
N ARG C 289 -60.05 -14.65 -48.06
CA ARG C 289 -61.12 -13.76 -48.48
C ARG C 289 -61.97 -13.34 -47.29
N VAL C 290 -62.72 -12.26 -47.48
CA VAL C 290 -63.47 -11.65 -46.39
C VAL C 290 -64.78 -12.38 -46.11
N ILE C 291 -65.09 -13.41 -46.88
CA ILE C 291 -66.33 -14.17 -46.67
C ILE C 291 -66.27 -14.96 -45.37
N ASP C 292 -65.30 -15.85 -45.26
CA ASP C 292 -65.10 -16.64 -44.05
C ASP C 292 -64.25 -15.93 -43.00
N ALA C 293 -63.95 -14.66 -43.19
CA ALA C 293 -63.19 -13.91 -42.21
C ALA C 293 -64.06 -13.61 -40.99
N PRO C 294 -63.62 -13.95 -39.78
CA PRO C 294 -64.42 -13.65 -38.58
C PRO C 294 -64.43 -12.16 -38.29
N ALA C 295 -65.63 -11.61 -38.13
CA ALA C 295 -65.77 -10.18 -37.88
C ALA C 295 -65.41 -9.84 -36.45
N VAL C 296 -64.64 -8.76 -36.27
CA VAL C 296 -64.18 -8.30 -34.97
C VAL C 296 -64.73 -6.91 -34.74
N THR C 297 -65.53 -6.74 -33.69
CA THR C 297 -66.11 -5.46 -33.34
C THR C 297 -65.83 -5.15 -31.87
N ASN C 298 -65.93 -3.86 -31.54
CA ASN C 298 -65.84 -3.32 -30.18
C ASN C 298 -64.51 -3.66 -29.52
N LEU C 299 -63.45 -3.16 -30.12
CA LEU C 299 -62.08 -3.51 -29.76
C LEU C 299 -61.49 -2.40 -28.90
N GLU C 300 -61.16 -2.73 -27.64
CA GLU C 300 -60.60 -1.76 -26.71
C GLU C 300 -59.43 -2.40 -25.97
N CYS C 301 -58.65 -1.57 -25.27
CA CYS C 301 -57.46 -2.01 -24.57
C CYS C 301 -57.40 -1.40 -23.18
N GLN C 302 -56.55 -1.99 -22.34
CA GLN C 302 -56.24 -1.42 -21.03
C GLN C 302 -54.82 -1.78 -20.66
N VAL C 303 -54.25 -0.99 -19.75
CA VAL C 303 -52.82 -1.01 -19.47
C VAL C 303 -52.58 -1.68 -18.12
N ALA C 304 -51.53 -2.48 -18.04
CA ALA C 304 -51.19 -3.16 -16.80
C ALA C 304 -49.95 -2.57 -16.14
N VAL C 305 -48.81 -2.53 -16.84
CA VAL C 305 -47.56 -2.17 -16.18
C VAL C 305 -46.84 -1.00 -16.84
N CYS C 306 -46.38 -1.18 -18.08
CA CYS C 306 -45.63 -0.19 -18.87
C CYS C 306 -44.39 0.31 -18.14
N THR C 307 -43.39 -0.55 -18.03
CA THR C 307 -42.07 -0.08 -17.62
C THR C 307 -41.17 0.09 -18.85
N HIS C 308 -40.03 0.76 -18.63
CA HIS C 308 -39.11 1.13 -19.71
C HIS C 308 -38.01 0.12 -19.92
N SER C 309 -38.25 -1.17 -19.72
CA SER C 309 -37.18 -2.14 -19.89
C SER C 309 -36.84 -2.29 -21.36
N SER C 310 -35.68 -2.89 -21.61
CA SER C 310 -35.17 -2.93 -22.98
C SER C 310 -35.91 -3.95 -23.83
N ASP C 311 -36.34 -5.07 -23.26
CA ASP C 311 -36.93 -6.11 -24.10
C ASP C 311 -38.39 -5.87 -24.42
N PHE C 312 -39.27 -5.97 -23.41
CA PHE C 312 -40.73 -5.81 -23.57
C PHE C 312 -41.25 -5.40 -22.20
N GLY C 313 -41.47 -4.11 -22.02
CA GLY C 313 -41.77 -3.63 -20.69
C GLY C 313 -43.23 -3.39 -20.38
N GLY C 314 -44.13 -4.10 -21.04
CA GLY C 314 -45.54 -3.88 -20.79
C GLY C 314 -46.46 -4.90 -21.41
N ILE C 315 -47.57 -5.20 -20.73
CA ILE C 315 -48.54 -6.17 -21.20
C ILE C 315 -49.88 -5.47 -21.38
N ALA C 316 -50.34 -5.38 -22.61
CA ALA C 316 -51.67 -4.87 -22.88
C ALA C 316 -52.68 -6.01 -22.82
N THR C 317 -53.96 -5.65 -22.85
CA THR C 317 -55.03 -6.65 -22.84
C THR C 317 -56.18 -6.11 -23.68
N LEU C 318 -56.60 -6.87 -24.69
CA LEU C 318 -57.56 -6.42 -25.66
C LEU C 318 -58.79 -7.33 -25.66
N THR C 319 -59.97 -6.72 -25.56
CA THR C 319 -61.25 -7.42 -25.62
C THR C 319 -62.04 -6.94 -26.83
N PHE C 320 -62.91 -7.82 -27.32
CA PHE C 320 -63.69 -7.54 -28.52
C PHE C 320 -64.93 -8.43 -28.51
N LYS C 321 -65.67 -8.41 -29.62
CA LYS C 321 -66.84 -9.25 -29.82
C LYS C 321 -66.77 -9.87 -31.20
N THR C 322 -67.09 -11.15 -31.30
CA THR C 322 -66.99 -11.88 -32.56
C THR C 322 -68.15 -12.86 -32.65
N ASP C 323 -68.08 -13.73 -33.65
CA ASP C 323 -69.12 -14.73 -33.91
C ASP C 323 -68.58 -16.14 -34.04
N LYS C 324 -67.39 -16.32 -34.61
CA LYS C 324 -66.73 -17.62 -34.68
C LYS C 324 -65.23 -17.41 -34.60
N PRO C 325 -64.48 -18.37 -34.07
CA PRO C 325 -63.03 -18.19 -33.92
C PRO C 325 -62.30 -18.37 -35.26
N GLY C 326 -60.98 -18.24 -35.20
CA GLY C 326 -60.16 -18.36 -36.38
C GLY C 326 -58.79 -17.75 -36.15
N LYS C 327 -58.18 -17.31 -37.25
CA LYS C 327 -56.83 -16.76 -37.25
C LYS C 327 -56.89 -15.29 -37.64
N CYS C 328 -56.07 -14.47 -36.99
CA CYS C 328 -55.99 -13.05 -37.33
C CYS C 328 -54.54 -12.61 -37.21
N ALA C 329 -54.30 -11.33 -37.51
CA ALA C 329 -52.97 -10.76 -37.40
C ALA C 329 -53.09 -9.36 -36.81
N VAL C 330 -52.06 -8.96 -36.06
CA VAL C 330 -52.05 -7.65 -35.41
C VAL C 330 -50.81 -6.88 -35.84
N HIS C 331 -50.86 -5.58 -35.62
CA HIS C 331 -49.81 -4.64 -36.03
C HIS C 331 -50.06 -3.32 -35.31
N SER C 332 -48.99 -2.54 -35.14
CA SER C 332 -49.09 -1.22 -34.52
C SER C 332 -48.78 -0.15 -35.56
N HIS C 333 -49.70 0.78 -35.73
CA HIS C 333 -49.53 1.86 -36.70
C HIS C 333 -48.82 3.07 -36.07
N SER C 334 -47.66 2.83 -35.45
CA SER C 334 -46.87 3.88 -34.83
C SER C 334 -45.43 3.39 -34.76
N ASN C 335 -44.58 4.21 -34.14
CA ASN C 335 -43.20 3.82 -33.86
C ASN C 335 -42.84 4.03 -32.40
N VAL C 336 -43.80 4.36 -31.56
CA VAL C 336 -43.51 4.56 -30.14
C VAL C 336 -43.31 3.22 -29.45
N ALA C 337 -44.06 2.20 -29.85
CA ALA C 337 -43.91 0.88 -29.27
C ALA C 337 -44.16 -0.17 -30.34
N THR C 338 -43.56 -1.34 -30.14
CA THR C 338 -43.66 -2.46 -31.08
C THR C 338 -44.28 -3.66 -30.38
N ILE C 339 -45.12 -4.40 -31.10
CA ILE C 339 -45.89 -5.50 -30.56
C ILE C 339 -45.27 -6.81 -31.07
N GLN C 340 -45.43 -7.86 -30.28
CA GLN C 340 -44.71 -9.11 -30.49
C GLN C 340 -45.64 -10.19 -31.03
N GLU C 341 -45.05 -11.07 -31.86
CA GLU C 341 -45.54 -12.32 -32.45
C GLU C 341 -46.58 -12.17 -33.55
N ALA C 342 -47.24 -11.02 -33.64
CA ALA C 342 -48.05 -10.56 -34.79
C ALA C 342 -49.17 -11.53 -35.25
N ALA C 343 -49.44 -12.60 -34.53
CA ALA C 343 -50.22 -13.72 -35.05
C ALA C 343 -51.16 -14.29 -34.00
N VAL C 344 -51.94 -13.43 -33.34
CA VAL C 344 -52.77 -13.86 -32.21
C VAL C 344 -53.88 -14.81 -32.67
N ASP C 345 -54.37 -15.59 -31.72
CA ASP C 345 -55.35 -16.65 -31.96
C ASP C 345 -56.64 -16.26 -31.24
N ILE C 346 -57.56 -15.67 -31.99
CA ILE C 346 -58.79 -15.15 -31.40
C ILE C 346 -59.75 -16.29 -31.11
N LYS C 347 -60.48 -16.16 -30.01
CA LYS C 347 -61.42 -17.17 -29.54
C LYS C 347 -62.85 -16.68 -29.70
N THR C 348 -63.80 -17.45 -29.17
CA THR C 348 -65.18 -17.00 -29.12
C THR C 348 -65.34 -15.89 -28.10
N ASP C 349 -64.86 -16.10 -26.87
CA ASP C 349 -64.82 -15.06 -25.85
C ASP C 349 -63.56 -14.23 -26.05
N GLY C 350 -63.74 -13.03 -26.60
CA GLY C 350 -62.60 -12.23 -26.99
C GLY C 350 -61.91 -11.50 -25.85
N LYS C 351 -60.75 -12.02 -25.44
CA LYS C 351 -59.88 -11.35 -24.47
C LYS C 351 -58.47 -11.90 -24.65
N ILE C 352 -57.61 -11.13 -25.31
CA ILE C 352 -56.23 -11.55 -25.55
C ILE C 352 -55.30 -10.51 -24.94
N THR C 353 -54.06 -10.92 -24.72
CA THR C 353 -53.02 -10.06 -24.17
C THR C 353 -51.85 -9.97 -25.14
N LEU C 354 -51.13 -8.87 -25.05
CA LEU C 354 -50.00 -8.58 -25.93
C LEU C 354 -48.77 -8.22 -25.11
N HIS C 355 -47.66 -7.96 -25.80
CA HIS C 355 -46.42 -7.54 -25.15
C HIS C 355 -45.81 -6.43 -25.98
N PHE C 356 -45.76 -5.22 -25.44
CA PHE C 356 -45.22 -4.08 -26.15
C PHE C 356 -43.94 -3.59 -25.47
N SER C 357 -43.27 -2.64 -26.12
CA SER C 357 -42.00 -2.13 -25.62
C SER C 357 -41.86 -0.70 -26.10
N THR C 358 -42.13 0.25 -25.21
CA THR C 358 -42.04 1.66 -25.53
C THR C 358 -40.79 2.26 -24.90
N ALA C 359 -40.65 3.58 -25.02
CA ALA C 359 -39.57 4.28 -24.35
C ALA C 359 -39.99 5.62 -23.76
N SER C 360 -41.25 6.00 -23.86
CA SER C 360 -41.73 7.29 -23.37
C SER C 360 -42.74 7.07 -22.25
N ALA C 361 -42.94 8.13 -21.47
CA ALA C 361 -43.83 8.02 -20.31
C ALA C 361 -45.29 7.95 -20.71
N SER C 362 -45.65 8.47 -21.89
CA SER C 362 -47.04 8.49 -22.34
C SER C 362 -47.11 8.10 -23.81
N PRO C 363 -47.18 6.81 -24.11
CA PRO C 363 -47.37 6.38 -25.50
C PRO C 363 -48.84 6.34 -25.89
N ALA C 364 -49.07 6.50 -27.19
CA ALA C 364 -50.42 6.52 -27.76
C ALA C 364 -50.47 5.73 -29.05
N PHE C 365 -49.90 4.53 -29.03
CA PHE C 365 -49.84 3.70 -30.23
C PHE C 365 -51.22 3.16 -30.59
N LYS C 366 -51.43 2.99 -31.89
CA LYS C 366 -52.70 2.53 -32.44
C LYS C 366 -52.57 1.09 -32.91
N VAL C 367 -53.48 0.24 -32.48
CA VAL C 367 -53.40 -1.20 -32.72
C VAL C 367 -54.50 -1.59 -33.68
N SER C 368 -54.15 -2.41 -34.67
CA SER C 368 -55.11 -2.92 -35.64
C SER C 368 -55.23 -4.42 -35.49
N VAL C 369 -56.47 -4.92 -35.46
CA VAL C 369 -56.78 -6.34 -35.47
C VAL C 369 -57.58 -6.45 -36.77
N CYS C 370 -58.12 -7.63 -37.09
CA CYS C 370 -58.83 -7.85 -38.34
C CYS C 370 -60.09 -6.98 -38.46
N SER C 371 -60.00 -5.96 -39.32
CA SER C 371 -61.07 -4.99 -39.62
C SER C 371 -61.56 -4.28 -38.36
N ALA C 372 -60.61 -3.88 -37.51
CA ALA C 372 -60.89 -3.14 -36.29
C ALA C 372 -59.64 -2.42 -35.86
N LYS C 373 -59.82 -1.27 -35.20
CA LYS C 373 -58.68 -0.52 -34.68
C LYS C 373 -59.12 0.38 -33.53
N THR C 374 -58.16 0.73 -32.69
CA THR C 374 -58.38 1.68 -31.61
C THR C 374 -57.04 2.28 -31.21
N THR C 375 -57.11 3.39 -30.48
CA THR C 375 -55.93 4.01 -29.88
C THR C 375 -55.79 3.49 -28.46
N CYS C 376 -54.54 3.35 -28.01
CA CYS C 376 -54.27 2.73 -26.73
C CYS C 376 -53.30 3.62 -25.96
N MET C 377 -53.74 4.10 -24.80
CA MET C 377 -52.92 4.95 -23.95
C MET C 377 -52.01 4.09 -23.09
N ALA C 378 -51.30 4.74 -22.15
CA ALA C 378 -50.54 4.11 -21.08
C ALA C 378 -50.14 5.19 -20.09
N ALA C 379 -49.46 4.76 -19.01
CA ALA C 379 -48.90 5.66 -18.01
C ALA C 379 -47.73 4.92 -17.38
N CYS C 380 -46.51 5.37 -17.65
CA CYS C 380 -45.35 4.50 -17.59
C CYS C 380 -44.34 4.99 -16.56
N GLU C 381 -43.56 4.05 -16.03
CA GLU C 381 -42.63 4.31 -14.94
C GLU C 381 -41.28 3.66 -15.21
N PRO C 382 -40.19 4.28 -14.76
CA PRO C 382 -38.84 3.81 -15.15
C PRO C 382 -38.46 2.52 -14.43
N PRO C 383 -37.41 1.83 -14.90
CA PRO C 383 -36.93 0.64 -14.18
C PRO C 383 -35.92 1.00 -13.08
N LYS C 384 -35.37 -0.02 -12.41
CA LYS C 384 -34.49 0.20 -11.27
C LYS C 384 -33.10 -0.38 -11.48
N ASP C 385 -32.78 -0.83 -12.70
CA ASP C 385 -31.46 -1.30 -13.03
C ASP C 385 -30.70 -0.22 -13.79
N HIS C 386 -29.43 -0.49 -14.03
CA HIS C 386 -28.66 0.50 -14.78
C HIS C 386 -27.97 -0.10 -15.99
N ILE C 387 -27.49 -1.34 -15.88
CA ILE C 387 -26.73 -1.98 -16.93
C ILE C 387 -27.41 -3.29 -17.29
N VAL C 388 -27.66 -3.49 -18.58
CA VAL C 388 -28.41 -4.63 -19.08
C VAL C 388 -27.49 -5.45 -19.97
N PRO C 389 -27.40 -6.77 -19.78
CA PRO C 389 -26.52 -7.58 -20.64
C PRO C 389 -27.05 -7.80 -22.05
N TYR C 390 -28.24 -7.32 -22.40
CA TYR C 390 -28.77 -7.44 -23.75
C TYR C 390 -29.15 -6.08 -24.29
N GLY C 391 -29.42 -6.04 -25.60
CA GLY C 391 -29.64 -4.78 -26.29
C GLY C 391 -31.11 -4.35 -26.30
N ALA C 392 -31.34 -3.18 -26.88
CA ALA C 392 -32.68 -2.61 -26.91
C ALA C 392 -33.56 -3.31 -27.93
N SER C 393 -34.87 -3.09 -27.80
CA SER C 393 -35.84 -3.67 -28.73
C SER C 393 -36.94 -2.67 -29.05
N HIS C 394 -36.56 -1.40 -29.23
CA HIS C 394 -37.53 -0.35 -29.46
C HIS C 394 -36.86 0.80 -30.19
N ASN C 395 -37.68 1.73 -30.65
CA ASN C 395 -37.17 2.95 -31.25
C ASN C 395 -37.17 4.07 -30.20
N ASN C 396 -36.05 4.77 -30.08
CA ASN C 396 -35.89 5.78 -29.04
C ASN C 396 -36.71 7.01 -29.37
N GLN C 397 -37.78 7.23 -28.61
CA GLN C 397 -38.58 8.45 -28.78
C GLN C 397 -39.14 8.81 -27.41
N VAL C 398 -38.41 9.64 -26.69
CA VAL C 398 -38.80 10.07 -25.34
C VAL C 398 -39.64 11.34 -25.49
N PHE C 399 -40.92 11.16 -25.77
CA PHE C 399 -41.78 12.31 -25.97
C PHE C 399 -43.24 11.97 -25.63
N PRO C 400 -43.83 12.65 -24.65
CA PRO C 400 -45.27 12.46 -24.40
C PRO C 400 -46.09 13.05 -25.53
N ASP C 401 -47.17 12.36 -25.88
CA ASP C 401 -47.86 12.53 -27.16
C ASP C 401 -48.50 13.91 -27.39
N MET C 402 -49.65 14.17 -26.78
CA MET C 402 -50.22 15.50 -26.61
C MET C 402 -50.94 15.66 -25.29
N SER C 403 -51.45 14.59 -24.70
CA SER C 403 -52.25 14.63 -23.48
C SER C 403 -51.61 13.82 -22.37
N GLY C 404 -50.29 13.71 -22.36
CA GLY C 404 -49.61 13.10 -21.24
C GLY C 404 -49.73 13.96 -20.00
N THR C 405 -49.62 13.30 -18.84
CA THR C 405 -49.80 13.99 -17.56
C THR C 405 -48.67 15.00 -17.31
N ALA C 406 -47.47 14.71 -17.82
CA ALA C 406 -46.41 15.70 -17.77
C ALA C 406 -46.65 16.85 -18.72
N MET C 407 -47.37 16.60 -19.82
CA MET C 407 -47.60 17.63 -20.82
C MET C 407 -48.93 18.37 -20.63
N THR C 408 -49.87 17.78 -19.89
CA THR C 408 -51.15 18.44 -19.69
C THR C 408 -51.07 19.63 -18.74
N TRP C 409 -49.97 19.79 -18.00
CA TRP C 409 -49.75 21.03 -17.26
C TRP C 409 -49.33 22.17 -18.18
N VAL C 410 -48.80 21.86 -19.36
CA VAL C 410 -48.44 22.92 -20.30
C VAL C 410 -49.69 23.54 -20.91
N GLN C 411 -50.63 22.70 -21.35
CA GLN C 411 -51.85 23.20 -21.95
C GLN C 411 -52.80 23.82 -20.94
N ARG C 412 -52.67 23.49 -19.66
CA ARG C 412 -53.45 24.15 -18.63
C ARG C 412 -52.78 25.40 -18.09
N VAL C 413 -51.65 25.81 -18.67
CA VAL C 413 -51.07 27.11 -18.43
C VAL C 413 -51.06 27.96 -19.69
N ALA C 414 -50.72 27.36 -20.83
CA ALA C 414 -50.83 28.05 -22.12
C ALA C 414 -52.26 28.34 -22.50
N GLY C 415 -53.22 27.56 -21.98
CA GLY C 415 -54.62 27.92 -22.07
C GLY C 415 -55.08 28.88 -21.00
N GLY C 416 -54.22 29.19 -20.03
CA GLY C 416 -54.54 30.16 -19.02
C GLY C 416 -53.97 31.53 -19.34
N LEU C 417 -52.67 31.59 -19.66
CA LEU C 417 -52.08 32.87 -20.03
C LEU C 417 -52.46 33.26 -21.46
N GLY C 418 -52.82 32.28 -22.29
CA GLY C 418 -53.27 32.60 -23.63
C GLY C 418 -54.61 33.33 -23.65
N GLY C 419 -55.46 33.05 -22.66
CA GLY C 419 -56.69 33.81 -22.53
C GLY C 419 -56.47 35.22 -22.03
N LEU C 420 -55.39 35.44 -21.29
CA LEU C 420 -55.08 36.78 -20.82
C LEU C 420 -54.59 37.67 -21.97
N THR C 421 -53.96 37.06 -22.98
CA THR C 421 -53.49 37.83 -24.13
C THR C 421 -54.66 38.34 -24.96
N LEU C 422 -55.63 37.46 -25.25
CA LEU C 422 -56.78 37.85 -26.04
C LEU C 422 -57.74 38.75 -25.27
N ALA C 423 -57.71 38.74 -23.94
CA ALA C 423 -58.54 39.64 -23.15
C ALA C 423 -57.97 41.05 -23.10
N ALA C 424 -56.65 41.18 -23.16
CA ALA C 424 -56.03 42.51 -23.19
C ALA C 424 -56.23 43.18 -24.55
N VAL C 425 -56.43 42.39 -25.59
CA VAL C 425 -56.63 42.95 -26.93
C VAL C 425 -58.09 43.31 -27.16
N ALA C 426 -59.01 42.44 -26.71
CA ALA C 426 -60.44 42.61 -27.00
C ALA C 426 -61.03 43.84 -26.31
N VAL C 427 -60.45 44.26 -25.18
CA VAL C 427 -60.84 45.54 -24.60
C VAL C 427 -60.13 46.68 -25.31
N LEU C 428 -58.89 46.46 -25.76
CA LEU C 428 -58.12 47.51 -26.43
C LEU C 428 -58.67 47.84 -27.81
N ILE C 429 -59.30 46.86 -28.48
CA ILE C 429 -59.98 47.16 -29.73
C ILE C 429 -61.25 47.96 -29.45
N LEU C 430 -61.89 47.71 -28.32
CA LEU C 430 -63.15 48.38 -27.98
C LEU C 430 -62.95 49.87 -27.71
N VAL C 431 -61.75 50.27 -27.31
CA VAL C 431 -61.47 51.69 -27.12
C VAL C 431 -61.16 52.37 -28.46
N THR C 432 -60.28 51.78 -29.25
CA THR C 432 -59.81 52.39 -30.49
C THR C 432 -60.76 52.19 -31.67
N CYS C 433 -61.97 51.69 -31.44
CA CYS C 433 -62.97 51.58 -32.50
C CYS C 433 -64.25 52.33 -32.20
N VAL C 434 -64.64 52.47 -30.95
CA VAL C 434 -65.86 53.19 -30.57
C VAL C 434 -65.54 54.60 -30.09
N THR C 435 -64.54 54.74 -29.24
CA THR C 435 -64.16 56.04 -28.68
C THR C 435 -63.24 56.83 -29.61
N MET C 436 -62.71 56.19 -30.68
CA MET C 436 -62.30 56.90 -31.91
C MET C 436 -63.48 57.56 -32.63
N ARG C 437 -64.65 56.92 -32.61
CA ARG C 437 -65.78 57.46 -33.36
C ARG C 437 -66.43 58.65 -32.68
N ARG C 438 -66.37 58.72 -31.35
CA ARG C 438 -66.97 59.87 -30.66
C ARG C 438 -66.02 61.07 -30.74
N SER D 1 13.58 -44.04 -36.60
CA SER D 1 14.65 -43.54 -37.44
C SER D 1 15.04 -44.56 -38.49
N VAL D 2 14.66 -44.29 -39.74
CA VAL D 2 15.02 -45.17 -40.83
C VAL D 2 16.50 -45.00 -41.13
N THR D 3 17.25 -46.10 -41.08
CA THR D 3 18.70 -46.07 -41.20
C THR D 3 19.19 -45.74 -42.60
N GLU D 4 18.30 -45.73 -43.59
CA GLU D 4 18.64 -45.36 -44.95
C GLU D 4 18.69 -43.85 -45.16
N HIS D 5 18.22 -43.07 -44.19
CA HIS D 5 18.24 -41.62 -44.32
C HIS D 5 19.63 -41.02 -44.13
N PHE D 6 20.55 -41.78 -43.54
CA PHE D 6 21.90 -41.32 -43.29
C PHE D 6 22.88 -41.73 -44.39
N ASN D 7 22.39 -42.25 -45.51
CA ASN D 7 23.26 -42.58 -46.62
C ASN D 7 23.77 -41.36 -47.35
N VAL D 8 23.19 -40.19 -47.11
CA VAL D 8 23.71 -38.97 -47.71
C VAL D 8 25.00 -38.56 -47.01
N TYR D 9 25.13 -38.86 -45.72
CA TYR D 9 26.34 -38.61 -44.96
C TYR D 9 27.41 -39.67 -45.16
N LYS D 10 27.33 -40.49 -46.22
CA LYS D 10 28.27 -41.59 -46.37
C LYS D 10 29.66 -41.09 -46.73
N ALA D 11 29.77 -40.01 -47.50
CA ALA D 11 31.05 -39.38 -47.77
C ALA D 11 30.98 -37.96 -47.26
N THR D 12 31.17 -37.81 -45.95
CA THR D 12 31.15 -36.54 -45.24
C THR D 12 32.10 -36.65 -44.06
N LYS D 13 32.75 -35.55 -43.72
CA LYS D 13 33.58 -35.52 -42.53
C LYS D 13 33.50 -34.15 -41.89
N PRO D 14 33.59 -34.07 -40.56
CA PRO D 14 33.54 -32.76 -39.90
C PRO D 14 34.83 -31.97 -40.05
N TYR D 15 34.86 -30.76 -39.49
CA TYR D 15 35.96 -29.84 -39.75
C TYR D 15 36.23 -29.02 -38.50
N LEU D 16 37.15 -28.06 -38.63
CA LEU D 16 37.55 -27.18 -37.53
C LEU D 16 37.41 -25.73 -37.98
N ALA D 17 36.45 -25.03 -37.43
CA ALA D 17 36.23 -23.62 -37.70
C ALA D 17 36.96 -22.78 -36.66
N TYR D 18 36.57 -21.50 -36.56
CA TYR D 18 37.21 -20.49 -35.71
C TYR D 18 36.17 -19.92 -34.76
N CYS D 19 35.56 -20.79 -33.95
CA CYS D 19 34.68 -20.30 -32.90
C CYS D 19 35.45 -19.40 -31.94
N ALA D 20 35.19 -18.11 -31.99
CA ALA D 20 36.07 -17.11 -31.39
C ALA D 20 35.76 -16.84 -29.92
N ASP D 21 34.95 -17.67 -29.28
CA ASP D 21 34.75 -17.56 -27.83
C ASP D 21 34.34 -18.93 -27.34
N CYS D 22 34.98 -19.41 -26.28
CA CYS D 22 34.77 -20.78 -25.82
C CYS D 22 34.39 -20.83 -24.35
N GLY D 23 33.67 -19.84 -23.87
CA GLY D 23 33.37 -19.74 -22.45
C GLY D 23 34.45 -19.06 -21.64
N ASP D 24 35.70 -19.44 -21.85
CA ASP D 24 36.81 -18.83 -21.14
C ASP D 24 37.18 -17.45 -21.67
N GLY D 25 36.57 -17.01 -22.76
CA GLY D 25 36.76 -15.65 -23.24
C GLY D 25 37.93 -15.45 -24.18
N GLN D 26 38.32 -16.47 -24.95
CA GLN D 26 39.43 -16.36 -25.88
C GLN D 26 39.19 -17.34 -27.02
N PHE D 27 39.89 -17.11 -28.13
CA PHE D 27 39.56 -17.79 -29.38
C PHE D 27 40.03 -19.24 -29.34
N CYS D 28 39.48 -20.04 -30.25
CA CYS D 28 39.77 -21.46 -30.30
C CYS D 28 39.83 -21.90 -31.75
N TYR D 29 39.95 -23.20 -31.93
CA TYR D 29 39.85 -23.93 -33.20
C TYR D 29 38.94 -25.13 -33.00
N SER D 30 37.78 -24.87 -32.40
CA SER D 30 36.98 -25.91 -31.76
C SER D 30 36.31 -26.83 -32.78
N PRO D 31 35.99 -28.06 -32.36
CA PRO D 31 35.15 -28.93 -33.20
C PRO D 31 33.75 -28.37 -33.39
N VAL D 32 33.06 -28.07 -32.29
CA VAL D 32 31.77 -27.42 -32.40
C VAL D 32 31.95 -25.98 -32.85
N ALA D 33 31.01 -25.50 -33.65
CA ALA D 33 31.10 -24.16 -34.20
C ALA D 33 29.71 -23.74 -34.65
N ILE D 34 29.17 -22.69 -34.04
CA ILE D 34 27.82 -22.27 -34.37
C ILE D 34 27.89 -21.50 -35.68
N GLU D 35 27.66 -22.19 -36.80
CA GLU D 35 27.67 -21.55 -38.11
C GLU D 35 26.57 -20.51 -38.25
N LYS D 36 25.32 -20.96 -38.25
CA LYS D 36 24.19 -20.04 -38.19
C LYS D 36 23.01 -20.80 -37.59
N ILE D 37 22.18 -20.05 -36.88
CA ILE D 37 20.92 -20.61 -36.38
C ILE D 37 19.80 -19.83 -37.03
N ARG D 38 18.61 -20.41 -36.98
CA ARG D 38 17.48 -19.78 -37.66
C ARG D 38 16.21 -20.17 -36.92
N ASP D 39 15.31 -19.20 -36.80
CA ASP D 39 14.07 -19.36 -36.04
C ASP D 39 12.89 -18.87 -36.87
N GLU D 40 12.04 -19.80 -37.27
CA GLU D 40 10.94 -19.46 -38.16
C GLU D 40 9.66 -20.17 -37.76
N ALA D 41 9.66 -20.87 -36.63
CA ALA D 41 8.44 -21.42 -36.04
C ALA D 41 7.82 -20.36 -35.15
N SER D 42 6.83 -20.74 -34.35
CA SER D 42 6.19 -19.79 -33.44
C SER D 42 6.16 -20.23 -32.00
N ASP D 43 6.41 -21.50 -31.69
CA ASP D 43 6.55 -21.87 -30.28
C ASP D 43 7.97 -21.68 -29.76
N GLY D 44 8.84 -21.02 -30.52
CA GLY D 44 10.19 -20.82 -30.09
C GLY D 44 11.04 -22.06 -30.19
N MET D 45 10.87 -22.83 -31.25
CA MET D 45 11.66 -24.03 -31.46
C MET D 45 12.76 -23.69 -32.45
N ILE D 46 13.91 -23.30 -31.93
CA ILE D 46 15.04 -22.89 -32.77
C ILE D 46 15.71 -24.11 -33.37
N LYS D 47 16.60 -23.88 -34.34
CA LYS D 47 17.30 -24.95 -35.05
C LYS D 47 18.72 -24.49 -35.31
N ILE D 48 19.69 -25.26 -34.83
CA ILE D 48 21.08 -24.86 -34.76
C ILE D 48 21.91 -25.71 -35.72
N GLN D 49 22.77 -25.07 -36.50
CA GLN D 49 23.69 -25.77 -37.40
C GLN D 49 25.09 -25.73 -36.82
N VAL D 50 25.59 -26.88 -36.38
CA VAL D 50 26.91 -27.00 -35.79
C VAL D 50 27.73 -27.93 -36.69
N ALA D 51 29.05 -27.90 -36.53
CA ALA D 51 29.95 -28.60 -37.44
C ALA D 51 30.14 -30.07 -37.10
N ALA D 52 30.08 -30.44 -35.83
CA ALA D 52 30.36 -31.82 -35.44
C ALA D 52 29.14 -32.69 -35.70
N GLN D 53 29.29 -33.68 -36.59
CA GLN D 53 28.19 -34.55 -36.96
C GLN D 53 27.82 -35.46 -35.81
N ILE D 54 26.52 -35.57 -35.53
CA ILE D 54 26.06 -36.37 -34.41
C ILE D 54 25.31 -37.58 -34.96
N GLY D 55 25.22 -38.62 -34.15
CA GLY D 55 24.44 -39.79 -34.51
C GLY D 55 25.04 -40.66 -35.58
N ILE D 56 26.36 -40.67 -35.71
CA ILE D 56 27.02 -41.47 -36.74
C ILE D 56 28.41 -41.87 -36.25
N ASN D 57 28.73 -43.15 -36.38
CA ASN D 57 30.02 -43.65 -35.92
C ASN D 57 31.07 -43.42 -37.00
N LYS D 58 32.30 -43.82 -36.68
CA LYS D 58 33.46 -43.57 -37.55
C LYS D 58 33.34 -44.27 -38.89
N GLY D 59 32.64 -45.41 -38.93
CA GLY D 59 32.46 -46.10 -40.20
C GLY D 59 31.46 -45.41 -41.11
N GLY D 60 30.39 -44.86 -40.54
CA GLY D 60 29.38 -44.21 -41.33
C GLY D 60 28.01 -44.82 -41.12
N THR D 61 27.85 -45.54 -40.02
CA THR D 61 26.61 -46.24 -39.70
C THR D 61 25.83 -45.44 -38.67
N HIS D 62 24.50 -45.50 -38.77
CA HIS D 62 23.65 -44.81 -37.82
C HIS D 62 23.66 -45.49 -36.46
N GLU D 63 24.59 -45.10 -35.59
CA GLU D 63 24.52 -45.43 -34.18
C GLU D 63 24.00 -44.22 -33.42
N HIS D 64 23.10 -44.46 -32.48
CA HIS D 64 22.40 -43.36 -31.83
C HIS D 64 23.31 -42.64 -30.84
N ASN D 65 23.85 -43.37 -29.87
CA ASN D 65 24.55 -42.69 -28.78
C ASN D 65 26.04 -42.46 -29.08
N LYS D 66 26.35 -41.91 -30.24
CA LYS D 66 27.72 -41.69 -30.67
C LYS D 66 27.79 -40.38 -31.45
N ILE D 67 28.88 -39.65 -31.28
CA ILE D 67 29.11 -38.39 -32.00
C ILE D 67 30.55 -38.39 -32.49
N ARG D 68 30.74 -38.30 -33.81
CA ARG D 68 32.06 -38.26 -34.37
C ARG D 68 32.44 -36.82 -34.70
N TYR D 69 33.68 -36.47 -34.41
CA TYR D 69 34.23 -35.14 -34.65
C TYR D 69 35.64 -35.31 -35.23
N ILE D 70 36.37 -34.21 -35.32
CA ILE D 70 37.72 -34.23 -35.86
C ILE D 70 38.65 -33.54 -34.87
N ALA D 71 39.90 -34.01 -34.82
CA ALA D 71 40.90 -33.43 -33.93
C ALA D 71 42.27 -33.64 -34.57
N GLY D 72 42.75 -32.62 -35.28
CA GLY D 72 44.05 -32.70 -35.91
C GLY D 72 44.12 -33.66 -37.07
N HIS D 73 43.25 -33.44 -38.06
CA HIS D 73 43.01 -34.27 -39.26
C HIS D 73 43.00 -35.77 -38.95
N ASP D 74 42.28 -36.11 -37.88
CA ASP D 74 42.11 -37.49 -37.42
C ASP D 74 40.71 -37.63 -36.83
N MET D 75 39.98 -38.65 -37.26
CA MET D 75 38.63 -38.86 -36.76
C MET D 75 38.67 -39.42 -35.34
N LYS D 76 37.74 -38.96 -34.52
CA LYS D 76 37.52 -39.53 -33.20
C LYS D 76 36.02 -39.72 -33.00
N GLU D 77 35.65 -40.27 -31.85
CA GLU D 77 34.25 -40.37 -31.46
C GLU D 77 34.08 -39.88 -30.04
N ALA D 78 32.83 -39.58 -29.69
CA ALA D 78 32.48 -39.17 -28.35
C ALA D 78 31.02 -39.52 -28.13
N ASN D 79 30.56 -39.34 -26.91
CA ASN D 79 29.26 -39.84 -26.50
C ASN D 79 28.18 -38.79 -26.72
N ARG D 80 27.03 -39.25 -27.22
CA ARG D 80 25.85 -38.38 -27.37
C ARG D 80 25.34 -37.87 -26.04
N ASP D 81 25.49 -38.67 -24.99
CA ASP D 81 25.19 -38.20 -23.66
C ASP D 81 26.22 -37.17 -23.25
N SER D 82 25.84 -36.35 -22.26
CA SER D 82 26.57 -35.13 -21.86
C SER D 82 26.80 -34.22 -23.06
N LEU D 83 25.75 -34.01 -23.84
CA LEU D 83 25.65 -32.94 -24.82
C LEU D 83 24.40 -32.14 -24.49
N GLN D 84 24.58 -30.85 -24.21
CA GLN D 84 23.43 -30.01 -23.95
C GLN D 84 23.74 -28.58 -24.37
N VAL D 85 22.67 -27.86 -24.71
CA VAL D 85 22.73 -26.44 -25.00
C VAL D 85 22.01 -25.72 -23.88
N HIS D 86 22.34 -24.44 -23.69
CA HIS D 86 21.63 -23.57 -22.76
C HIS D 86 21.92 -22.11 -23.04
N THR D 87 20.86 -21.30 -23.10
CA THR D 87 20.99 -19.86 -23.29
C THR D 87 21.28 -19.17 -21.96
N SER D 88 20.31 -19.22 -21.06
CA SER D 88 20.49 -18.75 -19.70
C SER D 88 20.01 -19.79 -18.69
N GLY D 89 19.45 -20.90 -19.17
CA GLY D 89 19.07 -22.00 -18.31
C GLY D 89 19.07 -23.25 -19.16
N VAL D 90 19.24 -24.40 -18.49
CA VAL D 90 19.43 -25.66 -19.18
C VAL D 90 18.15 -26.06 -19.87
N CYS D 91 18.25 -26.35 -21.17
CA CYS D 91 17.09 -26.57 -22.01
C CYS D 91 17.19 -27.87 -22.78
N ALA D 92 16.03 -28.46 -23.05
CA ALA D 92 15.94 -29.79 -23.62
C ALA D 92 16.26 -29.77 -25.11
N ILE D 93 16.69 -30.93 -25.60
CA ILE D 93 16.95 -31.14 -27.02
C ILE D 93 15.91 -32.14 -27.52
N ARG D 94 15.14 -31.73 -28.51
CA ARG D 94 14.05 -32.54 -29.02
C ARG D 94 14.39 -32.95 -30.45
N GLY D 95 15.14 -34.03 -30.57
CA GLY D 95 15.42 -34.63 -31.86
C GLY D 95 16.55 -33.93 -32.61
N THR D 96 17.51 -34.71 -33.09
CA THR D 96 18.67 -34.14 -33.75
C THR D 96 19.35 -35.21 -34.61
N MET D 97 19.86 -34.78 -35.77
CA MET D 97 20.63 -35.65 -36.65
C MET D 97 21.60 -34.82 -37.44
N GLY D 98 22.76 -35.42 -37.75
CA GLY D 98 23.76 -34.79 -38.59
C GLY D 98 24.38 -33.53 -38.02
N HIS D 99 24.20 -32.43 -38.72
CA HIS D 99 24.72 -31.13 -38.33
C HIS D 99 23.69 -30.27 -37.60
N PHE D 100 22.54 -30.83 -37.23
CA PHE D 100 21.39 -30.01 -36.89
C PHE D 100 20.79 -30.42 -35.56
N ILE D 101 20.59 -29.44 -34.68
CA ILE D 101 20.07 -29.65 -33.34
C ILE D 101 18.81 -28.80 -33.20
N VAL D 102 17.79 -29.36 -32.57
CA VAL D 102 16.48 -28.72 -32.45
C VAL D 102 16.19 -28.56 -30.96
N ALA D 103 16.27 -27.33 -30.46
CA ALA D 103 16.22 -27.05 -29.03
C ALA D 103 14.92 -26.34 -28.67
N TYR D 104 14.78 -26.03 -27.37
CA TYR D 104 13.55 -25.48 -26.81
C TYR D 104 13.88 -24.42 -25.74
N CYS D 105 14.73 -23.44 -26.08
CA CYS D 105 15.41 -22.84 -24.94
C CYS D 105 14.72 -21.59 -24.39
N PRO D 106 14.85 -21.33 -23.08
CA PRO D 106 14.22 -20.14 -22.47
C PRO D 106 14.90 -18.86 -22.93
N PRO D 107 14.27 -17.69 -22.72
CA PRO D 107 14.86 -16.45 -23.24
C PRO D 107 16.14 -16.04 -22.54
N GLY D 108 17.09 -15.63 -23.36
CA GLY D 108 18.35 -15.10 -22.87
C GLY D 108 18.98 -14.28 -23.97
N ASP D 109 20.27 -14.03 -23.84
CA ASP D 109 20.97 -13.26 -24.89
C ASP D 109 22.34 -13.84 -25.17
N GLU D 110 22.45 -15.17 -25.14
CA GLU D 110 23.63 -15.89 -25.61
C GLU D 110 23.20 -17.32 -25.89
N LEU D 111 24.12 -18.13 -26.41
CA LEU D 111 23.79 -19.50 -26.83
C LEU D 111 25.07 -20.29 -26.95
N LYS D 112 25.18 -21.40 -26.22
CA LYS D 112 26.38 -22.23 -26.27
C LYS D 112 26.04 -23.71 -26.38
N VAL D 113 26.98 -24.47 -26.94
CA VAL D 113 26.91 -25.93 -27.01
C VAL D 113 28.16 -26.46 -26.33
N GLN D 114 28.10 -27.73 -25.92
CA GLN D 114 29.24 -28.41 -25.30
C GLN D 114 29.00 -29.91 -25.31
N PHE D 115 30.08 -30.67 -25.43
CA PHE D 115 30.01 -32.11 -25.30
C PHE D 115 31.32 -32.61 -24.72
N GLN D 116 31.24 -33.71 -23.98
CA GLN D 116 32.38 -34.27 -23.29
C GLN D 116 33.33 -34.92 -24.29
N ASP D 117 34.62 -34.70 -24.10
CA ASP D 117 35.58 -35.18 -25.08
C ASP D 117 35.95 -36.64 -24.77
N ALA D 118 36.60 -37.28 -25.74
CA ALA D 118 37.12 -38.63 -25.55
C ALA D 118 38.26 -38.69 -24.54
N GLU D 119 38.90 -37.56 -24.25
CA GLU D 119 39.85 -37.44 -23.16
C GLU D 119 39.26 -36.71 -21.97
N SER D 120 37.93 -36.53 -21.96
CA SER D 120 37.17 -35.81 -20.94
C SER D 120 37.69 -34.38 -20.76
N HIS D 121 37.55 -33.58 -21.82
CA HIS D 121 37.90 -32.17 -21.83
C HIS D 121 36.75 -31.41 -22.49
N THR D 122 35.89 -30.79 -21.68
CA THR D 122 34.71 -30.11 -22.19
C THR D 122 35.11 -28.92 -23.05
N GLN D 123 34.72 -28.97 -24.31
CA GLN D 123 35.06 -27.93 -25.27
C GLN D 123 33.76 -27.41 -25.88
N ALA D 124 33.70 -26.10 -26.09
CA ALA D 124 32.43 -25.41 -26.24
C ALA D 124 32.52 -24.35 -27.31
N CYS D 125 31.38 -23.70 -27.57
CA CYS D 125 31.33 -22.60 -28.54
C CYS D 125 30.10 -21.77 -28.23
N LYS D 126 30.29 -20.50 -27.86
CA LYS D 126 29.18 -19.61 -27.59
C LYS D 126 29.22 -18.41 -28.52
N VAL D 127 28.04 -17.85 -28.76
CA VAL D 127 27.89 -16.73 -29.69
C VAL D 127 26.66 -15.94 -29.27
N GLN D 128 26.70 -14.63 -29.52
CA GLN D 128 25.66 -13.74 -29.01
C GLN D 128 24.40 -13.86 -29.86
N TYR D 129 23.33 -14.36 -29.25
CA TYR D 129 22.06 -14.50 -29.94
C TYR D 129 20.94 -14.03 -29.04
N LYS D 130 20.10 -13.13 -29.53
CA LYS D 130 19.00 -12.58 -28.73
C LYS D 130 17.74 -13.39 -28.99
N HIS D 131 17.45 -14.33 -28.10
CA HIS D 131 16.30 -15.21 -28.21
C HIS D 131 15.19 -14.71 -27.30
N ALA D 132 14.08 -14.31 -27.90
CA ALA D 132 12.92 -13.86 -27.14
C ALA D 132 11.67 -14.02 -27.99
N PRO D 133 11.01 -15.16 -27.94
CA PRO D 133 9.79 -15.34 -28.72
C PRO D 133 8.63 -14.59 -28.09
N ALA D 134 7.63 -14.32 -28.91
CA ALA D 134 6.42 -13.68 -28.40
C ALA D 134 5.52 -14.72 -27.76
N PRO D 135 5.27 -14.64 -26.45
CA PRO D 135 4.43 -15.66 -25.80
C PRO D 135 2.99 -15.53 -26.26
N VAL D 136 2.38 -16.68 -26.54
CA VAL D 136 1.06 -16.69 -27.16
C VAL D 136 0.01 -16.20 -26.18
N GLY D 137 -1.06 -15.65 -26.70
CA GLY D 137 -2.12 -15.15 -25.86
C GLY D 137 -1.85 -13.74 -25.38
N ARG D 138 -2.51 -13.41 -24.28
CA ARG D 138 -2.55 -12.05 -23.78
C ARG D 138 -2.09 -11.92 -22.35
N GLU D 139 -1.53 -12.98 -21.76
CA GLU D 139 -0.91 -12.94 -20.44
C GLU D 139 0.60 -13.03 -20.56
N LYS D 140 1.28 -12.94 -19.42
CA LYS D 140 2.71 -13.16 -19.34
C LYS D 140 2.93 -14.30 -18.35
N PHE D 141 2.84 -15.53 -18.84
CA PHE D 141 3.01 -16.69 -17.98
C PHE D 141 4.36 -17.35 -18.23
N THR D 142 4.69 -18.30 -17.38
CA THR D 142 5.99 -18.98 -17.43
C THR D 142 5.87 -20.50 -17.49
N VAL D 143 4.89 -21.10 -16.82
CA VAL D 143 4.72 -22.54 -16.83
C VAL D 143 3.36 -22.85 -17.42
N ARG D 144 3.15 -24.11 -17.79
CA ARG D 144 1.83 -24.54 -18.20
C ARG D 144 0.93 -24.68 -16.99
N PRO D 145 -0.28 -24.17 -17.04
CA PRO D 145 -1.28 -24.49 -16.03
C PRO D 145 -2.00 -25.78 -16.41
N HIS D 146 -2.70 -26.34 -15.44
CA HIS D 146 -3.45 -27.57 -15.66
C HIS D 146 -4.88 -27.29 -16.10
N PHE D 147 -5.19 -26.05 -16.46
CA PHE D 147 -6.56 -25.65 -16.77
C PHE D 147 -6.52 -24.39 -17.62
N GLY D 148 -7.05 -24.48 -18.84
CA GLY D 148 -7.03 -23.33 -19.72
C GLY D 148 -7.74 -23.57 -21.03
N ILE D 149 -7.22 -22.97 -22.10
CA ILE D 149 -7.79 -23.06 -23.44
C ILE D 149 -6.64 -23.24 -24.43
N GLU D 150 -6.97 -23.32 -25.72
CA GLU D 150 -6.01 -23.67 -26.76
C GLU D 150 -5.79 -22.49 -27.69
N VAL D 151 -4.53 -22.13 -27.91
CA VAL D 151 -4.13 -21.02 -28.77
C VAL D 151 -3.07 -21.53 -29.75
N PRO D 152 -3.19 -21.25 -31.04
CA PRO D 152 -2.30 -21.88 -32.03
C PRO D 152 -0.96 -21.17 -32.20
N CYS D 153 0.05 -21.98 -32.53
CA CYS D 153 1.40 -21.53 -32.87
C CYS D 153 2.16 -22.68 -33.53
N THR D 154 2.95 -22.37 -34.56
CA THR D 154 3.56 -23.44 -35.35
C THR D 154 4.81 -24.00 -34.67
N THR D 155 5.43 -24.96 -35.34
CA THR D 155 6.60 -25.70 -34.87
C THR D 155 7.21 -26.44 -36.06
N TYR D 156 8.18 -27.29 -35.79
CA TYR D 156 8.80 -28.12 -36.81
C TYR D 156 8.29 -29.55 -36.71
N GLN D 157 8.65 -30.36 -37.71
CA GLN D 157 8.44 -31.79 -37.59
C GLN D 157 9.55 -32.42 -36.75
N LEU D 158 9.49 -33.74 -36.64
CA LEU D 158 10.58 -34.53 -36.08
C LEU D 158 11.05 -35.60 -37.07
N THR D 159 10.55 -35.55 -38.30
CA THR D 159 10.95 -36.50 -39.33
C THR D 159 12.29 -36.12 -39.92
N THR D 160 12.95 -37.12 -40.50
CA THR D 160 14.26 -36.93 -41.12
C THR D 160 14.23 -37.30 -42.60
N ALA D 161 13.08 -37.15 -43.25
CA ALA D 161 13.00 -37.39 -44.68
C ALA D 161 13.66 -36.23 -45.42
N PRO D 162 14.23 -36.48 -46.61
CA PRO D 162 14.89 -35.39 -47.35
C PRO D 162 13.88 -34.44 -47.99
N THR D 163 13.94 -33.15 -47.60
CA THR D 163 12.92 -32.17 -47.95
C THR D 163 13.52 -30.90 -48.54
N GLU D 164 13.82 -30.91 -49.85
CA GLU D 164 13.75 -29.75 -50.72
C GLU D 164 14.66 -28.56 -50.44
N GLU D 165 15.43 -28.56 -49.36
CA GLU D 165 16.42 -27.53 -49.12
C GLU D 165 17.72 -28.17 -48.67
N GLU D 166 18.83 -27.55 -49.03
CA GLU D 166 20.09 -28.24 -48.84
C GLU D 166 21.20 -27.23 -48.60
N ILE D 167 22.33 -27.75 -48.15
CA ILE D 167 23.58 -27.02 -48.03
C ILE D 167 24.61 -27.72 -48.90
N ASP D 168 25.51 -26.94 -49.48
CA ASP D 168 26.49 -27.48 -50.40
C ASP D 168 27.75 -27.93 -49.68
N MET D 169 28.45 -28.89 -50.27
CA MET D 169 29.71 -29.36 -49.73
C MET D 169 30.66 -29.69 -50.87
N HIS D 170 31.95 -29.55 -50.60
CA HIS D 170 33.00 -29.51 -51.61
C HIS D 170 34.19 -30.33 -51.12
N THR D 171 35.18 -30.51 -51.98
CA THR D 171 36.43 -31.12 -51.57
C THR D 171 37.17 -30.17 -50.63
N PRO D 172 37.66 -30.66 -49.49
CA PRO D 172 38.33 -29.78 -48.52
C PRO D 172 39.67 -29.32 -49.05
N PRO D 173 40.04 -28.07 -48.79
CA PRO D 173 41.20 -27.46 -49.47
C PRO D 173 42.57 -28.06 -49.15
N ASP D 174 42.97 -28.04 -47.89
CA ASP D 174 44.35 -28.28 -47.49
C ASP D 174 44.42 -28.28 -45.97
N ILE D 175 45.41 -28.96 -45.43
CA ILE D 175 45.78 -28.76 -44.03
C ILE D 175 47.29 -28.59 -43.98
N PRO D 176 47.79 -27.39 -43.69
CA PRO D 176 49.23 -27.22 -43.45
C PRO D 176 49.59 -27.64 -42.04
N ASP D 177 50.78 -28.22 -41.89
CA ASP D 177 51.21 -28.74 -40.60
C ASP D 177 52.73 -28.75 -40.58
N ILE D 178 53.31 -28.13 -39.56
CA ILE D 178 54.75 -28.06 -39.40
C ILE D 178 55.27 -29.21 -38.54
N THR D 179 54.41 -30.18 -38.21
CA THR D 179 54.84 -31.39 -37.54
C THR D 179 55.61 -32.30 -38.49
N LEU D 180 55.30 -32.26 -39.78
CA LEU D 180 55.79 -33.23 -40.73
C LEU D 180 57.23 -32.97 -41.18
N LEU D 181 57.83 -31.86 -40.76
CA LEU D 181 59.23 -31.58 -41.05
C LEU D 181 60.10 -31.88 -39.84
N SER D 182 61.37 -32.16 -40.10
CA SER D 182 62.36 -32.45 -39.06
C SER D 182 63.74 -32.27 -39.64
N GLN D 183 64.64 -31.67 -38.86
CA GLN D 183 65.99 -31.35 -39.30
C GLN D 183 66.99 -32.06 -38.40
N GLN D 184 67.54 -33.18 -38.87
CA GLN D 184 68.51 -33.92 -38.08
C GLN D 184 69.91 -33.31 -38.19
N SER D 185 70.50 -33.36 -39.39
CA SER D 185 71.81 -32.75 -39.62
C SER D 185 71.90 -32.41 -41.11
N GLY D 186 71.57 -31.17 -41.46
CA GLY D 186 71.61 -30.74 -42.85
C GLY D 186 70.65 -31.47 -43.75
N ASN D 187 69.54 -31.97 -43.22
CA ASN D 187 68.61 -32.78 -44.00
C ASN D 187 67.19 -32.64 -43.46
N VAL D 188 66.27 -32.23 -44.32
CA VAL D 188 64.87 -32.26 -43.96
C VAL D 188 64.30 -33.63 -44.30
N LYS D 189 63.39 -34.10 -43.48
CA LYS D 189 62.88 -35.48 -43.58
C LYS D 189 61.36 -35.42 -43.51
N ILE D 190 60.72 -35.40 -44.69
CA ILE D 190 59.28 -35.30 -44.79
C ILE D 190 58.70 -36.69 -44.53
N THR D 191 58.24 -36.93 -43.31
CA THR D 191 57.54 -38.19 -43.03
C THR D 191 56.17 -38.14 -43.68
N ALA D 192 55.70 -39.29 -44.14
CA ALA D 192 54.42 -39.35 -44.85
C ALA D 192 53.28 -39.70 -43.91
N GLY D 193 53.35 -40.86 -43.26
CA GLY D 193 52.30 -41.32 -42.39
C GLY D 193 51.12 -41.98 -43.09
N GLY D 194 51.05 -41.90 -44.41
CA GLY D 194 49.97 -42.51 -45.14
C GLY D 194 49.10 -41.51 -45.89
N LYS D 195 49.60 -40.29 -46.02
CA LYS D 195 48.87 -39.21 -46.67
C LYS D 195 49.77 -38.49 -47.67
N THR D 196 49.18 -38.09 -48.79
CA THR D 196 49.92 -37.32 -49.80
C THR D 196 50.23 -35.93 -49.26
N ILE D 197 51.51 -35.57 -49.24
CA ILE D 197 51.98 -34.35 -48.62
C ILE D 197 52.73 -33.51 -49.65
N ARG D 198 52.32 -32.26 -49.80
CA ARG D 198 52.89 -31.33 -50.76
C ARG D 198 53.95 -30.47 -50.08
N TYR D 199 55.02 -30.16 -50.82
CA TYR D 199 56.03 -29.23 -50.33
C TYR D 199 56.26 -28.12 -51.35
N ASN D 200 57.04 -27.13 -50.92
CA ASN D 200 57.33 -25.91 -51.67
C ASN D 200 58.79 -25.52 -51.41
N CYS D 201 59.67 -26.52 -51.36
CA CYS D 201 61.07 -26.29 -50.99
C CYS D 201 61.80 -25.54 -52.11
N THR D 202 62.51 -24.48 -51.74
CA THR D 202 63.15 -23.60 -52.73
C THR D 202 64.64 -23.44 -52.48
N CYS D 203 65.35 -24.55 -52.24
CA CYS D 203 66.80 -24.42 -52.07
C CYS D 203 67.49 -24.37 -53.43
N GLY D 204 67.47 -25.48 -54.16
CA GLY D 204 67.87 -25.48 -55.55
C GLY D 204 67.10 -26.51 -56.35
N SER D 205 66.19 -27.21 -55.69
CA SER D 205 65.60 -28.43 -56.21
C SER D 205 64.18 -28.17 -56.72
N GLY D 206 63.48 -29.24 -57.05
CA GLY D 206 62.08 -29.12 -57.41
C GLY D 206 61.23 -28.79 -56.20
N ASN D 207 60.16 -28.04 -56.44
CA ASN D 207 59.26 -27.59 -55.40
C ASN D 207 57.87 -28.21 -55.53
N VAL D 208 57.74 -29.32 -56.23
CA VAL D 208 56.48 -30.03 -56.36
C VAL D 208 56.74 -31.50 -56.12
N GLY D 209 56.12 -32.05 -55.08
CA GLY D 209 56.11 -33.50 -54.93
C GLY D 209 54.91 -33.97 -54.16
N THR D 210 54.16 -34.88 -54.76
CA THR D 210 53.01 -35.50 -54.12
C THR D 210 53.44 -36.84 -53.51
N THR D 211 54.46 -36.75 -52.66
CA THR D 211 55.20 -37.92 -52.20
C THR D 211 54.39 -38.66 -51.15
N SER D 212 53.84 -39.81 -51.51
CA SER D 212 53.09 -40.62 -50.56
C SER D 212 53.99 -41.41 -49.61
N SER D 213 55.30 -41.34 -49.79
CA SER D 213 56.26 -42.00 -48.91
C SER D 213 57.24 -40.98 -48.35
N ASP D 214 58.15 -41.45 -47.49
CA ASP D 214 59.15 -40.59 -46.90
C ASP D 214 60.16 -40.15 -47.95
N LYS D 215 60.64 -38.92 -47.82
CA LYS D 215 61.57 -38.37 -48.79
C LYS D 215 62.42 -37.30 -48.13
N THR D 216 63.72 -37.36 -48.38
CA THR D 216 64.67 -36.38 -47.86
C THR D 216 65.28 -35.58 -49.00
N ILE D 217 65.90 -34.46 -48.65
CA ILE D 217 66.50 -33.57 -49.64
C ILE D 217 68.01 -33.51 -49.39
N ASN D 218 68.40 -33.64 -48.11
CA ASN D 218 69.78 -33.54 -47.62
C ASN D 218 70.46 -32.22 -47.96
N SER D 219 69.69 -31.17 -48.25
CA SER D 219 70.28 -29.88 -48.57
C SER D 219 69.55 -28.67 -47.98
N CYS D 220 68.35 -28.84 -47.43
CA CYS D 220 67.56 -27.72 -46.97
C CYS D 220 67.48 -27.67 -45.44
N LYS D 221 67.05 -26.53 -44.94
CA LYS D 221 66.75 -26.35 -43.53
C LYS D 221 65.24 -26.37 -43.33
N ILE D 222 64.82 -26.35 -42.07
CA ILE D 222 63.40 -26.48 -41.74
C ILE D 222 62.65 -25.16 -41.96
N ALA D 223 63.37 -24.05 -42.10
CA ALA D 223 62.75 -22.76 -42.41
C ALA D 223 62.68 -22.51 -43.92
N GLN D 224 62.67 -23.57 -44.71
CA GLN D 224 62.56 -23.45 -46.16
C GLN D 224 61.59 -24.46 -46.77
N CYS D 225 61.24 -25.52 -46.05
CA CYS D 225 60.30 -26.53 -46.54
C CYS D 225 59.02 -26.51 -45.72
N HIS D 226 57.90 -26.73 -46.40
CA HIS D 226 56.58 -26.49 -45.82
C HIS D 226 55.63 -27.60 -46.26
N ALA D 227 55.08 -28.34 -45.30
CA ALA D 227 54.25 -29.50 -45.61
C ALA D 227 52.78 -29.13 -45.63
N ALA D 228 52.02 -29.86 -46.46
CA ALA D 228 50.59 -29.59 -46.63
C ALA D 228 49.91 -30.86 -47.13
N VAL D 229 48.98 -31.38 -46.35
CA VAL D 229 48.21 -32.57 -46.73
C VAL D 229 47.17 -32.17 -47.77
N THR D 230 47.02 -32.98 -48.80
CA THR D 230 46.13 -32.64 -49.91
C THR D 230 45.32 -33.88 -50.30
N ASN D 231 44.66 -33.76 -51.47
CA ASN D 231 43.84 -34.73 -52.22
C ASN D 231 43.00 -35.68 -51.37
N HIS D 232 42.11 -35.12 -50.56
CA HIS D 232 41.20 -35.89 -49.73
C HIS D 232 40.13 -36.60 -50.56
N ASP D 233 39.24 -37.29 -49.87
CA ASP D 233 38.20 -38.05 -50.55
C ASP D 233 36.81 -37.74 -49.99
N LYS D 234 36.76 -37.28 -48.75
CA LYS D 234 35.50 -36.99 -48.08
C LYS D 234 35.18 -35.50 -48.14
N TRP D 235 33.94 -35.20 -48.49
CA TRP D 235 33.50 -33.81 -48.64
C TRP D 235 33.20 -33.20 -47.28
N GLN D 236 33.14 -31.86 -47.26
CA GLN D 236 32.79 -31.15 -46.05
C GLN D 236 32.09 -29.86 -46.43
N TYR D 237 31.34 -29.31 -45.47
CA TYR D 237 30.54 -28.12 -45.67
C TYR D 237 31.41 -26.91 -46.03
N THR D 238 30.94 -26.14 -47.00
CA THR D 238 31.66 -24.97 -47.48
C THR D 238 31.44 -23.82 -46.51
N SER D 239 32.15 -23.89 -45.38
CA SER D 239 32.00 -22.90 -44.33
C SER D 239 32.61 -21.57 -44.74
N SER D 240 32.20 -20.51 -44.06
CA SER D 240 32.76 -19.19 -44.29
C SER D 240 34.00 -18.94 -43.44
N PHE D 241 34.38 -19.88 -42.59
CA PHE D 241 35.60 -19.79 -41.82
C PHE D 241 36.68 -20.74 -42.33
N VAL D 242 36.38 -21.51 -43.37
CA VAL D 242 37.34 -22.43 -43.99
C VAL D 242 37.47 -22.01 -45.46
N PRO D 243 38.70 -21.83 -45.96
CA PRO D 243 38.86 -21.28 -47.31
C PRO D 243 38.41 -22.23 -48.40
N ARG D 244 38.01 -21.64 -49.52
CA ARG D 244 37.54 -22.41 -50.65
C ARG D 244 38.71 -23.16 -51.29
N ALA D 245 38.44 -24.36 -51.79
CA ALA D 245 39.51 -25.16 -52.39
C ALA D 245 39.92 -24.59 -53.73
N ASP D 246 38.98 -24.46 -54.65
CA ASP D 246 39.23 -23.81 -55.93
C ASP D 246 37.94 -23.14 -56.39
N GLN D 247 38.01 -22.46 -57.52
CA GLN D 247 36.93 -21.58 -57.96
C GLN D 247 35.96 -22.30 -58.91
N LEU D 248 35.78 -23.61 -58.74
CA LEU D 248 34.86 -24.38 -59.55
C LEU D 248 33.48 -24.39 -58.90
N SER D 249 32.60 -25.27 -59.36
CA SER D 249 31.20 -25.26 -58.95
C SER D 249 30.99 -26.17 -57.73
N ARG D 250 29.71 -26.39 -57.39
CA ARG D 250 29.33 -27.29 -56.32
C ARG D 250 29.69 -28.73 -56.67
N LYS D 251 29.77 -29.56 -55.64
CA LYS D 251 30.03 -30.98 -55.86
C LYS D 251 29.14 -31.90 -55.04
N GLY D 252 28.59 -31.46 -53.90
CA GLY D 252 27.80 -32.32 -53.04
C GLY D 252 26.54 -31.63 -52.58
N LYS D 253 25.77 -32.35 -51.77
CA LYS D 253 24.43 -31.95 -51.35
C LYS D 253 23.96 -32.80 -50.18
N VAL D 254 23.44 -32.17 -49.13
CA VAL D 254 22.77 -32.87 -48.04
C VAL D 254 21.57 -32.05 -47.61
N HIS D 255 20.43 -32.72 -47.43
CA HIS D 255 19.21 -32.02 -47.08
C HIS D 255 19.25 -31.54 -45.64
N VAL D 256 18.65 -30.39 -45.39
CA VAL D 256 18.43 -29.89 -44.04
C VAL D 256 17.10 -30.45 -43.54
N PRO D 257 17.07 -31.13 -42.40
CA PRO D 257 15.84 -31.80 -41.99
C PRO D 257 14.85 -30.90 -41.26
N PHE D 258 13.80 -31.53 -40.73
CA PHE D 258 12.75 -30.95 -39.89
C PHE D 258 11.94 -29.85 -40.57
N PRO D 259 11.03 -30.19 -41.50
CA PRO D 259 10.13 -29.17 -42.06
C PRO D 259 9.05 -28.71 -41.10
N LEU D 260 8.17 -27.80 -41.52
CA LEU D 260 7.34 -26.99 -40.63
C LEU D 260 5.96 -27.62 -40.40
N THR D 261 5.40 -27.36 -39.21
CA THR D 261 4.07 -27.81 -38.80
C THR D 261 3.39 -26.81 -37.87
N ASN D 262 2.12 -26.52 -38.14
CA ASN D 262 1.29 -25.77 -37.19
C ASN D 262 1.00 -26.63 -35.97
N SER D 263 0.73 -25.99 -34.84
CA SER D 263 0.37 -26.69 -33.61
C SER D 263 -0.44 -25.75 -32.73
N THR D 264 -0.76 -26.20 -31.52
CA THR D 264 -1.46 -25.40 -30.52
C THR D 264 -0.68 -25.39 -29.21
N CYS D 265 -1.17 -24.61 -28.26
CA CYS D 265 -0.57 -24.52 -26.94
C CYS D 265 -1.65 -24.20 -25.92
N ARG D 266 -1.36 -24.51 -24.66
CA ARG D 266 -2.29 -24.20 -23.57
C ARG D 266 -1.88 -22.89 -22.93
N VAL D 267 -2.87 -22.04 -22.66
CA VAL D 267 -2.62 -20.71 -22.11
C VAL D 267 -3.49 -20.57 -20.85
N PRO D 268 -3.01 -19.95 -19.79
CA PRO D 268 -3.86 -19.74 -18.62
C PRO D 268 -4.92 -18.69 -18.88
N VAL D 269 -5.98 -18.74 -18.09
CA VAL D 269 -7.03 -17.75 -18.14
C VAL D 269 -6.97 -16.94 -16.85
N ALA D 270 -7.33 -15.66 -16.96
CA ALA D 270 -7.39 -14.81 -15.79
C ALA D 270 -8.76 -14.95 -15.14
N ARG D 271 -8.79 -14.75 -13.83
CA ARG D 271 -10.03 -14.93 -13.07
C ARG D 271 -11.00 -13.78 -13.36
N ALA D 272 -12.27 -14.03 -13.05
CA ALA D 272 -13.31 -13.11 -13.45
C ALA D 272 -13.26 -11.85 -12.60
N PRO D 273 -13.48 -10.68 -13.18
CA PRO D 273 -13.42 -9.43 -12.43
C PRO D 273 -14.65 -9.22 -11.57
N GLY D 274 -14.50 -8.33 -10.59
CA GLY D 274 -15.61 -7.94 -9.75
C GLY D 274 -16.13 -6.59 -10.19
N VAL D 275 -17.44 -6.52 -10.39
CA VAL D 275 -18.06 -5.35 -11.01
C VAL D 275 -18.91 -4.62 -9.97
N THR D 276 -19.26 -3.38 -10.31
CA THR D 276 -20.13 -2.54 -9.50
C THR D 276 -20.80 -1.53 -10.42
N TYR D 277 -22.12 -1.59 -10.49
CA TYR D 277 -22.90 -0.79 -11.43
C TYR D 277 -23.25 0.55 -10.78
N GLY D 278 -24.22 1.27 -11.36
CA GLY D 278 -24.93 2.27 -10.59
C GLY D 278 -25.36 3.58 -11.24
N LYS D 279 -24.57 4.15 -12.14
CA LYS D 279 -25.05 5.27 -12.96
C LYS D 279 -24.19 5.38 -14.21
N ARG D 280 -24.67 4.79 -15.31
CA ARG D 280 -24.09 4.94 -16.66
C ARG D 280 -22.61 4.60 -16.73
N GLU D 281 -22.15 3.70 -15.87
CA GLU D 281 -20.75 3.34 -15.78
C GLU D 281 -20.65 2.00 -15.07
N LEU D 282 -19.42 1.53 -14.90
CA LEU D 282 -19.16 0.38 -14.04
C LEU D 282 -17.79 0.54 -13.44
N THR D 283 -17.67 0.23 -12.15
CA THR D 283 -16.40 0.28 -11.45
C THR D 283 -15.92 -1.15 -11.28
N VAL D 284 -14.85 -1.49 -11.98
CA VAL D 284 -14.36 -2.86 -12.04
C VAL D 284 -13.15 -2.98 -11.11
N LYS D 285 -13.05 -4.10 -10.41
CA LYS D 285 -11.95 -4.37 -9.50
C LYS D 285 -11.18 -5.57 -10.03
N LEU D 286 -9.87 -5.41 -10.19
CA LEU D 286 -9.05 -6.37 -10.91
C LEU D 286 -8.05 -7.04 -9.96
N HIS D 287 -7.92 -8.35 -10.10
CA HIS D 287 -6.99 -9.15 -9.30
C HIS D 287 -6.05 -9.94 -10.21
N PRO D 288 -4.98 -9.34 -10.69
CA PRO D 288 -4.00 -10.10 -11.46
C PRO D 288 -2.87 -10.60 -10.58
N ASP D 289 -2.16 -11.60 -11.09
CA ASP D 289 -0.93 -12.09 -10.48
C ASP D 289 0.26 -11.95 -11.41
N HIS D 290 0.11 -12.34 -12.66
CA HIS D 290 0.99 -12.07 -13.77
C HIS D 290 0.31 -11.10 -14.72
N PRO D 291 1.05 -10.13 -15.29
CA PRO D 291 0.41 -8.96 -15.92
C PRO D 291 -0.45 -9.25 -17.14
N THR D 292 -1.75 -9.05 -16.99
CA THR D 292 -2.72 -9.23 -18.06
C THR D 292 -2.94 -7.90 -18.77
N LEU D 293 -3.99 -7.82 -19.60
CA LEU D 293 -4.13 -6.72 -20.55
C LEU D 293 -5.61 -6.39 -20.72
N LEU D 294 -6.04 -5.27 -20.13
CA LEU D 294 -7.41 -4.81 -20.20
C LEU D 294 -7.60 -3.90 -21.39
N THR D 295 -8.69 -4.10 -22.14
CA THR D 295 -9.01 -3.20 -23.24
C THR D 295 -10.51 -3.15 -23.45
N TYR D 296 -10.98 -2.05 -24.02
CA TYR D 296 -12.39 -1.89 -24.35
C TYR D 296 -12.52 -0.84 -25.44
N ARG D 297 -13.72 -0.77 -26.02
CA ARG D 297 -14.05 0.29 -26.97
C ARG D 297 -15.56 0.50 -26.94
N SER D 298 -15.99 1.63 -27.51
CA SER D 298 -17.39 1.95 -27.57
C SER D 298 -18.07 1.20 -28.73
N LEU D 299 -19.37 1.42 -28.87
CA LEU D 299 -20.17 0.77 -29.90
C LEU D 299 -20.77 1.75 -30.89
N GLY D 300 -20.67 3.05 -30.62
CA GLY D 300 -21.26 4.06 -31.46
C GLY D 300 -20.43 4.35 -32.69
N ALA D 301 -20.65 5.55 -33.25
CA ALA D 301 -19.91 5.93 -34.45
C ALA D 301 -18.50 6.38 -34.12
N ASP D 302 -18.22 6.66 -32.85
CA ASP D 302 -16.91 7.14 -32.42
C ASP D 302 -16.43 6.34 -31.24
N PRO D 303 -15.67 5.27 -31.45
CA PRO D 303 -15.12 4.50 -30.33
C PRO D 303 -13.97 5.24 -29.68
N ARG D 304 -13.79 4.97 -28.39
CA ARG D 304 -12.73 5.57 -27.59
C ARG D 304 -11.90 4.41 -27.04
N PRO D 305 -10.99 3.86 -27.84
CA PRO D 305 -10.27 2.66 -27.40
C PRO D 305 -9.25 2.99 -26.33
N TYR D 306 -8.94 1.98 -25.53
CA TYR D 306 -8.07 2.14 -24.38
C TYR D 306 -7.40 0.82 -24.10
N GLU D 307 -6.14 0.86 -23.65
CA GLU D 307 -5.44 -0.36 -23.29
C GLU D 307 -4.37 -0.05 -22.26
N GLU D 308 -4.05 -1.06 -21.44
CA GLU D 308 -3.15 -0.91 -20.30
C GLU D 308 -2.81 -2.30 -19.78
N TRP D 309 -1.54 -2.51 -19.40
CA TRP D 309 -1.12 -3.74 -18.75
C TRP D 309 -1.27 -3.58 -17.24
N ILE D 310 -2.20 -4.33 -16.66
CA ILE D 310 -2.49 -4.24 -15.24
C ILE D 310 -1.58 -5.20 -14.50
N ASP D 311 -1.02 -4.77 -13.37
CA ASP D 311 -0.03 -5.56 -12.63
C ASP D 311 -0.50 -5.94 -11.24
N ARG D 312 -1.03 -5.01 -10.47
CA ARG D 312 -1.44 -5.26 -9.10
C ARG D 312 -2.92 -4.91 -8.93
N TYR D 313 -3.40 -4.98 -7.70
CA TYR D 313 -4.79 -4.67 -7.39
C TYR D 313 -5.05 -3.17 -7.57
N VAL D 314 -5.73 -2.81 -8.65
CA VAL D 314 -6.17 -1.46 -8.90
C VAL D 314 -7.66 -1.51 -9.19
N GLU D 315 -8.22 -0.35 -9.54
CA GLU D 315 -9.60 -0.30 -9.97
C GLU D 315 -9.74 0.77 -11.04
N ARG D 316 -10.64 0.52 -11.99
CA ARG D 316 -10.92 1.49 -13.04
C ARG D 316 -12.43 1.70 -13.15
N THR D 317 -12.78 2.75 -13.87
CA THR D 317 -14.17 3.12 -14.11
C THR D 317 -14.35 3.35 -15.61
N ILE D 318 -15.27 2.61 -16.21
CA ILE D 318 -15.52 2.70 -17.65
C ILE D 318 -16.89 3.34 -17.84
N PRO D 319 -16.97 4.53 -18.45
CA PRO D 319 -18.28 5.15 -18.69
C PRO D 319 -19.03 4.43 -19.80
N VAL D 320 -20.30 4.18 -19.57
CA VAL D 320 -21.15 3.43 -20.48
C VAL D 320 -22.22 4.36 -21.01
N THR D 321 -22.18 4.62 -22.31
CA THR D 321 -23.14 5.49 -22.97
C THR D 321 -24.33 4.62 -23.36
N GLU D 322 -25.32 5.18 -24.06
CA GLU D 322 -26.49 4.41 -24.45
C GLU D 322 -26.16 3.38 -25.52
N GLU D 323 -25.18 3.66 -26.38
CA GLU D 323 -24.80 2.67 -27.40
C GLU D 323 -24.14 1.46 -26.76
N GLY D 324 -23.26 1.67 -25.80
CA GLY D 324 -22.71 0.58 -25.02
C GLY D 324 -21.20 0.45 -25.21
N ILE D 325 -20.66 -0.60 -24.58
CA ILE D 325 -19.25 -0.94 -24.67
C ILE D 325 -19.12 -2.45 -24.87
N GLU D 326 -17.88 -2.87 -25.10
CA GLU D 326 -17.49 -4.25 -24.86
C GLU D 326 -16.05 -4.23 -24.39
N TYR D 327 -15.71 -5.14 -23.48
CA TYR D 327 -14.36 -5.25 -22.98
C TYR D 327 -13.96 -6.71 -22.92
N ARG D 328 -12.66 -6.94 -22.86
CA ARG D 328 -12.09 -8.27 -22.72
C ARG D 328 -10.69 -8.13 -22.17
N TRP D 329 -10.29 -9.08 -21.34
CA TRP D 329 -8.98 -9.01 -20.72
C TRP D 329 -8.57 -10.41 -20.32
N GLY D 330 -7.28 -10.68 -20.38
CA GLY D 330 -6.83 -12.03 -20.19
C GLY D 330 -7.18 -12.85 -21.41
N ASN D 331 -7.93 -13.93 -21.25
CA ASN D 331 -8.30 -14.73 -22.41
C ASN D 331 -9.74 -15.20 -22.39
N ASN D 332 -10.57 -14.70 -21.49
CA ASN D 332 -11.97 -15.09 -21.50
C ASN D 332 -12.69 -14.36 -22.64
N PRO D 333 -13.84 -14.89 -23.11
CA PRO D 333 -14.54 -14.23 -24.20
C PRO D 333 -15.11 -12.89 -23.74
N PRO D 334 -15.23 -11.92 -24.65
CA PRO D 334 -15.73 -10.60 -24.27
C PRO D 334 -17.23 -10.61 -23.98
N VAL D 335 -17.67 -9.52 -23.37
CA VAL D 335 -19.06 -9.35 -22.97
C VAL D 335 -19.47 -7.93 -23.35
N ARG D 336 -20.72 -7.76 -23.79
CA ARG D 336 -21.24 -6.47 -24.21
C ARG D 336 -22.27 -5.97 -23.23
N LEU D 337 -22.18 -4.69 -22.90
CA LEU D 337 -22.99 -4.07 -21.85
C LEU D 337 -23.65 -2.81 -22.41
N TRP D 338 -24.91 -2.61 -22.05
CA TRP D 338 -25.65 -1.40 -22.42
C TRP D 338 -26.04 -0.65 -21.16
N ALA D 339 -26.33 0.63 -21.33
CA ALA D 339 -26.83 1.48 -20.25
C ALA D 339 -28.34 1.59 -20.40
N GLN D 340 -29.07 1.15 -19.38
CA GLN D 340 -30.51 1.20 -19.43
C GLN D 340 -30.97 2.58 -19.00
N LEU D 341 -32.15 2.99 -19.48
CA LEU D 341 -32.61 4.36 -19.32
C LEU D 341 -33.13 4.56 -17.90
N THR D 342 -32.20 4.73 -16.98
CA THR D 342 -32.51 4.97 -15.58
C THR D 342 -32.82 6.44 -15.35
N THR D 343 -33.12 6.80 -14.11
CA THR D 343 -33.39 8.18 -13.74
C THR D 343 -33.13 8.36 -12.25
N GLU D 344 -33.41 9.56 -11.77
CA GLU D 344 -33.42 9.83 -10.34
C GLU D 344 -34.63 10.66 -9.91
N GLY D 345 -35.48 11.08 -10.82
CA GLY D 345 -36.64 11.87 -10.52
C GLY D 345 -37.90 11.04 -10.36
N LYS D 346 -39.03 11.64 -10.70
CA LYS D 346 -40.31 10.97 -10.53
C LYS D 346 -41.31 11.48 -11.56
N PRO D 347 -41.72 10.65 -12.52
CA PRO D 347 -42.75 11.07 -13.46
C PRO D 347 -44.14 10.94 -12.85
N HIS D 348 -45.10 11.60 -13.50
CA HIS D 348 -46.50 11.66 -13.12
C HIS D 348 -46.66 12.17 -11.68
N GLY D 349 -46.19 13.39 -11.46
CA GLY D 349 -46.25 13.95 -10.12
C GLY D 349 -46.38 15.46 -10.11
N TRP D 350 -45.65 16.09 -9.26
CA TRP D 350 -45.69 17.54 -9.18
C TRP D 350 -44.80 18.16 -10.24
N PRO D 351 -45.14 19.35 -10.74
CA PRO D 351 -44.35 19.96 -11.83
C PRO D 351 -42.97 20.43 -11.42
N HIS D 352 -42.62 20.44 -10.13
CA HIS D 352 -41.24 20.65 -9.74
C HIS D 352 -40.49 19.34 -9.58
N GLU D 353 -41.11 18.22 -9.95
CA GLU D 353 -40.46 16.94 -9.98
C GLU D 353 -40.43 16.32 -11.36
N ILE D 354 -41.29 16.76 -12.27
CA ILE D 354 -41.21 16.31 -13.66
C ILE D 354 -39.94 16.82 -14.30
N ILE D 355 -39.62 18.10 -14.09
CA ILE D 355 -38.36 18.65 -14.56
C ILE D 355 -37.18 18.08 -13.80
N LEU D 356 -37.41 17.52 -12.60
CA LEU D 356 -36.37 16.74 -11.94
C LEU D 356 -36.23 15.37 -12.60
N TYR D 357 -37.34 14.83 -13.08
CA TYR D 357 -37.30 13.54 -13.77
C TYR D 357 -36.67 13.65 -15.15
N TYR D 358 -36.93 14.75 -15.86
CA TYR D 358 -36.29 15.01 -17.14
C TYR D 358 -34.94 15.67 -17.00
N TYR D 359 -34.29 15.55 -15.84
CA TYR D 359 -32.95 16.09 -15.66
C TYR D 359 -31.88 15.01 -15.57
N GLY D 360 -32.20 13.86 -14.98
CA GLY D 360 -31.27 12.74 -15.03
C GLY D 360 -31.10 12.23 -16.46
N LEU D 361 -32.22 12.09 -17.16
CA LEU D 361 -32.18 11.98 -18.60
C LEU D 361 -31.95 13.37 -19.19
N TYR D 362 -30.92 13.50 -20.05
CA TYR D 362 -30.61 14.70 -20.82
C TYR D 362 -30.39 15.92 -19.94
N PRO D 363 -29.28 16.00 -19.20
CA PRO D 363 -29.11 17.09 -18.24
C PRO D 363 -28.88 18.46 -18.86
N ALA D 364 -28.44 18.52 -20.12
CA ALA D 364 -28.20 19.79 -20.78
C ALA D 364 -29.38 20.26 -21.61
N ALA D 365 -30.14 19.34 -22.21
CA ALA D 365 -31.24 19.74 -23.08
C ALA D 365 -32.44 20.25 -22.30
N THR D 366 -32.52 19.98 -21.01
CA THR D 366 -33.66 20.43 -20.22
C THR D 366 -33.43 21.76 -19.54
N ILE D 367 -32.19 22.25 -19.48
CA ILE D 367 -31.94 23.57 -18.94
C ILE D 367 -32.45 24.64 -19.90
N ALA D 368 -32.11 24.51 -21.17
CA ALA D 368 -32.62 25.42 -22.19
C ALA D 368 -34.10 25.24 -22.46
N ALA D 369 -34.65 24.05 -22.15
CA ALA D 369 -36.07 23.82 -22.39
C ALA D 369 -36.92 24.57 -21.37
N VAL D 370 -36.58 24.45 -20.08
CA VAL D 370 -37.40 25.07 -19.04
C VAL D 370 -37.13 26.57 -18.94
N SER D 371 -36.01 27.06 -19.48
CA SER D 371 -35.70 28.48 -19.39
C SER D 371 -36.33 29.27 -20.54
N ALA D 372 -36.21 28.75 -21.77
CA ALA D 372 -36.76 29.47 -22.92
C ALA D 372 -38.28 29.41 -22.92
N ALA D 373 -38.86 28.30 -22.46
CA ALA D 373 -40.32 28.24 -22.33
C ALA D 373 -40.80 29.08 -21.17
N GLY D 374 -40.00 29.22 -20.11
CA GLY D 374 -40.37 30.10 -19.02
C GLY D 374 -40.17 31.57 -19.36
N LEU D 375 -39.31 31.85 -20.34
CA LEU D 375 -39.11 33.22 -20.79
C LEU D 375 -40.30 33.74 -21.57
N ALA D 376 -40.99 32.87 -22.32
CA ALA D 376 -42.18 33.30 -23.04
C ALA D 376 -43.36 33.56 -22.10
N VAL D 377 -43.31 33.03 -20.88
CA VAL D 377 -44.38 33.29 -19.92
C VAL D 377 -44.28 34.71 -19.38
N VAL D 378 -43.08 35.11 -18.94
CA VAL D 378 -42.92 36.43 -18.35
C VAL D 378 -42.94 37.53 -19.41
N LEU D 379 -42.61 37.20 -20.67
CA LEU D 379 -42.74 38.19 -21.72
C LEU D 379 -44.19 38.40 -22.15
N SER D 380 -44.98 37.33 -22.20
CA SER D 380 -46.39 37.48 -22.53
C SER D 380 -47.23 37.93 -21.34
N LEU D 381 -46.67 37.89 -20.12
CA LEU D 381 -47.34 38.46 -18.97
C LEU D 381 -47.07 39.96 -18.85
N LEU D 382 -45.84 40.38 -19.18
CA LEU D 382 -45.53 41.80 -19.23
C LEU D 382 -46.22 42.49 -20.40
N ALA D 383 -46.47 41.75 -21.49
CA ALA D 383 -47.10 42.34 -22.67
C ALA D 383 -48.57 42.61 -22.44
N SER D 384 -49.26 41.72 -21.72
CA SER D 384 -50.69 41.90 -21.48
C SER D 384 -50.96 43.00 -20.47
N CYS D 385 -50.09 43.11 -19.45
CA CYS D 385 -50.23 44.19 -18.49
C CYS D 385 -49.85 45.53 -19.11
N TYR D 386 -48.97 45.52 -20.12
CA TYR D 386 -48.67 46.73 -20.86
C TYR D 386 -49.85 47.19 -21.70
N MET D 387 -50.63 46.25 -22.23
CA MET D 387 -51.80 46.60 -23.01
C MET D 387 -52.92 47.16 -22.15
N PHE D 388 -52.92 46.87 -20.85
CA PHE D 388 -53.91 47.46 -19.96
C PHE D 388 -53.67 48.94 -19.75
N ALA D 389 -52.41 49.37 -19.75
CA ALA D 389 -52.10 50.79 -19.55
C ALA D 389 -52.49 51.60 -20.77
N THR D 390 -52.09 51.14 -21.96
CA THR D 390 -52.37 51.87 -23.19
C THR D 390 -53.80 51.72 -23.67
N ALA D 391 -54.63 50.92 -22.98
CA ALA D 391 -56.05 50.90 -23.29
C ALA D 391 -56.80 51.92 -22.44
N ARG D 392 -56.46 52.02 -21.16
CA ARG D 392 -57.15 52.97 -20.30
C ARG D 392 -56.65 54.39 -20.49
N ARG D 393 -55.38 54.57 -20.89
CA ARG D 393 -54.82 55.90 -21.09
C ARG D 393 -55.48 56.60 -22.27
N LYS D 394 -55.94 55.84 -23.27
CA LYS D 394 -56.73 56.38 -24.35
C LYS D 394 -58.23 56.44 -24.03
N CYS D 395 -58.59 56.41 -22.74
CA CYS D 395 -59.98 56.47 -22.34
C CYS D 395 -60.24 57.59 -21.35
N LEU D 396 -59.30 57.85 -20.43
CA LEU D 396 -59.51 58.89 -19.44
C LEU D 396 -58.80 60.19 -19.79
N THR D 397 -57.97 60.21 -20.83
CA THR D 397 -57.34 61.44 -21.30
C THR D 397 -58.25 62.56 -21.82
N PRO D 398 -59.50 62.38 -22.27
CA PRO D 398 -60.33 63.58 -22.48
C PRO D 398 -60.85 64.21 -21.21
N TYR D 399 -60.71 63.55 -20.06
CA TYR D 399 -61.16 64.15 -18.81
C TYR D 399 -60.03 64.83 -18.05
N ALA D 400 -58.78 64.65 -18.47
CA ALA D 400 -57.69 65.44 -17.95
C ALA D 400 -57.51 66.73 -18.73
N LEU D 401 -57.88 66.74 -20.01
CA LEU D 401 -57.80 67.94 -20.82
C LEU D 401 -58.94 68.91 -20.49
N THR D 402 -60.17 68.46 -20.69
CA THR D 402 -61.32 69.33 -20.46
C THR D 402 -61.57 69.46 -18.96
N PRO D 403 -61.95 70.66 -18.49
CA PRO D 403 -62.33 70.81 -17.08
C PRO D 403 -63.68 70.18 -16.81
N GLY D 404 -63.69 68.85 -16.63
CA GLY D 404 -64.94 68.12 -16.52
C GLY D 404 -65.12 67.37 -15.21
N ALA D 405 -66.00 66.38 -15.22
CA ALA D 405 -66.40 65.67 -14.01
C ALA D 405 -65.54 64.42 -13.80
N VAL D 406 -65.98 63.55 -12.90
CA VAL D 406 -65.27 62.33 -12.55
C VAL D 406 -65.80 61.19 -13.42
N VAL D 407 -67.09 61.28 -13.78
CA VAL D 407 -67.89 60.20 -14.38
C VAL D 407 -67.77 58.96 -13.50
N PRO D 408 -68.53 58.90 -12.39
CA PRO D 408 -68.37 57.79 -11.43
C PRO D 408 -68.77 56.42 -11.96
N VAL D 409 -69.37 56.32 -13.16
CA VAL D 409 -69.60 55.04 -13.80
C VAL D 409 -68.28 54.34 -14.12
N THR D 410 -67.26 55.11 -14.49
CA THR D 410 -66.00 54.58 -14.99
C THR D 410 -65.06 54.13 -13.88
N LEU D 411 -65.11 54.77 -12.69
CA LEU D 411 -64.22 54.39 -11.60
C LEU D 411 -64.56 53.01 -11.03
N GLY D 412 -65.80 52.56 -11.17
CA GLY D 412 -66.15 51.21 -10.81
C GLY D 412 -65.70 50.22 -11.86
N VAL D 413 -65.63 50.67 -13.12
CA VAL D 413 -65.21 49.79 -14.21
C VAL D 413 -63.69 49.59 -14.15
N LEU D 414 -62.94 50.68 -14.17
CA LEU D 414 -61.49 50.62 -14.09
C LEU D 414 -61.01 51.53 -12.97
N CYS D 415 -59.88 51.17 -12.37
CA CYS D 415 -59.30 51.96 -11.28
C CYS D 415 -58.75 53.26 -11.85
N CYS D 416 -59.45 54.35 -11.58
CA CYS D 416 -59.04 55.66 -12.10
C CYS D 416 -57.85 56.19 -11.32
N ALA D 417 -56.82 56.61 -12.08
CA ALA D 417 -55.72 57.36 -11.48
C ALA D 417 -56.13 58.66 -10.78
N PRO D 418 -57.23 59.37 -11.16
CA PRO D 418 -57.82 60.31 -10.21
C PRO D 418 -58.31 59.64 -8.94
N ARG D 419 -57.65 59.95 -7.82
CA ARG D 419 -57.99 59.36 -6.52
C ARG D 419 -58.68 60.37 -5.61
N ALA D 420 -58.03 61.53 -5.52
CA ALA D 420 -58.53 62.67 -4.76
C ALA D 420 -58.34 63.95 -5.54
N HIS D 421 -58.49 63.88 -6.86
CA HIS D 421 -58.32 65.04 -7.73
C HIS D 421 -59.22 64.87 -8.94
N ALA D 422 -59.68 66.00 -9.47
CA ALA D 422 -60.56 66.12 -10.64
C ALA D 422 -61.85 65.30 -10.51
N TYR E 1 -2.78 19.46 55.69
CA TYR E 1 -2.85 20.65 54.87
C TYR E 1 -3.25 20.28 53.45
N GLU E 2 -3.93 21.18 52.76
CA GLU E 2 -4.42 20.93 51.40
C GLU E 2 -3.85 21.96 50.44
N HIS E 3 -3.47 21.50 49.25
CA HIS E 3 -2.92 22.40 48.24
C HIS E 3 -3.16 21.82 46.86
N THR E 4 -3.42 22.69 45.89
CA THR E 4 -3.74 22.31 44.52
C THR E 4 -2.72 22.91 43.57
N ALA E 5 -2.29 22.13 42.58
CA ALA E 5 -1.36 22.60 41.57
C ALA E 5 -1.73 21.99 40.23
N THR E 6 -1.17 22.55 39.15
CA THR E 6 -1.42 22.10 37.78
C THR E 6 -0.09 21.85 37.10
N ILE E 7 0.41 20.62 37.14
CA ILE E 7 1.69 20.31 36.51
C ILE E 7 1.47 20.24 35.02
N PRO E 8 2.46 20.56 34.19
CA PRO E 8 2.32 20.33 32.76
C PRO E 8 2.46 18.85 32.44
N ASN E 9 2.05 18.49 31.23
CA ASN E 9 2.04 17.09 30.82
C ASN E 9 3.26 16.73 29.98
N VAL E 10 4.41 17.29 30.31
CA VAL E 10 5.63 16.98 29.58
C VAL E 10 6.36 15.86 30.30
N VAL E 11 6.66 14.79 29.55
CA VAL E 11 7.36 13.64 30.12
C VAL E 11 8.81 14.01 30.40
N GLY E 12 9.24 13.77 31.64
CA GLY E 12 10.61 14.02 32.02
C GLY E 12 10.93 15.50 32.19
N PHE E 13 10.21 16.16 33.08
CA PHE E 13 10.35 17.59 33.31
C PHE E 13 9.93 17.93 34.73
N PRO E 14 10.84 18.40 35.58
CA PRO E 14 10.51 18.64 36.98
C PRO E 14 9.62 19.86 37.14
N TYR E 15 8.75 19.80 38.14
CA TYR E 15 7.83 20.89 38.46
C TYR E 15 7.98 21.21 39.93
N LYS E 16 8.05 22.50 40.25
CA LYS E 16 8.20 22.95 41.62
C LYS E 16 6.89 23.54 42.13
N ALA E 17 6.35 22.92 43.17
CA ALA E 17 5.20 23.44 43.89
C ALA E 17 5.66 23.95 45.24
N HIS E 18 5.10 25.08 45.66
CA HIS E 18 5.59 25.82 46.82
C HIS E 18 4.45 26.00 47.81
N ILE E 19 4.68 25.61 49.05
CA ILE E 19 3.65 25.64 50.09
C ILE E 19 4.05 26.65 51.16
N GLU E 20 3.15 27.58 51.46
CA GLU E 20 3.35 28.59 52.49
C GLU E 20 2.13 28.64 53.40
N ARG E 21 2.32 28.34 54.68
CA ARG E 21 1.26 28.41 55.66
C ARG E 21 1.71 29.26 56.84
N ASN E 22 0.84 29.39 57.84
CA ASN E 22 1.11 30.25 58.98
C ASN E 22 2.01 29.56 60.00
N GLY E 23 3.05 30.24 60.41
CA GLY E 23 3.89 29.74 61.49
C GLY E 23 5.06 28.89 61.08
N PHE E 24 4.92 28.15 59.99
CA PHE E 24 5.97 27.24 59.56
C PHE E 24 6.82 27.87 58.47
N SER E 25 7.94 27.21 58.17
CA SER E 25 8.85 27.70 57.16
C SER E 25 8.28 27.43 55.76
N PRO E 26 8.63 28.24 54.77
CA PRO E 26 8.23 27.95 53.39
C PRO E 26 8.89 26.66 52.89
N MET E 27 8.08 25.84 52.23
CA MET E 27 8.52 24.52 51.81
C MET E 27 8.18 24.31 50.34
N THR E 28 9.17 23.86 49.57
CA THR E 28 8.99 23.54 48.17
C THR E 28 8.74 22.05 47.99
N LEU E 29 8.25 21.71 46.80
CA LEU E 29 8.02 20.33 46.41
C LEU E 29 8.62 20.12 45.03
N GLN E 30 8.71 18.86 44.61
CA GLN E 30 9.25 18.59 43.28
C GLN E 30 8.57 17.35 42.73
N LEU E 31 7.50 17.55 41.97
CA LEU E 31 6.76 16.48 41.35
C LEU E 31 7.28 16.27 39.93
N GLU E 32 7.50 15.02 39.57
CA GLU E 32 8.01 14.71 38.23
C GLU E 32 7.31 13.49 37.68
N VAL E 33 6.79 13.62 36.47
CA VAL E 33 6.07 12.56 35.80
C VAL E 33 7.04 11.75 34.95
N LEU E 34 6.89 10.43 34.95
CA LEU E 34 7.81 9.55 34.25
C LEU E 34 7.20 8.91 33.01
N GLY E 35 6.01 8.34 33.12
CA GLY E 35 5.36 7.73 31.99
C GLY E 35 3.87 7.96 32.05
N THR E 36 3.25 8.02 30.87
CA THR E 36 1.82 8.32 30.77
C THR E 36 1.25 7.49 29.62
N SER E 37 0.39 6.53 29.94
CA SER E 37 -0.12 5.59 28.94
C SER E 37 -1.62 5.52 29.06
N LEU E 38 -2.33 5.92 28.00
CA LEU E 38 -3.78 5.86 27.98
C LEU E 38 -4.23 4.73 27.07
N GLU E 39 -5.26 4.01 27.51
CA GLU E 39 -5.82 2.90 26.77
C GLU E 39 -7.33 3.06 26.63
N PRO E 40 -7.88 2.79 25.46
CA PRO E 40 -9.33 2.83 25.28
C PRO E 40 -9.96 1.56 25.82
N THR E 41 -11.28 1.58 25.93
CA THR E 41 -12.03 0.42 26.41
C THR E 41 -12.39 -0.41 25.20
N LEU E 42 -11.50 -1.33 24.86
CA LEU E 42 -11.60 -2.23 23.73
C LEU E 42 -12.73 -3.23 23.93
N ASN E 43 -13.18 -3.81 22.82
CA ASN E 43 -14.04 -4.98 22.77
C ASN E 43 -13.92 -5.56 21.37
N LEU E 44 -13.51 -6.83 21.27
CA LEU E 44 -13.20 -7.39 19.97
C LEU E 44 -14.50 -7.62 19.20
N GLU E 45 -14.50 -7.22 17.94
CA GLU E 45 -15.68 -7.40 17.11
C GLU E 45 -15.52 -8.53 16.12
N TYR E 46 -14.33 -8.73 15.55
CA TYR E 46 -14.02 -9.94 14.82
C TYR E 46 -12.52 -10.18 14.77
N ILE E 47 -12.16 -11.37 14.25
CA ILE E 47 -10.79 -11.86 14.16
C ILE E 47 -10.55 -12.35 12.75
N THR E 48 -9.46 -11.89 12.13
CA THR E 48 -9.17 -12.22 10.74
C THR E 48 -7.83 -12.94 10.60
N CYS E 49 -7.85 -14.08 9.92
CA CYS E 49 -6.64 -14.83 9.57
C CYS E 49 -6.59 -15.04 8.07
N GLU E 50 -5.68 -15.89 7.60
CA GLU E 50 -5.77 -16.42 6.25
C GLU E 50 -6.93 -17.40 6.16
N TYR E 51 -7.24 -17.83 4.94
CA TYR E 51 -8.17 -18.94 4.79
C TYR E 51 -7.43 -20.14 4.22
N LYS E 52 -8.14 -21.25 4.13
CA LYS E 52 -7.58 -22.51 3.66
C LYS E 52 -8.66 -23.22 2.86
N THR E 53 -8.58 -23.13 1.54
CA THR E 53 -9.56 -23.79 0.69
C THR E 53 -9.32 -25.29 0.74
N VAL E 54 -10.22 -26.01 1.36
CA VAL E 54 -10.16 -27.46 1.36
C VAL E 54 -10.98 -27.98 0.18
N VAL E 55 -10.42 -28.96 -0.51
CA VAL E 55 -11.14 -29.67 -1.56
C VAL E 55 -10.70 -31.12 -1.51
N PRO E 56 -11.61 -32.08 -1.51
CA PRO E 56 -11.22 -33.48 -1.46
C PRO E 56 -10.91 -33.99 -2.85
N SER E 57 -10.65 -35.29 -2.93
CA SER E 57 -10.51 -35.93 -4.23
C SER E 57 -11.86 -35.98 -4.93
N PRO E 58 -11.89 -35.83 -6.26
CA PRO E 58 -13.15 -35.87 -6.98
C PRO E 58 -13.72 -37.28 -7.03
N TYR E 59 -15.04 -37.36 -7.23
CA TYR E 59 -15.75 -38.62 -7.26
C TYR E 59 -16.29 -38.88 -8.66
N ILE E 60 -15.98 -40.05 -9.21
CA ILE E 60 -16.42 -40.45 -10.55
C ILE E 60 -17.14 -41.78 -10.44
N LYS E 61 -18.40 -41.80 -10.84
CA LYS E 61 -19.21 -43.03 -10.84
C LYS E 61 -19.63 -43.31 -12.28
N CYS E 62 -19.10 -44.38 -12.86
CA CYS E 62 -19.22 -44.57 -14.30
C CYS E 62 -20.36 -45.51 -14.71
N CYS E 63 -20.87 -46.33 -13.79
CA CYS E 63 -22.01 -47.16 -14.15
C CYS E 63 -23.28 -46.33 -14.31
N GLY E 64 -23.51 -45.40 -13.40
CA GLY E 64 -24.70 -44.57 -13.47
C GLY E 64 -24.45 -43.12 -13.13
N THR E 65 -25.42 -42.50 -12.46
CA THR E 65 -25.37 -41.08 -12.11
C THR E 65 -25.25 -40.91 -10.61
N SER E 66 -25.27 -39.66 -10.17
CA SER E 66 -25.18 -39.31 -8.76
C SER E 66 -25.83 -37.95 -8.56
N GLU E 67 -26.07 -37.61 -7.29
CA GLU E 67 -26.67 -36.34 -6.95
C GLU E 67 -25.92 -35.72 -5.77
N CYS E 68 -26.02 -34.40 -5.66
CA CYS E 68 -25.38 -33.65 -4.59
C CYS E 68 -26.15 -33.80 -3.28
N ARG E 69 -25.43 -33.66 -2.18
CA ARG E 69 -26.03 -33.87 -0.86
C ARG E 69 -26.60 -32.60 -0.25
N SER E 70 -26.03 -31.44 -0.59
CA SER E 70 -26.46 -30.11 -0.13
C SER E 70 -26.40 -30.00 1.40
N MET E 71 -25.18 -30.10 1.93
CA MET E 71 -24.95 -29.83 3.34
C MET E 71 -24.64 -28.35 3.53
N GLU E 72 -24.32 -27.95 4.76
CA GLU E 72 -24.17 -26.53 5.08
C GLU E 72 -22.81 -26.26 5.70
N ARG E 73 -21.92 -25.68 4.91
CA ARG E 73 -20.58 -25.25 5.28
C ARG E 73 -20.54 -23.77 4.94
N PRO E 74 -19.45 -23.01 5.18
CA PRO E 74 -19.48 -21.58 4.78
C PRO E 74 -19.66 -21.30 3.29
N ASP E 75 -18.86 -21.88 2.42
CA ASP E 75 -18.98 -21.65 0.97
C ASP E 75 -19.10 -22.96 0.23
N TYR E 76 -20.03 -23.81 0.68
CA TYR E 76 -20.16 -25.16 0.16
C TYR E 76 -20.74 -25.12 -1.24
N GLN E 77 -19.93 -25.52 -2.23
CA GLN E 77 -20.29 -25.42 -3.65
C GLN E 77 -20.27 -26.81 -4.28
N CYS E 78 -21.44 -27.41 -4.45
CA CYS E 78 -21.56 -28.62 -5.24
C CYS E 78 -22.05 -28.31 -6.64
N GLN E 79 -21.54 -29.08 -7.60
CA GLN E 79 -22.04 -29.08 -8.96
C GLN E 79 -21.64 -30.39 -9.60
N VAL E 80 -22.59 -31.07 -10.21
CA VAL E 80 -22.35 -32.35 -10.86
C VAL E 80 -22.29 -32.11 -12.36
N TYR E 81 -21.37 -32.81 -13.03
CA TYR E 81 -21.17 -32.63 -14.45
C TYR E 81 -21.55 -33.89 -15.21
N THR E 82 -21.88 -33.70 -16.49
CA THR E 82 -22.33 -34.79 -17.35
C THR E 82 -21.15 -35.60 -17.87
N GLY E 83 -21.42 -36.46 -18.86
CA GLY E 83 -20.51 -37.47 -19.38
C GLY E 83 -19.08 -37.06 -19.70
N VAL E 84 -18.13 -37.67 -19.01
CA VAL E 84 -16.71 -37.38 -19.17
C VAL E 84 -15.98 -38.66 -19.52
N TYR E 85 -14.67 -38.56 -19.65
CA TYR E 85 -13.82 -39.68 -20.00
C TYR E 85 -12.46 -39.42 -19.34
N PRO E 86 -12.14 -40.11 -18.25
CA PRO E 86 -11.11 -39.60 -17.33
C PRO E 86 -9.68 -39.71 -17.83
N PHE E 87 -9.33 -40.73 -18.61
CA PHE E 87 -7.96 -41.00 -19.08
C PHE E 87 -6.94 -41.03 -17.94
N MET E 88 -7.05 -42.04 -17.10
CA MET E 88 -6.05 -42.25 -16.06
C MET E 88 -4.78 -42.81 -16.72
N TRP E 89 -3.75 -43.12 -15.92
CA TRP E 89 -2.41 -43.36 -16.45
C TRP E 89 -2.32 -44.61 -17.31
N GLY E 90 -2.93 -45.71 -16.86
CA GLY E 90 -2.94 -46.89 -17.70
C GLY E 90 -4.22 -47.05 -18.49
N GLY E 91 -4.21 -46.64 -19.76
CA GLY E 91 -5.37 -46.82 -20.61
C GLY E 91 -6.51 -45.90 -20.22
N ALA E 92 -7.73 -46.40 -20.35
CA ALA E 92 -8.92 -45.66 -19.99
C ALA E 92 -9.13 -45.73 -18.48
N TYR E 93 -10.29 -45.29 -18.01
CA TYR E 93 -10.59 -45.44 -16.60
C TYR E 93 -11.80 -46.31 -16.32
N CYS E 94 -12.95 -46.00 -16.93
CA CYS E 94 -14.19 -46.60 -16.44
C CYS E 94 -14.97 -47.35 -17.51
N PHE E 95 -14.34 -47.67 -18.65
CA PHE E 95 -14.73 -48.78 -19.52
C PHE E 95 -16.03 -48.50 -20.29
N CYS E 96 -16.32 -47.24 -20.55
CA CYS E 96 -17.47 -46.85 -21.36
C CYS E 96 -17.08 -45.61 -22.14
N ASP E 97 -18.06 -44.89 -22.70
CA ASP E 97 -17.76 -43.65 -23.41
C ASP E 97 -18.63 -42.48 -23.02
N THR E 98 -19.82 -42.72 -22.49
CA THR E 98 -20.71 -41.66 -22.03
C THR E 98 -21.49 -42.24 -20.85
N GLU E 99 -22.49 -41.49 -20.38
CA GLU E 99 -23.35 -41.85 -19.25
C GLU E 99 -22.51 -42.14 -18.00
N ASN E 100 -21.83 -41.09 -17.53
CA ASN E 100 -21.00 -41.15 -16.34
C ASN E 100 -20.81 -39.76 -15.76
N THR E 101 -21.29 -39.56 -14.54
CA THR E 101 -21.29 -38.25 -13.92
C THR E 101 -20.03 -38.08 -13.08
N GLN E 102 -19.93 -36.91 -12.45
CA GLN E 102 -18.72 -36.54 -11.73
C GLN E 102 -19.11 -35.47 -10.72
N LEU E 103 -19.08 -35.82 -9.44
CA LEU E 103 -19.50 -34.92 -8.37
C LEU E 103 -18.27 -34.19 -7.82
N SER E 104 -18.29 -32.87 -7.92
CA SER E 104 -17.16 -32.05 -7.50
C SER E 104 -17.63 -31.05 -6.45
N GLU E 105 -16.96 -31.03 -5.30
CA GLU E 105 -17.32 -30.12 -4.23
C GLU E 105 -16.06 -29.53 -3.62
N ALA E 106 -16.22 -28.34 -3.05
CA ALA E 106 -15.16 -27.62 -2.35
C ALA E 106 -15.78 -26.55 -1.48
N TYR E 107 -15.13 -26.26 -0.37
CA TYR E 107 -15.59 -25.22 0.54
C TYR E 107 -14.39 -24.63 1.26
N VAL E 108 -14.67 -23.72 2.19
CA VAL E 108 -13.64 -22.91 2.83
C VAL E 108 -13.83 -22.99 4.35
N ASP E 109 -12.74 -22.81 5.08
CA ASP E 109 -12.81 -22.69 6.53
C ASP E 109 -11.65 -21.83 7.00
N ARG E 110 -11.47 -21.77 8.32
CA ARG E 110 -10.45 -20.93 8.93
C ARG E 110 -9.10 -21.63 8.86
N SER E 111 -8.02 -20.84 8.89
CA SER E 111 -6.66 -21.34 8.75
C SER E 111 -6.26 -22.21 9.93
N ASP E 112 -5.13 -22.90 9.76
CA ASP E 112 -4.63 -23.78 10.81
C ASP E 112 -4.06 -22.99 11.98
N VAL E 113 -3.03 -22.19 11.73
CA VAL E 113 -2.43 -21.37 12.78
C VAL E 113 -3.14 -20.02 12.74
N CYS E 114 -4.32 -19.98 13.32
CA CYS E 114 -5.07 -18.74 13.43
C CYS E 114 -5.03 -18.16 14.83
N LYS E 115 -4.92 -19.02 15.85
CA LYS E 115 -4.80 -18.52 17.21
C LYS E 115 -3.43 -17.93 17.51
N HIS E 116 -2.43 -18.20 16.66
CA HIS E 116 -1.10 -17.65 16.91
C HIS E 116 -0.99 -16.22 16.38
N ASP E 117 -1.10 -16.04 15.07
CA ASP E 117 -1.07 -14.72 14.46
C ASP E 117 -2.43 -14.40 13.85
N HIS E 118 -3.00 -13.27 14.26
CA HIS E 118 -4.34 -12.92 13.82
C HIS E 118 -4.54 -11.43 13.99
N ALA E 119 -5.29 -10.85 13.07
CA ALA E 119 -5.70 -9.46 13.18
C ALA E 119 -6.90 -9.38 14.11
N ALA E 120 -7.10 -8.21 14.70
CA ALA E 120 -8.18 -8.00 15.65
C ALA E 120 -8.72 -6.60 15.50
N ALA E 121 -10.04 -6.47 15.56
CA ALA E 121 -10.72 -5.20 15.32
C ALA E 121 -11.45 -4.79 16.60
N TYR E 122 -10.93 -3.79 17.29
CA TYR E 122 -11.49 -3.31 18.52
C TYR E 122 -12.26 -2.01 18.30
N LYS E 123 -12.65 -1.36 19.39
CA LYS E 123 -13.41 -0.12 19.29
C LYS E 123 -13.03 0.82 20.43
N ALA E 124 -12.72 2.08 20.08
CA ALA E 124 -12.22 3.09 21.01
C ALA E 124 -13.26 4.17 21.21
N HIS E 125 -13.88 4.21 22.37
CA HIS E 125 -14.92 5.20 22.59
C HIS E 125 -14.69 5.99 23.87
N THR E 126 -14.11 5.36 24.86
CA THR E 126 -13.65 6.08 26.04
C THR E 126 -12.14 5.89 26.16
N ALA E 127 -11.58 6.35 27.27
CA ALA E 127 -10.17 6.15 27.54
C ALA E 127 -10.00 6.00 29.05
N ALA E 128 -8.79 5.64 29.45
CA ALA E 128 -8.48 5.47 30.86
C ALA E 128 -6.98 5.72 31.03
N MET E 129 -6.63 6.89 31.52
CA MET E 129 -5.23 7.29 31.57
C MET E 129 -4.62 6.90 32.91
N LYS E 130 -3.42 6.31 32.85
CA LYS E 130 -2.61 6.03 34.02
C LYS E 130 -1.33 6.87 33.92
N ALA E 131 -0.60 6.94 35.03
CA ALA E 131 0.60 7.77 35.06
C ALA E 131 1.59 7.18 36.06
N THR E 132 2.75 7.82 36.15
CA THR E 132 3.81 7.38 37.06
C THR E 132 4.58 8.61 37.49
N ILE E 133 4.54 8.94 38.78
CA ILE E 133 4.99 10.22 39.29
C ILE E 133 6.05 9.99 40.36
N ARG E 134 7.18 10.68 40.23
CA ARG E 134 8.18 10.77 41.28
C ARG E 134 7.87 11.95 42.18
N ILE E 135 7.73 11.69 43.48
CA ILE E 135 7.40 12.71 44.47
C ILE E 135 8.63 12.91 45.35
N SER E 136 9.06 14.15 45.50
CA SER E 136 10.29 14.45 46.23
C SER E 136 10.10 15.65 47.14
N TYR E 137 10.40 15.46 48.42
CA TYR E 137 10.50 16.53 49.40
C TYR E 137 11.33 16.05 50.58
N GLY E 138 12.24 16.90 51.04
CA GLY E 138 13.07 16.61 52.19
C GLY E 138 13.95 15.40 52.02
N ASN E 139 13.58 14.30 52.68
CA ASN E 139 14.28 13.04 52.57
C ASN E 139 13.36 11.95 52.04
N LEU E 140 12.29 12.35 51.36
CA LEU E 140 11.29 11.43 50.86
C LEU E 140 11.41 11.38 49.34
N ASN E 141 11.52 10.17 48.80
CA ASN E 141 11.85 10.00 47.38
C ASN E 141 11.20 8.70 46.93
N GLN E 142 9.98 8.78 46.42
CA GLN E 142 9.26 7.58 46.00
C GLN E 142 8.65 7.78 44.62
N THR E 143 8.06 6.70 44.10
CA THR E 143 7.51 6.67 42.75
C THR E 143 6.33 5.72 42.74
N THR E 144 5.15 6.25 42.42
CA THR E 144 3.90 5.48 42.44
C THR E 144 3.16 5.63 41.12
N THR E 145 2.11 4.83 40.95
CA THR E 145 1.24 4.89 39.79
C THR E 145 -0.20 5.08 40.24
N ALA E 146 -0.96 5.86 39.47
CA ALA E 146 -2.34 6.13 39.82
C ALA E 146 -3.13 6.50 38.58
N PHE E 147 -4.42 6.15 38.60
CA PHE E 147 -5.34 6.54 37.55
C PHE E 147 -5.57 8.05 37.58
N VAL E 148 -5.57 8.67 36.42
CA VAL E 148 -5.69 10.13 36.34
C VAL E 148 -7.18 10.41 36.18
N ASN E 149 -7.88 10.42 37.31
CA ASN E 149 -9.26 10.90 37.41
C ASN E 149 -9.52 11.25 38.86
N GLY E 150 -10.58 12.02 39.10
CA GLY E 150 -10.83 12.50 40.44
C GLY E 150 -11.45 11.51 41.40
N GLU E 151 -11.01 10.26 41.38
CA GLU E 151 -11.52 9.26 42.30
C GLU E 151 -10.46 8.36 42.90
N HIS E 152 -9.25 8.30 42.35
CA HIS E 152 -8.22 7.42 42.86
C HIS E 152 -7.31 8.20 43.80
N THR E 153 -6.80 7.51 44.81
CA THR E 153 -6.05 8.15 45.88
C THR E 153 -4.87 7.28 46.28
N VAL E 154 -3.67 7.83 46.23
CA VAL E 154 -2.48 7.09 46.58
C VAL E 154 -1.87 7.72 47.82
N THR E 155 -1.21 6.90 48.64
CA THR E 155 -0.47 7.35 49.81
C THR E 155 1.02 7.11 49.58
N VAL E 156 1.84 8.10 49.90
CA VAL E 156 3.25 8.01 49.55
C VAL E 156 4.13 7.95 50.79
N GLY E 157 4.22 9.05 51.54
CA GLY E 157 4.94 9.00 52.79
C GLY E 157 4.03 8.89 53.99
N GLY E 158 3.19 9.90 54.17
CA GLY E 158 2.10 9.86 55.12
C GLY E 158 0.94 10.65 54.57
N SER E 159 1.14 11.21 53.37
CA SER E 159 0.18 12.07 52.73
C SER E 159 -0.73 11.25 51.83
N ARG E 160 -1.72 11.90 51.22
CA ARG E 160 -2.69 11.21 50.36
C ARG E 160 -2.95 12.07 49.13
N PHE E 161 -2.20 11.82 48.07
CA PHE E 161 -2.36 12.59 46.86
C PHE E 161 -3.56 12.11 46.04
N THR E 162 -4.00 12.96 45.12
CA THR E 162 -5.11 12.65 44.22
C THR E 162 -4.95 13.50 42.97
N PHE E 163 -4.85 12.85 41.82
CA PHE E 163 -4.62 13.52 40.55
C PHE E 163 -5.93 13.74 39.83
N GLY E 164 -6.19 14.97 39.41
CA GLY E 164 -7.48 15.36 38.91
C GLY E 164 -7.75 14.89 37.50
N PRO E 165 -8.89 15.28 36.93
CA PRO E 165 -9.21 14.87 35.56
C PRO E 165 -8.45 15.69 34.53
N ILE E 166 -8.20 15.05 33.38
CA ILE E 166 -7.44 15.65 32.29
C ILE E 166 -8.23 16.81 31.69
N SER E 167 -7.51 17.89 31.36
CA SER E 167 -8.09 19.06 30.71
C SER E 167 -8.75 18.70 29.39
N THR E 168 -7.98 18.14 28.47
CA THR E 168 -8.51 17.77 27.17
C THR E 168 -9.19 16.41 27.24
N ALA E 169 -9.74 15.97 26.11
CA ALA E 169 -10.30 14.64 25.98
C ALA E 169 -9.89 14.05 24.64
N TRP E 170 -8.61 14.20 24.31
CA TRP E 170 -8.09 13.90 22.99
C TRP E 170 -7.45 12.52 22.95
N THR E 171 -7.88 11.70 21.98
CA THR E 171 -7.30 10.40 21.73
C THR E 171 -6.84 10.30 20.28
N PRO E 172 -5.65 9.77 20.01
CA PRO E 172 -5.22 9.61 18.62
C PRO E 172 -5.93 8.47 17.91
N PHE E 173 -6.43 7.50 18.65
CA PHE E 173 -7.32 6.48 18.09
C PHE E 173 -8.61 7.16 17.70
N ASP E 174 -9.08 6.93 16.47
CA ASP E 174 -10.27 7.65 16.03
C ASP E 174 -11.53 7.09 16.67
N ASN E 175 -11.90 5.88 16.30
CA ASN E 175 -12.97 5.17 16.98
C ASN E 175 -12.60 3.70 17.01
N LYS E 176 -11.64 3.33 16.15
CA LYS E 176 -11.50 1.96 15.71
C LYS E 176 -10.02 1.59 15.62
N ILE E 177 -9.74 0.30 15.86
CA ILE E 177 -8.40 -0.20 16.06
C ILE E 177 -8.24 -1.45 15.23
N VAL E 178 -7.13 -1.58 14.51
CA VAL E 178 -6.76 -2.83 13.85
C VAL E 178 -5.34 -3.18 14.27
N VAL E 179 -5.18 -4.26 15.02
CA VAL E 179 -3.88 -4.70 15.51
C VAL E 179 -3.50 -6.02 14.83
N TYR E 180 -2.31 -6.07 14.25
CA TYR E 180 -1.80 -7.33 13.73
C TYR E 180 -0.72 -7.94 14.62
N LYS E 181 0.45 -7.33 14.70
CA LYS E 181 1.46 -7.83 15.62
C LYS E 181 1.96 -6.77 16.57
N ASN E 182 2.38 -5.62 16.06
CA ASN E 182 2.97 -4.58 16.88
C ASN E 182 2.55 -3.20 16.43
N ASP E 183 1.34 -3.07 15.89
CA ASP E 183 1.02 -1.88 15.13
C ASP E 183 -0.49 -1.72 14.98
N VAL E 184 -0.96 -0.49 15.11
CA VAL E 184 -2.36 -0.13 14.98
C VAL E 184 -2.53 0.66 13.70
N TYR E 185 -3.48 0.25 12.87
CA TYR E 185 -3.78 0.95 11.62
C TYR E 185 -5.11 1.65 11.80
N ASN E 186 -5.11 2.97 11.65
CA ASN E 186 -6.24 3.81 12.02
C ASN E 186 -7.31 3.67 10.94
N GLN E 187 -8.05 2.58 11.03
CA GLN E 187 -8.89 2.14 9.92
C GLN E 187 -10.36 2.29 10.24
N ASP E 188 -11.16 1.99 9.24
CA ASP E 188 -12.61 2.08 9.23
C ASP E 188 -13.17 0.79 8.66
N PHE E 189 -12.71 -0.32 9.24
CA PHE E 189 -12.94 -1.68 8.77
C PHE E 189 -14.42 -2.00 8.61
N PRO E 190 -14.78 -2.91 7.69
CA PRO E 190 -16.19 -3.23 7.51
C PRO E 190 -16.74 -4.00 8.69
N PRO E 191 -18.01 -3.84 9.01
CA PRO E 191 -18.59 -4.49 10.19
C PRO E 191 -18.83 -5.98 9.96
N TYR E 192 -19.22 -6.64 11.05
CA TYR E 192 -19.35 -8.10 11.05
C TYR E 192 -20.54 -8.51 10.21
N GLY E 193 -20.30 -9.02 9.02
CA GLY E 193 -21.37 -9.44 8.15
C GLY E 193 -21.36 -8.70 6.85
N SER E 194 -20.27 -8.00 6.58
CA SER E 194 -20.13 -7.23 5.36
C SER E 194 -18.72 -7.38 4.80
N GLY E 195 -18.25 -8.62 4.73
CA GLY E 195 -16.94 -8.86 4.16
C GLY E 195 -16.92 -8.63 2.66
N GLN E 196 -15.77 -8.20 2.16
CA GLN E 196 -15.60 -7.97 0.74
C GLN E 196 -14.38 -8.73 0.26
N PRO E 197 -14.46 -9.42 -0.88
CA PRO E 197 -13.32 -10.23 -1.34
C PRO E 197 -12.15 -9.40 -1.81
N GLY E 198 -10.99 -9.61 -1.20
CA GLY E 198 -9.77 -8.91 -1.54
C GLY E 198 -9.45 -7.76 -0.61
N ARG E 199 -10.44 -6.98 -0.22
CA ARG E 199 -10.21 -5.98 0.81
C ARG E 199 -10.36 -6.62 2.17
N PHE E 200 -9.92 -5.89 3.20
CA PHE E 200 -9.70 -6.46 4.53
C PHE E 200 -10.99 -6.96 5.15
N GLY E 201 -10.92 -8.14 5.76
CA GLY E 201 -12.04 -8.70 6.47
C GLY E 201 -12.93 -9.65 5.70
N ASP E 202 -12.38 -10.41 4.76
CA ASP E 202 -13.17 -11.44 4.11
C ASP E 202 -13.35 -12.68 4.97
N ILE E 203 -12.58 -12.82 6.04
CA ILE E 203 -12.79 -13.89 7.02
C ILE E 203 -13.01 -13.20 8.35
N GLN E 204 -14.23 -13.28 8.85
CA GLN E 204 -14.62 -12.64 10.10
C GLN E 204 -15.26 -13.69 10.99
N SER E 205 -14.56 -14.09 12.04
CA SER E 205 -15.13 -14.91 13.09
C SER E 205 -15.17 -14.07 14.36
N ARG E 206 -16.18 -14.34 15.20
CA ARG E 206 -16.50 -13.43 16.31
C ARG E 206 -15.39 -13.39 17.36
N THR E 207 -14.82 -14.55 17.67
CA THR E 207 -13.60 -14.57 18.48
C THR E 207 -12.71 -15.70 18.00
N VAL E 208 -11.68 -16.02 18.79
CA VAL E 208 -10.60 -16.89 18.33
C VAL E 208 -11.08 -18.33 18.21
N GLU E 209 -11.73 -18.86 19.23
CA GLU E 209 -12.03 -20.28 19.31
C GLU E 209 -13.50 -20.60 19.05
N SER E 210 -14.32 -19.62 18.72
CA SER E 210 -15.74 -19.88 18.55
C SER E 210 -16.02 -20.42 17.15
N LYS E 211 -17.27 -20.76 16.93
CA LYS E 211 -17.78 -21.24 15.65
C LYS E 211 -18.33 -20.05 14.87
N ASP E 212 -19.14 -20.33 13.85
CA ASP E 212 -19.84 -19.35 13.00
C ASP E 212 -18.85 -18.47 12.23
N LEU E 213 -18.14 -19.15 11.34
CA LEU E 213 -17.20 -18.49 10.43
C LEU E 213 -17.99 -17.80 9.32
N TYR E 214 -17.54 -16.62 8.90
CA TYR E 214 -18.17 -15.86 7.83
C TYR E 214 -17.18 -15.59 6.72
N ALA E 215 -17.59 -15.87 5.47
CA ALA E 215 -16.66 -15.78 4.35
C ALA E 215 -17.43 -15.67 3.04
N ASN E 216 -17.10 -14.66 2.25
CA ASN E 216 -17.50 -14.59 0.84
C ASN E 216 -16.27 -14.27 -0.02
N THR E 217 -15.67 -15.32 -0.58
CA THR E 217 -14.49 -15.16 -1.41
C THR E 217 -14.75 -15.49 -2.87
N ALA E 218 -16.01 -15.65 -3.27
CA ALA E 218 -16.47 -15.94 -4.63
C ALA E 218 -15.82 -17.22 -5.17
N LEU E 219 -16.19 -18.32 -4.54
CA LEU E 219 -15.65 -19.64 -4.86
C LEU E 219 -16.50 -20.24 -5.97
N LYS E 220 -16.02 -20.14 -7.21
CA LYS E 220 -16.76 -20.62 -8.36
C LYS E 220 -16.00 -21.78 -9.02
N LEU E 221 -16.74 -22.83 -9.39
CA LEU E 221 -16.16 -24.01 -10.00
C LEU E 221 -16.32 -23.99 -11.51
N SER E 222 -15.60 -24.89 -12.15
CA SER E 222 -15.70 -25.11 -13.59
C SER E 222 -15.53 -26.59 -13.85
N ARG E 223 -15.80 -27.00 -15.08
CA ARG E 223 -15.71 -28.42 -15.38
C ARG E 223 -14.27 -28.79 -15.77
N PRO E 224 -13.86 -30.04 -15.57
CA PRO E 224 -12.53 -30.46 -16.02
C PRO E 224 -12.45 -30.48 -17.53
N SER E 225 -11.24 -30.25 -18.04
CA SER E 225 -11.05 -29.84 -19.42
C SER E 225 -11.47 -30.87 -20.45
N SER E 226 -10.67 -31.92 -20.65
CA SER E 226 -11.15 -33.01 -21.48
C SER E 226 -10.99 -34.38 -20.81
N GLY E 227 -9.75 -34.70 -20.47
CA GLY E 227 -9.38 -36.06 -20.12
C GLY E 227 -8.38 -36.13 -18.98
N THR E 228 -8.51 -35.27 -17.99
CA THR E 228 -7.64 -35.30 -16.82
C THR E 228 -8.49 -35.33 -15.57
N VAL E 229 -8.06 -36.11 -14.58
CA VAL E 229 -8.79 -36.22 -13.32
C VAL E 229 -8.28 -35.11 -12.41
N HIS E 230 -8.83 -33.92 -12.62
CA HIS E 230 -8.50 -32.79 -11.76
C HIS E 230 -9.79 -32.08 -11.40
N VAL E 231 -9.67 -31.04 -10.60
CA VAL E 231 -10.81 -30.19 -10.28
C VAL E 231 -10.40 -28.73 -10.31
N PRO E 232 -10.95 -27.94 -11.23
CA PRO E 232 -10.60 -26.52 -11.29
C PRO E 232 -11.52 -25.67 -10.42
N TYR E 233 -10.93 -24.65 -9.81
CA TYR E 233 -11.71 -23.70 -9.04
C TYR E 233 -11.02 -22.35 -9.14
N THR E 234 -11.83 -21.29 -9.23
CA THR E 234 -11.29 -19.94 -9.31
C THR E 234 -11.97 -19.08 -8.25
N GLN E 235 -11.14 -18.29 -7.55
CA GLN E 235 -11.61 -17.46 -6.44
C GLN E 235 -10.56 -16.40 -6.17
N THR E 236 -11.02 -15.25 -5.67
CA THR E 236 -10.13 -14.12 -5.47
C THR E 236 -9.19 -14.40 -4.31
N PRO E 237 -7.92 -13.99 -4.39
CA PRO E 237 -6.92 -14.46 -3.42
C PRO E 237 -7.07 -13.89 -2.02
N SER E 238 -6.14 -14.26 -1.15
CA SER E 238 -6.24 -13.93 0.26
C SER E 238 -6.12 -12.44 0.49
N SER E 239 -7.15 -11.86 1.10
CA SER E 239 -7.10 -10.47 1.48
C SER E 239 -6.14 -10.20 2.62
N PHE E 240 -5.95 -11.17 3.49
CA PHE E 240 -5.13 -10.92 4.66
C PHE E 240 -3.67 -10.76 4.29
N LYS E 241 -3.19 -11.46 3.27
CA LYS E 241 -1.83 -11.30 2.81
C LYS E 241 -1.66 -10.11 1.88
N TYR E 242 -2.75 -9.59 1.31
CA TYR E 242 -2.70 -8.25 0.74
C TYR E 242 -2.34 -7.24 1.81
N TRP E 243 -2.97 -7.34 2.97
CA TRP E 243 -2.85 -6.31 3.98
C TRP E 243 -1.50 -6.34 4.70
N ILE E 244 -0.78 -7.47 4.66
CA ILE E 244 0.53 -7.51 5.30
C ILE E 244 1.55 -6.71 4.50
N LYS E 245 1.40 -6.65 3.18
CA LYS E 245 2.36 -5.92 2.38
C LYS E 245 1.85 -4.59 1.85
N GLU E 246 0.55 -4.41 1.67
CA GLU E 246 0.02 -3.14 1.19
C GLU E 246 -0.09 -2.10 2.28
N ARG E 247 0.15 -2.46 3.53
CA ARG E 247 0.09 -1.52 4.63
C ARG E 247 1.23 -0.50 4.50
N GLY E 248 0.87 0.78 4.48
CA GLY E 248 1.90 1.79 4.33
C GLY E 248 2.72 1.95 5.59
N THR E 249 2.11 2.56 6.60
CA THR E 249 2.69 2.71 7.92
C THR E 249 1.56 2.67 8.94
N SER E 250 1.93 2.30 10.16
CA SER E 250 0.95 2.25 11.22
C SER E 250 0.67 3.65 11.76
N LEU E 251 -0.20 3.72 12.77
CA LEU E 251 -0.48 4.98 13.42
C LEU E 251 0.66 5.41 14.33
N ASN E 252 1.56 4.48 14.68
CA ASN E 252 2.80 4.79 15.37
C ASN E 252 3.63 5.81 14.62
N ASP E 253 3.69 5.70 13.30
CA ASP E 253 4.61 6.49 12.52
C ASP E 253 3.98 7.79 12.03
N LYS E 254 2.74 8.08 12.44
CA LYS E 254 2.13 9.37 12.13
C LYS E 254 1.25 9.89 13.26
N ALA E 255 1.58 9.57 14.51
CA ALA E 255 0.78 10.06 15.62
C ALA E 255 1.12 11.51 15.93
N PRO E 256 0.13 12.32 16.30
CA PRO E 256 0.36 13.77 16.46
C PRO E 256 1.34 14.22 17.54
N PHE E 257 1.06 14.00 18.81
CA PHE E 257 1.85 14.67 19.85
C PHE E 257 3.01 13.81 20.34
N GLY E 258 3.84 13.33 19.42
CA GLY E 258 5.02 12.57 19.81
C GLY E 258 4.72 11.21 20.38
N CYS E 259 3.52 10.69 20.17
CA CYS E 259 3.09 9.46 20.79
C CYS E 259 3.79 8.27 20.16
N VAL E 260 4.03 7.23 20.97
CA VAL E 260 4.38 5.93 20.47
C VAL E 260 3.24 4.99 20.82
N ILE E 261 3.10 3.92 20.05
CA ILE E 261 1.94 3.04 20.17
C ILE E 261 2.40 1.61 20.33
N LYS E 262 2.07 1.01 21.46
CA LYS E 262 2.34 -0.39 21.71
C LYS E 262 1.09 -1.19 21.37
N THR E 263 1.06 -2.48 21.70
CA THR E 263 -0.02 -3.27 21.15
C THR E 263 -0.70 -4.31 22.04
N ASN E 264 -0.14 -4.75 23.16
CA ASN E 264 -0.72 -6.00 23.65
C ASN E 264 -1.97 -5.77 24.51
N PRO E 265 -2.00 -4.90 25.56
CA PRO E 265 -3.29 -4.33 25.94
C PRO E 265 -3.54 -2.95 25.32
N VAL E 266 -3.93 -2.88 24.04
CA VAL E 266 -3.67 -1.81 23.07
C VAL E 266 -3.70 -0.40 23.65
N ARG E 267 -2.62 0.36 23.46
CA ARG E 267 -2.41 1.56 24.24
C ARG E 267 -1.49 2.50 23.46
N ALA E 268 -1.28 3.69 24.01
CA ALA E 268 -0.48 4.71 23.35
C ALA E 268 0.21 5.53 24.44
N GLU E 269 1.47 5.20 24.73
CA GLU E 269 2.15 5.74 25.89
C GLU E 269 3.01 6.96 25.55
N ASN E 270 3.23 7.78 26.57
CA ASN E 270 4.05 9.00 26.53
C ASN E 270 3.56 10.00 25.50
N CYS E 271 2.33 10.49 25.72
CA CYS E 271 1.73 11.52 24.88
C CYS E 271 1.72 12.83 25.64
N ALA E 272 2.28 13.87 25.04
CA ALA E 272 2.47 15.15 25.73
C ALA E 272 1.39 16.13 25.28
N VAL E 273 0.29 16.18 26.03
CA VAL E 273 -0.82 17.07 25.72
C VAL E 273 -1.56 17.41 27.01
N GLY E 274 -1.98 18.67 27.12
CA GLY E 274 -2.80 19.08 28.24
C GLY E 274 -1.99 19.35 29.49
N ASN E 275 -2.68 19.29 30.63
CA ASN E 275 -2.07 19.44 31.94
C ASN E 275 -2.93 18.73 32.97
N ILE E 276 -2.31 18.36 34.08
CA ILE E 276 -2.92 17.53 35.11
C ILE E 276 -3.12 18.38 36.35
N PRO E 277 -4.35 18.56 36.85
CA PRO E 277 -4.51 19.13 38.19
C PRO E 277 -4.25 18.07 39.24
N VAL E 278 -3.67 18.49 40.37
CA VAL E 278 -3.35 17.57 41.45
C VAL E 278 -4.07 17.99 42.72
N SER E 279 -3.92 17.20 43.79
CA SER E 279 -4.45 17.57 45.09
C SER E 279 -3.54 16.95 46.15
N MET E 280 -3.05 17.77 47.06
CA MET E 280 -2.02 17.39 48.01
C MET E 280 -2.60 17.34 49.42
N ASP E 281 -2.09 16.41 50.22
CA ASP E 281 -2.61 16.22 51.58
C ASP E 281 -1.44 15.99 52.53
N ILE E 282 -0.43 16.84 52.45
CA ILE E 282 0.77 16.69 53.29
C ILE E 282 0.42 17.03 54.73
N PRO E 283 0.74 16.17 55.70
CA PRO E 283 0.46 16.46 57.10
C PRO E 283 1.45 17.47 57.66
N ASP E 284 1.22 17.88 58.90
CA ASP E 284 2.07 18.88 59.57
C ASP E 284 3.29 18.27 60.24
N THR E 285 3.53 16.97 60.08
CA THR E 285 4.73 16.35 60.60
C THR E 285 5.89 16.41 59.62
N ALA E 286 5.74 17.12 58.52
CA ALA E 286 6.79 17.23 57.53
C ALA E 286 7.39 18.62 57.43
N PHE E 287 6.70 19.65 57.92
CA PHE E 287 7.20 21.00 57.83
C PHE E 287 8.24 21.27 58.92
N THR E 288 8.78 22.49 58.91
CA THR E 288 9.66 22.96 59.97
C THR E 288 9.12 24.28 60.49
N ARG E 289 9.31 24.50 61.79
CA ARG E 289 8.82 25.71 62.44
C ARG E 289 9.77 26.87 62.15
N VAL E 290 9.23 28.09 62.26
CA VAL E 290 10.00 29.29 61.97
C VAL E 290 11.00 29.61 63.07
N ILE E 291 10.89 28.94 64.23
CA ILE E 291 11.90 29.07 65.28
C ILE E 291 13.21 28.45 64.82
N ASP E 292 13.16 27.24 64.28
CA ASP E 292 14.37 26.54 63.87
C ASP E 292 14.88 26.98 62.52
N ALA E 293 14.10 27.69 61.74
CA ALA E 293 14.54 28.12 60.43
C ALA E 293 15.45 29.36 60.57
N PRO E 294 16.51 29.44 59.78
CA PRO E 294 17.41 30.61 59.86
C PRO E 294 16.77 31.84 59.23
N ALA E 295 16.70 32.93 60.01
CA ALA E 295 16.16 34.18 59.51
C ALA E 295 17.17 34.84 58.59
N VAL E 296 16.74 35.15 57.37
CA VAL E 296 17.61 35.67 56.32
C VAL E 296 17.11 37.05 55.92
N THR E 297 18.02 38.03 55.91
CA THR E 297 17.68 39.40 55.55
C THR E 297 18.64 39.93 54.50
N ASN E 298 18.30 41.12 53.98
CA ASN E 298 19.16 41.97 53.16
C ASN E 298 19.58 41.28 51.85
N LEU E 299 18.56 41.06 51.02
CA LEU E 299 18.75 40.34 49.77
C LEU E 299 19.29 41.25 48.68
N GLU E 300 19.97 40.64 47.71
CA GLU E 300 20.57 41.34 46.59
C GLU E 300 20.79 40.34 45.47
N CYS E 301 20.55 40.75 44.23
CA CYS E 301 20.64 39.84 43.09
C CYS E 301 21.34 40.53 41.93
N GLN E 302 22.27 39.81 41.30
CA GLN E 302 22.93 40.30 40.09
C GLN E 302 23.34 39.09 39.26
N VAL E 303 23.36 39.26 37.95
CA VAL E 303 23.66 38.17 37.03
C VAL E 303 24.95 38.49 36.28
N ALA E 304 25.45 37.50 35.54
CA ALA E 304 26.70 37.70 34.83
C ALA E 304 26.63 37.27 33.37
N VAL E 305 25.84 36.25 33.05
CA VAL E 305 25.89 35.71 31.69
C VAL E 305 24.55 35.71 30.96
N CYS E 306 23.58 34.94 31.45
CA CYS E 306 22.23 34.79 30.88
C CYS E 306 22.25 34.44 29.40
N THR E 307 22.64 33.21 29.10
CA THR E 307 22.51 32.71 27.75
C THR E 307 21.06 32.24 27.53
N HIS E 308 20.56 32.41 26.30
CA HIS E 308 19.26 31.84 25.91
C HIS E 308 19.25 30.33 25.77
N SER E 309 20.29 29.57 26.15
CA SER E 309 20.31 28.15 25.90
C SER E 309 19.20 27.43 26.65
N SER E 310 18.80 26.27 26.13
CA SER E 310 17.60 25.62 26.61
C SER E 310 17.77 25.00 27.98
N ASP E 311 19.00 24.69 28.41
CA ASP E 311 19.09 23.91 29.64
C ASP E 311 19.02 24.75 30.92
N PHE E 312 20.10 25.43 31.30
CA PHE E 312 20.09 26.34 32.45
C PHE E 312 21.05 27.49 32.23
N GLY E 313 21.02 28.09 31.04
CA GLY E 313 21.97 29.13 30.71
C GLY E 313 21.76 30.42 31.49
N GLY E 314 22.65 30.67 32.45
CA GLY E 314 22.54 31.85 33.28
C GLY E 314 22.94 31.59 34.72
N ILE E 315 23.82 32.43 35.27
CA ILE E 315 24.25 32.32 36.64
C ILE E 315 23.70 33.53 37.39
N ALA E 316 23.61 33.43 38.70
CA ALA E 316 23.02 34.50 39.51
C ALA E 316 23.71 34.56 40.86
N THR E 317 24.62 35.52 41.02
CA THR E 317 25.30 35.73 42.30
C THR E 317 24.35 36.47 43.22
N LEU E 318 24.09 35.92 44.41
CA LEU E 318 23.08 36.43 45.31
C LEU E 318 23.62 36.45 46.72
N THR E 319 23.50 37.59 47.39
CA THR E 319 24.02 37.81 48.73
C THR E 319 22.87 37.99 49.72
N PHE E 320 23.19 37.88 51.01
CA PHE E 320 22.22 37.97 52.08
C PHE E 320 22.95 38.27 53.38
N LYS E 321 22.19 38.27 54.49
CA LYS E 321 22.75 38.46 55.83
C LYS E 321 21.98 37.55 56.78
N THR E 322 22.61 36.45 57.19
CA THR E 322 22.00 35.49 58.09
C THR E 322 22.60 35.61 59.49
N ASP E 323 22.12 34.76 60.38
CA ASP E 323 22.60 34.68 61.74
C ASP E 323 22.97 33.27 62.18
N LYS E 324 22.24 32.26 61.70
CA LYS E 324 22.44 30.88 62.12
C LYS E 324 22.53 29.99 60.89
N PRO E 325 23.44 29.01 60.88
CA PRO E 325 23.45 28.04 59.79
C PRO E 325 22.24 27.11 59.86
N GLY E 326 21.62 26.88 58.70
CA GLY E 326 20.39 26.10 58.59
C GLY E 326 20.12 25.68 57.15
N LYS E 327 18.87 25.76 56.72
CA LYS E 327 18.50 25.30 55.39
C LYS E 327 17.31 26.10 54.87
N CYS E 328 17.41 26.57 53.63
CA CYS E 328 16.36 27.33 52.98
C CYS E 328 15.79 26.59 51.77
N ALA E 329 14.79 27.20 51.15
CA ALA E 329 14.08 26.59 50.02
C ALA E 329 13.74 27.70 49.04
N VAL E 330 14.57 27.87 48.02
CA VAL E 330 14.41 28.94 47.05
C VAL E 330 13.24 28.62 46.12
N HIS E 331 12.78 29.63 45.39
CA HIS E 331 11.69 29.55 44.42
C HIS E 331 11.64 30.88 43.68
N SER E 332 11.10 30.85 42.47
CA SER E 332 10.65 32.07 41.80
C SER E 332 9.14 32.22 41.94
N HIS E 333 8.60 33.26 41.32
CA HIS E 333 7.17 33.50 41.39
C HIS E 333 6.60 33.93 40.04
N SER E 334 7.41 33.89 38.99
CA SER E 334 6.96 34.30 37.67
C SER E 334 7.38 33.24 36.67
N ASN E 335 6.60 33.12 35.60
CA ASN E 335 6.82 32.09 34.59
C ASN E 335 7.86 32.48 33.56
N VAL E 336 8.58 33.58 33.78
CA VAL E 336 9.61 33.99 32.82
C VAL E 336 10.84 33.10 32.97
N ALA E 337 11.20 32.75 34.21
CA ALA E 337 12.37 31.95 34.47
C ALA E 337 12.05 30.86 35.48
N THR E 338 12.82 29.77 35.42
CA THR E 338 12.69 28.63 36.31
C THR E 338 14.00 28.39 37.04
N ILE E 339 13.91 27.89 38.27
CA ILE E 339 15.05 27.77 39.18
C ILE E 339 15.32 26.29 39.46
N GLN E 340 16.59 25.92 39.47
CA GLN E 340 17.02 24.56 39.71
C GLN E 340 17.43 24.36 41.17
N GLU E 341 17.29 23.11 41.62
CA GLU E 341 17.74 22.49 42.87
C GLU E 341 16.95 22.85 44.13
N ALA E 342 16.19 23.94 44.11
CA ALA E 342 15.03 24.19 44.98
C ALA E 342 15.25 24.21 46.49
N ALA E 343 16.44 23.83 47.00
CA ALA E 343 16.59 23.66 48.44
C ALA E 343 17.98 24.01 48.94
N VAL E 344 18.65 24.99 48.34
CA VAL E 344 20.10 25.15 48.53
C VAL E 344 20.43 25.60 49.96
N ASP E 345 21.61 25.19 50.42
CA ASP E 345 22.03 25.41 51.78
C ASP E 345 22.51 26.84 51.98
N ILE E 346 22.94 27.14 53.20
CA ILE E 346 23.21 28.50 53.62
C ILE E 346 24.62 28.56 54.21
N LYS E 347 25.16 29.77 54.29
CA LYS E 347 26.45 29.97 54.95
C LYS E 347 26.41 31.37 55.56
N THR E 348 27.31 31.61 56.53
CA THR E 348 27.28 32.84 57.32
C THR E 348 27.56 34.07 56.47
N ASP E 349 28.53 33.99 55.57
CA ASP E 349 28.72 35.01 54.55
C ASP E 349 27.80 34.75 53.37
N GLY E 350 27.25 35.82 52.79
CA GLY E 350 26.29 35.60 51.73
C GLY E 350 26.91 35.48 50.36
N LYS E 351 27.19 34.25 49.94
CA LYS E 351 27.79 33.96 48.63
C LYS E 351 27.23 32.60 48.19
N ILE E 352 26.12 32.63 47.46
CA ILE E 352 25.54 31.44 46.85
C ILE E 352 25.07 31.81 45.45
N THR E 353 25.26 30.88 44.51
CA THR E 353 24.87 31.11 43.13
C THR E 353 23.65 30.28 42.78
N LEU E 354 23.00 30.66 41.68
CA LEU E 354 21.79 30.00 41.21
C LEU E 354 21.89 29.76 39.71
N HIS E 355 21.16 28.76 39.24
CA HIS E 355 21.11 28.43 37.82
C HIS E 355 19.66 28.58 37.35
N PHE E 356 19.37 29.69 36.70
CA PHE E 356 18.06 29.93 36.10
C PHE E 356 18.11 29.58 34.62
N SER E 357 16.92 29.56 34.00
CA SER E 357 16.84 29.35 32.56
C SER E 357 15.65 30.15 32.04
N THR E 358 15.92 31.30 31.47
CA THR E 358 14.90 32.16 30.89
C THR E 358 14.98 32.12 29.38
N ALA E 359 13.97 32.71 28.75
CA ALA E 359 13.85 32.67 27.30
C ALA E 359 13.39 34.01 26.75
N SER E 360 13.97 35.10 27.24
CA SER E 360 13.63 36.42 26.73
C SER E 360 14.84 37.31 26.82
N ALA E 361 14.76 38.48 26.17
CA ALA E 361 15.89 39.39 26.11
C ALA E 361 16.18 40.01 27.46
N SER E 362 15.13 40.32 28.23
CA SER E 362 15.29 40.93 29.54
C SER E 362 14.27 40.33 30.51
N PRO E 363 14.64 39.31 31.26
CA PRO E 363 13.73 38.75 32.25
C PRO E 363 13.69 39.62 33.50
N ALA E 364 12.60 39.50 34.24
CA ALA E 364 12.46 40.22 35.50
C ALA E 364 11.57 39.36 36.41
N PHE E 365 12.22 38.57 37.25
CA PHE E 365 11.55 37.65 38.14
C PHE E 365 11.86 38.03 39.58
N LYS E 366 11.46 37.16 40.51
CA LYS E 366 11.52 37.50 41.93
C LYS E 366 11.70 36.24 42.76
N VAL E 367 12.65 36.29 43.69
CA VAL E 367 13.19 35.11 44.35
C VAL E 367 12.88 35.19 45.83
N SER E 368 12.40 34.09 46.41
CA SER E 368 12.17 34.00 47.85
C SER E 368 13.00 32.86 48.41
N VAL E 369 13.86 33.17 49.39
CA VAL E 369 14.82 32.19 49.88
C VAL E 369 14.27 31.49 51.12
N CYS E 370 14.11 32.23 52.23
CA CYS E 370 13.32 31.79 53.38
C CYS E 370 12.41 32.94 53.77
N SER E 371 11.28 33.06 53.08
CA SER E 371 10.30 34.16 53.25
C SER E 371 10.97 35.53 53.19
N ALA E 372 11.96 35.67 52.31
CA ALA E 372 12.78 36.87 52.21
C ALA E 372 12.97 37.16 50.73
N LYS E 373 12.31 38.22 50.26
CA LYS E 373 12.09 38.40 48.83
C LYS E 373 13.01 39.46 48.24
N THR E 374 13.14 39.40 46.92
CA THR E 374 13.89 40.36 46.12
C THR E 374 13.43 40.23 44.67
N THR E 375 14.11 40.93 43.76
CA THR E 375 13.93 40.76 42.32
C THR E 375 15.29 40.62 41.65
N CYS E 376 15.26 40.27 40.36
CA CYS E 376 16.48 40.10 39.58
C CYS E 376 16.31 40.76 38.21
N MET E 377 17.41 40.82 37.47
CA MET E 377 17.45 41.52 36.20
C MET E 377 18.59 40.95 35.38
N ALA E 378 18.43 40.95 34.06
CA ALA E 378 19.46 40.36 33.19
C ALA E 378 19.48 41.07 31.84
N ALA E 379 20.54 40.80 31.08
CA ALA E 379 20.87 41.48 29.84
C ALA E 379 21.26 40.47 28.76
N CYS E 380 20.38 39.49 28.55
CA CYS E 380 20.71 38.19 27.96
C CYS E 380 21.14 38.29 26.50
N GLU E 381 21.86 37.26 26.05
CA GLU E 381 22.44 37.18 24.72
C GLU E 381 22.07 35.87 24.05
N PRO E 382 21.97 35.85 22.72
CA PRO E 382 21.62 34.61 22.00
C PRO E 382 22.79 33.64 21.96
N PRO E 383 22.52 32.33 21.81
CA PRO E 383 23.60 31.35 21.72
C PRO E 383 23.98 31.03 20.28
N LYS E 384 25.19 30.52 20.08
CA LYS E 384 25.72 30.25 18.74
C LYS E 384 25.49 28.81 18.31
N ASP E 385 24.24 28.33 18.39
CA ASP E 385 23.91 26.98 17.96
C ASP E 385 22.60 27.01 17.18
N HIS E 386 22.31 25.93 16.47
CA HIS E 386 21.06 25.83 15.72
C HIS E 386 20.21 24.66 16.16
N ILE E 387 20.77 23.45 16.22
CA ILE E 387 20.01 22.24 16.50
C ILE E 387 20.55 21.64 17.79
N VAL E 388 19.64 21.30 18.69
CA VAL E 388 19.98 20.83 20.02
C VAL E 388 19.36 19.45 20.22
N PRO E 389 20.11 18.46 20.72
CA PRO E 389 19.51 17.14 20.94
C PRO E 389 18.52 17.08 22.09
N TYR E 390 18.81 17.74 23.22
CA TYR E 390 17.86 17.68 24.33
C TYR E 390 16.72 18.67 24.12
N GLY E 391 15.75 18.62 25.01
CA GLY E 391 14.57 19.45 24.94
C GLY E 391 14.64 20.64 25.89
N ALA E 392 13.65 21.51 25.76
CA ALA E 392 13.64 22.77 26.50
C ALA E 392 13.35 22.55 27.97
N SER E 393 13.73 23.54 28.78
CA SER E 393 13.48 23.52 30.21
C SER E 393 13.01 24.88 30.70
N HIS E 394 12.22 25.57 29.88
CA HIS E 394 11.72 26.88 30.24
C HIS E 394 10.31 27.06 29.70
N ASN E 395 9.46 27.71 30.48
CA ASN E 395 8.18 28.16 29.96
C ASN E 395 8.42 29.29 28.97
N ASN E 396 7.64 29.32 27.89
CA ASN E 396 7.84 30.35 26.88
C ASN E 396 7.20 31.65 27.31
N GLN E 397 8.03 32.69 27.48
CA GLN E 397 7.52 34.01 27.85
C GLN E 397 8.47 35.04 27.24
N VAL E 398 8.13 35.54 26.06
CA VAL E 398 8.94 36.52 25.35
C VAL E 398 8.29 37.89 25.54
N PHE E 399 8.66 38.58 26.62
CA PHE E 399 8.14 39.91 26.86
C PHE E 399 9.09 40.70 27.76
N PRO E 400 9.86 41.64 27.21
CA PRO E 400 10.71 42.50 28.04
C PRO E 400 9.93 43.62 28.74
N ASP E 401 9.42 43.32 29.93
CA ASP E 401 8.26 43.99 30.51
C ASP E 401 8.30 45.52 30.70
N MET E 402 9.14 46.06 31.59
CA MET E 402 9.01 47.48 31.92
C MET E 402 10.34 48.21 32.14
N SER E 403 11.49 47.57 31.95
CA SER E 403 12.73 48.24 32.31
C SER E 403 13.87 48.07 31.32
N GLY E 404 13.76 47.21 30.31
CA GLY E 404 14.88 46.86 29.46
C GLY E 404 15.24 47.96 28.48
N THR E 405 16.17 47.62 27.58
CA THR E 405 16.55 48.54 26.52
C THR E 405 15.43 48.67 25.49
N ALA E 406 14.74 47.57 25.19
CA ALA E 406 13.63 47.61 24.24
C ALA E 406 12.39 48.28 24.81
N MET E 407 12.34 48.56 26.10
CA MET E 407 11.23 49.28 26.71
C MET E 407 11.53 50.76 26.91
N THR E 408 12.81 51.11 27.10
CA THR E 408 13.18 52.49 27.40
C THR E 408 12.96 53.40 26.20
N TRP E 409 13.29 52.92 25.00
CA TRP E 409 13.07 53.73 23.80
C TRP E 409 11.59 53.86 23.47
N VAL E 410 10.77 52.91 23.91
CA VAL E 410 9.33 53.03 23.72
C VAL E 410 8.76 54.08 24.67
N GLN E 411 9.25 54.11 25.91
CA GLN E 411 8.76 55.07 26.89
C GLN E 411 9.20 56.50 26.59
N ARG E 412 10.31 56.68 25.89
CA ARG E 412 10.76 58.03 25.57
C ARG E 412 10.02 58.61 24.38
N VAL E 413 9.68 57.77 23.41
CA VAL E 413 8.92 58.24 22.25
C VAL E 413 7.47 58.51 22.63
N ALA E 414 6.79 57.51 23.20
CA ALA E 414 5.41 57.67 23.62
C ALA E 414 5.24 58.58 24.82
N GLY E 415 6.30 58.86 25.57
CA GLY E 415 6.25 59.83 26.64
C GLY E 415 6.76 61.17 26.19
N GLY E 416 7.23 61.24 24.94
CA GLY E 416 7.70 62.48 24.36
C GLY E 416 6.75 62.98 23.28
N LEU E 417 6.11 62.07 22.58
CA LEU E 417 5.11 62.46 21.59
C LEU E 417 3.76 62.73 22.24
N GLY E 418 3.39 61.93 23.24
CA GLY E 418 2.16 62.16 23.96
C GLY E 418 2.15 63.43 24.79
N GLY E 419 3.33 63.91 25.19
CA GLY E 419 3.43 65.15 25.93
C GLY E 419 3.21 66.40 25.11
N LEU E 420 3.22 66.29 23.78
CA LEU E 420 2.93 67.42 22.91
C LEU E 420 1.57 67.34 22.25
N THR E 421 0.87 66.21 22.36
CA THR E 421 -0.52 66.17 21.95
C THR E 421 -1.42 66.75 23.02
N LEU E 422 -1.21 66.37 24.28
CA LEU E 422 -1.99 66.94 25.37
C LEU E 422 -1.61 68.39 25.66
N ALA E 423 -0.41 68.82 25.26
CA ALA E 423 -0.01 70.21 25.46
C ALA E 423 -0.82 71.15 24.57
N ALA E 424 -1.18 70.69 23.38
CA ALA E 424 -2.07 71.48 22.52
C ALA E 424 -3.48 71.54 23.09
N VAL E 425 -3.88 70.53 23.87
CA VAL E 425 -5.17 70.59 24.56
C VAL E 425 -5.11 71.63 25.67
N ALA E 426 -3.94 71.83 26.28
CA ALA E 426 -3.79 72.90 27.26
C ALA E 426 -3.88 74.28 26.59
N VAL E 427 -3.34 74.42 25.39
CA VAL E 427 -3.46 75.67 24.63
C VAL E 427 -4.90 75.86 24.16
N LEU E 428 -5.63 74.76 23.97
CA LEU E 428 -7.03 74.85 23.56
C LEU E 428 -7.91 75.35 24.71
N ILE E 429 -7.40 75.30 25.94
CA ILE E 429 -8.12 75.89 27.07
C ILE E 429 -7.50 77.25 27.45
N LEU E 430 -6.21 77.44 27.15
CA LEU E 430 -5.49 78.63 27.59
C LEU E 430 -5.97 79.88 26.85
N VAL E 431 -6.15 79.79 25.54
CA VAL E 431 -6.42 80.96 24.71
C VAL E 431 -7.91 81.20 24.55
N THR E 432 -8.70 80.12 24.43
CA THR E 432 -10.09 80.23 24.02
C THR E 432 -10.99 80.87 25.08
N CYS E 433 -10.58 80.86 26.34
CA CYS E 433 -11.36 81.58 27.35
C CYS E 433 -11.12 83.09 27.28
N VAL E 434 -9.91 83.49 26.88
CA VAL E 434 -9.55 84.90 26.84
C VAL E 434 -10.23 85.60 25.68
N THR E 435 -10.31 84.93 24.53
CA THR E 435 -10.99 85.45 23.34
C THR E 435 -12.48 85.66 23.60
N MET E 436 -13.09 84.60 24.16
CA MET E 436 -14.53 84.55 24.38
C MET E 436 -14.98 85.55 25.44
N ARG E 437 -14.19 85.76 26.48
CA ARG E 437 -14.56 86.72 27.51
C ARG E 437 -14.40 88.15 27.02
N ARG E 438 -13.39 88.41 26.20
CA ARG E 438 -13.15 89.73 25.64
C ARG E 438 -14.19 90.09 24.57
N SER F 1 15.73 -38.04 13.89
CA SER F 1 14.65 -38.83 13.31
C SER F 1 14.21 -39.93 14.29
N VAL F 2 13.20 -39.60 15.10
CA VAL F 2 12.75 -40.48 16.18
C VAL F 2 12.04 -41.68 15.61
N THR F 3 12.51 -42.88 15.99
CA THR F 3 11.93 -44.14 15.54
C THR F 3 10.50 -44.34 16.01
N GLU F 4 10.11 -43.72 17.12
CA GLU F 4 8.72 -43.76 17.57
C GLU F 4 7.82 -42.83 16.77
N HIS F 5 8.38 -41.83 16.10
CA HIS F 5 7.57 -40.87 15.36
C HIS F 5 7.18 -41.36 13.98
N PHE F 6 8.06 -42.10 13.31
CA PHE F 6 7.77 -42.62 11.97
C PHE F 6 6.78 -43.77 11.95
N ASN F 7 6.29 -44.24 13.10
CA ASN F 7 5.43 -45.41 13.15
C ASN F 7 4.03 -45.19 12.60
N VAL F 8 3.68 -43.96 12.20
CA VAL F 8 2.43 -43.79 11.50
C VAL F 8 2.58 -44.26 10.06
N TYR F 9 3.80 -44.20 9.53
CA TYR F 9 4.09 -44.54 8.13
C TYR F 9 4.18 -46.06 7.95
N LYS F 10 3.04 -46.72 8.11
CA LYS F 10 2.95 -48.15 7.91
C LYS F 10 2.09 -48.51 6.70
N ALA F 11 0.85 -48.03 6.66
CA ALA F 11 -0.06 -48.33 5.58
C ALA F 11 -0.04 -47.28 4.48
N THR F 12 0.94 -46.39 4.48
CA THR F 12 0.98 -45.27 3.54
C THR F 12 2.00 -45.55 2.45
N LYS F 13 1.57 -45.47 1.20
CA LYS F 13 2.48 -45.63 0.09
C LYS F 13 2.44 -44.42 -0.84
N PRO F 14 3.56 -44.01 -1.40
CA PRO F 14 3.57 -42.89 -2.33
C PRO F 14 2.92 -43.24 -3.65
N TYR F 15 2.42 -42.21 -4.33
CA TYR F 15 1.63 -42.36 -5.54
C TYR F 15 2.21 -41.55 -6.68
N LEU F 16 1.58 -41.70 -7.85
CA LEU F 16 1.93 -40.95 -9.05
C LEU F 16 0.72 -40.14 -9.47
N ALA F 17 0.96 -38.90 -9.89
CA ALA F 17 -0.11 -37.94 -10.11
C ALA F 17 0.12 -37.20 -11.42
N TYR F 18 -0.88 -36.41 -11.81
CA TYR F 18 -0.82 -35.61 -13.04
C TYR F 18 -0.03 -34.34 -12.75
N CYS F 19 1.24 -34.34 -13.10
CA CYS F 19 2.00 -33.11 -13.07
C CYS F 19 1.74 -32.30 -14.32
N ALA F 20 1.66 -30.98 -14.16
CA ALA F 20 1.43 -30.11 -15.31
C ALA F 20 2.69 -29.98 -16.15
N ASP F 21 3.78 -29.53 -15.54
CA ASP F 21 5.02 -29.27 -16.26
C ASP F 21 6.14 -30.08 -15.64
N CYS F 22 6.71 -31.01 -16.41
CA CYS F 22 7.80 -31.84 -15.94
C CYS F 22 9.09 -31.07 -15.74
N GLY F 23 9.22 -29.90 -16.36
CA GLY F 23 10.46 -29.13 -16.34
C GLY F 23 11.06 -28.96 -17.70
N ASP F 24 10.57 -29.68 -18.71
CA ASP F 24 11.02 -29.51 -20.08
C ASP F 24 10.03 -28.74 -20.94
N GLY F 25 8.75 -28.77 -20.60
CA GLY F 25 7.72 -28.08 -21.34
C GLY F 25 6.44 -28.86 -21.55
N GLN F 26 6.47 -30.18 -21.45
CA GLN F 26 5.29 -31.01 -21.67
C GLN F 26 4.93 -31.72 -20.38
N PHE F 27 3.78 -32.39 -20.40
CA PHE F 27 3.23 -33.00 -19.21
C PHE F 27 3.65 -34.46 -19.09
N CYS F 28 3.58 -34.98 -17.87
CA CYS F 28 3.83 -36.39 -17.61
C CYS F 28 3.18 -36.75 -16.29
N TYR F 29 2.85 -38.03 -16.15
CA TYR F 29 2.37 -38.58 -14.89
C TYR F 29 3.58 -38.84 -14.02
N SER F 30 3.93 -37.90 -13.19
CA SER F 30 5.22 -38.04 -12.54
C SER F 30 5.07 -38.60 -11.14
N PRO F 31 6.10 -39.29 -10.64
CA PRO F 31 6.07 -39.71 -9.23
C PRO F 31 6.22 -38.55 -8.27
N VAL F 32 7.13 -37.64 -8.54
CA VAL F 32 7.28 -36.41 -7.77
C VAL F 32 6.23 -35.41 -8.25
N ALA F 33 5.56 -34.77 -7.30
CA ALA F 33 4.54 -33.77 -7.60
C ALA F 33 4.37 -32.89 -6.39
N ILE F 34 3.88 -31.68 -6.62
CA ILE F 34 3.53 -30.75 -5.54
C ILE F 34 2.02 -30.69 -5.43
N GLU F 35 1.50 -30.98 -4.24
CA GLU F 35 0.08 -30.80 -4.02
C GLU F 35 -0.24 -29.35 -3.68
N LYS F 36 0.29 -28.85 -2.58
CA LYS F 36 0.22 -27.44 -2.23
C LYS F 36 1.38 -27.12 -1.28
N ILE F 37 1.89 -25.91 -1.40
CA ILE F 37 2.98 -25.46 -0.55
C ILE F 37 2.46 -24.27 0.25
N ARG F 38 3.10 -24.01 1.38
CA ARG F 38 2.60 -23.01 2.30
C ARG F 38 3.73 -22.16 2.85
N ASP F 39 3.45 -20.87 3.04
CA ASP F 39 4.26 -20.00 3.90
C ASP F 39 3.33 -19.28 4.86
N GLU F 40 2.93 -19.99 5.90
CA GLU F 40 2.31 -19.36 7.06
C GLU F 40 3.36 -18.89 8.03
N ALA F 41 4.62 -19.17 7.71
CA ALA F 41 5.77 -18.42 8.18
C ALA F 41 5.74 -17.01 7.62
N SER F 42 6.63 -16.15 8.14
CA SER F 42 6.72 -14.77 7.68
C SER F 42 8.08 -14.43 7.08
N ASP F 43 8.89 -15.44 6.75
CA ASP F 43 10.11 -15.21 5.99
C ASP F 43 10.11 -16.13 4.78
N GLY F 44 11.26 -16.28 4.13
CA GLY F 44 11.33 -17.15 2.97
C GLY F 44 11.41 -18.64 3.26
N MET F 45 10.52 -19.16 4.10
CA MET F 45 10.48 -20.59 4.43
C MET F 45 9.25 -21.24 3.80
N ILE F 46 9.41 -22.48 3.36
CA ILE F 46 8.35 -23.23 2.69
C ILE F 46 8.25 -24.59 3.37
N LYS F 47 7.07 -25.21 3.27
CA LYS F 47 6.82 -26.60 3.68
C LYS F 47 6.22 -27.39 2.52
N ILE F 48 6.99 -27.48 1.44
CA ILE F 48 6.65 -28.24 0.23
C ILE F 48 6.16 -29.65 0.55
N GLN F 49 4.95 -29.96 0.12
CA GLN F 49 4.31 -31.24 0.39
C GLN F 49 4.40 -32.07 -0.88
N VAL F 50 5.46 -32.84 -0.98
CA VAL F 50 5.71 -33.62 -2.18
C VAL F 50 4.91 -34.90 -2.12
N ALA F 51 4.54 -35.42 -3.29
CA ALA F 51 3.80 -36.69 -3.38
C ALA F 51 4.76 -37.87 -3.48
N ALA F 52 5.71 -37.92 -2.56
CA ALA F 52 6.70 -38.98 -2.52
C ALA F 52 7.11 -39.17 -1.06
N GLN F 53 6.94 -40.39 -0.55
CA GLN F 53 7.28 -40.69 0.82
C GLN F 53 8.79 -40.68 0.95
N ILE F 54 9.35 -39.63 1.53
CA ILE F 54 10.79 -39.50 1.61
C ILE F 54 11.22 -39.55 3.07
N GLY F 55 12.27 -40.33 3.34
CA GLY F 55 12.81 -40.52 4.67
C GLY F 55 12.82 -41.95 5.14
N ILE F 56 12.01 -42.82 4.51
CA ILE F 56 11.92 -44.21 4.92
C ILE F 56 12.43 -45.10 3.79
N ASN F 57 12.66 -46.37 4.12
CA ASN F 57 13.28 -47.33 3.21
C ASN F 57 12.19 -48.07 2.43
N LYS F 58 12.57 -49.24 1.89
CA LYS F 58 11.64 -50.17 1.24
C LYS F 58 10.38 -50.45 2.06
N GLY F 59 10.50 -50.49 3.38
CA GLY F 59 9.29 -50.58 4.17
C GLY F 59 9.47 -50.44 5.66
N GLY F 60 8.65 -49.60 6.28
CA GLY F 60 8.61 -49.55 7.72
C GLY F 60 9.62 -48.64 8.37
N THR F 61 10.76 -49.23 8.76
CA THR F 61 11.85 -48.52 9.43
C THR F 61 12.38 -47.42 8.54
N HIS F 62 12.78 -46.30 9.15
CA HIS F 62 13.32 -45.20 8.38
C HIS F 62 14.85 -45.32 8.35
N GLU F 63 15.39 -45.29 7.14
CA GLU F 63 16.82 -45.12 6.97
C GLU F 63 17.05 -43.68 6.51
N HIS F 64 18.15 -43.09 6.99
CA HIS F 64 18.32 -41.64 6.92
C HIS F 64 18.77 -41.15 5.56
N ASN F 65 18.92 -42.03 4.57
CA ASN F 65 19.22 -41.59 3.22
C ASN F 65 18.48 -42.44 2.19
N LYS F 66 17.20 -42.70 2.42
CA LYS F 66 16.41 -43.51 1.50
C LYS F 66 15.12 -42.79 1.11
N ILE F 67 14.75 -42.90 -0.16
CA ILE F 67 13.56 -42.30 -0.73
C ILE F 67 12.83 -43.35 -1.56
N ARG F 68 11.54 -43.53 -1.30
CA ARG F 68 10.73 -44.46 -2.06
C ARG F 68 9.77 -43.71 -2.97
N TYR F 69 9.29 -44.40 -4.00
CA TYR F 69 8.26 -43.88 -4.88
C TYR F 69 7.54 -45.05 -5.54
N ILE F 70 6.72 -44.74 -6.54
CA ILE F 70 5.97 -45.75 -7.29
C ILE F 70 6.36 -45.63 -8.76
N ALA F 71 6.39 -46.76 -9.46
CA ALA F 71 6.70 -46.79 -10.88
C ALA F 71 5.84 -47.88 -11.52
N GLY F 72 4.66 -47.49 -12.00
CA GLY F 72 3.74 -48.41 -12.63
C GLY F 72 3.20 -49.48 -11.70
N HIS F 73 2.48 -49.04 -10.65
CA HIS F 73 1.97 -49.82 -9.51
C HIS F 73 2.96 -50.84 -8.97
N ASP F 74 4.24 -50.48 -8.96
CA ASP F 74 5.32 -51.34 -8.50
C ASP F 74 6.24 -50.48 -7.64
N MET F 75 6.17 -50.67 -6.34
CA MET F 75 6.88 -49.83 -5.40
C MET F 75 8.39 -50.03 -5.51
N LYS F 76 9.13 -48.93 -5.41
CA LYS F 76 10.56 -48.93 -5.71
C LYS F 76 11.22 -47.92 -4.79
N GLU F 77 12.54 -48.05 -4.62
CA GLU F 77 13.31 -47.26 -3.68
C GLU F 77 14.45 -46.56 -4.41
N ALA F 78 14.80 -45.36 -3.95
CA ALA F 78 15.82 -44.56 -4.61
C ALA F 78 16.83 -43.93 -3.66
N ASN F 79 17.64 -43.02 -4.18
CA ASN F 79 18.77 -42.45 -3.47
C ASN F 79 18.35 -41.15 -2.77
N ARG F 80 19.24 -40.60 -1.96
CA ARG F 80 19.02 -39.33 -1.26
C ARG F 80 19.94 -38.22 -1.73
N ASP F 81 21.10 -38.57 -2.27
CA ASP F 81 21.98 -37.56 -2.83
C ASP F 81 21.32 -36.92 -4.04
N SER F 82 21.54 -35.62 -4.18
CA SER F 82 20.90 -34.75 -5.18
C SER F 82 19.38 -34.83 -5.09
N LEU F 83 18.86 -34.60 -3.89
CA LEU F 83 17.47 -34.17 -3.72
C LEU F 83 17.58 -32.68 -3.47
N GLN F 84 17.61 -31.91 -4.56
CA GLN F 84 17.81 -30.48 -4.50
C GLN F 84 16.56 -29.77 -5.02
N VAL F 85 16.14 -28.74 -4.30
CA VAL F 85 15.00 -27.92 -4.68
C VAL F 85 15.53 -26.51 -4.98
N HIS F 86 15.14 -25.97 -6.14
CA HIS F 86 15.64 -24.67 -6.53
C HIS F 86 14.66 -23.96 -7.45
N THR F 87 14.68 -22.63 -7.36
CA THR F 87 13.94 -21.73 -8.23
C THR F 87 14.81 -21.44 -9.47
N SER F 88 14.50 -20.37 -10.19
CA SER F 88 15.43 -19.89 -11.22
C SER F 88 16.77 -19.51 -10.61
N GLY F 89 16.77 -19.00 -9.38
CA GLY F 89 17.96 -19.00 -8.56
C GLY F 89 18.08 -20.31 -7.79
N VAL F 90 19.32 -20.72 -7.54
CA VAL F 90 19.56 -22.00 -6.87
C VAL F 90 19.18 -21.84 -5.39
N CYS F 91 18.46 -22.83 -4.88
CA CYS F 91 17.95 -22.85 -3.52
C CYS F 91 18.45 -24.06 -2.77
N ALA F 92 18.27 -24.02 -1.45
CA ALA F 92 18.77 -25.06 -0.57
C ALA F 92 17.62 -25.67 0.20
N ILE F 93 17.64 -27.00 0.33
CA ILE F 93 16.74 -27.69 1.22
C ILE F 93 17.10 -27.36 2.66
N ARG F 94 16.10 -27.37 3.54
CA ARG F 94 16.27 -26.96 4.92
C ARG F 94 15.71 -28.02 5.87
N GLY F 95 16.09 -29.28 5.64
CA GLY F 95 15.76 -30.35 6.57
C GLY F 95 14.37 -30.93 6.37
N THR F 96 14.20 -32.23 6.56
CA THR F 96 12.97 -32.83 6.05
C THR F 96 12.64 -34.13 6.80
N MET F 97 11.39 -34.57 6.60
CA MET F 97 10.77 -35.74 7.20
C MET F 97 9.43 -35.94 6.52
N GLY F 98 9.06 -37.20 6.29
CA GLY F 98 7.73 -37.53 5.81
C GLY F 98 7.44 -37.11 4.39
N HIS F 99 6.26 -36.54 4.15
CA HIS F 99 5.94 -35.97 2.84
C HIS F 99 6.45 -34.55 2.66
N PHE F 100 7.09 -33.97 3.65
CA PHE F 100 7.29 -32.54 3.69
C PHE F 100 8.76 -32.17 3.58
N ILE F 101 9.02 -31.08 2.89
CA ILE F 101 10.37 -30.61 2.58
C ILE F 101 10.42 -29.11 2.87
N VAL F 102 11.47 -28.67 3.57
CA VAL F 102 11.60 -27.32 4.08
C VAL F 102 12.72 -26.62 3.32
N ALA F 103 12.58 -25.31 3.05
CA ALA F 103 13.50 -24.65 2.12
C ALA F 103 13.61 -23.15 2.38
N TYR F 104 14.71 -22.57 1.88
CA TYR F 104 14.99 -21.12 1.85
C TYR F 104 15.30 -20.72 0.41
N CYS F 105 14.30 -20.28 -0.33
CA CYS F 105 14.58 -20.15 -1.75
C CYS F 105 14.55 -18.69 -2.22
N PRO F 106 15.36 -18.34 -3.22
CA PRO F 106 15.35 -16.97 -3.75
C PRO F 106 14.10 -16.71 -4.57
N PRO F 107 13.73 -15.43 -4.80
CA PRO F 107 12.46 -15.15 -5.48
C PRO F 107 12.48 -15.50 -6.96
N GLY F 108 11.35 -15.28 -7.56
CA GLY F 108 11.02 -15.72 -8.89
C GLY F 108 9.60 -16.23 -8.90
N ASP F 109 9.36 -17.27 -9.68
CA ASP F 109 8.09 -17.97 -9.60
C ASP F 109 8.20 -19.48 -9.75
N GLU F 110 9.37 -20.03 -10.02
CA GLU F 110 9.51 -21.47 -10.18
C GLU F 110 9.73 -22.13 -8.83
N LEU F 111 9.34 -23.40 -8.74
CA LEU F 111 9.55 -24.18 -7.53
C LEU F 111 10.01 -25.59 -7.92
N LYS F 112 11.05 -25.68 -8.74
CA LYS F 112 11.53 -26.97 -9.22
C LYS F 112 12.12 -27.81 -8.11
N VAL F 113 11.79 -29.10 -8.11
CA VAL F 113 12.37 -30.07 -7.19
C VAL F 113 12.55 -31.39 -7.95
N GLN F 114 13.69 -32.06 -7.74
CA GLN F 114 13.94 -33.32 -8.42
C GLN F 114 14.85 -34.20 -7.59
N PHE F 115 14.97 -35.46 -8.03
CA PHE F 115 15.85 -36.44 -7.41
C PHE F 115 16.19 -37.48 -8.46
N GLN F 116 16.96 -38.49 -8.06
CA GLN F 116 17.41 -39.53 -8.98
C GLN F 116 16.57 -40.79 -8.84
N ASP F 117 16.39 -41.49 -9.96
CA ASP F 117 15.83 -42.83 -9.91
C ASP F 117 16.91 -43.85 -9.58
N ALA F 118 16.58 -45.13 -9.67
CA ALA F 118 17.60 -46.16 -9.53
C ALA F 118 18.41 -46.28 -10.81
N GLU F 119 17.76 -46.22 -11.96
CA GLU F 119 18.43 -46.28 -13.25
C GLU F 119 18.80 -44.91 -13.79
N SER F 120 18.85 -43.90 -12.92
CA SER F 120 19.35 -42.56 -13.18
C SER F 120 18.58 -41.86 -14.30
N HIS F 121 17.31 -41.59 -14.00
CA HIS F 121 16.51 -40.64 -14.74
C HIS F 121 15.97 -39.59 -13.77
N THR F 122 16.12 -38.33 -14.15
CA THR F 122 15.84 -37.21 -13.26
C THR F 122 14.49 -36.63 -13.65
N GLN F 123 13.44 -37.06 -12.97
CA GLN F 123 12.13 -36.47 -13.19
C GLN F 123 11.86 -35.37 -12.17
N ALA F 124 11.09 -34.38 -12.59
CA ALA F 124 10.84 -33.20 -11.79
C ALA F 124 9.43 -32.72 -12.06
N CYS F 125 9.00 -31.72 -11.30
CA CYS F 125 7.68 -31.12 -11.48
C CYS F 125 7.73 -29.73 -10.88
N LYS F 126 7.73 -28.71 -11.73
CA LYS F 126 7.73 -27.33 -11.25
C LYS F 126 6.30 -26.77 -11.31
N VAL F 127 6.12 -25.63 -10.66
CA VAL F 127 4.81 -24.98 -10.59
C VAL F 127 5.06 -23.49 -10.38
N GLN F 128 4.08 -22.68 -10.77
CA GLN F 128 4.22 -21.22 -10.69
C GLN F 128 3.83 -20.77 -9.29
N TYR F 129 4.83 -20.37 -8.51
CA TYR F 129 4.59 -19.87 -7.16
C TYR F 129 5.42 -18.61 -6.96
N LYS F 130 4.75 -17.46 -6.95
CA LYS F 130 5.45 -16.19 -6.83
C LYS F 130 5.94 -16.03 -5.41
N HIS F 131 7.08 -16.63 -5.11
CA HIS F 131 7.71 -16.52 -3.81
C HIS F 131 8.33 -15.15 -3.69
N ALA F 132 7.55 -14.19 -3.23
CA ALA F 132 8.06 -12.86 -2.98
C ALA F 132 8.41 -12.76 -1.50
N PRO F 133 9.66 -12.63 -1.15
CA PRO F 133 9.98 -12.37 0.25
C PRO F 133 9.62 -10.95 0.63
N ALA F 134 8.53 -10.79 1.39
CA ALA F 134 8.29 -9.53 2.04
C ALA F 134 9.41 -9.37 3.05
N PRO F 135 10.29 -8.37 2.88
CA PRO F 135 11.52 -8.31 3.68
C PRO F 135 11.21 -7.99 5.14
N VAL F 136 11.66 -8.87 6.02
CA VAL F 136 11.44 -8.64 7.45
C VAL F 136 12.36 -7.52 7.90
N GLY F 137 11.80 -6.60 8.67
CA GLY F 137 12.54 -5.40 9.03
C GLY F 137 12.21 -4.24 8.13
N ARG F 138 13.16 -3.32 7.93
CA ARG F 138 12.92 -2.09 7.21
C ARG F 138 13.92 -1.88 6.08
N GLU F 139 14.80 -2.85 5.83
CA GLU F 139 15.72 -2.80 4.71
C GLU F 139 15.56 -4.04 3.86
N LYS F 140 15.91 -3.93 2.58
CA LYS F 140 15.82 -5.05 1.65
C LYS F 140 17.21 -5.61 1.42
N PHE F 141 17.61 -6.53 2.29
CA PHE F 141 18.90 -7.18 2.17
C PHE F 141 18.75 -8.52 1.46
N THR F 142 19.88 -9.15 1.17
CA THR F 142 19.89 -10.43 0.46
C THR F 142 20.40 -11.57 1.34
N VAL F 143 21.60 -11.46 1.88
CA VAL F 143 22.13 -12.50 2.77
C VAL F 143 22.24 -11.92 4.16
N ARG F 144 22.36 -12.81 5.14
CA ARG F 144 22.43 -12.28 6.50
C ARG F 144 23.87 -11.87 6.83
N PRO F 145 24.06 -10.73 7.49
CA PRO F 145 25.42 -10.24 7.76
C PRO F 145 26.03 -10.87 8.99
N HIS F 146 27.24 -10.45 9.35
CA HIS F 146 27.88 -11.00 10.54
C HIS F 146 27.61 -10.17 11.80
N PHE F 147 26.82 -9.11 11.70
CA PHE F 147 26.37 -8.38 12.88
C PHE F 147 25.08 -7.67 12.55
N GLY F 148 24.19 -7.59 13.53
CA GLY F 148 22.90 -6.99 13.31
C GLY F 148 22.02 -6.92 14.54
N ILE F 149 20.72 -6.96 14.35
CA ILE F 149 19.75 -6.88 15.44
C ILE F 149 18.93 -8.16 15.34
N GLU F 150 17.93 -8.33 16.21
CA GLU F 150 17.05 -9.48 16.13
C GLU F 150 15.60 -9.00 16.16
N VAL F 151 14.85 -9.38 15.14
CA VAL F 151 13.47 -8.95 14.93
C VAL F 151 12.61 -10.22 14.91
N PRO F 152 11.46 -10.26 15.58
CA PRO F 152 10.68 -11.50 15.59
C PRO F 152 9.97 -11.72 14.27
N CYS F 153 9.91 -12.99 13.86
CA CYS F 153 9.30 -13.37 12.60
C CYS F 153 8.95 -14.85 12.65
N THR F 154 7.76 -15.20 12.19
CA THR F 154 7.28 -16.57 12.31
C THR F 154 7.97 -17.45 11.30
N THR F 155 8.26 -18.68 11.70
CA THR F 155 8.92 -19.64 10.83
C THR F 155 8.47 -21.05 11.22
N TYR F 156 9.15 -22.05 10.68
CA TYR F 156 8.77 -23.44 10.83
C TYR F 156 9.79 -24.18 11.68
N GLN F 157 9.32 -24.87 12.72
CA GLN F 157 10.19 -25.68 13.55
C GLN F 157 10.63 -26.91 12.76
N LEU F 158 11.70 -27.55 13.20
CA LEU F 158 12.28 -28.64 12.43
C LEU F 158 12.10 -30.00 13.11
N THR F 159 10.98 -30.20 13.81
CA THR F 159 10.82 -31.38 14.65
C THR F 159 9.96 -32.43 13.96
N THR F 160 9.89 -33.60 14.60
CA THR F 160 9.08 -34.71 14.13
C THR F 160 7.99 -35.07 15.15
N ALA F 161 7.67 -34.17 16.06
CA ALA F 161 6.68 -34.45 17.07
C ALA F 161 5.27 -34.37 16.48
N PRO F 162 4.33 -35.17 16.99
CA PRO F 162 2.93 -35.03 16.56
C PRO F 162 2.30 -33.75 17.08
N THR F 163 1.89 -32.86 16.18
CA THR F 163 1.55 -31.49 16.56
C THR F 163 0.18 -31.03 16.11
N GLU F 164 -0.86 -31.82 16.40
CA GLU F 164 -2.26 -31.39 16.49
C GLU F 164 -2.90 -31.09 15.13
N GLU F 165 -2.12 -31.00 14.05
CA GLU F 165 -2.69 -30.67 12.76
C GLU F 165 -2.49 -31.87 11.85
N GLU F 166 -3.48 -32.16 11.01
CA GLU F 166 -3.52 -33.45 10.34
C GLU F 166 -4.01 -33.30 8.91
N ILE F 167 -3.60 -34.25 8.07
CA ILE F 167 -4.24 -34.51 6.80
C ILE F 167 -4.62 -35.99 6.79
N ASP F 168 -5.35 -36.43 5.78
CA ASP F 168 -6.02 -37.72 5.87
C ASP F 168 -5.51 -38.73 4.83
N MET F 169 -5.60 -40.01 5.20
CA MET F 169 -5.34 -41.14 4.33
C MET F 169 -6.63 -41.82 3.93
N HIS F 170 -6.58 -42.57 2.83
CA HIS F 170 -7.71 -43.36 2.35
C HIS F 170 -7.16 -44.39 1.36
N THR F 171 -7.95 -45.44 1.12
CA THR F 171 -7.56 -46.50 0.20
C THR F 171 -7.61 -46.01 -1.24
N PRO F 172 -6.73 -46.52 -2.10
CA PRO F 172 -6.80 -46.19 -3.54
C PRO F 172 -8.04 -46.80 -4.17
N PRO F 173 -8.68 -46.08 -5.11
CA PRO F 173 -9.88 -46.62 -5.76
C PRO F 173 -9.64 -47.85 -6.64
N ASP F 174 -8.81 -47.69 -7.67
CA ASP F 174 -8.57 -48.66 -8.75
C ASP F 174 -7.36 -48.19 -9.52
N ILE F 175 -6.73 -49.12 -10.23
CA ILE F 175 -5.72 -48.76 -11.22
C ILE F 175 -6.05 -49.52 -12.50
N PRO F 176 -6.45 -48.83 -13.57
CA PRO F 176 -6.66 -49.53 -14.84
C PRO F 176 -5.33 -49.74 -15.55
N ASP F 177 -5.23 -50.88 -16.22
CA ASP F 177 -4.03 -51.23 -16.97
C ASP F 177 -4.41 -52.16 -18.11
N ILE F 178 -3.90 -51.85 -19.30
CA ILE F 178 -4.17 -52.65 -20.48
C ILE F 178 -2.97 -53.52 -20.85
N THR F 179 -2.06 -53.75 -19.91
CA THR F 179 -0.98 -54.72 -20.06
C THR F 179 -1.38 -56.06 -19.45
N LEU F 180 -2.68 -56.34 -19.42
CA LEU F 180 -3.22 -57.52 -18.76
C LEU F 180 -4.10 -58.32 -19.72
N LEU F 181 -4.01 -58.06 -21.02
CA LEU F 181 -4.93 -58.63 -22.02
C LEU F 181 -4.09 -59.21 -23.16
N SER F 182 -4.08 -60.53 -23.28
CA SER F 182 -3.42 -61.22 -24.38
C SER F 182 -4.43 -62.06 -25.14
N GLN F 183 -4.31 -62.05 -26.48
CA GLN F 183 -5.23 -62.75 -27.35
C GLN F 183 -4.49 -63.83 -28.13
N GLN F 184 -5.06 -65.04 -28.15
CA GLN F 184 -4.48 -66.15 -28.89
C GLN F 184 -5.37 -66.59 -30.04
N SER F 185 -6.62 -66.96 -29.76
CA SER F 185 -7.50 -67.47 -30.80
C SER F 185 -8.96 -67.07 -30.63
N GLY F 186 -9.28 -66.20 -29.67
CA GLY F 186 -10.64 -65.92 -29.32
C GLY F 186 -10.73 -65.84 -27.81
N ASN F 187 -9.68 -66.36 -27.16
CA ASN F 187 -9.57 -66.35 -25.70
C ASN F 187 -8.68 -65.21 -25.25
N VAL F 188 -9.27 -64.24 -24.55
CA VAL F 188 -8.48 -63.21 -23.89
C VAL F 188 -7.87 -63.81 -22.63
N LYS F 189 -6.66 -63.35 -22.30
CA LYS F 189 -5.88 -63.95 -21.21
C LYS F 189 -5.76 -62.93 -20.08
N ILE F 190 -6.54 -63.14 -19.01
CA ILE F 190 -6.46 -62.29 -17.83
C ILE F 190 -5.26 -62.80 -17.03
N THR F 191 -4.10 -62.23 -17.30
CA THR F 191 -2.92 -62.60 -16.53
C THR F 191 -3.00 -62.01 -15.13
N ALA F 192 -2.21 -62.57 -14.22
CA ALA F 192 -2.17 -62.10 -12.85
C ALA F 192 -0.73 -62.02 -12.39
N GLY F 193 -0.53 -61.30 -11.28
CA GLY F 193 0.79 -61.15 -10.71
C GLY F 193 0.73 -61.13 -9.20
N GLY F 194 -0.43 -61.46 -8.65
CA GLY F 194 -0.62 -61.42 -7.22
C GLY F 194 -1.67 -60.42 -6.81
N LYS F 195 -2.42 -59.91 -7.79
CA LYS F 195 -3.44 -58.89 -7.56
C LYS F 195 -4.80 -59.39 -8.01
N THR F 196 -5.82 -58.59 -7.74
CA THR F 196 -7.19 -58.93 -8.05
C THR F 196 -7.70 -58.00 -9.14
N ILE F 197 -8.44 -58.57 -10.10
CA ILE F 197 -8.79 -57.88 -11.33
C ILE F 197 -10.30 -57.98 -11.54
N ARG F 198 -10.94 -56.84 -11.79
CA ARG F 198 -12.35 -56.80 -12.18
C ARG F 198 -12.47 -56.72 -13.70
N TYR F 199 -13.65 -57.08 -14.21
CA TYR F 199 -13.80 -57.28 -15.66
C TYR F 199 -14.73 -56.27 -16.33
N ASN F 200 -16.01 -56.28 -15.98
CA ASN F 200 -17.09 -55.61 -16.73
C ASN F 200 -16.94 -55.78 -18.24
N CYS F 201 -16.77 -57.03 -18.67
CA CYS F 201 -16.73 -57.37 -20.09
C CYS F 201 -18.03 -58.04 -20.49
N THR F 202 -18.50 -57.73 -21.70
CA THR F 202 -19.80 -58.22 -22.17
C THR F 202 -19.57 -59.22 -23.29
N CYS F 203 -19.46 -60.50 -22.92
CA CYS F 203 -19.46 -61.59 -23.88
C CYS F 203 -20.72 -62.45 -23.76
N GLY F 204 -21.59 -62.14 -22.81
CA GLY F 204 -22.83 -62.87 -22.62
C GLY F 204 -22.91 -63.57 -21.29
N SER F 205 -21.83 -64.24 -20.89
CA SER F 205 -21.82 -64.98 -19.62
C SER F 205 -20.81 -64.42 -18.64
N GLY F 206 -19.54 -64.34 -19.01
CA GLY F 206 -18.53 -63.82 -18.10
C GLY F 206 -18.56 -62.32 -18.05
N ASN F 207 -19.06 -61.76 -16.95
CA ASN F 207 -19.21 -60.32 -16.84
C ASN F 207 -18.40 -59.71 -15.70
N VAL F 208 -18.48 -60.26 -14.50
CA VAL F 208 -17.81 -59.72 -13.35
C VAL F 208 -16.83 -60.77 -12.84
N GLY F 209 -15.86 -60.33 -12.05
CA GLY F 209 -14.93 -61.26 -11.43
C GLY F 209 -13.97 -60.59 -10.48
N THR F 210 -13.58 -61.30 -9.44
CA THR F 210 -12.48 -60.92 -8.56
C THR F 210 -11.37 -61.96 -8.66
N THR F 211 -11.08 -62.38 -9.88
CA THR F 211 -10.23 -63.54 -10.12
C THR F 211 -8.77 -63.18 -9.87
N SER F 212 -8.20 -63.77 -8.83
CA SER F 212 -6.78 -63.60 -8.54
C SER F 212 -5.89 -64.50 -9.38
N SER F 213 -6.47 -65.37 -10.19
CA SER F 213 -5.73 -66.27 -11.07
C SER F 213 -6.15 -66.04 -12.51
N ASP F 214 -5.60 -66.83 -13.41
CA ASP F 214 -5.91 -66.71 -14.83
C ASP F 214 -7.30 -67.24 -15.13
N LYS F 215 -7.97 -66.61 -16.09
CA LYS F 215 -9.30 -67.02 -16.54
C LYS F 215 -9.53 -66.42 -17.92
N THR F 216 -10.08 -67.21 -18.82
CA THR F 216 -10.30 -66.80 -20.20
C THR F 216 -11.81 -66.72 -20.48
N ILE F 217 -12.14 -66.35 -21.72
CA ILE F 217 -13.53 -66.28 -22.15
C ILE F 217 -13.81 -67.04 -23.44
N ASN F 218 -12.77 -67.34 -24.25
CA ASN F 218 -12.82 -68.13 -25.48
C ASN F 218 -13.75 -67.55 -26.56
N SER F 219 -14.19 -66.30 -26.43
CA SER F 219 -15.08 -65.78 -27.45
C SER F 219 -14.70 -64.39 -27.96
N CYS F 220 -14.22 -63.51 -27.09
CA CYS F 220 -14.15 -62.09 -27.39
C CYS F 220 -12.72 -61.65 -27.67
N LYS F 221 -12.60 -60.39 -28.09
CA LYS F 221 -11.32 -59.76 -28.35
C LYS F 221 -10.93 -58.85 -27.19
N ILE F 222 -9.66 -58.43 -27.19
CA ILE F 222 -9.17 -57.57 -26.12
C ILE F 222 -9.71 -56.16 -26.24
N ALA F 223 -10.17 -55.75 -27.42
CA ALA F 223 -10.77 -54.43 -27.57
C ALA F 223 -12.17 -54.36 -26.99
N GLN F 224 -12.73 -55.49 -26.57
CA GLN F 224 -14.07 -55.49 -25.97
C GLN F 224 -14.03 -55.75 -24.47
N CYS F 225 -13.03 -56.47 -23.98
CA CYS F 225 -12.93 -56.78 -22.56
C CYS F 225 -12.03 -55.77 -21.85
N HIS F 226 -12.13 -55.75 -20.52
CA HIS F 226 -11.49 -54.73 -19.70
C HIS F 226 -10.90 -55.36 -18.45
N ALA F 227 -10.02 -54.61 -17.80
CA ALA F 227 -9.31 -55.12 -16.63
C ALA F 227 -8.88 -53.96 -15.74
N ALA F 228 -8.92 -54.19 -14.43
CA ALA F 228 -8.63 -53.13 -13.46
C ALA F 228 -8.19 -53.74 -12.14
N VAL F 229 -7.04 -53.30 -11.63
CA VAL F 229 -6.53 -53.76 -10.35
C VAL F 229 -7.37 -53.15 -9.24
N THR F 230 -7.69 -53.95 -8.22
CA THR F 230 -8.60 -53.50 -7.16
C THR F 230 -8.03 -53.91 -5.80
N ASN F 231 -8.88 -53.73 -4.77
CA ASN F 231 -8.79 -54.13 -3.36
C ASN F 231 -7.40 -54.09 -2.74
N HIS F 232 -6.77 -52.92 -2.75
CA HIS F 232 -5.46 -52.76 -2.15
C HIS F 232 -5.57 -52.78 -0.62
N ASP F 233 -4.39 -52.81 0.02
CA ASP F 233 -4.32 -52.89 1.47
C ASP F 233 -3.63 -51.69 2.10
N LYS F 234 -3.20 -50.72 1.30
CA LYS F 234 -2.48 -49.56 1.79
C LYS F 234 -3.39 -48.33 1.72
N TRP F 235 -2.84 -47.21 2.17
CA TRP F 235 -3.59 -45.96 2.27
C TRP F 235 -2.88 -44.89 1.45
N GLN F 236 -3.67 -44.13 0.69
CA GLN F 236 -3.15 -43.08 -0.16
C GLN F 236 -3.16 -41.74 0.56
N TYR F 237 -2.94 -40.67 -0.19
CA TYR F 237 -3.23 -39.32 0.24
C TYR F 237 -4.48 -38.85 -0.49
N THR F 238 -5.35 -38.15 0.22
CA THR F 238 -6.55 -37.61 -0.42
C THR F 238 -6.12 -36.42 -1.26
N SER F 239 -5.79 -36.68 -2.52
CA SER F 239 -5.30 -35.66 -3.43
C SER F 239 -6.32 -35.42 -4.52
N SER F 240 -6.34 -34.20 -5.04
CA SER F 240 -7.31 -33.83 -6.07
C SER F 240 -6.89 -34.25 -7.47
N PHE F 241 -5.86 -35.07 -7.61
CA PHE F 241 -5.40 -35.52 -8.91
C PHE F 241 -5.61 -37.01 -9.12
N VAL F 242 -6.35 -37.67 -8.22
CA VAL F 242 -6.65 -39.09 -8.29
C VAL F 242 -8.04 -39.29 -7.71
N PRO F 243 -8.95 -39.98 -8.40
CA PRO F 243 -10.35 -39.97 -7.98
C PRO F 243 -10.59 -40.74 -6.69
N ARG F 244 -11.82 -40.61 -6.19
CA ARG F 244 -12.22 -41.13 -4.90
C ARG F 244 -12.84 -42.51 -5.07
N ALA F 245 -12.55 -43.39 -4.11
CA ALA F 245 -13.09 -44.75 -4.15
C ALA F 245 -14.59 -44.78 -3.89
N ASP F 246 -15.05 -44.08 -2.85
CA ASP F 246 -16.42 -44.23 -2.39
C ASP F 246 -16.85 -43.00 -1.61
N GLN F 247 -18.16 -42.93 -1.37
CA GLN F 247 -18.75 -41.84 -0.59
C GLN F 247 -18.60 -42.01 0.90
N LEU F 248 -17.87 -43.03 1.36
CA LEU F 248 -17.68 -43.27 2.78
C LEU F 248 -16.77 -42.22 3.39
N SER F 249 -16.70 -42.23 4.72
CA SER F 249 -15.99 -41.22 5.45
C SER F 249 -14.49 -41.52 5.49
N ARG F 250 -13.78 -40.73 6.28
CA ARG F 250 -12.33 -40.80 6.35
C ARG F 250 -11.90 -42.00 7.18
N LYS F 251 -10.82 -42.67 6.75
CA LYS F 251 -10.37 -43.90 7.42
C LYS F 251 -8.85 -43.95 7.59
N GLY F 252 -8.19 -42.81 7.54
CA GLY F 252 -6.75 -42.78 7.77
C GLY F 252 -6.34 -41.64 8.68
N LYS F 253 -5.04 -41.41 8.83
CA LYS F 253 -4.52 -40.40 9.75
C LYS F 253 -3.03 -40.20 9.49
N VAL F 254 -2.60 -38.94 9.50
CA VAL F 254 -1.19 -38.60 9.63
C VAL F 254 -1.14 -37.22 10.26
N HIS F 255 -0.11 -36.97 11.04
CA HIS F 255 0.13 -35.63 11.57
C HIS F 255 1.08 -34.92 10.62
N VAL F 256 0.87 -33.62 10.43
CA VAL F 256 1.86 -32.85 9.69
C VAL F 256 2.99 -32.51 10.66
N PRO F 257 4.22 -32.79 10.31
CA PRO F 257 5.34 -32.38 11.16
C PRO F 257 5.68 -30.92 10.98
N PHE F 258 6.78 -30.51 11.59
CA PHE F 258 7.41 -29.20 11.45
C PHE F 258 6.47 -28.06 11.82
N PRO F 259 6.15 -27.86 13.10
CA PRO F 259 5.14 -26.87 13.47
C PRO F 259 5.72 -25.45 13.41
N LEU F 260 4.89 -24.49 13.80
CA LEU F 260 5.21 -23.07 13.65
C LEU F 260 5.57 -22.48 15.00
N THR F 261 6.82 -22.06 15.13
CA THR F 261 7.29 -21.39 16.32
C THR F 261 7.63 -19.96 15.98
N ASN F 262 7.50 -19.08 16.96
CA ASN F 262 7.62 -17.64 16.72
C ASN F 262 9.03 -17.21 17.05
N SER F 263 9.94 -17.39 16.09
CA SER F 263 11.38 -17.23 16.26
C SER F 263 11.84 -15.84 15.84
N THR F 264 13.16 -15.68 15.77
CA THR F 264 13.80 -14.42 15.44
C THR F 264 14.77 -14.62 14.28
N CYS F 265 15.27 -13.51 13.73
CA CYS F 265 16.26 -13.56 12.65
C CYS F 265 17.27 -12.43 12.80
N ARG F 266 18.06 -12.18 11.76
CA ARG F 266 19.07 -11.13 11.77
C ARG F 266 18.81 -10.16 10.62
N VAL F 267 19.09 -8.87 10.86
CA VAL F 267 18.90 -7.81 9.87
C VAL F 267 19.96 -6.74 10.15
N PRO F 268 20.64 -6.20 9.14
CA PRO F 268 21.74 -5.28 9.40
C PRO F 268 21.24 -3.90 9.80
N VAL F 269 22.20 -3.08 10.23
CA VAL F 269 21.99 -1.67 10.50
C VAL F 269 22.61 -0.88 9.37
N ALA F 270 22.10 0.33 9.17
CA ALA F 270 22.68 1.20 8.17
C ALA F 270 23.69 2.14 8.82
N ARG F 271 24.53 2.73 7.99
CA ARG F 271 25.49 3.71 8.48
C ARG F 271 24.76 4.95 8.99
N ALA F 272 25.32 5.57 10.02
CA ALA F 272 24.71 6.78 10.54
C ALA F 272 24.98 7.94 9.60
N PRO F 273 24.00 8.79 9.34
CA PRO F 273 24.17 9.85 8.34
C PRO F 273 24.85 11.07 8.94
N GLY F 274 25.79 11.64 8.19
CA GLY F 274 26.47 12.84 8.62
C GLY F 274 25.59 14.06 8.48
N VAL F 275 25.19 14.64 9.60
CA VAL F 275 24.27 15.75 9.59
C VAL F 275 25.04 17.06 9.56
N THR F 276 24.38 18.09 9.06
CA THR F 276 24.92 19.45 9.03
C THR F 276 23.83 20.39 9.49
N TYR F 277 24.11 21.15 10.54
CA TYR F 277 23.06 21.89 11.22
C TYR F 277 22.85 23.24 10.56
N GLY F 278 21.58 23.56 10.27
CA GLY F 278 21.24 24.84 9.72
C GLY F 278 20.20 25.53 10.59
N LYS F 279 20.05 26.83 10.33
CA LYS F 279 19.07 27.64 11.06
C LYS F 279 17.66 27.19 10.71
N ARG F 280 17.00 26.55 11.67
CA ARG F 280 15.63 26.03 11.56
C ARG F 280 15.49 25.00 10.45
N GLU F 281 16.55 24.28 10.15
CA GLU F 281 16.50 23.14 9.24
C GLU F 281 17.67 22.22 9.56
N LEU F 282 17.86 21.19 8.74
CA LEU F 282 18.89 20.18 8.99
C LEU F 282 19.28 19.54 7.68
N THR F 283 20.56 19.62 7.33
CA THR F 283 21.06 19.00 6.11
C THR F 283 21.57 17.61 6.44
N VAL F 284 20.96 16.59 5.82
CA VAL F 284 21.30 15.20 6.08
C VAL F 284 21.90 14.61 4.82
N LYS F 285 22.91 13.76 4.98
CA LYS F 285 23.64 13.17 3.86
C LYS F 285 23.67 11.68 4.06
N LEU F 286 23.09 10.94 3.12
CA LEU F 286 22.84 9.52 3.29
C LEU F 286 23.86 8.70 2.52
N HIS F 287 24.04 7.44 2.92
CA HIS F 287 24.91 6.50 2.21
C HIS F 287 24.34 5.11 2.35
N PRO F 288 23.49 4.69 1.44
CA PRO F 288 23.02 3.31 1.43
C PRO F 288 23.88 2.45 0.53
N ASP F 289 23.66 1.13 0.63
CA ASP F 289 24.24 0.19 -0.31
C ASP F 289 23.25 -0.91 -0.68
N HIS F 290 21.98 -0.74 -0.36
CA HIS F 290 20.84 -1.59 -0.65
C HIS F 290 19.62 -0.76 -0.26
N PRO F 291 18.45 -0.97 -0.89
CA PRO F 291 17.31 -0.06 -0.67
C PRO F 291 16.80 -0.06 0.77
N THR F 292 16.64 1.13 1.32
CA THR F 292 16.31 1.32 2.72
C THR F 292 15.31 2.45 2.88
N LEU F 293 14.71 2.51 4.06
CA LEU F 293 13.53 3.32 4.32
C LEU F 293 13.92 4.54 5.14
N LEU F 294 13.21 5.64 4.90
CA LEU F 294 13.44 6.89 5.62
C LEU F 294 12.11 7.50 6.01
N THR F 295 11.98 7.90 7.26
CA THR F 295 10.73 8.51 7.71
C THR F 295 10.98 9.47 8.84
N TYR F 296 10.58 10.74 8.66
CA TYR F 296 10.50 11.68 9.75
C TYR F 296 9.07 12.14 9.94
N ARG F 297 8.82 12.77 11.09
CA ARG F 297 7.55 13.41 11.36
C ARG F 297 7.77 14.50 12.39
N SER F 298 6.89 15.49 12.39
CA SER F 298 7.00 16.55 13.37
C SER F 298 6.34 16.13 14.67
N LEU F 299 6.49 16.96 15.69
CA LEU F 299 6.09 16.60 17.05
C LEU F 299 4.93 17.43 17.59
N GLY F 300 4.47 18.43 16.84
CA GLY F 300 3.49 19.35 17.40
C GLY F 300 2.07 18.86 17.37
N ALA F 301 1.14 19.75 17.02
CA ALA F 301 -0.26 19.41 16.91
C ALA F 301 -0.68 19.10 15.49
N ASP F 302 0.25 19.15 14.54
CA ASP F 302 -0.06 18.95 13.13
C ASP F 302 1.09 18.20 12.50
N PRO F 303 1.08 16.87 12.59
CA PRO F 303 2.19 16.10 12.03
C PRO F 303 2.10 16.07 10.52
N ARG F 304 3.27 16.15 9.89
CA ARG F 304 3.38 16.11 8.43
C ARG F 304 4.30 14.96 8.09
N PRO F 305 3.76 13.77 7.87
CA PRO F 305 4.61 12.60 7.68
C PRO F 305 5.27 12.59 6.31
N TYR F 306 6.43 11.95 6.24
CA TYR F 306 7.21 11.83 5.02
C TYR F 306 7.81 10.44 4.98
N GLU F 307 7.81 9.82 3.81
CA GLU F 307 8.37 8.48 3.68
C GLU F 307 8.87 8.27 2.26
N GLU F 308 10.00 7.59 2.14
CA GLU F 308 10.68 7.48 0.86
C GLU F 308 11.72 6.37 0.95
N TRP F 309 11.72 5.47 -0.03
CA TRP F 309 12.74 4.44 -0.13
C TRP F 309 13.95 5.02 -0.85
N ILE F 310 15.13 4.84 -0.27
CA ILE F 310 16.33 5.47 -0.78
C ILE F 310 17.21 4.41 -1.43
N ASP F 311 17.85 4.77 -2.53
CA ASP F 311 18.64 3.83 -3.32
C ASP F 311 20.10 4.25 -3.47
N ARG F 312 20.38 5.55 -3.55
CA ARG F 312 21.73 6.00 -3.86
C ARG F 312 22.15 7.14 -2.96
N TYR F 313 23.30 7.75 -3.25
CA TYR F 313 23.75 8.91 -2.50
C TYR F 313 22.84 10.10 -2.76
N VAL F 314 22.11 10.52 -1.74
CA VAL F 314 21.21 11.66 -1.86
C VAL F 314 21.52 12.66 -0.77
N GLU F 315 20.73 13.71 -0.67
CA GLU F 315 20.95 14.76 0.32
C GLU F 315 19.63 15.50 0.52
N ARG F 316 19.06 15.41 1.72
CA ARG F 316 17.76 15.99 1.99
C ARG F 316 17.86 17.02 3.10
N THR F 317 16.82 17.84 3.22
CA THR F 317 16.75 18.92 4.21
C THR F 317 15.39 18.83 4.90
N ILE F 318 15.40 18.68 6.22
CA ILE F 318 14.18 18.54 7.00
C ILE F 318 13.93 19.84 7.76
N PRO F 319 12.73 20.41 7.72
CA PRO F 319 12.45 21.64 8.49
C PRO F 319 12.19 21.36 9.96
N VAL F 320 13.11 21.80 10.81
CA VAL F 320 13.00 21.66 12.26
C VAL F 320 12.56 23.02 12.80
N THR F 321 11.28 23.16 13.13
CA THR F 321 10.77 24.50 13.39
C THR F 321 11.05 24.96 14.82
N GLU F 322 10.32 24.42 15.80
CA GLU F 322 10.67 24.72 17.18
C GLU F 322 10.42 23.52 18.09
N GLU F 323 9.44 22.70 17.74
CA GLU F 323 9.04 21.62 18.62
C GLU F 323 9.79 20.34 18.34
N GLY F 324 10.65 20.33 17.33
CA GLY F 324 11.49 19.20 17.06
C GLY F 324 10.84 18.17 16.17
N ILE F 325 11.66 17.24 15.72
CA ILE F 325 11.25 16.14 14.86
C ILE F 325 11.76 14.86 15.49
N GLU F 326 11.23 13.73 15.02
CA GLU F 326 11.91 12.46 15.15
C GLU F 326 12.13 11.92 13.75
N TYR F 327 13.17 11.11 13.58
CA TYR F 327 13.46 10.58 12.26
C TYR F 327 14.16 9.25 12.42
N ARG F 328 13.85 8.30 11.54
CA ARG F 328 14.40 6.96 11.61
C ARG F 328 15.06 6.65 10.28
N TRP F 329 16.35 6.38 10.31
CA TRP F 329 17.09 6.01 9.12
C TRP F 329 17.37 4.52 9.14
N GLY F 330 16.74 3.80 8.23
CA GLY F 330 16.99 2.39 8.10
C GLY F 330 16.37 1.57 9.20
N ASN F 331 17.23 1.04 10.07
CA ASN F 331 16.76 0.18 11.15
C ASN F 331 17.38 0.61 12.48
N ASN F 332 17.89 1.83 12.55
CA ASN F 332 18.44 2.40 13.77
C ASN F 332 17.32 2.80 14.72
N PRO F 333 17.62 3.06 15.99
CA PRO F 333 16.60 3.62 16.89
C PRO F 333 16.26 5.05 16.51
N PRO F 334 15.07 5.54 16.86
CA PRO F 334 14.70 6.91 16.49
C PRO F 334 15.47 7.96 17.27
N VAL F 335 15.66 9.11 16.64
CA VAL F 335 16.46 10.21 17.16
C VAL F 335 15.61 11.47 17.14
N ARG F 336 15.57 12.19 18.26
CA ARG F 336 14.82 13.43 18.34
C ARG F 336 15.76 14.62 18.47
N LEU F 337 15.49 15.67 17.70
CA LEU F 337 16.33 16.87 17.68
C LEU F 337 15.43 18.10 17.72
N TRP F 338 15.58 18.93 18.74
CA TRP F 338 14.84 20.18 18.89
C TRP F 338 15.62 21.36 18.35
N ALA F 339 14.91 22.46 18.17
CA ALA F 339 15.46 23.67 17.55
C ALA F 339 15.73 24.73 18.60
N GLN F 340 16.96 25.22 18.61
CA GLN F 340 17.40 26.30 19.48
C GLN F 340 16.77 27.61 19.00
N LEU F 341 16.88 28.66 19.83
CA LEU F 341 16.16 29.90 19.58
C LEU F 341 17.15 31.02 19.23
N THR F 342 18.09 30.71 18.33
CA THR F 342 19.08 31.68 17.90
C THR F 342 18.47 32.69 16.93
N THR F 343 19.28 33.66 16.53
CA THR F 343 18.83 34.73 15.64
C THR F 343 20.03 35.25 14.86
N GLU F 344 19.81 36.36 14.14
CA GLU F 344 20.88 37.03 13.40
C GLU F 344 21.12 38.46 13.83
N GLY F 345 20.17 39.10 14.52
CA GLY F 345 20.27 40.52 14.85
C GLY F 345 21.18 40.79 16.03
N LYS F 346 20.88 41.88 16.74
CA LYS F 346 21.68 42.22 17.91
C LYS F 346 20.81 42.83 19.00
N PRO F 347 20.63 42.15 20.12
CA PRO F 347 19.87 42.73 21.23
C PRO F 347 20.73 43.66 22.07
N HIS F 348 20.06 44.55 22.79
CA HIS F 348 20.65 45.53 23.70
C HIS F 348 21.67 46.43 22.99
N GLY F 349 21.17 47.19 22.04
CA GLY F 349 22.00 48.08 21.24
C GLY F 349 21.23 49.24 20.69
N TRP F 350 21.47 49.57 19.43
CA TRP F 350 20.83 50.70 18.79
C TRP F 350 19.36 50.39 18.48
N PRO F 351 18.52 51.42 18.36
CA PRO F 351 17.12 51.18 17.98
C PRO F 351 16.93 50.70 16.55
N HIS F 352 17.93 50.80 15.67
CA HIS F 352 17.76 50.25 14.34
C HIS F 352 18.21 48.80 14.25
N GLU F 353 19.16 48.38 15.09
CA GLU F 353 19.59 46.99 15.12
C GLU F 353 18.81 46.16 16.14
N ILE F 354 17.87 46.77 16.86
CA ILE F 354 17.01 46.00 17.75
C ILE F 354 15.81 45.43 17.01
N ILE F 355 15.49 45.95 15.82
CA ILE F 355 14.40 45.41 15.02
C ILE F 355 14.82 44.11 14.37
N LEU F 356 16.10 44.00 14.00
CA LEU F 356 16.60 42.77 13.39
C LEU F 356 16.67 41.63 14.40
N TYR F 357 16.81 41.94 15.69
CA TYR F 357 16.76 40.89 16.71
C TYR F 357 15.35 40.33 16.83
N TYR F 358 14.34 41.17 16.72
CA TYR F 358 12.95 40.72 16.68
C TYR F 358 12.48 40.42 15.26
N TYR F 359 13.40 40.12 14.35
CA TYR F 359 13.06 39.77 12.99
C TYR F 359 13.37 38.33 12.65
N GLY F 360 14.47 37.79 13.17
CA GLY F 360 14.66 36.34 13.11
C GLY F 360 13.67 35.62 14.01
N LEU F 361 13.32 36.23 15.13
CA LEU F 361 12.21 35.78 15.96
C LEU F 361 10.94 36.44 15.44
N TYR F 362 9.95 35.62 15.03
CA TYR F 362 8.64 36.02 14.52
C TYR F 362 8.74 36.98 13.35
N PRO F 363 9.15 36.52 12.16
CA PRO F 363 9.41 37.44 11.05
C PRO F 363 8.16 38.04 10.43
N ALA F 364 6.99 37.42 10.60
CA ALA F 364 5.76 37.95 10.04
C ALA F 364 4.90 38.67 11.06
N ALA F 365 5.08 38.40 12.34
CA ALA F 365 4.36 39.10 13.40
C ALA F 365 5.08 40.36 13.87
N THR F 366 6.19 40.72 13.24
CA THR F 366 6.93 41.92 13.59
C THR F 366 6.68 43.07 12.63
N ILE F 367 6.03 42.83 11.51
CA ILE F 367 5.64 43.91 10.61
C ILE F 367 4.30 44.51 11.01
N ALA F 368 3.34 43.66 11.39
CA ALA F 368 2.07 44.15 11.91
C ALA F 368 2.22 44.82 13.27
N ALA F 369 3.31 44.55 14.00
CA ALA F 369 3.56 45.24 15.24
C ALA F 369 4.19 46.61 15.01
N VAL F 370 5.12 46.71 14.06
CA VAL F 370 5.82 47.97 13.84
C VAL F 370 4.97 48.96 13.04
N SER F 371 3.97 48.48 12.30
CA SER F 371 3.09 49.39 11.57
C SER F 371 2.12 50.11 12.51
N ALA F 372 1.60 49.40 13.51
CA ALA F 372 0.75 50.04 14.52
C ALA F 372 1.55 50.90 15.48
N ALA F 373 2.87 50.69 15.55
CA ALA F 373 3.77 51.62 16.23
C ALA F 373 4.27 52.72 15.30
N GLY F 374 3.92 52.66 14.01
CA GLY F 374 4.25 53.70 13.07
C GLY F 374 3.04 54.55 12.73
N LEU F 375 1.88 53.89 12.63
CA LEU F 375 0.63 54.61 12.39
C LEU F 375 0.22 55.43 13.60
N ALA F 376 0.63 55.02 14.80
CA ALA F 376 0.32 55.77 16.00
C ALA F 376 1.21 57.00 16.19
N VAL F 377 2.23 57.17 15.35
CA VAL F 377 3.14 58.30 15.45
C VAL F 377 2.75 59.43 14.50
N VAL F 378 2.51 59.09 13.23
CA VAL F 378 2.17 60.12 12.25
C VAL F 378 0.75 60.65 12.47
N LEU F 379 -0.11 59.87 13.10
CA LEU F 379 -1.47 60.36 13.38
C LEU F 379 -1.49 61.28 14.59
N SER F 380 -0.76 60.93 15.65
CA SER F 380 -0.70 61.75 16.84
C SER F 380 0.22 62.95 16.69
N LEU F 381 0.96 63.05 15.59
CA LEU F 381 1.78 64.23 15.36
C LEU F 381 1.00 65.31 14.63
N LEU F 382 0.12 64.92 13.71
CA LEU F 382 -0.73 65.88 13.02
C LEU F 382 -1.81 66.43 13.94
N ALA F 383 -2.32 65.61 14.85
CA ALA F 383 -3.41 66.01 15.73
C ALA F 383 -2.97 66.98 16.82
N SER F 384 -1.67 67.22 16.98
CA SER F 384 -1.20 68.31 17.82
C SER F 384 -1.04 69.60 17.03
N CYS F 385 -0.65 69.49 15.76
CA CYS F 385 -0.53 70.67 14.91
C CYS F 385 -1.89 71.15 14.42
N TYR F 386 -2.85 70.23 14.25
CA TYR F 386 -4.21 70.64 13.89
C TYR F 386 -4.89 71.35 15.04
N MET F 387 -4.53 71.02 16.28
CA MET F 387 -4.96 71.82 17.42
C MET F 387 -4.16 73.10 17.58
N PHE F 388 -2.94 73.15 17.03
CA PHE F 388 -2.19 74.40 17.01
C PHE F 388 -2.80 75.39 16.04
N ALA F 389 -3.10 74.93 14.81
CA ALA F 389 -3.62 75.83 13.79
C ALA F 389 -5.05 76.27 14.09
N THR F 390 -5.81 75.45 14.82
CA THR F 390 -7.13 75.88 15.27
C THR F 390 -7.00 76.95 16.36
N ALA F 391 -6.10 76.73 17.32
CA ALA F 391 -5.89 77.71 18.37
C ALA F 391 -5.12 78.94 17.89
N ARG F 392 -4.40 78.83 16.77
CA ARG F 392 -3.80 80.00 16.16
C ARG F 392 -4.85 80.90 15.52
N ARG F 393 -5.88 80.28 14.95
CA ARG F 393 -6.92 81.02 14.23
C ARG F 393 -7.77 81.87 15.15
N LYS F 394 -8.03 81.41 16.37
CA LYS F 394 -8.95 82.08 17.28
C LYS F 394 -8.28 83.24 18.02
N CYS F 395 -7.05 83.59 17.65
CA CYS F 395 -6.38 84.75 18.23
C CYS F 395 -5.99 85.76 17.16
N LEU F 396 -6.05 85.40 15.89
CA LEU F 396 -5.74 86.28 14.78
C LEU F 396 -6.98 86.82 14.06
N THR F 397 -8.09 86.08 14.10
CA THR F 397 -9.29 86.49 13.37
C THR F 397 -9.99 87.75 13.89
N PRO F 398 -10.28 87.94 15.20
CA PRO F 398 -11.00 89.17 15.58
C PRO F 398 -10.19 90.45 15.45
N TYR F 399 -8.87 90.37 15.33
CA TYR F 399 -8.07 91.52 14.95
C TYR F 399 -7.93 91.66 13.44
N ALA F 400 -8.71 90.90 12.66
CA ALA F 400 -8.68 90.99 11.21
C ALA F 400 -10.01 91.39 10.59
N LEU F 401 -11.08 91.43 11.37
CA LEU F 401 -12.36 91.90 10.85
C LEU F 401 -12.38 93.41 10.72
N THR F 402 -12.26 94.11 11.86
CA THR F 402 -12.28 95.57 11.91
C THR F 402 -10.93 96.14 11.52
N PRO F 403 -10.91 97.37 10.96
CA PRO F 403 -9.62 98.01 10.64
C PRO F 403 -8.82 98.37 11.88
N GLY F 404 -7.71 97.67 12.09
CA GLY F 404 -6.87 97.92 13.24
C GLY F 404 -5.54 97.20 13.10
N ALA F 405 -4.60 97.60 13.96
CA ALA F 405 -3.26 97.01 13.93
C ALA F 405 -3.26 95.60 14.50
N VAL F 406 -2.19 94.87 14.22
CA VAL F 406 -2.13 93.44 14.46
C VAL F 406 -1.36 93.12 15.75
N VAL F 407 -0.97 94.16 16.50
CA VAL F 407 -0.38 94.08 17.84
C VAL F 407 0.88 93.21 17.84
N PRO F 408 2.07 93.77 17.46
CA PRO F 408 3.29 92.95 17.31
C PRO F 408 3.83 92.25 18.56
N VAL F 409 3.16 92.42 19.71
CA VAL F 409 3.44 91.57 20.87
C VAL F 409 3.09 90.11 20.55
N THR F 410 2.00 89.90 19.81
CA THR F 410 1.57 88.56 19.42
C THR F 410 2.38 88.02 18.25
N LEU F 411 3.04 88.90 17.49
CA LEU F 411 3.83 88.50 16.32
C LEU F 411 5.00 87.60 16.71
N GLY F 412 5.61 87.85 17.87
CA GLY F 412 6.64 86.96 18.36
C GLY F 412 6.11 85.59 18.77
N VAL F 413 4.88 85.55 19.30
CA VAL F 413 4.29 84.26 19.65
C VAL F 413 3.64 83.61 18.44
N LEU F 414 2.63 84.27 17.88
CA LEU F 414 1.94 83.79 16.67
C LEU F 414 2.56 84.49 15.47
N CYS F 415 3.31 83.73 14.66
CA CYS F 415 3.90 84.29 13.45
C CYS F 415 2.82 84.53 12.41
N CYS F 416 2.14 85.67 12.54
CA CYS F 416 0.88 85.91 11.85
C CYS F 416 1.11 86.20 10.37
N ALA F 417 0.28 85.59 9.52
CA ALA F 417 0.36 85.84 8.08
C ALA F 417 0.03 87.27 7.66
N PRO F 418 -0.82 88.07 8.36
CA PRO F 418 -0.78 89.52 8.12
C PRO F 418 0.51 90.15 8.64
N ARG F 419 1.58 90.06 7.86
CA ARG F 419 2.89 90.54 8.28
C ARG F 419 3.06 92.03 8.06
N ALA F 420 3.03 92.50 6.75
CA ALA F 420 3.76 93.71 6.28
C ALA F 420 2.89 94.70 5.52
N HIS F 421 1.94 94.21 4.71
CA HIS F 421 1.02 95.09 4.01
C HIS F 421 -0.39 94.53 4.08
N ALA F 422 -0.52 93.28 4.50
CA ALA F 422 -1.82 92.63 4.61
C ALA F 422 -2.62 93.20 5.78
N TYR G 1 64.33 42.11 -45.99
CA TYR G 1 63.14 42.93 -46.17
C TYR G 1 62.07 42.53 -45.15
N GLU G 2 61.45 43.53 -44.53
CA GLU G 2 60.58 43.31 -43.40
C GLU G 2 59.12 43.39 -43.83
N HIS G 3 58.33 42.38 -43.46
CA HIS G 3 56.90 42.37 -43.76
C HIS G 3 56.15 41.76 -42.59
N THR G 4 54.97 42.32 -42.29
CA THR G 4 54.17 41.90 -41.16
C THR G 4 52.78 41.51 -41.63
N ALA G 5 52.26 40.39 -41.13
CA ALA G 5 50.93 39.92 -41.51
C ALA G 5 50.33 39.11 -40.37
N THR G 6 49.02 38.88 -40.46
CA THR G 6 48.27 38.11 -39.47
C THR G 6 47.49 37.02 -40.19
N ILE G 7 47.74 35.76 -39.83
CA ILE G 7 47.06 34.65 -40.46
C ILE G 7 45.94 34.17 -39.53
N PRO G 8 44.88 33.55 -40.03
CA PRO G 8 43.87 33.00 -39.13
C PRO G 8 44.31 31.68 -38.52
N ASN G 9 43.61 31.27 -37.48
CA ASN G 9 44.03 30.17 -36.62
C ASN G 9 43.25 28.90 -36.89
N VAL G 10 42.93 28.61 -38.15
CA VAL G 10 42.20 27.41 -38.51
C VAL G 10 43.16 26.44 -39.20
N VAL G 11 42.87 25.15 -39.04
CA VAL G 11 43.78 24.09 -39.47
C VAL G 11 43.41 23.68 -40.89
N GLY G 12 44.41 23.60 -41.76
CA GLY G 12 44.20 23.18 -43.13
C GLY G 12 43.53 24.24 -43.97
N PHE G 13 44.17 25.39 -44.10
CA PHE G 13 43.59 26.52 -44.80
C PHE G 13 44.66 27.43 -45.34
N PRO G 14 44.84 27.50 -46.66
CA PRO G 14 45.93 28.30 -47.22
C PRO G 14 45.66 29.79 -47.08
N TYR G 15 46.62 30.50 -46.50
CA TYR G 15 46.61 31.94 -46.45
C TYR G 15 47.70 32.47 -47.38
N LYS G 16 47.38 33.53 -48.11
CA LYS G 16 48.32 34.11 -49.06
C LYS G 16 48.78 35.48 -48.57
N ALA G 17 50.09 35.66 -48.47
CA ALA G 17 50.68 36.94 -48.09
C ALA G 17 51.48 37.45 -49.27
N HIS G 18 51.21 38.70 -49.67
CA HIS G 18 51.60 39.20 -50.97
C HIS G 18 52.56 40.36 -50.79
N ILE G 19 53.83 40.12 -51.11
CA ILE G 19 54.92 41.06 -50.84
C ILE G 19 55.28 41.78 -52.13
N GLU G 20 55.16 43.10 -52.11
CA GLU G 20 55.38 43.93 -53.30
C GLU G 20 56.48 44.95 -53.02
N ARG G 21 57.70 44.58 -53.37
CA ARG G 21 58.88 45.39 -53.17
C ARG G 21 59.15 46.19 -54.44
N ASN G 22 59.21 47.52 -54.31
CA ASN G 22 59.41 48.38 -55.46
C ASN G 22 60.83 48.24 -55.98
N GLY G 23 60.96 47.80 -57.22
CA GLY G 23 62.24 47.48 -57.81
C GLY G 23 62.43 46.01 -58.10
N PHE G 24 61.54 45.16 -57.62
CA PHE G 24 61.62 43.72 -57.82
C PHE G 24 60.24 43.21 -58.22
N SER G 25 60.22 42.05 -58.84
CA SER G 25 58.94 41.49 -59.23
C SER G 25 58.27 40.86 -58.01
N PRO G 26 56.94 40.98 -57.88
CA PRO G 26 56.27 40.53 -56.66
C PRO G 26 56.28 39.02 -56.50
N MET G 27 56.26 38.60 -55.25
CA MET G 27 56.17 37.21 -54.84
C MET G 27 55.02 37.08 -53.86
N THR G 28 54.55 35.86 -53.65
CA THR G 28 53.53 35.65 -52.65
C THR G 28 53.70 34.29 -51.98
N LEU G 29 53.59 34.28 -50.66
CA LEU G 29 53.79 33.10 -49.84
C LEU G 29 52.47 32.45 -49.50
N GLN G 30 52.45 31.13 -49.52
CA GLN G 30 51.30 30.37 -49.11
C GLN G 30 51.56 29.82 -47.71
N LEU G 31 50.71 30.20 -46.76
CA LEU G 31 50.86 29.84 -45.36
C LEU G 31 49.68 28.98 -44.93
N GLU G 32 49.96 27.84 -44.32
CA GLU G 32 48.91 27.08 -43.66
C GLU G 32 49.51 26.35 -42.47
N VAL G 33 48.70 26.17 -41.43
CA VAL G 33 49.15 25.48 -40.23
C VAL G 33 48.79 24.01 -40.36
N LEU G 34 49.38 23.18 -39.52
CA LEU G 34 49.06 21.76 -39.49
C LEU G 34 48.72 21.23 -38.10
N GLY G 35 49.16 21.91 -37.03
CA GLY G 35 48.87 21.47 -35.68
C GLY G 35 48.91 22.67 -34.77
N THR G 36 48.33 22.52 -33.59
CA THR G 36 48.22 23.63 -32.62
C THR G 36 47.98 23.02 -31.26
N SER G 37 48.95 23.10 -30.36
CA SER G 37 48.83 22.50 -29.04
C SER G 37 49.08 23.54 -27.97
N LEU G 38 48.45 23.37 -26.81
CA LEU G 38 48.71 24.24 -25.66
C LEU G 38 48.78 23.41 -24.38
N GLU G 39 49.99 23.18 -23.89
CA GLU G 39 50.12 22.55 -22.59
C GLU G 39 49.98 23.60 -21.48
N PRO G 40 49.31 23.29 -20.39
CA PRO G 40 49.30 24.20 -19.24
C PRO G 40 50.40 23.83 -18.25
N THR G 41 50.53 24.67 -17.24
CA THR G 41 51.49 24.45 -16.16
C THR G 41 50.78 23.80 -15.00
N LEU G 42 51.24 22.61 -14.62
CA LEU G 42 50.54 21.75 -13.68
C LEU G 42 51.32 21.70 -12.36
N ASN G 43 51.09 22.67 -11.48
CA ASN G 43 51.66 22.59 -10.13
C ASN G 43 50.68 21.83 -9.25
N LEU G 44 50.96 20.55 -9.04
CA LEU G 44 50.07 19.71 -8.26
C LEU G 44 50.09 20.13 -6.80
N GLU G 45 48.92 20.24 -6.20
CA GLU G 45 48.86 20.54 -4.78
C GLU G 45 48.74 19.28 -3.94
N TYR G 46 47.99 18.29 -4.42
CA TYR G 46 47.89 17.01 -3.73
C TYR G 46 47.46 15.93 -4.71
N ILE G 47 47.36 14.71 -4.19
CA ILE G 47 47.02 13.52 -4.96
C ILE G 47 45.95 12.74 -4.21
N THR G 48 44.86 12.41 -4.90
CA THR G 48 43.81 11.58 -4.34
C THR G 48 43.91 10.17 -4.92
N CYS G 49 43.89 9.17 -4.04
CA CYS G 49 43.99 7.77 -4.43
C CYS G 49 42.81 7.03 -3.81
N GLU G 50 42.79 5.70 -3.85
CA GLU G 50 41.84 4.95 -3.03
C GLU G 50 42.34 4.83 -1.60
N TYR G 51 41.73 3.94 -0.83
CA TYR G 51 42.34 3.50 0.41
C TYR G 51 42.17 2.00 0.59
N LYS G 52 42.79 1.50 1.64
CA LYS G 52 42.41 0.24 2.25
C LYS G 52 42.40 0.46 3.75
N THR G 53 41.48 -0.17 4.44
CA THR G 53 41.40 -0.09 5.88
C THR G 53 41.93 -1.39 6.45
N VAL G 54 43.09 -1.33 7.09
CA VAL G 54 43.75 -2.51 7.60
C VAL G 54 43.34 -2.73 9.05
N VAL G 55 42.69 -3.87 9.30
CA VAL G 55 42.31 -4.28 10.64
C VAL G 55 42.93 -5.64 10.93
N PRO G 56 43.83 -5.73 11.89
CA PRO G 56 44.50 -7.00 12.16
C PRO G 56 43.65 -7.91 13.03
N SER G 57 44.20 -9.05 13.42
CA SER G 57 43.49 -9.94 14.31
C SER G 57 43.38 -9.33 15.70
N PRO G 58 42.23 -9.50 16.37
CA PRO G 58 42.06 -8.88 17.68
C PRO G 58 42.81 -9.64 18.77
N TYR G 59 43.51 -8.92 19.63
CA TYR G 59 44.26 -9.54 20.72
C TYR G 59 43.33 -9.75 21.91
N ILE G 60 43.14 -11.02 22.28
CA ILE G 60 42.25 -11.37 23.39
C ILE G 60 43.12 -12.00 24.48
N LYS G 61 43.50 -11.20 25.46
CA LYS G 61 44.04 -11.73 26.71
C LYS G 61 42.88 -11.93 27.67
N CYS G 62 42.51 -13.19 27.87
CA CYS G 62 41.26 -13.49 28.57
C CYS G 62 41.46 -13.91 30.02
N CYS G 63 42.70 -13.98 30.49
CA CYS G 63 42.92 -14.15 31.91
C CYS G 63 42.68 -12.84 32.65
N GLY G 64 43.39 -11.79 32.26
CA GLY G 64 43.27 -10.49 32.88
C GLY G 64 42.77 -9.42 31.92
N THR G 65 43.43 -8.26 31.89
CA THR G 65 43.00 -7.16 31.04
C THR G 65 44.14 -6.66 30.16
N SER G 66 43.91 -5.52 29.50
CA SER G 66 44.91 -4.83 28.70
C SER G 66 44.44 -3.39 28.51
N GLU G 67 45.32 -2.56 27.96
CA GLU G 67 45.00 -1.16 27.70
C GLU G 67 45.46 -0.80 26.29
N CYS G 68 45.32 0.47 25.95
CA CYS G 68 45.55 0.95 24.59
C CYS G 68 47.04 1.20 24.37
N ARG G 69 47.38 1.81 23.23
CA ARG G 69 48.77 2.05 22.87
C ARG G 69 49.02 3.49 22.48
N SER G 70 47.99 4.15 21.92
CA SER G 70 48.05 5.49 21.35
C SER G 70 49.13 5.60 20.27
N MET G 71 48.92 4.84 19.21
CA MET G 71 49.84 4.75 18.08
C MET G 71 49.59 5.93 17.13
N GLU G 72 50.63 6.30 16.39
CA GLU G 72 50.58 7.44 15.46
C GLU G 72 50.21 6.92 14.07
N ARG G 73 48.94 7.14 13.69
CA ARG G 73 48.37 6.72 12.42
C ARG G 73 47.45 7.85 11.93
N PRO G 74 46.93 7.81 10.68
CA PRO G 74 45.90 8.79 10.30
C PRO G 74 44.60 8.70 11.08
N ASP G 75 44.02 7.50 11.17
CA ASP G 75 42.74 7.28 11.84
C ASP G 75 42.84 6.11 12.80
N TYR G 76 43.84 6.14 13.67
CA TYR G 76 43.99 5.11 14.69
C TYR G 76 42.84 5.18 15.67
N GLN G 77 42.10 4.09 15.80
CA GLN G 77 40.83 4.05 16.51
C GLN G 77 40.79 2.89 17.48
N CYS G 78 41.80 2.81 18.35
CA CYS G 78 41.89 1.76 19.34
C CYS G 78 40.76 1.84 20.35
N GLN G 79 40.35 0.67 20.85
CA GLN G 79 39.21 0.57 21.75
C GLN G 79 39.23 -0.80 22.43
N VAL G 80 39.01 -0.80 23.75
CA VAL G 80 39.05 -2.02 24.55
C VAL G 80 37.65 -2.25 25.14
N TYR G 81 37.32 -3.51 25.41
CA TYR G 81 35.97 -3.87 25.82
C TYR G 81 35.99 -4.80 27.03
N THR G 82 34.80 -5.08 27.54
CA THR G 82 34.58 -5.87 28.75
C THR G 82 34.38 -7.34 28.39
N GLY G 83 33.86 -8.13 29.34
CA GLY G 83 33.70 -9.58 29.25
C GLY G 83 33.03 -10.18 28.04
N VAL G 84 33.66 -11.19 27.47
CA VAL G 84 33.22 -11.81 26.22
C VAL G 84 33.22 -13.33 26.37
N TYR G 85 32.38 -13.99 25.58
CA TYR G 85 32.35 -15.44 25.43
C TYR G 85 32.68 -15.76 23.99
N PRO G 86 33.92 -16.08 23.66
CA PRO G 86 34.34 -16.16 22.25
C PRO G 86 33.71 -17.27 21.42
N PHE G 87 33.66 -18.50 21.94
CA PHE G 87 33.01 -19.65 21.30
C PHE G 87 33.59 -19.94 19.91
N MET G 88 34.83 -20.43 19.90
CA MET G 88 35.44 -20.91 18.66
C MET G 88 34.88 -22.31 18.38
N TRP G 89 35.53 -23.07 17.50
CA TRP G 89 34.98 -24.30 16.93
C TRP G 89 34.71 -25.36 17.98
N GLY G 90 35.64 -25.55 18.92
CA GLY G 90 35.36 -26.45 20.03
C GLY G 90 35.15 -25.71 21.33
N GLY G 91 33.89 -25.59 21.76
CA GLY G 91 33.59 -25.02 23.06
C GLY G 91 33.89 -23.54 23.13
N ALA G 92 34.24 -23.07 24.32
CA ALA G 92 34.70 -21.71 24.53
C ALA G 92 36.19 -21.63 24.29
N TYR G 93 36.71 -20.40 24.25
CA TYR G 93 38.12 -20.20 23.97
C TYR G 93 38.92 -19.87 25.22
N CYS G 94 38.33 -19.15 26.16
CA CYS G 94 39.08 -18.58 27.28
C CYS G 94 38.30 -18.78 28.58
N PHE G 95 37.95 -20.04 28.84
CA PHE G 95 36.84 -20.56 29.64
C PHE G 95 36.44 -19.85 30.93
N CYS G 96 37.40 -19.21 31.62
CA CYS G 96 37.40 -19.03 33.08
C CYS G 96 36.09 -18.58 33.72
N ASP G 97 35.75 -17.29 33.70
CA ASP G 97 34.36 -16.90 33.55
C ASP G 97 34.23 -15.58 32.81
N THR G 98 35.08 -14.63 33.18
CA THR G 98 34.85 -13.21 32.96
C THR G 98 36.11 -12.42 33.29
N GLU G 99 35.98 -11.10 33.43
CA GLU G 99 37.06 -10.17 33.76
C GLU G 99 38.16 -10.22 32.71
N ASN G 100 37.78 -9.89 31.47
CA ASN G 100 38.59 -10.19 30.31
C ASN G 100 38.18 -9.32 29.14
N THR G 101 39.18 -8.98 28.31
CA THR G 101 39.09 -7.88 27.37
C THR G 101 39.36 -8.36 25.95
N GLN G 102 39.13 -7.43 25.01
CA GLN G 102 39.47 -7.61 23.60
C GLN G 102 39.92 -6.27 23.06
N LEU G 103 41.21 -6.16 22.76
CA LEU G 103 41.79 -4.92 22.23
C LEU G 103 41.71 -4.98 20.71
N SER G 104 40.90 -4.10 20.13
CA SER G 104 40.70 -4.06 18.69
C SER G 104 41.11 -2.70 18.14
N GLU G 105 41.60 -2.68 16.90
CA GLU G 105 42.08 -1.44 16.32
C GLU G 105 42.01 -1.53 14.80
N ALA G 106 42.04 -0.35 14.16
CA ALA G 106 42.05 -0.23 12.72
C ALA G 106 42.54 1.17 12.37
N TYR G 107 43.00 1.34 11.13
CA TYR G 107 43.42 2.63 10.61
C TYR G 107 43.38 2.55 9.10
N VAL G 108 43.72 3.67 8.45
CA VAL G 108 43.55 3.82 7.01
C VAL G 108 44.87 4.28 6.41
N ASP G 109 45.16 3.87 5.18
CA ASP G 109 46.34 4.35 4.47
C ASP G 109 46.11 4.42 2.97
N ARG G 110 47.18 4.57 2.19
CA ARG G 110 47.07 4.68 0.75
C ARG G 110 46.73 3.33 0.13
N SER G 111 46.41 3.35 -1.15
CA SER G 111 46.04 2.13 -1.83
C SER G 111 47.28 1.28 -2.13
N ASP G 112 47.03 0.05 -2.57
CA ASP G 112 48.12 -0.81 -2.97
C ASP G 112 48.67 -0.39 -4.33
N VAL G 113 47.85 -0.50 -5.36
CA VAL G 113 48.26 -0.09 -6.71
C VAL G 113 47.84 1.36 -6.86
N CYS G 114 48.65 2.25 -6.28
CA CYS G 114 48.49 3.67 -6.49
C CYS G 114 49.49 4.17 -7.52
N LYS G 115 50.22 3.25 -8.13
CA LYS G 115 51.06 3.51 -9.28
C LYS G 115 50.53 2.83 -10.54
N HIS G 116 49.39 2.15 -10.44
CA HIS G 116 48.76 1.51 -11.58
C HIS G 116 47.43 2.13 -11.96
N ASP G 117 46.64 2.59 -10.99
CA ASP G 117 45.44 3.37 -11.27
C ASP G 117 45.14 4.30 -10.10
N HIS G 118 45.10 5.60 -10.37
CA HIS G 118 44.88 6.65 -9.38
C HIS G 118 44.57 7.93 -10.14
N ALA G 119 44.29 9.00 -9.39
CA ALA G 119 44.01 10.30 -9.99
C ALA G 119 44.91 11.36 -9.39
N ALA G 120 44.79 12.57 -9.94
CA ALA G 120 45.60 13.71 -9.51
C ALA G 120 44.72 14.93 -9.36
N ALA G 121 45.27 15.99 -8.80
CA ALA G 121 44.48 17.15 -8.40
C ALA G 121 45.15 18.45 -8.81
N TYR G 122 45.52 18.54 -10.09
CA TYR G 122 46.36 19.62 -10.59
C TYR G 122 45.66 20.97 -10.54
N LYS G 123 46.44 22.03 -10.75
CA LYS G 123 45.99 23.42 -10.64
C LYS G 123 46.49 24.21 -11.87
N ALA G 124 46.11 23.77 -13.06
CA ALA G 124 46.57 24.39 -14.30
C ALA G 124 46.16 25.85 -14.39
N HIS G 125 47.14 26.75 -14.48
CA HIS G 125 46.87 28.17 -14.47
C HIS G 125 47.31 28.88 -15.75
N THR G 126 48.54 28.72 -16.22
CA THR G 126 48.96 29.36 -17.46
C THR G 126 49.36 28.31 -18.48
N ALA G 127 49.15 28.63 -19.75
CA ALA G 127 49.35 27.69 -20.85
C ALA G 127 50.36 28.23 -21.85
N ALA G 128 50.97 27.32 -22.59
CA ALA G 128 51.99 27.64 -23.58
C ALA G 128 51.60 27.03 -24.92
N MET G 129 51.36 27.87 -25.92
CA MET G 129 50.94 27.44 -27.23
C MET G 129 52.14 26.91 -28.03
N LYS G 130 51.86 26.01 -28.97
CA LYS G 130 52.88 25.44 -29.84
C LYS G 130 52.21 24.95 -31.11
N ALA G 131 52.58 25.52 -32.25
CA ALA G 131 51.91 25.24 -33.52
C ALA G 131 52.92 24.73 -34.55
N THR G 132 52.41 24.40 -35.74
CA THR G 132 53.21 23.78 -36.80
C THR G 132 52.73 24.28 -38.14
N ILE G 133 53.60 24.99 -38.87
CA ILE G 133 53.21 25.74 -40.06
C ILE G 133 54.06 25.29 -41.24
N ARG G 134 53.43 25.07 -42.39
CA ARG G 134 54.12 24.75 -43.64
C ARG G 134 54.36 26.02 -44.44
N ILE G 135 55.63 26.40 -44.59
CA ILE G 135 56.01 27.59 -45.34
C ILE G 135 56.22 27.19 -46.79
N SER G 136 55.60 27.93 -47.71
CA SER G 136 55.70 27.57 -49.12
C SER G 136 55.77 28.82 -49.97
N TYR G 137 56.89 29.00 -50.67
CA TYR G 137 57.01 30.03 -51.68
C TYR G 137 58.09 29.63 -52.67
N GLY G 138 57.85 29.95 -53.95
CA GLY G 138 58.80 29.66 -55.00
C GLY G 138 59.04 28.18 -55.19
N ASN G 139 60.20 27.72 -54.72
CA ASN G 139 60.53 26.29 -54.74
C ASN G 139 60.87 25.82 -53.34
N LEU G 140 60.16 26.31 -52.34
CA LEU G 140 60.30 25.83 -50.98
C LEU G 140 59.01 25.18 -50.51
N ASN G 141 59.18 24.03 -49.86
CA ASN G 141 58.09 23.23 -49.31
C ASN G 141 58.65 22.70 -48.00
N GLN G 142 58.51 23.49 -46.93
CA GLN G 142 59.16 23.21 -45.67
C GLN G 142 58.13 23.09 -44.55
N THR G 143 58.55 22.54 -43.43
CA THR G 143 57.68 22.31 -42.29
C THR G 143 58.45 22.53 -41.01
N THR G 144 57.99 23.47 -40.17
CA THR G 144 58.70 23.83 -38.95
C THR G 144 57.71 24.01 -37.81
N THR G 145 58.19 23.77 -36.59
CA THR G 145 57.40 23.93 -35.37
C THR G 145 58.01 25.01 -34.51
N ALA G 146 57.16 25.80 -33.85
CA ALA G 146 57.64 26.94 -33.10
C ALA G 146 56.67 27.29 -31.99
N PHE G 147 57.19 27.93 -30.95
CA PHE G 147 56.34 28.44 -29.87
C PHE G 147 55.65 29.73 -30.31
N VAL G 148 54.37 29.84 -29.99
CA VAL G 148 53.56 30.95 -30.49
C VAL G 148 53.61 32.04 -29.42
N ASN G 149 54.69 32.81 -29.46
CA ASN G 149 54.86 34.10 -28.79
C ASN G 149 56.03 34.79 -29.46
N GLY G 150 56.04 36.11 -29.42
CA GLY G 150 57.03 36.84 -30.22
C GLY G 150 58.46 36.79 -29.69
N GLU G 151 59.00 35.59 -29.50
CA GLU G 151 60.37 35.44 -29.05
C GLU G 151 61.11 34.31 -29.73
N HIS G 152 60.43 33.40 -30.40
CA HIS G 152 61.05 32.25 -31.04
C HIS G 152 61.10 32.54 -32.53
N THR G 153 62.29 32.80 -33.06
CA THR G 153 62.44 33.16 -34.46
C THR G 153 63.16 32.03 -35.17
N VAL G 154 62.39 31.21 -35.89
CA VAL G 154 62.89 30.00 -36.51
C VAL G 154 63.07 30.21 -38.00
N THR G 155 64.23 29.81 -38.51
CA THR G 155 64.57 29.98 -39.92
C THR G 155 64.00 28.85 -40.75
N VAL G 156 63.75 29.14 -42.03
CA VAL G 156 63.14 28.19 -42.95
C VAL G 156 64.03 27.94 -44.16
N GLY G 157 64.26 28.96 -44.96
CA GLY G 157 65.16 28.82 -46.09
C GLY G 157 66.47 29.50 -45.76
N GLY G 158 66.63 30.70 -46.26
CA GLY G 158 67.61 31.61 -45.71
C GLY G 158 66.88 32.66 -44.91
N SER G 159 65.54 32.57 -44.93
CA SER G 159 64.68 33.59 -44.35
C SER G 159 64.46 33.33 -42.87
N ARG G 160 63.73 34.24 -42.23
CA ARG G 160 63.47 34.18 -40.80
C ARG G 160 62.03 34.57 -40.53
N PHE G 161 61.32 33.73 -39.78
CA PHE G 161 59.94 33.96 -39.42
C PHE G 161 59.81 33.92 -37.90
N THR G 162 58.80 34.62 -37.39
CA THR G 162 58.51 34.57 -35.96
C THR G 162 57.02 34.75 -35.73
N PHE G 163 56.43 33.83 -34.95
CA PHE G 163 54.98 33.71 -34.84
C PHE G 163 54.54 34.33 -33.52
N GLY G 164 54.02 35.56 -33.60
CA GLY G 164 53.78 36.36 -32.43
C GLY G 164 52.61 35.86 -31.60
N PRO G 165 52.33 36.56 -30.49
CA PRO G 165 51.39 36.03 -29.50
C PRO G 165 49.96 36.07 -29.98
N ILE G 166 49.18 35.06 -29.58
CA ILE G 166 47.77 34.97 -29.96
C ILE G 166 46.98 36.07 -29.27
N SER G 167 46.04 36.67 -30.01
CA SER G 167 45.17 37.76 -29.58
C SER G 167 44.23 37.38 -28.44
N THR G 168 44.22 36.18 -27.88
CA THR G 168 43.40 35.88 -26.71
C THR G 168 44.14 34.92 -25.81
N ALA G 169 43.65 34.79 -24.58
CA ALA G 169 44.18 33.85 -23.60
C ALA G 169 43.13 32.84 -23.17
N TRP G 170 42.33 32.39 -24.14
CA TRP G 170 41.27 31.43 -23.86
C TRP G 170 41.86 30.05 -23.63
N THR G 171 41.35 29.35 -22.61
CA THR G 171 41.72 27.98 -22.33
C THR G 171 40.46 27.18 -22.02
N PRO G 172 40.35 25.94 -22.50
CA PRO G 172 39.23 25.09 -22.09
C PRO G 172 39.41 24.50 -20.72
N PHE G 173 40.63 24.49 -20.18
CA PHE G 173 40.86 23.95 -18.85
C PHE G 173 40.47 24.98 -17.80
N ASP G 174 39.72 24.54 -16.81
CA ASP G 174 39.58 25.32 -15.59
C ASP G 174 40.87 25.25 -14.79
N ASN G 175 40.89 25.99 -13.69
CA ASN G 175 42.06 25.95 -12.83
C ASN G 175 42.06 24.79 -11.85
N LYS G 176 41.07 23.89 -11.95
CA LYS G 176 40.90 22.81 -10.98
C LYS G 176 40.62 21.52 -11.75
N ILE G 177 41.64 20.64 -11.88
CA ILE G 177 41.60 19.52 -12.80
C ILE G 177 41.86 18.21 -12.05
N VAL G 178 41.08 17.17 -12.37
CA VAL G 178 41.38 15.80 -12.00
C VAL G 178 41.62 14.94 -13.24
N VAL G 179 42.73 14.19 -13.26
CA VAL G 179 43.10 13.40 -14.42
C VAL G 179 43.06 11.92 -14.08
N TYR G 180 42.37 11.12 -14.89
CA TYR G 180 42.34 9.67 -14.69
C TYR G 180 42.53 8.93 -16.00
N LYS G 181 43.77 8.56 -16.27
CA LYS G 181 44.20 7.47 -17.14
C LYS G 181 43.99 7.69 -18.64
N ASN G 182 42.97 8.46 -19.03
CA ASN G 182 42.90 8.96 -20.41
C ASN G 182 42.10 10.25 -20.49
N ASP G 183 41.59 10.76 -19.39
CA ASP G 183 40.57 11.80 -19.44
C ASP G 183 41.00 13.00 -18.62
N VAL G 184 40.23 14.08 -18.76
CA VAL G 184 40.46 15.31 -18.02
C VAL G 184 39.09 15.81 -17.56
N TYR G 185 38.92 15.99 -16.26
CA TYR G 185 37.67 16.48 -15.72
C TYR G 185 37.90 17.78 -14.96
N ASN G 186 36.92 18.66 -15.01
CA ASN G 186 36.99 19.96 -14.33
C ASN G 186 36.17 19.88 -13.05
N GLN G 187 36.85 19.84 -11.90
CA GLN G 187 36.18 19.71 -10.61
C GLN G 187 36.84 20.64 -9.61
N ASP G 188 36.08 21.58 -9.07
CA ASP G 188 36.61 22.58 -8.13
C ASP G 188 36.97 21.92 -6.81
N PHE G 189 38.24 21.65 -6.61
CA PHE G 189 38.54 20.82 -5.47
C PHE G 189 38.65 21.64 -4.18
N PRO G 190 38.36 21.02 -3.03
CA PRO G 190 38.63 21.67 -1.76
C PRO G 190 40.12 21.66 -1.45
N PRO G 191 40.60 22.63 -0.65
CA PRO G 191 42.05 22.72 -0.41
C PRO G 191 42.61 21.66 0.53
N TYR G 192 43.89 21.79 0.87
CA TYR G 192 44.59 20.75 1.61
C TYR G 192 44.12 20.72 3.05
N GLY G 193 43.88 19.52 3.57
CA GLY G 193 43.45 19.37 4.94
C GLY G 193 42.05 19.90 5.20
N SER G 194 41.17 19.78 4.23
CA SER G 194 39.80 20.26 4.41
C SER G 194 38.77 19.32 3.83
N GLY G 195 39.16 18.09 3.49
CA GLY G 195 38.26 17.19 2.81
C GLY G 195 37.17 16.65 3.72
N GLN G 196 36.12 16.15 3.09
CA GLN G 196 34.96 15.65 3.79
C GLN G 196 34.76 14.17 3.48
N PRO G 197 34.23 13.40 4.42
CA PRO G 197 34.08 11.96 4.17
C PRO G 197 32.96 11.63 3.19
N GLY G 198 33.33 11.25 1.98
CA GLY G 198 32.33 10.94 0.98
C GLY G 198 32.52 11.69 -0.33
N ARG G 199 33.03 12.91 -0.25
CA ARG G 199 33.27 13.73 -1.43
C ARG G 199 34.77 13.78 -1.76
N PHE G 200 35.06 14.27 -2.96
CA PHE G 200 36.40 14.17 -3.56
C PHE G 200 37.46 14.92 -2.77
N GLY G 201 38.33 14.17 -2.10
CA GLY G 201 39.37 14.78 -1.32
C GLY G 201 39.40 14.36 0.13
N ASP G 202 38.82 13.20 0.46
CA ASP G 202 38.93 12.68 1.81
C ASP G 202 40.30 12.06 2.09
N ILE G 203 41.11 11.83 1.06
CA ILE G 203 42.49 11.40 1.20
C ILE G 203 43.35 12.33 0.37
N GLN G 204 44.25 13.06 1.03
CA GLN G 204 45.02 14.09 0.32
C GLN G 204 46.49 13.94 0.71
N SER G 205 47.21 13.07 0.01
CA SER G 205 48.65 13.03 0.15
C SER G 205 49.26 14.17 -0.65
N ARG G 206 50.35 14.73 -0.12
CA ARG G 206 50.93 15.94 -0.70
C ARG G 206 51.52 15.67 -2.09
N THR G 207 52.38 14.68 -2.20
CA THR G 207 52.87 14.25 -3.50
C THR G 207 53.00 12.74 -3.46
N VAL G 208 53.47 12.17 -4.58
CA VAL G 208 53.40 10.73 -4.78
C VAL G 208 54.37 10.00 -3.85
N GLU G 209 55.62 10.44 -3.80
CA GLU G 209 56.63 9.74 -3.01
C GLU G 209 56.74 10.27 -1.58
N SER G 210 55.61 10.50 -0.91
CA SER G 210 55.65 11.18 0.37
C SER G 210 54.73 10.51 1.36
N LYS G 211 55.10 10.61 2.62
CA LYS G 211 54.33 10.10 3.74
C LYS G 211 53.43 11.22 4.27
N ASP G 212 52.92 11.07 5.49
CA ASP G 212 52.12 12.07 6.20
C ASP G 212 50.83 12.38 5.45
N LEU G 213 49.98 11.35 5.41
CA LEU G 213 48.67 11.41 4.78
C LEU G 213 47.72 12.29 5.57
N TYR G 214 46.65 12.71 4.91
CA TYR G 214 45.51 13.35 5.56
C TYR G 214 44.27 12.53 5.23
N ALA G 215 43.61 12.01 6.26
CA ALA G 215 42.44 11.17 6.01
C ALA G 215 41.45 11.33 7.14
N ASN G 216 40.20 11.65 6.81
CA ASN G 216 39.09 11.61 7.75
C ASN G 216 37.91 10.92 7.08
N THR G 217 37.80 9.61 7.30
CA THR G 217 36.77 8.81 6.67
C THR G 217 35.70 8.31 7.64
N ALA G 218 35.65 8.88 8.85
CA ALA G 218 34.64 8.60 9.88
C ALA G 218 34.58 7.12 10.26
N LEU G 219 35.70 6.62 10.78
CA LEU G 219 35.84 5.22 11.14
C LEU G 219 35.52 5.04 12.62
N LYS G 220 34.51 4.23 12.92
CA LYS G 220 34.06 4.02 14.28
C LYS G 220 33.93 2.52 14.53
N LEU G 221 34.15 2.11 15.77
CA LEU G 221 34.13 0.70 16.12
C LEU G 221 32.94 0.38 17.01
N SER G 222 32.71 -0.92 17.19
CA SER G 222 31.65 -1.43 18.04
C SER G 222 32.19 -2.64 18.79
N ARG G 223 31.29 -3.40 19.42
CA ARG G 223 31.72 -4.55 20.20
C ARG G 223 31.20 -5.84 19.61
N PRO G 224 31.89 -6.96 19.81
CA PRO G 224 31.39 -8.24 19.28
C PRO G 224 30.15 -8.69 20.03
N SER G 225 29.18 -9.21 19.27
CA SER G 225 27.81 -9.31 19.74
C SER G 225 27.57 -10.27 20.90
N SER G 226 27.55 -11.57 20.63
CA SER G 226 27.27 -12.51 21.71
C SER G 226 28.32 -13.59 21.87
N GLY G 227 28.55 -14.36 20.81
CA GLY G 227 29.39 -15.53 20.90
C GLY G 227 30.27 -15.76 19.69
N THR G 228 30.67 -14.69 19.01
CA THR G 228 31.46 -14.81 17.80
C THR G 228 32.70 -13.93 17.89
N VAL G 229 33.79 -14.41 17.31
CA VAL G 229 35.06 -13.67 17.31
C VAL G 229 35.09 -12.85 16.04
N HIS G 230 34.39 -11.71 16.07
CA HIS G 230 34.41 -10.76 14.98
C HIS G 230 34.69 -9.38 15.54
N VAL G 231 35.35 -8.56 14.74
CA VAL G 231 35.55 -7.15 15.10
C VAL G 231 34.72 -6.30 14.15
N PRO G 232 33.69 -5.61 14.62
CA PRO G 232 32.86 -4.79 13.73
C PRO G 232 33.34 -3.35 13.66
N TYR G 233 33.04 -2.73 12.52
CA TYR G 233 33.32 -1.31 12.34
C TYR G 233 32.32 -0.76 11.34
N THR G 234 32.37 0.55 11.14
CA THR G 234 31.51 1.22 10.19
C THR G 234 32.23 2.45 9.64
N GLN G 235 31.89 2.80 8.39
CA GLN G 235 32.66 3.77 7.64
C GLN G 235 31.89 4.17 6.39
N THR G 236 31.87 5.47 6.09
CA THR G 236 31.33 5.91 4.81
C THR G 236 32.34 5.59 3.71
N PRO G 237 31.90 5.08 2.57
CA PRO G 237 32.84 4.47 1.60
C PRO G 237 33.69 5.48 0.85
N SER G 238 34.45 4.98 -0.11
CA SER G 238 35.45 5.81 -0.78
C SER G 238 34.81 6.82 -1.71
N SER G 239 35.42 7.99 -1.77
CA SER G 239 34.97 8.96 -2.75
C SER G 239 35.56 8.73 -4.13
N PHE G 240 36.76 8.15 -4.20
CA PHE G 240 37.32 7.81 -5.49
C PHE G 240 36.52 6.70 -6.17
N LYS G 241 35.87 5.85 -5.38
CA LYS G 241 35.06 4.77 -5.94
C LYS G 241 33.65 5.23 -6.27
N TYR G 242 33.10 6.17 -5.48
CA TYR G 242 31.89 6.89 -5.90
C TYR G 242 32.11 7.63 -7.20
N TRP G 243 33.33 8.08 -7.43
CA TRP G 243 33.63 8.81 -8.64
C TRP G 243 33.73 7.90 -9.86
N ILE G 244 34.09 6.63 -9.66
CA ILE G 244 34.51 5.82 -10.80
C ILE G 244 33.34 5.29 -11.63
N LYS G 245 32.12 5.35 -11.11
CA LYS G 245 30.96 4.95 -11.88
C LYS G 245 29.92 6.04 -11.99
N GLU G 246 30.20 7.24 -11.49
CA GLU G 246 29.32 8.38 -11.64
C GLU G 246 29.92 9.47 -12.51
N ARG G 247 31.16 9.29 -12.97
CA ARG G 247 31.77 10.27 -13.84
C ARG G 247 31.11 10.24 -15.21
N GLY G 248 30.74 11.41 -15.71
CA GLY G 248 29.99 11.48 -16.95
C GLY G 248 30.88 11.42 -18.17
N THR G 249 30.58 12.23 -19.17
CA THR G 249 31.50 12.38 -20.27
C THR G 249 32.57 13.40 -19.91
N SER G 250 33.75 13.22 -20.48
CA SER G 250 34.91 13.99 -20.08
C SER G 250 34.96 15.30 -20.84
N LEU G 251 36.09 16.01 -20.72
CA LEU G 251 36.29 17.25 -21.45
C LEU G 251 36.61 17.00 -22.91
N ASN G 252 36.98 15.75 -23.25
CA ASN G 252 37.21 15.38 -24.64
C ASN G 252 35.93 15.47 -25.46
N ASP G 253 34.78 15.28 -24.83
CA ASP G 253 33.51 15.23 -25.54
C ASP G 253 32.62 16.45 -25.29
N LYS G 254 33.13 17.48 -24.60
CA LYS G 254 32.32 18.69 -24.47
C LYS G 254 33.15 19.98 -24.52
N ALA G 255 34.34 19.95 -25.11
CA ALA G 255 35.15 21.15 -25.25
C ALA G 255 34.55 22.09 -26.28
N PRO G 256 34.65 23.42 -26.07
CA PRO G 256 33.92 24.37 -26.92
C PRO G 256 34.29 24.45 -28.39
N PHE G 257 35.54 24.77 -28.72
CA PHE G 257 35.88 25.10 -30.10
C PHE G 257 36.33 23.91 -30.92
N GLY G 258 35.81 22.72 -30.63
CA GLY G 258 36.16 21.56 -31.41
C GLY G 258 37.55 21.02 -31.13
N CYS G 259 38.12 21.38 -30.00
CA CYS G 259 39.48 20.98 -29.67
C CYS G 259 39.45 19.65 -28.96
N VAL G 260 40.25 18.71 -29.43
CA VAL G 260 40.37 17.42 -28.77
C VAL G 260 41.37 17.54 -27.64
N ILE G 261 41.21 16.72 -26.63
CA ILE G 261 42.08 16.75 -25.45
C ILE G 261 42.77 15.39 -25.39
N LYS G 262 44.08 15.42 -25.57
CA LYS G 262 44.88 14.27 -25.21
C LYS G 262 45.62 14.58 -23.92
N THR G 263 46.12 13.54 -23.26
CA THR G 263 46.38 13.64 -21.84
C THR G 263 47.72 13.10 -21.38
N ASN G 264 48.59 12.65 -22.27
CA ASN G 264 49.79 12.07 -21.66
C ASN G 264 50.78 13.18 -21.28
N PRO G 265 51.24 14.12 -22.17
CA PRO G 265 51.56 15.46 -21.65
C PRO G 265 50.42 16.45 -21.79
N VAL G 266 49.47 16.47 -20.84
CA VAL G 266 48.08 16.97 -20.93
C VAL G 266 47.91 18.23 -21.76
N ARG G 267 47.03 18.18 -22.77
CA ARG G 267 46.94 19.26 -23.75
C ARG G 267 45.59 19.29 -24.44
N ALA G 268 45.37 20.30 -25.27
CA ALA G 268 44.07 20.62 -25.83
C ALA G 268 44.19 20.90 -27.32
N GLU G 269 44.79 19.96 -28.05
CA GLU G 269 45.33 20.27 -29.36
C GLU G 269 44.24 20.52 -30.41
N ASN G 270 44.64 21.24 -31.46
CA ASN G 270 43.81 21.61 -32.60
C ASN G 270 42.58 22.42 -32.20
N CYS G 271 42.83 23.59 -31.61
CA CYS G 271 41.77 24.55 -31.34
C CYS G 271 41.40 25.30 -32.63
N ALA G 272 40.38 26.14 -32.55
CA ALA G 272 39.92 26.90 -33.72
C ALA G 272 39.53 28.32 -33.35
N VAL G 273 40.32 28.98 -32.52
CA VAL G 273 39.95 30.30 -32.02
C VAL G 273 41.14 31.25 -32.21
N GLY G 274 40.82 32.53 -32.39
CA GLY G 274 41.84 33.55 -32.42
C GLY G 274 42.53 33.65 -33.78
N ASN G 275 43.72 34.23 -33.75
CA ASN G 275 44.58 34.35 -34.93
C ASN G 275 46.01 34.61 -34.48
N ILE G 276 46.96 34.41 -35.38
CA ILE G 276 48.38 34.50 -35.10
C ILE G 276 48.97 35.58 -35.99
N PRO G 277 49.72 36.54 -35.47
CA PRO G 277 50.47 37.44 -36.33
C PRO G 277 51.85 36.89 -36.64
N VAL G 278 52.37 37.24 -37.82
CA VAL G 278 53.72 36.88 -38.21
C VAL G 278 54.51 38.15 -38.48
N SER G 279 55.84 38.00 -38.49
CA SER G 279 56.75 39.07 -38.87
C SER G 279 57.92 38.42 -39.56
N MET G 280 58.11 38.71 -40.85
CA MET G 280 59.00 37.90 -41.66
C MET G 280 60.16 38.72 -42.20
N ASP G 281 61.23 38.02 -42.58
CA ASP G 281 62.43 38.65 -43.08
C ASP G 281 63.02 37.75 -44.15
N ILE G 282 63.01 38.21 -45.40
CA ILE G 282 63.38 37.42 -46.56
C ILE G 282 64.67 38.00 -47.14
N PRO G 283 65.67 37.19 -47.44
CA PRO G 283 66.87 37.71 -48.11
C PRO G 283 66.56 38.08 -49.55
N ASP G 284 67.48 38.84 -50.15
CA ASP G 284 67.24 39.39 -51.47
C ASP G 284 67.38 38.38 -52.59
N THR G 285 67.79 37.15 -52.31
CA THR G 285 67.96 36.16 -53.36
C THR G 285 66.67 35.41 -53.69
N ALA G 286 65.59 35.66 -52.96
CA ALA G 286 64.30 35.07 -53.30
C ALA G 286 63.51 35.92 -54.28
N PHE G 287 63.78 37.21 -54.34
CA PHE G 287 63.14 38.10 -55.29
C PHE G 287 63.77 37.93 -56.67
N THR G 288 63.08 38.43 -57.68
CA THR G 288 63.62 38.54 -59.03
C THR G 288 63.59 40.00 -59.44
N ARG G 289 64.61 40.42 -60.18
CA ARG G 289 64.64 41.78 -60.70
C ARG G 289 63.59 41.93 -61.78
N VAL G 290 63.12 43.17 -61.96
CA VAL G 290 61.98 43.40 -62.86
C VAL G 290 62.38 43.34 -64.32
N ILE G 291 63.68 43.38 -64.62
CA ILE G 291 64.15 43.16 -65.98
C ILE G 291 63.89 41.71 -66.40
N ASP G 292 63.97 40.78 -65.45
CA ASP G 292 63.81 39.37 -65.77
C ASP G 292 62.36 38.96 -65.95
N ALA G 293 61.42 39.74 -65.44
CA ALA G 293 60.02 39.34 -65.41
C ALA G 293 59.30 39.76 -66.70
N PRO G 294 58.24 39.05 -67.08
CA PRO G 294 57.42 39.51 -68.19
C PRO G 294 56.59 40.73 -67.82
N ALA G 295 56.35 41.58 -68.83
CA ALA G 295 55.67 42.86 -68.64
C ALA G 295 54.26 42.75 -69.19
N VAL G 296 53.28 42.91 -68.31
CA VAL G 296 51.88 42.65 -68.64
C VAL G 296 51.14 43.98 -68.78
N THR G 297 50.49 44.17 -69.92
CA THR G 297 49.61 45.31 -70.15
C THR G 297 48.26 44.81 -70.65
N ASN G 298 47.25 45.68 -70.50
CA ASN G 298 45.87 45.46 -70.95
C ASN G 298 45.25 44.20 -70.31
N LEU G 299 45.07 44.29 -69.00
CA LEU G 299 44.60 43.17 -68.20
C LEU G 299 43.12 43.34 -67.91
N GLU G 300 42.31 42.38 -68.35
CA GLU G 300 40.85 42.44 -68.27
C GLU G 300 40.31 41.15 -67.68
N CYS G 301 39.08 41.21 -67.15
CA CYS G 301 38.52 40.11 -66.39
C CYS G 301 37.07 39.86 -66.75
N GLN G 302 36.72 38.59 -66.95
CA GLN G 302 35.33 38.16 -67.16
C GLN G 302 35.08 36.88 -66.38
N VAL G 303 34.03 36.90 -65.56
CA VAL G 303 33.66 35.73 -64.75
C VAL G 303 32.77 34.79 -65.54
N ALA G 304 32.62 33.55 -65.07
CA ALA G 304 31.80 32.59 -65.80
C ALA G 304 30.67 31.97 -64.98
N VAL G 305 30.93 31.58 -63.72
CA VAL G 305 29.93 30.80 -63.00
C VAL G 305 29.50 31.38 -61.64
N CYS G 306 30.40 31.41 -60.66
CA CYS G 306 30.19 31.97 -59.32
C CYS G 306 29.00 31.43 -58.54
N THR G 307 29.08 30.23 -57.98
CA THR G 307 28.17 29.89 -56.91
C THR G 307 28.75 30.30 -55.54
N HIS G 308 27.91 30.28 -54.51
CA HIS G 308 28.32 30.58 -53.14
C HIS G 308 28.97 29.41 -52.43
N SER G 309 29.45 28.40 -53.14
CA SER G 309 29.82 27.14 -52.52
C SER G 309 31.04 27.30 -51.64
N SER G 310 31.20 26.37 -50.69
CA SER G 310 32.28 26.47 -49.72
C SER G 310 33.63 26.21 -50.36
N ASP G 311 33.70 25.26 -51.29
CA ASP G 311 34.91 25.02 -52.05
C ASP G 311 35.06 26.09 -53.13
N PHE G 312 36.04 25.93 -54.01
CA PHE G 312 36.33 26.94 -55.02
C PHE G 312 35.29 26.88 -56.13
N GLY G 313 34.16 27.53 -55.88
CA GLY G 313 33.07 27.59 -56.82
C GLY G 313 33.02 28.84 -57.67
N GLY G 314 34.11 29.17 -58.35
CA GLY G 314 34.11 30.31 -59.23
C GLY G 314 35.20 30.22 -60.27
N ILE G 315 34.93 30.62 -61.50
CA ILE G 315 35.92 30.57 -62.58
C ILE G 315 35.93 31.92 -63.28
N ALA G 316 37.02 32.65 -63.12
CA ALA G 316 37.23 33.89 -63.85
C ALA G 316 38.16 33.64 -65.02
N THR G 317 38.00 34.43 -66.08
CA THR G 317 38.80 34.28 -67.29
C THR G 317 39.46 35.62 -67.61
N LEU G 318 40.78 35.62 -67.66
CA LEU G 318 41.55 36.84 -67.86
C LEU G 318 42.08 36.93 -69.28
N THR G 319 42.31 38.17 -69.71
CA THR G 319 42.92 38.45 -71.01
C THR G 319 43.97 39.54 -70.82
N PHE G 320 45.19 39.28 -71.27
CA PHE G 320 46.28 40.22 -71.10
C PHE G 320 47.01 40.39 -72.43
N LYS G 321 48.14 41.10 -72.39
CA LYS G 321 48.92 41.40 -73.59
C LYS G 321 50.39 41.49 -73.17
N THR G 322 51.10 40.39 -73.34
CA THR G 322 52.48 40.26 -72.89
C THR G 322 53.45 40.41 -74.06
N ASP G 323 54.72 40.15 -73.79
CA ASP G 323 55.75 40.04 -74.82
C ASP G 323 56.70 38.86 -74.63
N LYS G 324 56.59 38.13 -73.52
CA LYS G 324 57.57 37.10 -73.19
C LYS G 324 56.94 36.13 -72.21
N PRO G 325 57.16 34.83 -72.35
CA PRO G 325 56.66 33.88 -71.35
C PRO G 325 57.48 33.96 -70.07
N GLY G 326 56.93 33.38 -69.02
CA GLY G 326 57.57 33.44 -67.71
C GLY G 326 56.75 32.80 -66.60
N LYS G 327 56.62 33.50 -65.48
CA LYS G 327 55.86 32.99 -64.33
C LYS G 327 55.48 34.17 -63.46
N CYS G 328 54.19 34.42 -63.30
CA CYS G 328 53.69 35.53 -62.49
C CYS G 328 53.19 35.04 -61.15
N ALA G 329 52.69 35.99 -60.35
CA ALA G 329 52.20 35.70 -59.02
C ALA G 329 50.92 36.49 -58.80
N VAL G 330 49.78 35.80 -58.84
CA VAL G 330 48.49 36.47 -58.72
C VAL G 330 48.04 36.49 -57.27
N HIS G 331 47.11 37.40 -56.97
CA HIS G 331 46.63 37.69 -55.63
C HIS G 331 45.45 38.66 -55.73
N SER G 332 44.47 38.49 -54.86
CA SER G 332 43.30 39.36 -54.83
C SER G 332 43.38 40.28 -53.63
N HIS G 333 43.11 41.56 -53.86
CA HIS G 333 43.33 42.60 -52.87
C HIS G 333 42.08 42.92 -52.06
N SER G 334 41.21 41.94 -51.84
CA SER G 334 40.08 42.09 -50.95
C SER G 334 39.70 40.73 -50.38
N ASN G 335 39.12 40.75 -49.18
CA ASN G 335 38.69 39.51 -48.55
C ASN G 335 37.27 39.12 -48.92
N VAL G 336 36.70 39.73 -49.96
CA VAL G 336 35.40 39.31 -50.44
C VAL G 336 35.52 38.02 -51.25
N ALA G 337 36.68 37.79 -51.84
CA ALA G 337 36.96 36.54 -52.55
C ALA G 337 38.39 36.12 -52.31
N THR G 338 38.68 34.85 -52.55
CA THR G 338 40.00 34.27 -52.30
C THR G 338 40.45 33.46 -53.50
N ILE G 339 41.46 33.94 -54.22
CA ILE G 339 42.00 33.22 -55.37
C ILE G 339 42.79 32.01 -54.88
N GLN G 340 42.73 30.94 -55.66
CA GLN G 340 43.55 29.76 -55.43
C GLN G 340 44.91 30.00 -56.09
N GLU G 341 45.74 28.96 -56.14
CA GLU G 341 46.79 28.68 -57.13
C GLU G 341 48.08 29.49 -57.02
N ALA G 342 48.06 30.66 -56.39
CA ALA G 342 49.25 31.39 -55.91
C ALA G 342 50.31 31.78 -56.95
N ALA G 343 50.25 31.25 -58.17
CA ALA G 343 51.24 31.42 -59.22
C ALA G 343 50.71 30.80 -60.50
N VAL G 344 50.89 31.48 -61.62
CA VAL G 344 50.48 30.97 -62.92
C VAL G 344 51.65 31.05 -63.88
N ASP G 345 51.49 30.40 -65.03
CA ASP G 345 52.49 30.43 -66.09
C ASP G 345 51.86 31.07 -67.32
N ILE G 346 52.10 32.35 -67.52
CA ILE G 346 51.53 33.06 -68.65
C ILE G 346 52.31 32.70 -69.92
N LYS G 347 51.57 32.43 -70.98
CA LYS G 347 52.11 32.15 -72.30
C LYS G 347 52.01 33.39 -73.16
N THR G 348 52.21 33.23 -74.47
CA THR G 348 52.16 34.37 -75.38
C THR G 348 50.74 34.90 -75.54
N ASP G 349 49.79 34.04 -75.89
CA ASP G 349 48.40 34.45 -75.96
C ASP G 349 47.84 34.74 -74.58
N GLY G 350 47.00 35.76 -74.47
CA GLY G 350 46.55 36.09 -73.14
C GLY G 350 45.28 35.37 -72.73
N LYS G 351 45.46 34.20 -72.11
CA LYS G 351 44.35 33.34 -71.72
C LYS G 351 44.83 32.45 -70.58
N ILE G 352 44.48 32.80 -69.34
CA ILE G 352 44.59 31.92 -68.19
C ILE G 352 43.36 32.11 -67.33
N THR G 353 42.95 31.06 -66.63
CA THR G 353 41.75 31.07 -65.80
C THR G 353 42.12 30.90 -64.34
N LEU G 354 41.30 31.50 -63.48
CA LEU G 354 41.52 31.48 -62.04
C LEU G 354 40.45 30.63 -61.36
N HIS G 355 40.48 30.63 -60.03
CA HIS G 355 39.53 29.89 -59.21
C HIS G 355 39.36 30.64 -57.89
N PHE G 356 38.24 31.34 -57.73
CA PHE G 356 37.96 32.03 -56.48
C PHE G 356 36.82 31.33 -55.76
N SER G 357 36.48 31.85 -54.58
CA SER G 357 35.44 31.24 -53.73
C SER G 357 34.94 32.30 -52.77
N THR G 358 33.68 32.66 -52.89
CA THR G 358 33.13 33.80 -52.16
C THR G 358 31.84 33.43 -51.45
N ALA G 359 31.31 34.38 -50.69
CA ALA G 359 30.08 34.18 -49.94
C ALA G 359 29.02 35.23 -50.20
N SER G 360 29.35 36.32 -50.88
CA SER G 360 28.40 37.39 -51.12
C SER G 360 27.62 37.13 -52.40
N ALA G 361 26.54 37.88 -52.57
CA ALA G 361 25.70 37.72 -53.75
C ALA G 361 26.34 38.35 -54.98
N SER G 362 27.12 39.41 -54.80
CA SER G 362 27.76 40.10 -55.92
C SER G 362 29.07 40.69 -55.44
N PRO G 363 30.17 39.96 -55.59
CA PRO G 363 31.46 40.47 -55.15
C PRO G 363 32.00 41.50 -56.12
N ALA G 364 32.96 42.28 -55.63
CA ALA G 364 33.71 43.22 -56.46
C ALA G 364 35.10 43.36 -55.85
N PHE G 365 36.04 42.57 -56.35
CA PHE G 365 37.40 42.52 -55.88
C PHE G 365 38.33 42.94 -57.02
N LYS G 366 39.64 42.86 -56.77
CA LYS G 366 40.60 43.27 -57.77
C LYS G 366 41.82 42.36 -57.74
N VAL G 367 42.31 42.00 -58.93
CA VAL G 367 43.32 40.97 -59.11
C VAL G 367 44.53 41.61 -59.79
N SER G 368 45.72 41.27 -59.32
CA SER G 368 46.94 41.80 -59.92
C SER G 368 47.87 40.64 -60.24
N VAL G 369 48.52 40.70 -61.41
CA VAL G 369 49.21 39.52 -61.91
C VAL G 369 50.74 39.70 -61.86
N CYS G 370 51.28 40.59 -62.69
CA CYS G 370 52.67 41.03 -62.54
C CYS G 370 52.69 42.54 -62.63
N SER G 371 52.40 43.19 -61.51
CA SER G 371 52.27 44.66 -61.40
C SER G 371 51.33 45.23 -62.46
N ALA G 372 50.23 44.52 -62.71
CA ALA G 372 49.18 44.98 -63.61
C ALA G 372 47.87 44.45 -63.07
N LYS G 373 46.88 45.32 -62.94
CA LYS G 373 45.71 45.01 -62.12
C LYS G 373 44.42 45.49 -62.75
N THR G 374 43.35 44.72 -62.53
CA THR G 374 42.00 45.08 -62.96
C THR G 374 41.04 44.85 -61.81
N THR G 375 39.80 45.31 -61.99
CA THR G 375 38.70 45.03 -61.08
C THR G 375 37.60 44.32 -61.87
N CYS G 376 37.18 43.15 -61.40
CA CYS G 376 36.07 42.47 -62.03
C CYS G 376 35.10 41.93 -60.99
N MET G 377 33.81 42.04 -61.30
CA MET G 377 32.71 41.70 -60.42
C MET G 377 31.93 40.53 -61.00
N ALA G 378 30.93 40.09 -60.26
CA ALA G 378 30.15 38.93 -60.65
C ALA G 378 28.74 39.04 -60.08
N ALA G 379 27.84 38.21 -60.62
CA ALA G 379 26.47 38.09 -60.14
C ALA G 379 26.23 36.63 -59.82
N CYS G 380 26.19 36.31 -58.53
CA CYS G 380 26.35 34.93 -58.10
C CYS G 380 25.02 34.30 -57.69
N GLU G 381 25.05 32.99 -57.52
CA GLU G 381 23.85 32.19 -57.33
C GLU G 381 24.05 31.25 -56.16
N PRO G 382 22.98 30.93 -55.42
CA PRO G 382 23.14 30.09 -54.22
C PRO G 382 23.34 28.63 -54.61
N PRO G 383 23.94 27.82 -53.74
CA PRO G 383 24.10 26.40 -54.02
C PRO G 383 22.97 25.57 -53.43
N LYS G 384 22.67 24.46 -54.09
CA LYS G 384 21.59 23.57 -53.67
C LYS G 384 22.11 22.35 -52.93
N ASP G 385 22.73 22.61 -51.79
CA ASP G 385 23.17 21.58 -50.86
C ASP G 385 22.97 22.09 -49.45
N HIS G 386 22.80 21.19 -48.51
CA HIS G 386 22.51 21.61 -47.15
C HIS G 386 23.61 21.25 -46.16
N ILE G 387 24.13 20.04 -46.23
CA ILE G 387 25.16 19.56 -45.32
C ILE G 387 26.34 19.11 -46.17
N VAL G 388 27.53 19.58 -45.83
CA VAL G 388 28.70 19.30 -46.65
C VAL G 388 29.83 18.96 -45.67
N PRO G 389 30.69 17.99 -45.97
CA PRO G 389 31.70 17.55 -44.99
C PRO G 389 33.01 18.31 -44.97
N TYR G 390 33.10 19.51 -45.55
CA TYR G 390 34.32 20.30 -45.47
C TYR G 390 34.00 21.76 -45.16
N GLY G 391 34.93 22.42 -44.49
CA GLY G 391 34.69 23.74 -43.97
C GLY G 391 34.73 24.82 -45.02
N ALA G 392 34.53 26.06 -44.57
CA ALA G 392 34.54 27.19 -45.48
C ALA G 392 35.94 27.46 -45.98
N SER G 393 36.05 27.85 -47.25
CA SER G 393 37.31 28.27 -47.85
C SER G 393 37.25 29.73 -48.27
N HIS G 394 36.64 30.56 -47.42
CA HIS G 394 36.45 31.97 -47.71
C HIS G 394 36.28 32.71 -46.39
N ASN G 395 35.80 33.94 -46.46
CA ASN G 395 35.54 34.75 -45.28
C ASN G 395 34.12 35.26 -45.36
N ASN G 396 33.44 35.30 -44.21
CA ASN G 396 32.01 35.64 -44.20
C ASN G 396 31.85 37.13 -44.41
N GLN G 397 31.91 37.54 -45.68
CA GLN G 397 31.73 38.92 -46.09
C GLN G 397 30.51 38.95 -47.00
N VAL G 398 29.33 39.04 -46.39
CA VAL G 398 28.10 39.01 -47.16
C VAL G 398 27.49 40.40 -47.31
N PHE G 399 27.93 41.14 -48.33
CA PHE G 399 27.40 42.47 -48.52
C PHE G 399 27.51 42.87 -49.99
N PRO G 400 26.40 42.93 -50.72
CA PRO G 400 26.46 43.27 -52.15
C PRO G 400 26.70 44.75 -52.37
N ASP G 401 27.97 45.14 -52.36
CA ASP G 401 28.44 46.46 -51.93
C ASP G 401 27.75 47.72 -52.45
N MET G 402 27.95 48.10 -53.72
CA MET G 402 27.36 49.33 -54.23
C MET G 402 26.93 49.25 -55.68
N SER G 403 27.11 48.14 -56.36
CA SER G 403 26.84 48.08 -57.79
C SER G 403 26.10 46.83 -58.21
N GLY G 404 25.80 45.93 -57.28
CA GLY G 404 25.03 44.76 -57.60
C GLY G 404 23.56 45.08 -57.81
N THR G 405 22.79 44.04 -58.10
CA THR G 405 21.37 44.21 -58.34
C THR G 405 20.62 44.59 -57.07
N ALA G 406 21.14 44.23 -55.89
CA ALA G 406 20.46 44.54 -54.64
C ALA G 406 20.51 46.03 -54.33
N MET G 407 21.71 46.61 -54.29
CA MET G 407 21.87 48.01 -53.91
C MET G 407 21.64 48.98 -55.06
N THR G 408 21.25 48.50 -56.23
CA THR G 408 20.91 49.43 -57.31
C THR G 408 19.47 49.90 -57.18
N TRP G 409 18.59 49.04 -56.65
CA TRP G 409 17.23 49.45 -56.35
C TRP G 409 17.18 50.45 -55.21
N VAL G 410 18.11 50.37 -54.26
CA VAL G 410 18.06 51.23 -53.09
C VAL G 410 18.48 52.65 -53.45
N GLN G 411 19.45 52.79 -54.36
CA GLN G 411 19.88 54.12 -54.77
C GLN G 411 18.83 54.82 -55.60
N ARG G 412 18.05 54.08 -56.40
CA ARG G 412 17.05 54.70 -57.23
C ARG G 412 15.82 55.11 -56.44
N VAL G 413 15.47 54.37 -55.39
CA VAL G 413 14.36 54.77 -54.54
C VAL G 413 14.75 55.96 -53.68
N ALA G 414 15.93 55.90 -53.07
CA ALA G 414 16.40 57.02 -52.25
C ALA G 414 16.75 58.23 -53.09
N GLY G 415 17.10 58.03 -54.35
CA GLY G 415 17.30 59.16 -55.24
C GLY G 415 16.03 59.76 -55.78
N GLY G 416 14.95 58.98 -55.82
CA GLY G 416 13.69 59.47 -56.31
C GLY G 416 12.95 60.32 -55.30
N LEU G 417 12.60 59.73 -54.16
CA LEU G 417 11.91 60.46 -53.13
C LEU G 417 12.83 61.39 -52.35
N GLY G 418 14.14 61.18 -52.44
CA GLY G 418 15.07 62.15 -51.90
C GLY G 418 15.35 63.31 -52.81
N GLY G 419 14.99 63.18 -54.09
CA GLY G 419 15.12 64.28 -55.03
C GLY G 419 13.87 65.14 -55.05
N LEU G 420 12.81 64.64 -54.41
CA LEU G 420 11.59 65.43 -54.28
C LEU G 420 11.59 66.23 -52.99
N THR G 421 12.35 65.78 -51.98
CA THR G 421 12.40 66.50 -50.71
C THR G 421 13.11 67.83 -50.87
N LEU G 422 14.25 67.85 -51.57
CA LEU G 422 14.97 69.10 -51.79
C LEU G 422 14.22 70.01 -52.76
N ALA G 423 13.41 69.44 -53.65
CA ALA G 423 12.54 70.27 -54.48
C ALA G 423 11.42 70.88 -53.65
N ALA G 424 10.96 70.16 -52.63
CA ALA G 424 9.96 70.74 -51.72
C ALA G 424 10.56 71.81 -50.83
N VAL G 425 11.85 71.71 -50.52
CA VAL G 425 12.52 72.77 -49.78
C VAL G 425 12.70 74.00 -50.64
N ALA G 426 13.14 73.81 -51.89
CA ALA G 426 13.45 74.93 -52.77
C ALA G 426 12.22 75.75 -53.16
N VAL G 427 11.03 75.17 -53.10
CA VAL G 427 9.82 75.97 -53.27
C VAL G 427 9.54 76.80 -52.04
N LEU G 428 9.60 76.16 -50.85
CA LEU G 428 9.22 76.84 -49.62
C LEU G 428 10.25 77.89 -49.20
N ILE G 429 11.50 77.74 -49.63
CA ILE G 429 12.45 78.83 -49.48
C ILE G 429 12.06 80.00 -50.35
N LEU G 430 11.72 79.72 -51.62
CA LEU G 430 11.45 80.78 -52.58
C LEU G 430 10.13 81.48 -52.28
N VAL G 431 9.15 80.79 -51.69
CA VAL G 431 7.90 81.44 -51.33
C VAL G 431 8.12 82.34 -50.12
N THR G 432 8.84 81.86 -49.12
CA THR G 432 9.09 82.69 -47.94
C THR G 432 10.14 83.77 -48.16
N CYS G 433 10.83 83.78 -49.30
CA CYS G 433 11.67 84.89 -49.67
C CYS G 433 10.94 85.92 -50.53
N VAL G 434 9.65 85.71 -50.77
CA VAL G 434 8.82 86.66 -51.50
C VAL G 434 7.80 87.33 -50.59
N THR G 435 7.01 86.55 -49.87
CA THR G 435 6.01 87.11 -48.98
C THR G 435 6.51 87.29 -47.55
N MET G 436 7.84 87.47 -47.36
CA MET G 436 8.38 88.36 -46.31
C MET G 436 8.54 89.79 -46.81
N ARG G 437 8.83 89.94 -48.11
CA ARG G 437 9.17 91.25 -48.67
C ARG G 437 7.93 92.14 -48.74
N ARG G 438 6.91 91.69 -49.46
CA ARG G 438 5.69 92.47 -49.63
C ARG G 438 4.89 92.53 -48.34
N SER H 1 53.23 -25.00 -15.69
CA SER H 1 53.24 -24.45 -14.34
C SER H 1 54.59 -24.69 -13.68
N VAL H 2 55.28 -23.61 -13.35
CA VAL H 2 56.61 -23.71 -12.74
C VAL H 2 56.43 -24.14 -11.29
N THR H 3 56.95 -25.32 -10.94
CA THR H 3 56.81 -25.88 -9.61
C THR H 3 57.90 -25.42 -8.65
N GLU H 4 58.52 -24.27 -8.92
CA GLU H 4 59.59 -23.74 -8.07
C GLU H 4 59.36 -22.29 -7.68
N HIS H 5 58.15 -21.76 -7.89
CA HIS H 5 57.79 -20.41 -7.50
C HIS H 5 57.16 -20.35 -6.12
N PHE H 6 57.07 -21.49 -5.44
CA PHE H 6 56.22 -21.66 -4.27
C PHE H 6 57.03 -21.88 -3.00
N ASN H 7 58.23 -21.31 -2.96
CA ASN H 7 59.09 -21.47 -1.80
C ASN H 7 58.62 -20.69 -0.59
N VAL H 8 57.71 -19.73 -0.79
CA VAL H 8 57.12 -19.03 0.34
C VAL H 8 56.10 -19.93 1.04
N TYR H 9 55.35 -20.72 0.29
CA TYR H 9 54.28 -21.54 0.81
C TYR H 9 54.75 -22.80 1.53
N LYS H 10 56.05 -22.99 1.74
CA LYS H 10 56.54 -24.16 2.44
C LYS H 10 56.22 -24.12 3.93
N ALA H 11 55.94 -22.94 4.48
CA ALA H 11 55.70 -22.78 5.90
C ALA H 11 54.26 -22.44 6.24
N THR H 12 53.34 -22.51 5.28
CA THR H 12 52.00 -21.97 5.43
C THR H 12 50.95 -23.07 5.50
N LYS H 13 49.95 -22.85 6.33
CA LYS H 13 48.84 -23.78 6.53
C LYS H 13 47.52 -23.05 6.33
N PRO H 14 46.47 -23.77 5.91
CA PRO H 14 45.16 -23.12 5.74
C PRO H 14 44.33 -23.15 7.00
N TYR H 15 43.62 -22.05 7.24
CA TYR H 15 42.88 -21.85 8.47
C TYR H 15 41.39 -22.10 8.24
N LEU H 16 40.61 -21.86 9.27
CA LEU H 16 39.18 -22.17 9.27
C LEU H 16 38.46 -21.03 10.01
N ALA H 17 37.83 -20.15 9.24
CA ALA H 17 37.25 -18.94 9.76
C ALA H 17 35.76 -19.11 10.03
N TYR H 18 35.07 -18.00 10.27
CA TYR H 18 33.65 -17.98 10.60
C TYR H 18 32.87 -17.33 9.45
N CYS H 19 32.24 -18.16 8.63
CA CYS H 19 31.37 -17.66 7.58
C CYS H 19 30.03 -17.23 8.17
N ALA H 20 29.42 -16.23 7.56
CA ALA H 20 28.14 -15.74 8.07
C ALA H 20 26.98 -16.55 7.50
N ASP H 21 26.94 -16.72 6.18
CA ASP H 21 25.90 -17.52 5.54
C ASP H 21 26.55 -18.60 4.68
N CYS H 22 26.36 -19.85 5.07
CA CYS H 22 26.98 -20.98 4.40
C CYS H 22 26.26 -21.38 3.12
N GLY H 23 25.18 -20.68 2.77
CA GLY H 23 24.42 -21.00 1.59
C GLY H 23 23.09 -21.63 1.94
N ASP H 24 23.09 -22.44 2.99
CA ASP H 24 21.87 -23.12 3.42
C ASP H 24 20.93 -22.21 4.20
N GLY H 25 21.44 -21.13 4.78
CA GLY H 25 20.59 -20.21 5.49
C GLY H 25 21.15 -19.72 6.81
N GLN H 26 21.88 -20.57 7.52
CA GLN H 26 22.38 -20.23 8.85
C GLN H 26 23.91 -20.20 8.84
N PHE H 27 24.47 -19.84 9.99
CA PHE H 27 25.92 -19.75 10.16
C PHE H 27 26.52 -21.14 10.34
N CYS H 28 27.72 -21.30 9.80
CA CYS H 28 28.51 -22.50 10.11
C CYS H 28 29.98 -22.17 9.87
N TYR H 29 30.84 -22.88 10.57
CA TYR H 29 32.27 -22.73 10.37
C TYR H 29 32.67 -23.42 9.07
N SER H 30 33.34 -22.69 8.20
CA SER H 30 33.61 -23.15 6.86
C SER H 30 35.09 -23.09 6.56
N PRO H 31 35.57 -23.90 5.62
CA PRO H 31 36.96 -23.77 5.15
C PRO H 31 37.12 -22.77 4.02
N VAL H 32 36.03 -22.30 3.42
CA VAL H 32 36.10 -21.55 2.17
C VAL H 32 35.60 -20.15 2.46
N ALA H 33 35.95 -19.62 3.62
CA ALA H 33 35.49 -18.29 3.99
C ALA H 33 36.11 -17.22 3.09
N ILE H 34 35.33 -16.21 2.77
CA ILE H 34 35.73 -15.16 1.85
C ILE H 34 36.27 -13.99 2.66
N GLU H 35 37.50 -13.60 2.38
CA GLU H 35 38.10 -12.41 2.98
C GLU H 35 37.86 -11.21 2.07
N LYS H 36 38.61 -10.14 2.28
CA LYS H 36 38.47 -8.89 1.54
C LYS H 36 38.72 -9.06 0.05
N ILE H 37 37.67 -8.96 -0.76
CA ILE H 37 37.81 -9.09 -2.21
C ILE H 37 38.18 -7.75 -2.81
N ARG H 38 38.83 -7.82 -3.98
CA ARG H 38 39.22 -6.63 -4.71
C ARG H 38 39.03 -6.91 -6.19
N ASP H 39 38.73 -5.86 -6.93
CA ASP H 39 38.23 -5.98 -8.30
C ASP H 39 38.88 -4.89 -9.15
N GLU H 40 40.06 -5.17 -9.66
CA GLU H 40 40.82 -4.14 -10.33
C GLU H 40 41.01 -4.39 -11.81
N ALA H 41 40.66 -5.58 -12.30
CA ALA H 41 40.67 -5.83 -13.73
C ALA H 41 39.58 -5.03 -14.39
N SER H 42 39.94 -4.22 -15.38
CA SER H 42 38.96 -3.36 -16.02
C SER H 42 38.03 -4.15 -16.94
N ASP H 43 38.49 -5.28 -17.48
CA ASP H 43 37.61 -6.06 -18.34
C ASP H 43 36.56 -6.84 -17.55
N GLY H 44 36.82 -7.12 -16.28
CA GLY H 44 35.88 -7.84 -15.44
C GLY H 44 36.37 -9.20 -15.05
N MET H 45 36.89 -9.32 -13.84
CA MET H 45 37.46 -10.55 -13.32
C MET H 45 37.47 -10.39 -11.81
N ILE H 46 37.50 -11.50 -11.08
CA ILE H 46 37.31 -11.46 -9.63
C ILE H 46 38.52 -12.05 -8.93
N LYS H 47 39.14 -11.27 -8.04
CA LYS H 47 40.21 -11.72 -7.17
C LYS H 47 39.65 -11.85 -5.76
N ILE H 48 39.49 -13.09 -5.33
CA ILE H 48 38.97 -13.34 -3.98
C ILE H 48 40.10 -13.92 -3.13
N GLN H 49 40.43 -13.23 -2.05
CA GLN H 49 41.31 -13.81 -1.05
C GLN H 49 40.51 -14.84 -0.27
N VAL H 50 40.78 -16.11 -0.52
CA VAL H 50 40.02 -17.19 0.10
C VAL H 50 40.90 -17.83 1.16
N ALA H 51 40.26 -18.48 2.14
CA ALA H 51 40.98 -19.03 3.28
C ALA H 51 41.81 -20.24 2.88
N ALA H 52 41.15 -21.30 2.42
CA ALA H 52 41.83 -22.54 2.05
C ALA H 52 42.57 -22.34 0.74
N GLN H 53 43.88 -22.49 0.77
CA GLN H 53 44.68 -22.20 -0.43
C GLN H 53 44.64 -23.36 -1.42
N ILE H 54 44.79 -23.01 -2.69
CA ILE H 54 44.63 -23.95 -3.80
C ILE H 54 45.90 -23.93 -4.65
N GLY H 55 46.19 -25.08 -5.26
CA GLY H 55 47.30 -25.22 -6.18
C GLY H 55 48.44 -26.09 -5.69
N ILE H 56 48.49 -26.39 -4.40
CA ILE H 56 49.62 -27.11 -3.81
C ILE H 56 49.13 -28.20 -2.88
N ASN H 57 49.90 -29.30 -2.81
CA ASN H 57 49.49 -30.49 -2.08
C ASN H 57 49.72 -30.30 -0.57
N LYS H 58 49.55 -31.41 0.17
CA LYS H 58 49.74 -31.38 1.62
C LYS H 58 51.18 -31.07 2.00
N GLY H 59 52.14 -31.54 1.21
CA GLY H 59 53.54 -31.31 1.49
C GLY H 59 53.96 -29.87 1.23
N GLY H 60 53.65 -29.36 0.05
CA GLY H 60 54.09 -28.03 -0.34
C GLY H 60 54.58 -28.03 -1.77
N THR H 61 54.74 -29.22 -2.32
CA THR H 61 55.07 -29.37 -3.73
C THR H 61 53.87 -28.98 -4.59
N HIS H 62 54.13 -28.22 -5.66
CA HIS H 62 53.06 -27.77 -6.55
C HIS H 62 52.44 -28.97 -7.25
N GLU H 63 51.26 -29.37 -6.80
CA GLU H 63 50.53 -30.48 -7.37
C GLU H 63 49.50 -29.95 -8.36
N HIS H 64 49.42 -30.61 -9.52
CA HIS H 64 48.63 -30.05 -10.62
C HIS H 64 47.14 -30.21 -10.43
N ASN H 65 46.70 -31.26 -9.75
CA ASN H 65 45.28 -31.52 -9.56
C ASN H 65 45.00 -31.64 -8.07
N LYS H 66 44.82 -30.50 -7.40
CA LYS H 66 44.80 -30.50 -5.94
C LYS H 66 44.22 -29.22 -5.39
N ILE H 67 43.30 -29.35 -4.43
CA ILE H 67 42.83 -28.27 -3.58
C ILE H 67 42.80 -28.79 -2.15
N ARG H 68 43.45 -28.09 -1.22
CA ARG H 68 43.51 -28.57 0.15
C ARG H 68 42.96 -27.54 1.12
N TYR H 69 42.53 -28.03 2.28
CA TYR H 69 41.80 -27.24 3.25
C TYR H 69 42.13 -27.77 4.64
N ILE H 70 41.31 -27.41 5.63
CA ILE H 70 41.44 -27.90 6.99
C ILE H 70 40.05 -28.28 7.49
N ALA H 71 39.99 -29.29 8.36
CA ALA H 71 38.71 -29.79 8.85
C ALA H 71 38.94 -30.50 10.17
N GLY H 72 38.37 -29.95 11.25
CA GLY H 72 38.52 -30.54 12.58
C GLY H 72 39.93 -30.54 13.09
N HIS H 73 40.68 -29.46 12.82
CA HIS H 73 42.14 -29.34 12.91
C HIS H 73 42.87 -30.61 12.46
N ASP H 74 42.45 -31.11 11.30
CA ASP H 74 43.06 -32.26 10.65
C ASP H 74 43.21 -31.88 9.17
N MET H 75 44.43 -31.63 8.75
CA MET H 75 44.71 -31.12 7.41
C MET H 75 44.44 -32.19 6.36
N LYS H 76 43.57 -31.88 5.40
CA LYS H 76 43.18 -32.86 4.40
C LYS H 76 43.40 -32.33 2.98
N GLU H 77 42.87 -33.04 1.99
CA GLU H 77 42.95 -32.63 0.60
C GLU H 77 41.61 -32.89 -0.06
N ALA H 78 41.40 -32.27 -1.23
CA ALA H 78 40.17 -32.41 -1.98
C ALA H 78 40.48 -32.41 -3.46
N ASN H 79 39.44 -32.69 -4.26
CA ASN H 79 39.60 -33.02 -5.65
C ASN H 79 39.80 -31.76 -6.49
N ARG H 80 40.39 -31.95 -7.68
CA ARG H 80 40.58 -30.88 -8.64
C ARG H 80 39.26 -30.48 -9.28
N ASP H 81 38.63 -31.43 -9.94
CA ASP H 81 37.37 -31.16 -10.62
C ASP H 81 36.24 -31.07 -9.61
N SER H 82 35.07 -30.68 -10.13
CA SER H 82 33.87 -30.33 -9.35
C SER H 82 34.14 -29.19 -8.37
N LEU H 83 35.08 -28.32 -8.72
CA LEU H 83 35.17 -26.97 -8.20
C LEU H 83 34.50 -26.07 -9.22
N GLN H 84 33.42 -25.43 -8.83
CA GLN H 84 32.82 -24.42 -9.69
C GLN H 84 32.23 -23.30 -8.84
N VAL H 85 32.44 -22.09 -9.31
CA VAL H 85 31.87 -20.88 -8.72
C VAL H 85 30.78 -20.40 -9.65
N HIS H 86 29.62 -20.03 -9.08
CA HIS H 86 28.57 -19.45 -9.90
C HIS H 86 27.69 -18.50 -9.10
N THR H 87 27.38 -17.36 -9.70
CA THR H 87 26.44 -16.38 -9.15
C THR H 87 25.02 -16.64 -9.61
N SER H 88 24.80 -16.59 -10.93
CA SER H 88 23.52 -16.94 -11.51
C SER H 88 23.73 -17.93 -12.64
N GLY H 89 24.86 -17.79 -13.33
CA GLY H 89 25.28 -18.76 -14.31
C GLY H 89 26.66 -19.27 -13.97
N VAL H 90 27.01 -20.42 -14.54
CA VAL H 90 28.22 -21.15 -14.16
C VAL H 90 29.44 -20.37 -14.64
N CYS H 91 30.18 -19.77 -13.70
CA CYS H 91 31.29 -18.91 -14.04
C CYS H 91 32.49 -19.75 -14.43
N ALA H 92 33.29 -19.23 -15.36
CA ALA H 92 34.38 -20.00 -15.97
C ALA H 92 35.66 -19.79 -15.17
N ILE H 93 36.13 -20.87 -14.52
CA ILE H 93 37.38 -20.80 -13.77
C ILE H 93 38.55 -20.71 -14.74
N ARG H 94 39.39 -19.71 -14.57
CA ARG H 94 40.53 -19.51 -15.44
C ARG H 94 41.86 -19.96 -14.83
N GLY H 95 42.05 -19.82 -13.52
CA GLY H 95 43.26 -20.31 -12.90
C GLY H 95 43.06 -20.66 -11.44
N THR H 96 44.11 -21.23 -10.84
CA THR H 96 44.03 -21.77 -9.49
C THR H 96 45.41 -21.79 -8.84
N MET H 97 45.65 -20.89 -7.89
CA MET H 97 46.95 -20.77 -7.25
C MET H 97 46.81 -19.97 -5.96
N GLY H 98 47.16 -20.59 -4.82
CA GLY H 98 47.26 -19.87 -3.57
C GLY H 98 45.93 -19.50 -2.96
N HIS H 99 45.89 -18.35 -2.29
CA HIS H 99 44.70 -17.82 -1.67
C HIS H 99 43.77 -17.11 -2.64
N PHE H 100 44.06 -17.11 -3.93
CA PHE H 100 43.52 -16.12 -4.86
C PHE H 100 42.90 -16.83 -6.06
N ILE H 101 41.58 -16.81 -6.15
CA ILE H 101 40.88 -17.47 -7.24
C ILE H 101 40.65 -16.44 -8.33
N VAL H 102 40.45 -16.92 -9.55
CA VAL H 102 40.29 -16.07 -10.73
C VAL H 102 39.28 -16.72 -11.66
N ALA H 103 38.25 -15.95 -12.06
CA ALA H 103 37.19 -16.48 -12.90
C ALA H 103 36.48 -15.36 -13.66
N TYR H 104 36.01 -15.69 -14.86
CA TYR H 104 35.07 -14.87 -15.61
C TYR H 104 33.65 -15.24 -15.22
N CYS H 105 32.81 -14.24 -14.95
CA CYS H 105 31.58 -14.56 -14.24
C CYS H 105 30.46 -13.55 -14.49
N PRO H 106 29.26 -14.01 -14.88
CA PRO H 106 28.17 -13.09 -15.26
C PRO H 106 27.61 -12.36 -14.05
N PRO H 107 26.87 -11.26 -14.25
CA PRO H 107 26.46 -10.43 -13.10
C PRO H 107 25.41 -11.08 -12.21
N GLY H 108 25.12 -10.38 -11.14
CA GLY H 108 24.37 -10.87 -9.98
C GLY H 108 25.07 -10.29 -8.77
N ASP H 109 24.29 -10.11 -7.70
CA ASP H 109 24.77 -9.34 -6.54
C ASP H 109 24.96 -10.21 -5.30
N GLU H 110 25.52 -11.40 -5.50
CA GLU H 110 26.04 -12.20 -4.40
C GLU H 110 27.16 -13.08 -4.94
N LEU H 111 28.17 -13.30 -4.11
CA LEU H 111 29.29 -14.19 -4.45
C LEU H 111 29.09 -15.50 -3.72
N LYS H 112 29.18 -16.60 -4.47
CA LYS H 112 29.19 -17.93 -3.86
C LYS H 112 30.26 -18.77 -4.54
N VAL H 113 31.19 -19.30 -3.75
CA VAL H 113 32.20 -20.23 -4.23
C VAL H 113 31.98 -21.56 -3.52
N GLN H 114 32.21 -22.65 -4.23
CA GLN H 114 31.91 -23.96 -3.66
C GLN H 114 32.71 -25.04 -4.39
N PHE H 115 32.86 -26.18 -3.72
CA PHE H 115 33.41 -27.38 -4.33
C PHE H 115 32.96 -28.60 -3.54
N GLN H 116 33.16 -29.77 -4.13
CA GLN H 116 32.87 -31.01 -3.44
C GLN H 116 33.95 -31.34 -2.42
N ASP H 117 33.52 -31.88 -1.29
CA ASP H 117 34.43 -32.35 -0.27
C ASP H 117 34.98 -33.71 -0.68
N ALA H 118 35.99 -34.20 0.06
CA ALA H 118 36.51 -35.53 -0.19
C ALA H 118 35.51 -36.61 0.22
N GLU H 119 34.58 -36.29 1.12
CA GLU H 119 33.52 -37.19 1.52
C GLU H 119 32.23 -36.91 0.77
N SER H 120 32.31 -36.17 -0.34
CA SER H 120 31.19 -35.84 -1.23
C SER H 120 30.07 -35.09 -0.49
N HIS H 121 30.40 -33.90 -0.03
CA HIS H 121 29.41 -33.00 0.56
C HIS H 121 29.71 -31.58 0.11
N THR H 122 28.71 -30.92 -0.46
CA THR H 122 28.88 -29.56 -0.97
C THR H 122 29.06 -28.60 0.19
N GLN H 123 30.11 -27.80 0.14
CA GLN H 123 30.30 -26.74 1.12
C GLN H 123 30.57 -25.43 0.38
N ALA H 124 30.19 -24.33 1.03
CA ALA H 124 30.20 -23.03 0.39
C ALA H 124 30.09 -21.95 1.45
N CYS H 125 30.43 -20.73 1.04
CA CYS H 125 30.21 -19.53 1.84
C CYS H 125 29.81 -18.42 0.88
N LYS H 126 28.98 -17.50 1.38
CA LYS H 126 28.32 -16.53 0.52
C LYS H 126 28.24 -15.17 1.20
N VAL H 127 28.71 -14.14 0.51
CA VAL H 127 28.78 -12.79 1.09
C VAL H 127 27.99 -11.87 0.18
N GLN H 128 27.63 -10.70 0.72
CA GLN H 128 26.80 -9.72 0.02
C GLN H 128 27.70 -8.73 -0.68
N TYR H 129 27.73 -8.78 -2.01
CA TYR H 129 28.61 -7.91 -2.78
C TYR H 129 27.98 -7.59 -4.12
N LYS H 130 28.08 -6.34 -4.54
CA LYS H 130 27.43 -5.87 -5.76
C LYS H 130 28.38 -6.05 -6.94
N HIS H 131 28.15 -7.07 -7.75
CA HIS H 131 28.95 -7.37 -8.93
C HIS H 131 28.18 -6.99 -10.20
N ALA H 132 28.64 -5.95 -10.87
CA ALA H 132 28.08 -5.54 -12.16
C ALA H 132 29.17 -4.78 -12.89
N PRO H 133 29.99 -5.47 -13.67
CA PRO H 133 31.16 -4.83 -14.26
C PRO H 133 30.79 -3.87 -15.38
N ALA H 134 31.40 -2.69 -15.33
CA ALA H 134 31.17 -1.71 -16.37
C ALA H 134 31.91 -2.13 -17.63
N PRO H 135 31.31 -1.93 -18.80
CA PRO H 135 31.92 -2.42 -20.03
C PRO H 135 33.04 -1.50 -20.48
N VAL H 136 34.01 -2.08 -21.16
CA VAL H 136 35.11 -1.33 -21.73
C VAL H 136 34.71 -0.96 -23.16
N GLY H 137 34.80 0.33 -23.49
CA GLY H 137 34.36 0.84 -24.77
C GLY H 137 33.13 1.71 -24.62
N ARG H 138 32.27 1.67 -25.64
CA ARG H 138 31.06 2.46 -25.67
C ARG H 138 29.82 1.65 -26.02
N GLU H 139 29.90 0.32 -25.94
CA GLU H 139 28.77 -0.57 -26.20
C GLU H 139 28.76 -1.67 -25.15
N LYS H 140 27.57 -2.02 -24.68
CA LYS H 140 27.44 -3.09 -23.69
C LYS H 140 27.30 -4.41 -24.43
N PHE H 141 28.39 -5.16 -24.54
CA PHE H 141 28.40 -6.42 -25.25
C PHE H 141 28.74 -7.56 -24.29
N THR H 142 28.36 -8.77 -24.68
CA THR H 142 28.55 -9.94 -23.83
C THR H 142 29.74 -10.79 -24.27
N VAL H 143 29.75 -11.26 -25.51
CA VAL H 143 30.83 -12.11 -25.99
C VAL H 143 31.65 -11.34 -27.01
N ARG H 144 32.87 -11.82 -27.24
CA ARG H 144 33.75 -11.04 -28.11
C ARG H 144 33.44 -11.33 -29.58
N PRO H 145 33.34 -10.30 -30.40
CA PRO H 145 33.03 -10.50 -31.82
C PRO H 145 34.29 -10.86 -32.59
N HIS H 146 34.09 -11.51 -33.73
CA HIS H 146 35.22 -11.94 -34.55
C HIS H 146 35.68 -10.86 -35.50
N PHE H 147 35.25 -9.62 -35.30
CA PHE H 147 35.62 -8.51 -36.17
C PHE H 147 35.40 -7.21 -35.41
N GLY H 148 36.47 -6.45 -35.16
CA GLY H 148 36.33 -5.20 -34.44
C GLY H 148 37.60 -4.41 -34.21
N ILE H 149 37.64 -3.64 -33.13
CA ILE H 149 38.78 -2.80 -32.78
C ILE H 149 39.35 -3.33 -31.46
N GLU H 150 40.65 -3.11 -31.27
CA GLU H 150 41.31 -3.31 -29.98
C GLU H 150 41.29 -2.03 -29.17
N VAL H 151 41.08 -2.15 -27.88
CA VAL H 151 40.93 -1.04 -26.93
C VAL H 151 41.71 -1.41 -25.67
N PRO H 152 42.54 -0.52 -25.13
CA PRO H 152 43.38 -0.91 -23.98
C PRO H 152 42.58 -1.08 -22.70
N CYS H 153 43.00 -2.04 -21.88
CA CYS H 153 42.35 -2.36 -20.62
C CYS H 153 43.34 -3.14 -19.77
N THR H 154 42.89 -3.54 -18.59
CA THR H 154 43.71 -4.33 -17.69
C THR H 154 43.05 -5.68 -17.41
N THR H 155 43.88 -6.62 -16.99
CA THR H 155 43.43 -7.96 -16.63
C THR H 155 44.36 -8.50 -15.56
N TYR H 156 44.29 -9.80 -15.30
CA TYR H 156 45.20 -10.49 -14.39
C TYR H 156 45.99 -11.52 -15.19
N GLN H 157 47.31 -11.42 -15.15
CA GLN H 157 48.15 -12.34 -15.88
C GLN H 157 48.12 -13.71 -15.19
N LEU H 158 48.32 -14.76 -15.99
CA LEU H 158 48.27 -16.14 -15.48
C LEU H 158 49.70 -16.65 -15.24
N THR H 159 50.37 -16.02 -14.27
CA THR H 159 51.70 -16.46 -13.86
C THR H 159 51.79 -16.64 -12.35
N THR H 160 52.97 -16.93 -11.83
CA THR H 160 53.21 -17.17 -10.40
C THR H 160 54.46 -16.44 -9.92
N ALA H 161 54.54 -15.16 -10.23
CA ALA H 161 55.73 -14.36 -9.94
C ALA H 161 55.56 -13.54 -8.67
N PRO H 162 56.65 -13.14 -8.01
CA PRO H 162 56.55 -12.19 -6.90
C PRO H 162 56.49 -10.75 -7.37
N THR H 163 55.73 -9.94 -6.62
CA THR H 163 55.35 -8.60 -7.05
C THR H 163 55.67 -7.47 -6.09
N GLU H 164 56.21 -7.77 -4.89
CA GLU H 164 56.33 -6.84 -3.77
C GLU H 164 54.95 -6.26 -3.40
N GLU H 165 54.10 -7.16 -2.93
CA GLU H 165 52.83 -6.79 -2.33
C GLU H 165 52.54 -7.70 -1.15
N GLU H 166 53.48 -7.77 -0.21
CA GLU H 166 53.34 -8.57 1.00
C GLU H 166 52.08 -8.18 1.78
N ILE H 167 51.49 -9.16 2.47
CA ILE H 167 50.27 -8.85 3.23
C ILE H 167 50.47 -8.91 4.75
N ASP H 168 50.70 -10.11 5.32
CA ASP H 168 51.21 -10.49 6.64
C ASP H 168 51.15 -12.01 6.74
N MET H 169 51.93 -12.56 7.66
CA MET H 169 51.82 -13.94 8.10
C MET H 169 52.15 -13.98 9.59
N HIS H 170 51.62 -14.98 10.29
CA HIS H 170 51.88 -15.08 11.71
C HIS H 170 51.70 -16.54 12.14
N THR H 171 51.62 -16.79 13.49
CA THR H 171 51.55 -17.98 14.32
C THR H 171 50.12 -18.29 14.72
N PRO H 172 49.74 -19.57 14.74
CA PRO H 172 48.38 -19.95 15.16
C PRO H 172 48.21 -19.75 16.65
N PRO H 173 47.08 -19.18 17.08
CA PRO H 173 46.88 -18.90 18.51
C PRO H 173 46.74 -20.12 19.42
N ASP H 174 45.72 -20.94 19.18
CA ASP H 174 45.23 -22.07 19.98
C ASP H 174 44.07 -22.69 19.23
N ILE H 175 43.73 -23.92 19.60
CA ILE H 175 42.47 -24.54 19.22
C ILE H 175 41.91 -25.23 20.47
N PRO H 176 40.85 -24.71 21.07
CA PRO H 176 40.25 -25.41 22.20
C PRO H 176 39.33 -26.53 21.75
N ASP H 177 39.18 -27.52 22.62
CA ASP H 177 38.35 -28.69 22.35
C ASP H 177 38.02 -29.34 23.69
N ILE H 178 36.81 -29.86 23.81
CA ILE H 178 36.39 -30.59 24.99
C ILE H 178 36.08 -32.05 24.66
N THR H 179 36.49 -32.50 23.47
CA THR H 179 36.31 -33.90 23.12
C THR H 179 37.36 -34.78 23.79
N LEU H 180 38.57 -34.25 23.94
CA LEU H 180 39.72 -35.01 24.42
C LEU H 180 39.78 -35.13 25.94
N LEU H 181 38.72 -34.78 26.65
CA LEU H 181 38.62 -34.98 28.09
C LEU H 181 37.62 -36.09 28.34
N SER H 182 38.06 -37.16 29.01
CA SER H 182 37.25 -38.35 29.19
C SER H 182 37.09 -38.69 30.67
N GLN H 183 35.84 -38.88 31.08
CA GLN H 183 35.50 -39.26 32.45
C GLN H 183 35.42 -40.78 32.55
N GLN H 184 36.13 -41.37 33.51
CA GLN H 184 36.04 -42.80 33.73
C GLN H 184 35.48 -43.16 35.11
N SER H 185 36.17 -42.80 36.19
CA SER H 185 35.70 -43.18 37.53
C SER H 185 35.99 -42.07 38.53
N GLY H 186 35.75 -40.83 38.15
CA GLY H 186 36.29 -39.73 38.93
C GLY H 186 37.75 -39.48 38.65
N ASN H 187 38.27 -40.02 37.55
CA ASN H 187 39.66 -39.88 37.15
C ASN H 187 39.69 -39.45 35.68
N VAL H 188 39.57 -38.15 35.45
CA VAL H 188 39.59 -37.63 34.10
C VAL H 188 41.02 -37.58 33.59
N LYS H 189 41.17 -37.61 32.27
CA LYS H 189 42.48 -37.68 31.65
C LYS H 189 42.48 -36.92 30.33
N ILE H 190 43.64 -36.91 29.69
CA ILE H 190 43.87 -36.21 28.44
C ILE H 190 44.47 -37.19 27.46
N THR H 191 43.78 -37.44 26.34
CA THR H 191 44.34 -38.31 25.32
C THR H 191 45.49 -37.63 24.61
N ALA H 192 46.31 -38.41 23.92
CA ALA H 192 47.53 -37.87 23.35
C ALA H 192 47.27 -37.11 22.06
N GLY H 193 46.80 -37.81 21.03
CA GLY H 193 46.51 -37.19 19.75
C GLY H 193 47.72 -37.01 18.85
N GLY H 194 48.87 -36.68 19.43
CA GLY H 194 50.05 -36.38 18.68
C GLY H 194 50.48 -34.92 18.75
N LYS H 195 50.06 -34.19 19.78
CA LYS H 195 50.33 -32.76 19.85
C LYS H 195 50.26 -32.31 21.30
N THR H 196 50.85 -31.15 21.56
CA THR H 196 50.90 -30.60 22.90
C THR H 196 49.54 -30.07 23.32
N ILE H 197 49.11 -30.44 24.52
CA ILE H 197 47.78 -30.11 25.03
C ILE H 197 47.93 -29.43 26.38
N ARG H 198 47.43 -28.20 26.49
CA ARG H 198 47.42 -27.47 27.75
C ARG H 198 46.12 -27.70 28.49
N TYR H 199 46.08 -27.24 29.73
CA TYR H 199 44.88 -27.35 30.56
C TYR H 199 44.94 -26.34 31.69
N ASN H 200 43.76 -26.08 32.27
CA ASN H 200 43.63 -25.29 33.50
C ASN H 200 42.55 -25.92 34.40
N CYS H 201 42.69 -27.21 34.70
CA CYS H 201 41.85 -27.82 35.73
C CYS H 201 42.14 -27.19 37.09
N THR H 202 41.11 -27.12 37.94
CA THR H 202 41.23 -26.54 39.29
C THR H 202 40.69 -27.53 40.31
N CYS H 203 41.58 -28.34 40.89
CA CYS H 203 41.24 -29.22 42.01
C CYS H 203 42.20 -29.00 43.18
N GLY H 204 42.72 -27.78 43.32
CA GLY H 204 43.73 -27.51 44.33
C GLY H 204 45.06 -28.17 44.04
N SER H 205 45.43 -28.30 42.77
CA SER H 205 46.62 -29.04 42.38
C SER H 205 47.35 -28.23 41.32
N GLY H 206 48.32 -28.88 40.67
CA GLY H 206 49.05 -28.25 39.58
C GLY H 206 48.16 -28.07 38.37
N ASN H 207 47.93 -26.82 37.97
CA ASN H 207 46.99 -26.52 36.91
C ASN H 207 47.62 -26.36 35.54
N VAL H 208 48.94 -26.18 35.45
CA VAL H 208 49.62 -25.93 34.19
C VAL H 208 50.43 -27.17 33.82
N GLY H 209 50.27 -27.63 32.59
CA GLY H 209 51.07 -28.73 32.09
C GLY H 209 50.94 -28.93 30.59
N THR H 210 52.08 -29.00 29.91
CA THR H 210 52.10 -29.20 28.47
C THR H 210 52.34 -30.67 28.14
N THR H 211 51.40 -31.50 28.57
CA THR H 211 51.56 -32.96 28.51
C THR H 211 51.46 -33.44 27.08
N SER H 212 52.58 -33.87 26.51
CA SER H 212 52.60 -34.40 25.17
C SER H 212 52.23 -35.88 25.10
N SER H 213 51.74 -36.47 26.20
CA SER H 213 51.25 -37.83 26.20
C SER H 213 50.03 -37.94 27.10
N ASP H 214 49.55 -39.17 27.33
CA ASP H 214 48.40 -39.37 28.18
C ASP H 214 48.75 -39.10 29.64
N LYS H 215 47.80 -38.54 30.37
CA LYS H 215 48.05 -38.11 31.74
C LYS H 215 46.71 -38.04 32.46
N THR H 216 46.50 -38.93 33.42
CA THR H 216 45.32 -38.84 34.26
C THR H 216 45.57 -37.84 35.39
N ILE H 217 44.52 -37.58 36.18
CA ILE H 217 44.69 -36.74 37.36
C ILE H 217 44.05 -37.34 38.61
N ASN H 218 43.11 -38.29 38.48
CA ASN H 218 42.49 -39.08 39.54
C ASN H 218 41.71 -38.27 40.57
N SER H 219 41.49 -36.98 40.34
CA SER H 219 40.75 -36.18 41.31
C SER H 219 39.62 -35.38 40.69
N CYS H 220 39.81 -34.84 39.49
CA CYS H 220 38.91 -33.83 38.93
C CYS H 220 37.77 -34.48 38.17
N LYS H 221 36.70 -33.69 38.00
CA LYS H 221 35.53 -34.13 37.25
C LYS H 221 35.60 -33.64 35.82
N ILE H 222 34.58 -34.00 35.02
CA ILE H 222 34.58 -33.65 33.61
C ILE H 222 34.22 -32.18 33.39
N ALA H 223 33.53 -31.54 34.34
CA ALA H 223 33.19 -30.14 34.26
C ALA H 223 34.23 -29.26 34.92
N GLN H 224 35.46 -29.66 34.87
CA GLN H 224 36.56 -28.96 35.53
C GLN H 224 37.66 -28.55 34.57
N CYS H 225 38.04 -29.43 33.66
CA CYS H 225 39.23 -29.25 32.84
C CYS H 225 38.85 -28.94 31.40
N HIS H 226 39.85 -28.55 30.62
CA HIS H 226 39.67 -28.30 29.19
C HIS H 226 41.00 -28.43 28.47
N ALA H 227 40.93 -28.83 27.21
CA ALA H 227 42.12 -28.98 26.38
C ALA H 227 42.40 -27.71 25.58
N ALA H 228 43.66 -27.56 25.17
CA ALA H 228 44.08 -26.40 24.38
C ALA H 228 45.36 -26.76 23.63
N VAL H 229 45.24 -26.96 22.32
CA VAL H 229 46.40 -27.28 21.49
C VAL H 229 47.23 -26.02 21.29
N THR H 230 48.55 -26.16 21.40
CA THR H 230 49.47 -25.03 21.29
C THR H 230 50.66 -25.42 20.42
N ASN H 231 51.70 -24.57 20.48
CA ASN H 231 53.04 -24.66 19.89
C ASN H 231 53.08 -25.29 18.48
N HIS H 232 52.32 -24.67 17.58
CA HIS H 232 52.30 -25.10 16.20
C HIS H 232 53.60 -24.71 15.50
N ASP H 233 53.80 -25.29 14.32
CA ASP H 233 55.04 -25.10 13.57
C ASP H 233 54.87 -24.35 12.25
N LYS H 234 53.74 -24.51 11.58
CA LYS H 234 53.49 -23.82 10.33
C LYS H 234 52.85 -22.45 10.59
N TRP H 235 52.79 -21.65 9.55
CA TRP H 235 52.31 -20.28 9.66
C TRP H 235 50.89 -20.15 9.15
N GLN H 236 50.13 -19.27 9.79
CA GLN H 236 48.73 -19.00 9.48
C GLN H 236 48.58 -17.51 9.18
N TYR H 237 47.74 -17.19 8.20
CA TYR H 237 47.50 -15.79 7.86
C TYR H 237 46.79 -15.06 8.99
N THR H 238 47.18 -13.80 9.18
CA THR H 238 46.56 -12.94 10.18
C THR H 238 45.19 -12.51 9.70
N SER H 239 44.17 -13.28 10.04
CA SER H 239 42.82 -12.98 9.58
C SER H 239 42.17 -11.93 10.48
N SER H 240 40.87 -11.74 10.31
CA SER H 240 40.10 -10.85 11.17
C SER H 240 38.99 -11.58 11.91
N PHE H 241 38.86 -12.88 11.71
CA PHE H 241 37.91 -13.70 12.42
C PHE H 241 38.59 -14.71 13.33
N VAL H 242 39.91 -14.63 13.46
CA VAL H 242 40.72 -15.57 14.23
C VAL H 242 41.46 -14.76 15.28
N PRO H 243 41.41 -15.15 16.56
CA PRO H 243 42.05 -14.35 17.61
C PRO H 243 43.56 -14.30 17.48
N ARG H 244 44.12 -13.16 17.88
CA ARG H 244 45.56 -12.94 17.79
C ARG H 244 46.29 -13.81 18.79
N ALA H 245 47.42 -14.37 18.37
CA ALA H 245 48.21 -15.22 19.26
C ALA H 245 48.90 -14.38 20.33
N ASP H 246 49.78 -13.48 19.90
CA ASP H 246 50.53 -12.66 20.84
C ASP H 246 50.73 -11.28 20.23
N GLN H 247 51.11 -10.33 21.09
CA GLN H 247 51.18 -8.93 20.72
C GLN H 247 52.61 -8.50 20.40
N LEU H 248 53.41 -9.40 19.84
CA LEU H 248 54.83 -9.10 19.63
C LEU H 248 55.05 -8.28 18.38
N SER H 249 54.86 -8.90 17.21
CA SER H 249 55.29 -8.32 15.94
C SER H 249 54.86 -9.17 14.76
N ARG H 250 55.23 -8.74 13.57
CA ARG H 250 55.02 -9.50 12.35
C ARG H 250 56.17 -10.49 12.16
N LYS H 251 55.83 -11.67 11.62
CA LYS H 251 56.83 -12.72 11.44
C LYS H 251 57.09 -13.04 9.98
N GLY H 252 56.08 -13.42 9.20
CA GLY H 252 56.27 -13.86 7.84
C GLY H 252 55.79 -12.87 6.82
N LYS H 253 55.81 -13.31 5.56
CA LYS H 253 55.35 -12.49 4.45
C LYS H 253 54.98 -13.39 3.27
N VAL H 254 54.05 -12.90 2.46
CA VAL H 254 53.73 -13.51 1.17
C VAL H 254 53.16 -12.44 0.24
N HIS H 255 53.69 -12.37 -0.98
CA HIS H 255 53.22 -11.40 -1.95
C HIS H 255 51.85 -11.80 -2.49
N VAL H 256 51.15 -10.85 -3.11
CA VAL H 256 49.92 -11.22 -3.80
C VAL H 256 50.29 -11.71 -5.20
N PRO H 257 49.74 -12.81 -5.63
CA PRO H 257 50.01 -13.29 -6.98
C PRO H 257 48.98 -12.80 -7.97
N PHE H 258 49.09 -13.29 -9.22
CA PHE H 258 48.31 -12.92 -10.37
C PHE H 258 48.32 -11.40 -10.54
N PRO H 259 49.44 -10.82 -10.97
CA PRO H 259 49.54 -9.36 -10.99
C PRO H 259 48.69 -8.78 -12.12
N LEU H 260 48.29 -7.53 -11.93
CA LEU H 260 47.51 -6.85 -12.95
C LEU H 260 48.44 -6.16 -13.93
N THR H 261 48.28 -6.48 -15.22
CA THR H 261 49.15 -5.99 -16.27
C THR H 261 48.33 -5.24 -17.31
N ASN H 262 49.03 -4.52 -18.18
CA ASN H 262 48.38 -3.95 -19.35
C ASN H 262 47.98 -5.04 -20.32
N SER H 263 46.92 -4.80 -21.06
CA SER H 263 46.40 -5.72 -22.06
C SER H 263 45.51 -4.94 -23.02
N THR H 264 44.85 -5.66 -23.92
CA THR H 264 43.83 -5.09 -24.79
C THR H 264 42.63 -6.01 -24.83
N CYS H 265 41.44 -5.41 -25.00
CA CYS H 265 40.22 -6.14 -25.24
C CYS H 265 39.70 -5.82 -26.63
N ARG H 266 38.85 -6.70 -27.15
CA ARG H 266 38.25 -6.52 -28.47
C ARG H 266 36.79 -6.10 -28.30
N VAL H 267 36.34 -5.18 -29.14
CA VAL H 267 35.07 -4.51 -28.92
C VAL H 267 34.34 -4.37 -30.25
N PRO H 268 33.03 -4.58 -30.30
CA PRO H 268 32.31 -4.46 -31.57
C PRO H 268 32.07 -3.02 -31.98
N VAL H 269 31.87 -2.83 -33.28
CA VAL H 269 31.55 -1.53 -33.85
C VAL H 269 30.08 -1.49 -34.24
N ALA H 270 29.45 -0.35 -34.03
CA ALA H 270 28.08 -0.19 -34.45
C ALA H 270 28.03 0.05 -35.95
N ARG H 271 26.85 -0.17 -36.51
CA ARG H 271 26.70 -0.02 -37.94
C ARG H 271 26.59 1.46 -38.31
N ALA H 272 26.90 1.74 -39.56
CA ALA H 272 26.84 3.12 -40.05
C ALA H 272 25.39 3.56 -40.19
N PRO H 273 24.97 4.64 -39.55
CA PRO H 273 23.58 5.05 -39.63
C PRO H 273 23.26 5.78 -40.92
N GLY H 274 22.01 5.62 -41.37
CA GLY H 274 21.54 6.26 -42.59
C GLY H 274 21.10 7.68 -42.35
N VAL H 275 21.83 8.64 -42.92
CA VAL H 275 21.57 10.05 -42.67
C VAL H 275 20.72 10.61 -43.79
N THR H 276 20.12 11.77 -43.54
CA THR H 276 19.25 12.43 -44.50
C THR H 276 19.41 13.93 -44.34
N TYR H 277 19.95 14.58 -45.37
CA TYR H 277 20.35 15.97 -45.26
C TYR H 277 19.16 16.88 -45.54
N GLY H 278 18.87 17.78 -44.59
CA GLY H 278 17.80 18.73 -44.76
C GLY H 278 18.26 20.12 -44.36
N LYS H 279 17.33 21.06 -44.43
CA LYS H 279 17.60 22.48 -44.20
C LYS H 279 18.04 22.76 -42.78
N ARG H 280 19.35 22.95 -42.59
CA ARG H 280 19.97 23.29 -41.29
C ARG H 280 19.69 22.25 -40.21
N GLU H 281 19.49 21.01 -40.62
CA GLU H 281 19.21 19.93 -39.67
C GLU H 281 19.62 18.63 -40.33
N LEU H 282 19.63 17.57 -39.53
CA LEU H 282 20.16 16.29 -39.95
C LEU H 282 19.34 15.18 -39.33
N THR H 283 18.70 14.37 -40.15
CA THR H 283 17.91 13.25 -39.68
C THR H 283 18.77 11.99 -39.70
N VAL H 284 19.00 11.40 -38.54
CA VAL H 284 19.78 10.19 -38.44
C VAL H 284 18.85 9.06 -38.01
N LYS H 285 19.12 7.85 -38.53
CA LYS H 285 18.28 6.69 -38.28
C LYS H 285 19.15 5.58 -37.73
N LEU H 286 18.96 5.24 -36.46
CA LEU H 286 19.87 4.38 -35.73
C LEU H 286 19.31 2.96 -35.67
N HIS H 287 20.20 1.97 -35.82
CA HIS H 287 19.84 0.55 -35.72
C HIS H 287 20.76 -0.17 -34.74
N PRO H 288 20.52 -0.05 -33.44
CA PRO H 288 21.29 -0.83 -32.48
C PRO H 288 20.62 -2.16 -32.22
N ASP H 289 21.39 -3.06 -31.62
CA ASP H 289 20.86 -4.31 -31.08
C ASP H 289 21.22 -4.54 -29.62
N HIS H 290 22.41 -4.14 -29.21
CA HIS H 290 22.88 -3.96 -27.84
C HIS H 290 23.19 -2.48 -27.65
N PRO H 291 22.99 -1.93 -26.43
CA PRO H 291 22.92 -0.46 -26.30
C PRO H 291 24.25 0.25 -26.51
N THR H 292 24.18 1.40 -27.18
CA THR H 292 25.36 2.18 -27.55
C THR H 292 25.18 3.62 -27.10
N LEU H 293 26.27 4.40 -27.14
CA LEU H 293 26.17 5.83 -26.87
C LEU H 293 25.85 6.62 -28.12
N LEU H 294 25.51 7.89 -27.92
CA LEU H 294 25.32 8.82 -29.01
C LEU H 294 25.55 10.22 -28.46
N THR H 295 26.72 10.79 -28.75
CA THR H 295 27.03 12.15 -28.34
C THR H 295 27.21 13.04 -29.56
N TYR H 296 26.98 14.34 -29.36
CA TYR H 296 27.43 15.35 -30.30
C TYR H 296 27.60 16.67 -29.57
N ARG H 297 28.20 17.63 -30.28
CA ARG H 297 28.49 18.95 -29.73
C ARG H 297 28.73 19.91 -30.88
N SER H 298 28.39 21.17 -30.65
CA SER H 298 28.61 22.18 -31.67
C SER H 298 30.07 22.61 -31.68
N LEU H 299 30.49 23.16 -32.81
CA LEU H 299 31.89 23.53 -33.02
C LEU H 299 32.14 25.01 -32.85
N GLY H 300 31.19 25.75 -32.32
CA GLY H 300 31.31 27.17 -32.18
C GLY H 300 31.83 27.57 -30.81
N ALA H 301 31.43 28.77 -30.37
CA ALA H 301 31.81 29.28 -29.07
C ALA H 301 30.80 28.92 -28.00
N ASP H 302 29.93 27.96 -28.27
CA ASP H 302 28.93 27.51 -27.33
C ASP H 302 28.50 26.09 -27.70
N PRO H 303 29.12 25.06 -27.15
CA PRO H 303 28.62 23.71 -27.39
C PRO H 303 27.44 23.43 -26.49
N ARG H 304 26.53 22.64 -27.01
CA ARG H 304 25.35 22.22 -26.26
C ARG H 304 25.34 20.70 -26.34
N PRO H 305 26.10 20.04 -25.48
CA PRO H 305 26.34 18.61 -25.67
C PRO H 305 25.13 17.75 -25.36
N TYR H 306 25.13 16.57 -25.94
CA TYR H 306 24.01 15.65 -25.89
C TYR H 306 24.57 14.28 -25.56
N GLU H 307 23.77 13.45 -24.88
CA GLU H 307 24.14 12.06 -24.62
C GLU H 307 22.88 11.27 -24.35
N GLU H 308 22.88 10.01 -24.79
CA GLU H 308 21.71 9.14 -24.68
C GLU H 308 22.17 7.72 -24.97
N TRP H 309 21.64 6.77 -24.23
CA TRP H 309 21.89 5.36 -24.47
C TRP H 309 20.76 4.81 -25.34
N ILE H 310 20.97 4.84 -26.65
CA ILE H 310 20.00 4.35 -27.62
C ILE H 310 19.93 2.84 -27.54
N ASP H 311 18.73 2.30 -27.42
CA ASP H 311 18.54 0.86 -27.28
C ASP H 311 17.76 0.25 -28.44
N ARG H 312 16.67 0.86 -28.87
CA ARG H 312 15.83 0.32 -29.91
C ARG H 312 15.95 1.17 -31.17
N TYR H 313 15.18 0.80 -32.19
CA TYR H 313 15.11 1.59 -33.41
C TYR H 313 14.45 2.92 -33.13
N VAL H 314 15.21 4.01 -33.28
CA VAL H 314 14.70 5.36 -33.08
C VAL H 314 15.21 6.24 -34.21
N GLU H 315 14.70 7.46 -34.25
CA GLU H 315 15.06 8.42 -35.28
C GLU H 315 15.25 9.78 -34.62
N ARG H 316 16.34 10.46 -34.96
CA ARG H 316 16.73 11.70 -34.29
C ARG H 316 16.94 12.80 -35.31
N THR H 317 16.88 14.04 -34.81
CA THR H 317 17.18 15.23 -35.62
C THR H 317 18.20 16.07 -34.88
N ILE H 318 19.41 16.18 -35.43
CA ILE H 318 20.46 17.01 -34.86
C ILE H 318 20.39 18.37 -35.53
N PRO H 319 20.23 19.46 -34.77
CA PRO H 319 20.27 20.79 -35.37
C PRO H 319 21.69 21.15 -35.75
N VAL H 320 21.88 21.63 -36.98
CA VAL H 320 23.18 21.94 -37.52
C VAL H 320 23.21 23.41 -37.90
N THR H 321 24.10 24.17 -37.28
CA THR H 321 24.29 25.58 -37.60
C THR H 321 25.44 25.64 -38.61
N GLU H 322 25.92 26.84 -38.92
CA GLU H 322 26.88 27.01 -40.01
C GLU H 322 28.27 26.47 -39.65
N GLU H 323 28.71 26.57 -38.41
CA GLU H 323 30.06 26.14 -38.08
C GLU H 323 30.13 24.67 -37.68
N GLY H 324 29.02 23.96 -37.65
CA GLY H 324 29.07 22.50 -37.70
C GLY H 324 28.75 21.84 -36.37
N ILE H 325 28.79 20.51 -36.41
CA ILE H 325 28.66 19.64 -35.24
C ILE H 325 29.80 18.63 -35.29
N GLU H 326 29.81 17.72 -34.31
CA GLU H 326 30.67 16.54 -34.35
C GLU H 326 30.00 15.42 -33.59
N TYR H 327 29.43 14.44 -34.28
CA TYR H 327 28.77 13.34 -33.62
C TYR H 327 29.62 12.09 -33.73
N ARG H 328 29.28 11.10 -32.91
CA ARG H 328 29.92 9.79 -32.99
C ARG H 328 28.94 8.77 -32.43
N TRP H 329 29.01 7.55 -32.93
CA TRP H 329 27.99 6.54 -32.70
C TRP H 329 28.68 5.21 -32.44
N GLY H 330 28.57 4.70 -31.22
CA GLY H 330 29.22 3.46 -30.91
C GLY H 330 30.72 3.66 -30.82
N ASN H 331 31.46 2.85 -31.57
CA ASN H 331 32.91 2.90 -31.58
C ASN H 331 33.48 3.41 -32.89
N ASN H 332 32.68 4.09 -33.68
CA ASN H 332 33.17 4.63 -34.93
C ASN H 332 34.03 5.86 -34.67
N PRO H 333 34.92 6.20 -35.62
CA PRO H 333 35.60 7.49 -35.53
C PRO H 333 34.63 8.63 -35.73
N PRO H 334 34.91 9.80 -35.16
CA PRO H 334 33.93 10.90 -35.21
C PRO H 334 33.79 11.49 -36.60
N VAL H 335 32.64 12.12 -36.83
CA VAL H 335 32.28 12.68 -38.12
C VAL H 335 32.00 14.16 -37.93
N ARG H 336 32.47 14.99 -38.86
CA ARG H 336 32.27 16.42 -38.81
C ARG H 336 31.50 16.89 -40.04
N LEU H 337 30.42 17.61 -39.82
CA LEU H 337 29.54 18.06 -40.90
C LEU H 337 29.20 19.53 -40.68
N TRP H 338 29.31 20.33 -41.73
CA TRP H 338 29.01 21.76 -41.68
C TRP H 338 27.79 22.05 -42.54
N ALA H 339 27.20 23.23 -42.32
CA ALA H 339 26.04 23.63 -43.09
C ALA H 339 26.47 24.42 -44.32
N GLN H 340 25.52 25.08 -44.97
CA GLN H 340 25.73 25.76 -46.24
C GLN H 340 25.04 27.11 -46.15
N LEU H 341 25.19 27.94 -47.18
CA LEU H 341 24.47 29.20 -47.30
C LEU H 341 23.27 29.06 -48.22
N THR H 342 22.61 27.91 -48.20
CA THR H 342 21.49 27.65 -49.08
C THR H 342 20.25 28.43 -48.63
N THR H 343 19.31 28.59 -49.55
CA THR H 343 18.23 29.56 -49.39
C THR H 343 16.95 29.00 -50.01
N GLU H 344 15.89 29.80 -49.89
CA GLU H 344 14.60 29.48 -50.47
C GLU H 344 14.12 30.49 -51.50
N GLY H 345 14.59 31.73 -51.46
CA GLY H 345 14.16 32.77 -52.37
C GLY H 345 14.95 32.77 -53.65
N LYS H 346 15.08 33.96 -54.25
CA LYS H 346 15.77 34.11 -55.52
C LYS H 346 16.39 35.50 -55.62
N PRO H 347 17.71 35.61 -55.73
CA PRO H 347 18.34 36.92 -55.85
C PRO H 347 18.28 37.40 -57.29
N HIS H 348 18.74 38.65 -57.49
CA HIS H 348 18.90 39.27 -58.82
C HIS H 348 17.60 39.35 -59.59
N GLY H 349 16.48 39.54 -58.89
CA GLY H 349 15.19 39.55 -59.52
C GLY H 349 14.31 40.69 -59.06
N TRP H 350 13.04 40.40 -58.82
CA TRP H 350 12.09 41.43 -58.43
C TRP H 350 12.34 41.87 -57.00
N PRO H 351 11.95 43.10 -56.63
CA PRO H 351 12.22 43.57 -55.26
C PRO H 351 11.49 42.82 -54.16
N HIS H 352 10.37 42.17 -54.44
CA HIS H 352 9.72 41.40 -53.39
C HIS H 352 10.41 40.08 -53.14
N GLU H 353 11.08 39.52 -54.15
CA GLU H 353 11.75 38.24 -54.00
C GLU H 353 13.23 38.37 -53.70
N ILE H 354 13.78 39.58 -53.73
CA ILE H 354 15.15 39.75 -53.25
C ILE H 354 15.15 39.98 -51.74
N ILE H 355 14.04 40.44 -51.17
CA ILE H 355 13.89 40.45 -49.72
C ILE H 355 13.72 39.03 -49.21
N LEU H 356 12.93 38.23 -49.92
CA LEU H 356 12.66 36.85 -49.53
C LEU H 356 13.88 35.96 -49.67
N TYR H 357 14.84 36.35 -50.52
CA TYR H 357 16.12 35.64 -50.56
C TYR H 357 16.96 35.93 -49.33
N TYR H 358 16.98 37.18 -48.87
CA TYR H 358 17.68 37.54 -47.64
C TYR H 358 16.89 37.21 -46.37
N TYR H 359 15.86 36.37 -46.47
CA TYR H 359 15.15 35.87 -45.30
C TYR H 359 15.48 34.43 -44.97
N GLY H 360 15.78 33.61 -45.98
CA GLY H 360 16.25 32.26 -45.69
C GLY H 360 17.62 32.26 -45.05
N LEU H 361 18.51 33.12 -45.53
CA LEU H 361 19.69 33.51 -44.78
C LEU H 361 19.27 34.62 -43.83
N TYR H 362 19.68 34.51 -42.56
CA TYR H 362 19.48 35.50 -41.51
C TYR H 362 18.02 35.89 -41.29
N PRO H 363 17.16 35.02 -40.74
CA PRO H 363 15.75 35.38 -40.63
C PRO H 363 15.42 36.18 -39.38
N ALA H 364 16.29 37.11 -39.00
CA ALA H 364 15.99 38.01 -37.89
C ALA H 364 16.40 39.45 -38.14
N ALA H 365 17.37 39.70 -39.01
CA ALA H 365 17.83 41.05 -39.29
C ALA H 365 17.19 41.66 -40.51
N THR H 366 16.69 40.84 -41.44
CA THR H 366 15.97 41.38 -42.58
C THR H 366 14.60 41.90 -42.23
N ILE H 367 14.04 41.50 -41.09
CA ILE H 367 12.79 42.08 -40.63
C ILE H 367 13.02 43.50 -40.15
N ALA H 368 14.04 43.69 -39.31
CA ALA H 368 14.38 45.02 -38.82
C ALA H 368 14.98 45.91 -39.90
N ALA H 369 15.56 45.32 -40.95
CA ALA H 369 16.09 46.13 -42.04
C ALA H 369 14.97 46.65 -42.92
N VAL H 370 13.96 45.83 -43.20
CA VAL H 370 12.89 46.27 -44.09
C VAL H 370 11.86 47.11 -43.33
N SER H 371 11.83 47.02 -42.00
CA SER H 371 10.91 47.84 -41.24
C SER H 371 11.42 49.27 -41.13
N ALA H 372 12.70 49.43 -40.80
CA ALA H 372 13.28 50.76 -40.65
C ALA H 372 13.42 51.46 -41.98
N ALA H 373 13.75 50.72 -43.04
CA ALA H 373 13.82 51.33 -44.36
C ALA H 373 12.44 51.64 -44.91
N GLY H 374 11.44 50.80 -44.60
CA GLY H 374 10.09 51.09 -45.01
C GLY H 374 9.47 52.26 -44.25
N LEU H 375 9.86 52.43 -42.99
CA LEU H 375 9.36 53.55 -42.21
C LEU H 375 10.10 54.84 -42.52
N ALA H 376 11.33 54.77 -43.02
CA ALA H 376 12.02 55.99 -43.45
C ALA H 376 11.48 56.51 -44.77
N VAL H 377 10.70 55.72 -45.50
CA VAL H 377 10.05 56.21 -46.71
C VAL H 377 8.97 57.22 -46.37
N VAL H 378 8.09 56.87 -45.42
CA VAL H 378 6.93 57.70 -45.14
C VAL H 378 7.32 58.96 -44.37
N LEU H 379 8.38 58.90 -43.57
CA LEU H 379 8.86 60.11 -42.93
C LEU H 379 9.62 61.01 -43.88
N SER H 380 10.13 60.48 -44.98
CA SER H 380 10.68 61.31 -46.04
C SER H 380 9.63 61.71 -47.06
N LEU H 381 8.44 61.12 -47.01
CA LEU H 381 7.35 61.48 -47.91
C LEU H 381 6.34 62.42 -47.26
N LEU H 382 6.05 62.24 -45.97
CA LEU H 382 5.14 63.18 -45.31
C LEU H 382 5.81 64.51 -45.05
N ALA H 383 7.14 64.54 -44.93
CA ALA H 383 7.83 65.80 -44.70
C ALA H 383 7.78 66.68 -45.93
N SER H 384 8.01 66.11 -47.11
CA SER H 384 7.87 66.87 -48.35
C SER H 384 6.41 67.16 -48.68
N CYS H 385 5.48 66.33 -48.20
CA CYS H 385 4.07 66.63 -48.34
C CYS H 385 3.65 67.72 -47.35
N TYR H 386 4.34 67.82 -46.21
CA TYR H 386 4.09 68.91 -45.28
C TYR H 386 4.53 70.24 -45.86
N MET H 387 5.64 70.25 -46.59
CA MET H 387 6.17 71.49 -47.13
C MET H 387 5.39 72.01 -48.33
N PHE H 388 4.57 71.16 -48.97
CA PHE H 388 3.72 71.65 -50.04
C PHE H 388 2.54 72.43 -49.48
N ALA H 389 1.80 71.84 -48.55
CA ALA H 389 0.58 72.46 -48.05
C ALA H 389 0.88 73.64 -47.14
N THR H 390 2.05 73.65 -46.49
CA THR H 390 2.45 74.81 -45.71
C THR H 390 2.80 75.99 -46.61
N ALA H 391 3.52 75.72 -47.70
CA ALA H 391 3.87 76.79 -48.62
C ALA H 391 2.67 77.27 -49.44
N ARG H 392 1.67 76.41 -49.64
CA ARG H 392 0.45 76.87 -50.29
C ARG H 392 -0.36 77.75 -49.34
N ARG H 393 -0.40 77.37 -48.06
CA ARG H 393 -1.03 78.22 -47.05
C ARG H 393 -0.23 79.48 -46.81
N LYS H 394 1.09 79.44 -47.02
CA LYS H 394 1.92 80.62 -46.85
C LYS H 394 1.64 81.65 -47.95
N CYS H 395 1.27 81.19 -49.15
CA CYS H 395 1.12 82.09 -50.28
C CYS H 395 -0.26 82.73 -50.35
N LEU H 396 -1.32 81.93 -50.37
CA LEU H 396 -2.63 82.43 -50.72
C LEU H 396 -3.50 82.76 -49.52
N THR H 397 -2.92 82.80 -48.32
CA THR H 397 -3.74 83.23 -47.18
C THR H 397 -4.18 84.71 -47.14
N PRO H 398 -3.50 85.72 -47.71
CA PRO H 398 -4.14 87.04 -47.71
C PRO H 398 -5.21 87.21 -48.77
N TYR H 399 -5.36 86.24 -49.67
CA TYR H 399 -6.43 86.26 -50.66
C TYR H 399 -7.71 85.64 -50.14
N ALA H 400 -7.74 85.24 -48.86
CA ALA H 400 -8.96 84.78 -48.22
C ALA H 400 -9.47 85.76 -47.18
N LEU H 401 -8.75 86.84 -46.94
CA LEU H 401 -9.14 87.84 -45.94
C LEU H 401 -9.82 89.03 -46.58
N THR H 402 -9.13 89.71 -47.49
CA THR H 402 -9.72 90.86 -48.17
C THR H 402 -10.70 90.39 -49.23
N PRO H 403 -11.88 91.01 -49.35
CA PRO H 403 -12.91 90.50 -50.26
C PRO H 403 -12.55 90.69 -51.73
N GLY H 404 -11.66 89.85 -52.24
CA GLY H 404 -11.21 89.96 -53.62
C GLY H 404 -11.26 88.65 -54.38
N ALA H 405 -10.72 88.66 -55.60
CA ALA H 405 -10.80 87.53 -56.51
C ALA H 405 -9.64 86.56 -56.26
N VAL H 406 -9.44 85.64 -57.20
CA VAL H 406 -8.52 84.51 -57.00
C VAL H 406 -7.26 84.63 -57.86
N VAL H 407 -7.28 85.49 -58.89
CA VAL H 407 -6.21 85.66 -59.89
C VAL H 407 -5.99 84.32 -60.59
N PRO H 408 -6.86 83.95 -61.57
CA PRO H 408 -6.96 82.56 -62.06
C PRO H 408 -5.72 81.90 -62.64
N VAL H 409 -4.63 82.64 -62.81
CA VAL H 409 -3.34 82.00 -63.07
C VAL H 409 -2.93 81.15 -61.88
N THR H 410 -3.11 81.67 -60.67
CA THR H 410 -2.82 80.94 -59.46
C THR H 410 -3.88 79.87 -59.16
N LEU H 411 -5.07 80.02 -59.72
CA LEU H 411 -6.05 78.94 -59.67
C LEU H 411 -5.57 77.73 -60.45
N GLY H 412 -5.02 77.96 -61.65
CA GLY H 412 -4.53 76.86 -62.45
C GLY H 412 -3.28 76.23 -61.89
N VAL H 413 -2.40 77.04 -61.30
CA VAL H 413 -1.17 76.50 -60.71
C VAL H 413 -1.50 75.82 -59.38
N LEU H 414 -2.01 76.60 -58.42
CA LEU H 414 -2.26 76.11 -57.08
C LEU H 414 -3.72 75.70 -56.95
N CYS H 415 -3.95 74.42 -56.67
CA CYS H 415 -5.30 73.90 -56.46
C CYS H 415 -5.82 74.45 -55.14
N CYS H 416 -6.82 75.32 -55.20
CA CYS H 416 -7.30 76.01 -54.02
C CYS H 416 -8.75 75.65 -53.73
N ALA H 417 -9.10 75.76 -52.45
CA ALA H 417 -10.50 75.64 -52.05
C ALA H 417 -11.45 76.69 -52.64
N PRO H 418 -11.04 77.97 -52.94
CA PRO H 418 -11.94 78.82 -53.74
C PRO H 418 -12.08 78.36 -55.17
N ARG H 419 -12.96 77.37 -55.40
CA ARG H 419 -13.13 76.83 -56.74
C ARG H 419 -13.82 77.82 -57.67
N ALA H 420 -14.89 78.52 -57.18
CA ALA H 420 -15.04 79.97 -57.46
C ALA H 420 -15.63 80.73 -56.28
N HIS H 421 -15.87 80.08 -55.15
CA HIS H 421 -16.50 80.74 -54.02
C HIS H 421 -15.49 81.59 -53.26
N ALA H 422 -15.94 82.79 -52.87
CA ALA H 422 -15.14 83.82 -52.18
C ALA H 422 -13.85 84.17 -52.92
#